data_8SIA
#
_entry.id   8SIA
#
_cell.length_a   1.00
_cell.length_b   1.00
_cell.length_c   1.00
_cell.angle_alpha   90.00
_cell.angle_beta   90.00
_cell.angle_gamma   90.00
#
_symmetry.space_group_name_H-M   'P 1'
#
loop_
_entity.id
_entity.type
_entity.pdbx_description
1 polymer 'Transient receptor potential cation channel subfamily M member 7'
2 non-polymer '(2S)-3-(hexadecanoyloxy)-2-[(9Z)-octadec-9-enoyloxy]propyl 2-(trimethylammonio)ethyl phosphate'
3 non-polymer "2-[2-[(1~{S},2~{S},4~{S},5'~{R},6~{R},7~{S},8~{R},9~{S},12~{S},13~{R},16~{S})-5',7,9,13-tetramethylspiro[5-oxapentacyclo[10.8.0.0^{2,9}.0^{4,8}.0^{13,18}]icos-18-ene-6,2'-oxane]-16-yl]oxyethyl]propane-1,3-diol"
4 non-polymer N-[(1R)-1,2,3,4-tetrahydronaphthalen-1-yl]-1H-benzimidazol-2-amine
5 non-polymer 'CALCIUM ION'
6 non-polymer CHOLESTEROL
#
_entity_poly.entity_id   1
_entity_poly.type   'polypeptide(L)'
_entity_poly.pdbx_seq_one_letter_code
;SQKSWIESTLTKRECVYIIPSSKDPHRCLPGCQICQQLVRCFCGRLVKQHACFTASLAMKYSDVKLGEHFNQAIEEWSVE
KHTEQSPTDAYGVINFQGGSHSYRAKYVRLSYDTKPEIILQLLLKEWQMELPKLVISVHGGMQKFELHPRIKQLLGKGLI
KAAVTTGAWILTGGVNTGVAKHVGDALKEHASRSSRKICTIGIAPWGVIENRNDLVGRDVVAPYQTLLNPLSKLNVLNNL
HSHFILVDDGTVGKYGAEVRLRRELEKTINQQRIHARIGQGVPVVALIFEGGPNVILTVLEYLQESPPVPVVVCEGTGRA
ADLLAYIHKQTEEGGNLPDAAEPDIISTIKKTFNFGQSEAVHLFQTMMECMKKKELITVFHIGSEDHQDIDVAILTALLK
GTNASAFDQLILTLAWDRVDIAKNHVFVYGQQWLVGSLEQAMLDALVMDRVSFVKLLIENGVSMHKFLTIPRLEELYNTK
QGPTNPMLFHLIRDVKQGNLPPGYKITLIDIGLVIEYLMGGTYRCTYTRKRFRLIYNSLGGNNRRSGRNTSSSTPQLRKS
HETFGNRADKKEKMRHNHFIKTAQPYRPKMDASMEEGKKKRTKDEIVDIDDPETKRFPYPLNELLIWACLMKRQVMARFL
WQHGEESMAKALVACKIYRSMAYEAKQSDLVDDTSEELKQYSNDFGQLAVELLEQSFRQDETMAMKLLTYELKNWSNSTC
LKLAVSSRLRPFVAHTCTQMLLSDMWMGRLNMRKNSWYKVILSILVPPAILMLEYKTKAEMSHIPQSQDAHQMTMEDSEN
NFHNITEEIPMEVFKEVKILDSSDGKNEMEIHIKSKKLPITRKFYAFYHAPIVKFWFNTLAYLGFLMLYTFVVLVKMEQL
PSVQEWIVIAYIFTYAIEKVREVFMSEAGKISQKIKVWFSDYFNVSDTIAIISFFVGFGLRFGAKWNYINAYDNHVFVAG
RLIYCLNIIFWYVRLLDFLAVNQQAGPYVMMIGKMVANMFYIVVIMALVLLSFGVPRKAILYPHEEPSWSLAKDIVFHPY
WMIFGEVYAYEIDVCANDSTLPTICGPGTWLTPFLQAVYLFVQYIIMVNLLIAFFNQVYLQVKAISNIVWKYQRYHFIMA
YHEKPVLPPPLIILSHIVSLFCCVCKRRKKDKTSDGPKLFLTEEDQKKLHDFEEQCVEMYFDEKDDKFNSGSEERIRVTF
ERVEQMSIQIKEVGDRVNYIKRSLQSLDSQIGHLQDLSALTVDTLKTLTAQKASEASKVHNEITRELSISKHLAQNLID
;
_entity_poly.pdbx_strand_id   A,B,C,D
#
# COMPACT_ATOMS: atom_id res chain seq x y z
N GLN A 2 -18.42 62.52 8.49
CA GLN A 2 -17.90 62.16 7.17
C GLN A 2 -18.16 60.71 6.72
N LYS A 3 -18.27 59.78 7.69
CA LYS A 3 -18.35 58.34 7.46
C LYS A 3 -17.11 57.79 6.74
N SER A 4 -16.03 58.55 6.65
CA SER A 4 -14.79 58.08 6.07
C SER A 4 -13.65 58.92 6.64
N TRP A 5 -12.93 58.35 7.60
CA TRP A 5 -11.79 59.02 8.19
C TRP A 5 -10.72 59.32 7.16
N ILE A 6 -10.68 58.52 6.08
CA ILE A 6 -9.66 58.65 5.04
C ILE A 6 -9.72 60.05 4.45
N GLU A 7 -10.89 60.43 3.93
CA GLU A 7 -11.07 61.76 3.35
C GLU A 7 -11.33 62.83 4.40
N SER A 8 -11.54 62.44 5.67
CA SER A 8 -11.56 63.41 6.74
C SER A 8 -10.16 63.96 7.02
N THR A 9 -9.15 63.11 6.87
CA THR A 9 -7.76 63.47 7.15
C THR A 9 -7.00 63.84 5.89
N LEU A 10 -7.00 62.94 4.90
CA LEU A 10 -6.24 63.15 3.68
C LEU A 10 -6.99 64.13 2.77
N THR A 11 -6.25 64.71 1.83
CA THR A 11 -6.81 65.65 0.86
C THR A 11 -6.31 65.29 -0.53
N LYS A 12 -6.60 66.14 -1.52
CA LYS A 12 -6.23 65.91 -2.91
C LYS A 12 -5.80 67.21 -3.56
N ARG A 13 -4.77 67.13 -4.40
CA ARG A 13 -4.27 68.30 -5.11
C ARG A 13 -4.89 68.41 -6.50
N GLU A 14 -5.31 69.62 -6.84
CA GLU A 14 -5.84 69.96 -8.16
C GLU A 14 -5.24 71.29 -8.57
N CYS A 15 -4.83 71.39 -9.84
CA CYS A 15 -4.28 72.65 -10.34
C CYS A 15 -5.42 73.67 -10.41
N VAL A 16 -5.50 74.53 -9.40
CA VAL A 16 -6.62 75.47 -9.29
C VAL A 16 -6.40 76.74 -10.09
N TYR A 17 -5.30 76.83 -10.82
CA TYR A 17 -4.92 77.99 -11.61
C TYR A 17 -4.55 77.46 -12.99
N ILE A 18 -4.25 78.35 -13.95
CA ILE A 18 -3.99 77.95 -15.33
C ILE A 18 -2.71 78.64 -15.80
N ILE A 19 -1.71 77.83 -16.16
CA ILE A 19 -0.40 78.31 -16.63
C ILE A 19 -0.10 77.70 -18.00
N PRO A 20 -0.39 78.36 -19.12
CA PRO A 20 0.12 77.88 -20.40
C PRO A 20 1.63 77.68 -20.42
N SER A 21 2.07 76.75 -21.27
CA SER A 21 3.48 76.42 -21.44
C SER A 21 3.93 76.49 -22.89
N SER A 22 3.01 76.75 -23.83
CA SER A 22 3.34 76.88 -25.25
C SER A 22 2.62 78.10 -25.82
N LYS A 23 3.26 78.74 -26.80
CA LYS A 23 2.77 79.99 -27.37
C LYS A 23 2.69 79.94 -28.90
N ASP A 24 3.64 79.26 -29.54
CA ASP A 24 3.78 79.34 -30.98
C ASP A 24 2.59 78.67 -31.68
N PRO A 25 1.87 79.37 -32.58
CA PRO A 25 0.76 78.70 -33.29
C PRO A 25 1.21 77.77 -34.40
N HIS A 26 1.47 76.51 -34.04
CA HIS A 26 1.69 75.43 -35.01
C HIS A 26 0.61 75.41 -36.08
N ARG A 27 -0.63 75.75 -35.72
CA ARG A 27 -1.77 75.71 -36.61
C ARG A 27 -2.77 76.75 -36.12
N CYS A 28 -3.50 77.35 -37.06
CA CYS A 28 -4.61 78.25 -36.71
C CYS A 28 -4.11 79.44 -35.90
N LEU A 29 -3.42 80.34 -36.61
CA LEU A 29 -2.76 81.54 -36.07
C LEU A 29 -3.46 82.21 -34.88
N PRO A 30 -4.80 82.35 -34.86
CA PRO A 30 -5.42 82.85 -33.62
C PRO A 30 -5.34 81.81 -32.52
N GLY A 31 -4.20 81.80 -31.82
CA GLY A 31 -3.83 80.79 -30.84
C GLY A 31 -4.89 80.39 -29.84
N CYS A 32 -5.83 81.29 -29.56
CA CYS A 32 -6.95 81.03 -28.64
C CYS A 32 -7.64 79.71 -28.94
N GLN A 33 -7.88 79.42 -30.22
CA GLN A 33 -8.51 78.17 -30.61
C GLN A 33 -7.65 76.97 -30.19
N ILE A 34 -6.40 76.92 -30.64
CA ILE A 34 -5.55 75.77 -30.37
C ILE A 34 -5.16 75.65 -28.90
N CYS A 35 -5.01 76.78 -28.20
CA CYS A 35 -4.68 76.75 -26.78
C CYS A 35 -5.74 76.01 -25.98
N GLN A 36 -6.97 76.00 -26.48
CA GLN A 36 -8.04 75.20 -25.89
C GLN A 36 -7.63 73.72 -25.77
N GLN A 37 -7.24 73.10 -26.89
CA GLN A 37 -7.16 71.64 -26.95
C GLN A 37 -5.74 71.05 -26.93
N LEU A 38 -4.67 71.87 -27.08
CA LEU A 38 -3.33 71.31 -27.33
C LEU A 38 -2.22 72.09 -26.63
N VAL A 39 -2.53 72.92 -25.63
CA VAL A 39 -1.49 73.65 -24.90
C VAL A 39 -1.67 73.33 -23.43
N ARG A 40 -0.73 72.55 -22.89
CA ARG A 40 -0.84 71.99 -21.55
C ARG A 40 -0.09 72.85 -20.53
N CYS A 41 -0.54 72.73 -19.28
CA CYS A 41 0.06 73.45 -18.16
C CYS A 41 1.25 72.67 -17.61
N PHE A 42 2.07 73.33 -16.80
CA PHE A 42 3.01 72.62 -15.94
C PHE A 42 2.25 71.87 -14.83
N CYS A 43 0.94 72.13 -14.71
CA CYS A 43 -0.06 71.23 -14.15
C CYS A 43 -0.09 69.89 -14.87
N GLY A 44 0.54 69.75 -16.03
CA GLY A 44 0.51 68.50 -16.77
C GLY A 44 -0.76 68.31 -17.56
N ARG A 45 -1.91 68.50 -16.91
CA ARG A 45 -3.18 68.45 -17.62
C ARG A 45 -3.34 69.67 -18.50
N LEU A 46 -4.19 69.54 -19.50
CA LEU A 46 -4.46 70.60 -20.45
C LEU A 46 -5.14 71.78 -19.77
N VAL A 47 -4.99 72.98 -20.37
CA VAL A 47 -5.57 74.18 -19.77
C VAL A 47 -7.09 74.07 -19.63
N LYS A 48 -7.75 73.27 -20.45
CA LYS A 48 -9.19 73.07 -20.36
C LYS A 48 -9.59 71.89 -19.48
N GLN A 49 -8.68 70.93 -19.27
CA GLN A 49 -8.91 69.90 -18.27
C GLN A 49 -8.93 70.46 -16.86
N HIS A 50 -8.52 71.72 -16.67
CA HIS A 50 -8.72 72.46 -15.44
C HIS A 50 -10.18 72.86 -15.30
N ALA A 51 -11.05 71.89 -15.05
CA ALA A 51 -12.45 72.23 -14.85
C ALA A 51 -12.57 73.11 -13.62
N CYS A 52 -12.38 72.53 -12.43
CA CYS A 52 -12.24 73.23 -11.15
C CYS A 52 -13.19 74.42 -11.04
N PHE A 53 -14.50 74.13 -10.91
CA PHE A 53 -15.60 74.89 -11.49
C PHE A 53 -15.35 76.38 -11.77
N THR A 54 -14.71 77.10 -10.84
CA THR A 54 -14.37 78.49 -11.15
C THR A 54 -13.37 78.58 -12.29
N ALA A 55 -12.42 77.65 -12.38
CA ALA A 55 -11.47 77.64 -13.49
C ALA A 55 -12.09 77.14 -14.79
N SER A 56 -13.29 76.53 -14.73
CA SER A 56 -13.99 76.17 -15.95
C SER A 56 -14.57 77.41 -16.63
N LEU A 57 -15.08 78.35 -15.84
CA LEU A 57 -15.45 79.66 -16.39
C LEU A 57 -14.23 80.46 -16.80
N ALA A 58 -13.05 80.09 -16.28
CA ALA A 58 -11.80 80.70 -16.72
C ALA A 58 -11.35 80.15 -18.07
N MET A 59 -12.17 79.32 -18.71
CA MET A 59 -12.04 79.06 -20.15
C MET A 59 -12.72 80.17 -20.94
N LYS A 60 -12.20 81.38 -20.77
CA LYS A 60 -12.63 82.56 -21.51
C LYS A 60 -11.85 82.50 -22.81
N TYR A 61 -11.70 83.63 -23.52
CA TYR A 61 -11.07 83.74 -24.84
C TYR A 61 -9.93 82.74 -25.11
N SER A 62 -8.91 82.69 -24.25
CA SER A 62 -7.90 81.63 -24.28
C SER A 62 -7.83 80.94 -22.92
N ASP A 63 -7.50 81.70 -21.88
CA ASP A 63 -7.51 81.28 -20.48
C ASP A 63 -7.01 82.46 -19.64
N VAL A 64 -6.89 82.20 -18.33
CA VAL A 64 -6.21 83.11 -17.41
C VAL A 64 -4.86 83.55 -17.98
N LYS A 65 -4.45 84.79 -17.67
CA LYS A 65 -3.18 85.36 -18.14
C LYS A 65 -3.14 85.50 -19.66
N LEU A 66 -3.78 86.59 -20.11
CA LEU A 66 -3.82 87.03 -21.50
C LEU A 66 -2.50 86.80 -22.23
N GLY A 67 -2.63 86.44 -23.50
CA GLY A 67 -1.55 86.02 -24.38
C GLY A 67 -0.21 86.68 -24.22
N GLU A 68 -0.14 88.02 -24.27
CA GLU A 68 1.15 88.67 -24.11
C GLU A 68 1.71 88.40 -22.72
N HIS A 69 1.16 89.07 -21.70
CA HIS A 69 1.56 88.95 -20.28
C HIS A 69 3.05 88.65 -20.11
N PHE A 70 3.89 89.46 -20.75
CA PHE A 70 5.35 89.32 -20.62
C PHE A 70 5.79 87.89 -20.93
N ASN A 71 5.65 87.50 -22.21
CA ASN A 71 5.37 86.13 -22.66
C ASN A 71 5.90 84.99 -21.80
N GLN A 72 7.15 85.09 -21.33
CA GLN A 72 7.85 84.10 -20.52
C GLN A 72 7.52 84.21 -19.03
N ALA A 73 6.40 84.83 -18.68
CA ALA A 73 6.16 85.20 -17.29
C ALA A 73 5.69 84.02 -16.45
N ILE A 74 4.88 83.12 -17.02
CA ILE A 74 4.02 82.34 -16.16
C ILE A 74 4.68 81.02 -15.72
N GLU A 75 4.73 80.00 -16.58
CA GLU A 75 5.72 78.91 -16.61
C GLU A 75 6.28 78.45 -15.26
N GLU A 76 5.45 78.44 -14.20
CA GLU A 76 5.94 77.96 -12.90
C GLU A 76 4.97 76.99 -12.21
N TRP A 77 3.67 77.26 -12.26
CA TRP A 77 2.65 76.44 -11.60
C TRP A 77 3.05 76.10 -10.16
N SER A 78 2.98 77.09 -9.29
CA SER A 78 3.23 76.86 -7.88
C SER A 78 2.29 75.77 -7.35
N VAL A 79 2.88 74.77 -6.70
CA VAL A 79 2.09 73.67 -6.19
C VAL A 79 1.49 74.02 -4.82
N GLU A 80 1.71 75.25 -4.33
CA GLU A 80 1.19 75.68 -3.03
C GLU A 80 -0.14 76.41 -3.17
N LYS A 81 -0.15 77.55 -3.87
CA LYS A 81 -1.36 78.37 -3.98
C LYS A 81 -2.07 78.20 -5.31
N HIS A 82 -1.33 77.98 -6.40
CA HIS A 82 -1.91 77.59 -7.67
C HIS A 82 -2.28 76.11 -7.71
N THR A 83 -2.17 75.40 -6.58
CA THR A 83 -2.64 74.02 -6.44
C THR A 83 -3.10 73.81 -5.01
N GLU A 84 -4.40 73.98 -4.76
CA GLU A 84 -4.94 73.86 -3.41
C GLU A 84 -5.28 72.40 -3.11
N GLN A 85 -5.74 72.16 -1.89
CA GLN A 85 -6.15 70.84 -1.42
C GLN A 85 -7.67 70.75 -1.41
N SER A 86 -8.16 69.52 -1.36
CA SER A 86 -9.59 69.27 -1.30
C SER A 86 -9.84 67.89 -0.68
N PRO A 87 -11.02 67.62 -0.12
CA PRO A 87 -11.30 66.26 0.36
C PRO A 87 -11.27 65.24 -0.77
N THR A 88 -10.69 64.08 -0.48
CA THR A 88 -10.37 63.11 -1.53
C THR A 88 -11.64 62.59 -2.19
N ASP A 89 -11.69 62.67 -3.52
CA ASP A 89 -12.81 62.18 -4.30
C ASP A 89 -12.65 60.71 -4.64
N ALA A 90 -11.42 60.22 -4.68
CA ALA A 90 -11.11 58.81 -4.84
C ALA A 90 -10.86 58.21 -3.46
N TYR A 91 -11.45 57.04 -3.22
CA TYR A 91 -10.90 56.02 -2.34
C TYR A 91 -11.72 54.75 -2.49
N GLY A 92 -11.07 53.65 -2.84
CA GLY A 92 -11.80 52.42 -3.07
C GLY A 92 -10.92 51.19 -3.05
N VAL A 93 -11.28 50.23 -3.89
CA VAL A 93 -10.59 48.95 -3.99
C VAL A 93 -10.50 48.59 -5.46
N ILE A 94 -9.29 48.59 -6.01
CA ILE A 94 -9.08 48.18 -7.39
C ILE A 94 -9.50 46.73 -7.52
N ASN A 95 -10.18 46.42 -8.61
CA ASN A 95 -10.66 45.07 -8.88
C ASN A 95 -9.63 44.25 -9.64
N PHE A 96 -8.88 44.88 -10.54
CA PHE A 96 -8.04 44.18 -11.51
C PHE A 96 -8.84 43.08 -12.22
N GLN A 97 -9.87 43.51 -12.94
CA GLN A 97 -10.80 42.58 -13.55
C GLN A 97 -10.08 41.74 -14.60
N GLY A 98 -9.83 40.49 -14.26
CA GLY A 98 -9.20 39.54 -15.16
C GLY A 98 -7.74 39.24 -14.84
N GLY A 99 -7.44 37.97 -14.60
CA GLY A 99 -6.08 37.47 -14.61
C GLY A 99 -5.72 36.44 -13.55
N SER A 100 -6.27 36.58 -12.34
CA SER A 100 -6.23 35.47 -11.38
C SER A 100 -7.29 35.71 -10.30
N HIS A 101 -8.45 35.08 -10.46
CA HIS A 101 -9.52 35.06 -9.46
C HIS A 101 -9.87 36.45 -8.91
N SER A 102 -9.64 37.50 -9.69
CA SER A 102 -10.04 38.86 -9.33
C SER A 102 -9.38 39.31 -8.02
N TYR A 103 -8.06 39.14 -7.98
CA TYR A 103 -7.24 39.61 -6.86
C TYR A 103 -7.46 41.09 -6.59
N ARG A 104 -7.51 41.45 -5.31
CA ARG A 104 -7.89 42.80 -4.89
C ARG A 104 -6.69 43.66 -4.56
N ALA A 105 -6.91 44.98 -4.59
CA ALA A 105 -5.96 45.96 -4.08
C ALA A 105 -6.71 47.23 -3.72
N LYS A 106 -6.02 48.18 -3.07
CA LYS A 106 -6.67 49.33 -2.46
C LYS A 106 -5.84 50.59 -2.71
N TYR A 107 -6.45 51.74 -2.44
CA TYR A 107 -5.84 53.04 -2.74
C TYR A 107 -6.59 54.12 -1.96
N VAL A 108 -6.09 55.36 -2.07
CA VAL A 108 -6.83 56.53 -1.65
C VAL A 108 -6.79 57.65 -2.69
N ARG A 109 -5.63 57.87 -3.32
CA ARG A 109 -5.30 59.12 -4.03
C ARG A 109 -5.11 60.30 -3.06
N LEU A 110 -4.03 60.27 -2.29
CA LEU A 110 -3.73 61.31 -1.30
C LEU A 110 -2.75 62.31 -1.88
N SER A 111 -2.66 63.47 -1.22
CA SER A 111 -1.65 64.46 -1.53
C SER A 111 -0.35 64.18 -0.79
N TYR A 112 0.78 64.51 -1.43
CA TYR A 112 2.07 64.38 -0.78
C TYR A 112 2.25 65.35 0.39
N ASP A 113 1.37 66.35 0.49
CA ASP A 113 1.28 67.22 1.66
C ASP A 113 1.30 66.45 2.96
N THR A 114 0.70 65.26 2.95
CA THR A 114 0.57 64.40 4.11
C THR A 114 1.93 64.22 4.80
N LYS A 115 2.02 64.71 6.03
CA LYS A 115 3.25 64.63 6.81
C LYS A 115 3.62 63.16 7.03
N PRO A 116 4.91 62.85 7.25
CA PRO A 116 5.33 61.44 7.33
C PRO A 116 4.58 60.64 8.37
N GLU A 117 4.34 61.23 9.54
CA GLU A 117 3.59 60.53 10.58
C GLU A 117 2.11 60.41 10.23
N ILE A 118 1.60 61.32 9.40
CA ILE A 118 0.20 61.21 8.97
C ILE A 118 0.05 60.04 7.99
N ILE A 119 1.13 59.67 7.30
CA ILE A 119 1.06 58.62 6.30
C ILE A 119 1.11 57.25 6.96
N LEU A 120 1.78 57.13 8.10
CA LEU A 120 1.87 55.85 8.80
C LEU A 120 0.57 55.55 9.54
N GLN A 121 -0.08 56.58 10.05
CA GLN A 121 -1.26 56.43 10.91
C GLN A 121 -2.54 56.23 10.12
N LEU A 122 -2.45 55.76 8.88
CA LEU A 122 -3.58 55.25 8.12
C LEU A 122 -3.35 53.81 7.70
N LEU A 123 -2.11 53.48 7.34
CA LEU A 123 -1.77 52.15 6.82
C LEU A 123 -2.11 51.05 7.81
N LEU A 124 -1.98 51.35 9.11
CA LEU A 124 -2.19 50.35 10.13
C LEU A 124 -3.68 50.22 10.45
N LYS A 125 -4.32 51.34 10.78
CA LYS A 125 -5.64 51.29 11.38
C LYS A 125 -6.78 51.29 10.36
N GLU A 126 -6.60 51.94 9.21
CA GLU A 126 -7.64 51.92 8.17
C GLU A 126 -7.62 50.63 7.37
N TRP A 127 -6.45 50.27 6.82
CA TRP A 127 -6.33 49.08 6.00
C TRP A 127 -5.99 47.84 6.80
N GLN A 128 -5.83 47.95 8.12
CA GLN A 128 -5.63 46.79 9.00
C GLN A 128 -4.40 45.99 8.60
N MET A 129 -3.40 46.68 8.07
CA MET A 129 -2.14 46.05 7.71
C MET A 129 -1.31 45.90 8.98
N GLU A 130 -1.12 44.66 9.42
CA GLU A 130 -0.39 44.43 10.66
C GLU A 130 1.05 44.87 10.49
N LEU A 131 1.61 45.42 11.56
CA LEU A 131 2.88 46.11 11.51
C LEU A 131 3.96 45.17 10.98
N PRO A 132 4.90 45.64 10.17
CA PRO A 132 5.84 44.73 9.55
C PRO A 132 7.03 44.45 10.44
N LYS A 133 7.71 43.36 10.12
CA LYS A 133 9.00 43.05 10.69
C LYS A 133 10.14 43.48 9.78
N LEU A 134 9.85 43.88 8.54
CA LEU A 134 10.86 44.18 7.55
C LEU A 134 10.27 45.10 6.50
N VAL A 135 11.15 45.73 5.72
CA VAL A 135 10.78 46.66 4.66
C VAL A 135 11.78 46.52 3.51
N ILE A 136 11.28 46.15 2.34
CA ILE A 136 12.10 45.75 1.20
C ILE A 136 11.81 46.69 0.03
N SER A 137 11.80 47.99 0.30
CA SER A 137 11.78 48.98 -0.78
C SER A 137 12.73 48.62 -1.90
N VAL A 138 12.25 48.71 -3.13
CA VAL A 138 12.97 48.27 -4.32
C VAL A 138 13.27 49.51 -5.16
N HIS A 139 14.55 49.89 -5.22
CA HIS A 139 14.94 51.19 -5.78
C HIS A 139 15.77 51.01 -7.05
N GLY A 140 15.34 50.11 -7.92
CA GLY A 140 16.03 49.87 -9.17
C GLY A 140 15.49 50.69 -10.33
N GLY A 141 15.43 50.08 -11.49
CA GLY A 141 15.14 50.81 -12.72
C GLY A 141 13.66 51.09 -12.91
N MET A 142 13.39 52.29 -13.43
CA MET A 142 12.03 52.69 -13.79
C MET A 142 11.65 52.21 -15.18
N GLN A 143 12.53 52.38 -16.16
CA GLN A 143 12.28 51.84 -17.49
C GLN A 143 12.40 50.32 -17.46
N LYS A 144 11.56 49.65 -18.25
CA LYS A 144 11.53 48.19 -18.26
C LYS A 144 12.87 47.63 -18.73
N PHE A 145 13.26 46.52 -18.12
CA PHE A 145 14.51 45.84 -18.40
C PHE A 145 14.28 44.33 -18.34
N GLU A 146 15.33 43.57 -18.61
CA GLU A 146 15.21 42.14 -18.88
C GLU A 146 16.28 41.38 -18.12
N LEU A 147 15.96 40.14 -17.75
CA LEU A 147 16.81 39.30 -16.92
C LEU A 147 17.00 37.93 -17.58
N HIS A 148 17.86 37.07 -16.94
CA HIS A 148 18.23 35.72 -17.37
C HIS A 148 17.38 34.68 -16.63
N PRO A 149 16.95 33.58 -17.25
CA PRO A 149 15.97 32.69 -16.60
C PRO A 149 16.34 32.20 -15.20
N ARG A 150 17.63 32.08 -14.90
CA ARG A 150 18.05 31.70 -13.56
C ARG A 150 17.75 32.79 -12.56
N ILE A 151 18.32 33.98 -12.77
CA ILE A 151 18.17 35.10 -11.84
C ILE A 151 16.71 35.53 -11.73
N LYS A 152 15.92 35.34 -12.80
CA LYS A 152 14.52 35.72 -12.78
C LYS A 152 13.76 35.00 -11.69
N GLN A 153 13.86 33.68 -11.65
CA GLN A 153 13.16 32.89 -10.64
C GLN A 153 13.88 32.86 -9.31
N LEU A 154 15.23 32.85 -9.31
CA LEU A 154 15.95 32.79 -8.05
C LEU A 154 15.70 34.03 -7.19
N LEU A 155 15.69 35.21 -7.79
CA LEU A 155 15.30 36.40 -7.06
C LEU A 155 13.82 36.42 -6.73
N GLY A 156 13.01 35.63 -7.44
CA GLY A 156 11.63 35.43 -7.06
C GLY A 156 11.45 34.40 -5.98
N LYS A 157 12.47 33.58 -5.72
CA LYS A 157 12.47 32.77 -4.51
C LYS A 157 12.62 33.64 -3.27
N GLY A 158 13.51 34.63 -3.33
CA GLY A 158 13.90 35.36 -2.15
C GLY A 158 12.90 36.41 -1.71
N LEU A 159 12.40 37.20 -2.66
CA LEU A 159 11.35 38.15 -2.35
C LEU A 159 10.09 37.50 -1.83
N ILE A 160 9.94 36.20 -2.03
CA ILE A 160 8.88 35.43 -1.38
C ILE A 160 9.36 34.87 -0.05
N LYS A 161 10.65 34.56 0.05
CA LYS A 161 11.16 33.84 1.20
C LYS A 161 11.52 34.81 2.33
N ALA A 162 12.32 35.82 2.02
CA ALA A 162 12.72 36.78 3.02
C ALA A 162 11.65 37.82 3.32
N ALA A 163 10.42 37.62 2.84
CA ALA A 163 9.30 38.49 3.16
C ALA A 163 8.08 37.77 3.69
N VAL A 164 7.84 36.52 3.29
CA VAL A 164 6.73 35.79 3.87
C VAL A 164 7.01 35.45 5.32
N THR A 165 8.28 35.21 5.66
CA THR A 165 8.65 34.86 7.02
C THR A 165 8.50 36.06 7.92
N THR A 166 9.03 37.20 7.48
CA THR A 166 8.83 38.48 8.12
C THR A 166 7.48 39.05 7.71
N GLY A 167 7.22 40.31 8.03
CA GLY A 167 6.02 40.99 7.58
C GLY A 167 6.23 41.61 6.21
N ALA A 168 7.30 42.40 6.10
CA ALA A 168 7.85 42.81 4.81
C ALA A 168 6.84 43.61 3.96
N TRP A 169 6.61 44.84 4.39
CA TRP A 169 5.93 45.82 3.53
C TRP A 169 6.85 46.23 2.39
N ILE A 170 6.81 45.51 1.28
CA ILE A 170 7.58 45.89 0.10
C ILE A 170 7.06 47.22 -0.42
N LEU A 171 7.98 48.13 -0.72
CA LEU A 171 7.67 49.44 -1.30
C LEU A 171 8.09 49.44 -2.76
N THR A 172 7.11 49.57 -3.65
CA THR A 172 7.34 49.58 -5.09
C THR A 172 6.88 50.90 -5.70
N GLY A 173 6.94 50.97 -7.03
CA GLY A 173 6.30 52.04 -7.77
C GLY A 173 4.88 51.70 -8.20
N GLY A 174 4.53 50.42 -8.16
CA GLY A 174 3.19 49.98 -8.55
C GLY A 174 3.05 49.71 -10.03
N VAL A 175 3.49 50.66 -10.85
CA VAL A 175 3.38 50.58 -12.30
C VAL A 175 4.04 49.32 -12.84
N ASN A 176 3.57 48.85 -14.00
CA ASN A 176 4.00 47.57 -14.55
C ASN A 176 5.22 47.73 -15.46
N THR A 177 6.05 48.73 -15.20
CA THR A 177 7.23 49.03 -16.01
C THR A 177 8.53 49.07 -15.21
N GLY A 178 8.49 49.51 -13.96
CA GLY A 178 9.68 49.62 -13.16
C GLY A 178 10.10 48.28 -12.55
N VAL A 179 10.87 48.37 -11.48
CA VAL A 179 11.10 47.20 -10.62
C VAL A 179 9.80 46.60 -10.14
N ALA A 180 8.78 47.45 -9.95
CA ALA A 180 7.42 46.99 -9.71
C ALA A 180 6.97 45.93 -10.71
N LYS A 181 7.46 45.99 -11.95
CA LYS A 181 7.11 44.99 -12.94
C LYS A 181 7.57 43.61 -12.51
N HIS A 182 8.89 43.43 -12.38
CA HIS A 182 9.44 42.10 -12.16
C HIS A 182 9.10 41.52 -10.80
N VAL A 183 8.95 42.37 -9.78
CA VAL A 183 8.61 41.88 -8.45
C VAL A 183 7.24 41.23 -8.47
N GLY A 184 6.30 41.80 -9.22
CA GLY A 184 4.99 41.20 -9.33
C GLY A 184 5.02 39.86 -10.06
N ASP A 185 5.93 39.71 -11.01
CA ASP A 185 6.06 38.44 -11.73
C ASP A 185 6.54 37.34 -10.80
N ALA A 186 7.34 37.68 -9.78
CA ALA A 186 7.73 36.69 -8.79
C ALA A 186 6.57 36.28 -7.92
N LEU A 187 5.67 37.22 -7.63
CA LEU A 187 4.56 36.94 -6.73
C LEU A 187 3.58 35.92 -7.31
N LYS A 188 3.61 35.69 -8.63
CA LYS A 188 2.72 34.74 -9.27
C LYS A 188 3.41 33.41 -9.54
N GLU A 189 4.63 33.43 -10.05
CA GLU A 189 5.37 32.21 -10.33
C GLU A 189 5.57 31.44 -9.05
N HIS A 190 6.07 32.14 -8.04
CA HIS A 190 6.20 31.60 -6.68
C HIS A 190 5.01 31.99 -5.83
N ALA A 191 3.80 31.74 -6.34
CA ALA A 191 2.59 32.10 -5.62
C ALA A 191 2.52 31.36 -4.30
N SER A 192 2.61 32.11 -3.20
CA SER A 192 2.59 31.51 -1.88
C SER A 192 1.19 30.98 -1.59
N ARG A 193 1.03 30.39 -0.40
CA ARG A 193 -0.27 29.88 0.01
C ARG A 193 -1.27 31.02 0.02
N SER A 194 -2.32 30.88 -0.79
CA SER A 194 -3.21 32.00 -1.09
C SER A 194 -3.94 32.41 0.19
N SER A 195 -3.50 33.53 0.75
CA SER A 195 -3.80 33.95 2.09
C SER A 195 -3.53 35.44 2.15
N ARG A 196 -3.33 35.99 3.34
CA ARG A 196 -2.56 37.23 3.43
C ARG A 196 -1.13 36.88 3.10
N LYS A 197 -0.78 37.03 1.82
CA LYS A 197 0.60 36.85 1.39
C LYS A 197 1.33 38.15 1.65
N ILE A 198 2.52 38.30 1.08
CA ILE A 198 3.33 39.49 1.29
C ILE A 198 2.54 40.69 0.80
N CYS A 199 2.10 41.53 1.73
CA CYS A 199 1.32 42.71 1.37
C CYS A 199 2.28 43.77 0.82
N THR A 200 2.36 43.87 -0.50
CA THR A 200 3.20 44.86 -1.15
C THR A 200 2.45 46.19 -1.14
N ILE A 201 3.05 47.19 -0.52
CA ILE A 201 2.47 48.52 -0.42
C ILE A 201 3.13 49.36 -1.51
N GLY A 202 2.52 49.35 -2.69
CA GLY A 202 3.09 50.01 -3.86
C GLY A 202 2.66 51.45 -4.00
N ILE A 203 3.55 52.37 -3.66
CA ILE A 203 3.29 53.78 -3.87
C ILE A 203 3.24 54.02 -5.37
N ALA A 204 2.12 54.55 -5.84
CA ALA A 204 1.93 54.94 -7.22
C ALA A 204 1.87 56.46 -7.33
N PRO A 205 2.46 57.07 -8.36
CA PRO A 205 2.14 58.48 -8.62
C PRO A 205 0.80 58.60 -9.30
N TRP A 206 0.20 59.78 -9.19
CA TRP A 206 -0.94 60.19 -10.00
C TRP A 206 -0.50 60.67 -11.39
N GLY A 207 0.73 60.35 -11.79
CA GLY A 207 1.33 60.78 -13.03
C GLY A 207 1.21 59.70 -14.07
N VAL A 208 2.21 58.84 -14.19
CA VAL A 208 2.21 57.83 -15.22
C VAL A 208 1.24 56.73 -14.77
N ILE A 209 -0.03 56.91 -15.10
CA ILE A 209 -1.10 56.03 -14.65
C ILE A 209 -2.23 56.08 -15.68
N GLU A 210 -2.61 54.92 -16.20
CA GLU A 210 -3.78 54.81 -17.07
C GLU A 210 -5.03 54.63 -16.22
N ASN A 211 -6.17 54.99 -16.80
CA ASN A 211 -7.48 54.86 -16.14
C ASN A 211 -7.54 55.68 -14.85
N ARG A 212 -6.86 56.82 -14.84
CA ARG A 212 -6.91 57.71 -13.69
C ARG A 212 -8.33 58.13 -13.35
N ASN A 213 -9.19 58.26 -14.37
CA ASN A 213 -10.58 58.62 -14.13
C ASN A 213 -11.32 57.52 -13.39
N ASP A 214 -11.00 56.25 -13.70
CA ASP A 214 -11.64 55.13 -13.01
C ASP A 214 -11.31 55.15 -11.53
N LEU A 215 -10.14 55.65 -11.17
CA LEU A 215 -9.78 55.75 -9.76
C LEU A 215 -10.63 56.80 -9.03
N VAL A 216 -11.26 57.71 -9.76
CA VAL A 216 -12.02 58.79 -9.14
C VAL A 216 -13.36 58.23 -8.71
N GLY A 217 -13.41 57.67 -7.51
CA GLY A 217 -14.63 57.18 -6.91
C GLY A 217 -14.51 57.04 -5.41
N ARG A 218 -15.46 57.60 -4.66
CA ARG A 218 -15.49 57.43 -3.21
C ARG A 218 -16.18 56.12 -2.87
N ASP A 219 -15.43 55.19 -2.26
CA ASP A 219 -15.89 53.82 -2.05
C ASP A 219 -16.44 53.22 -3.34
N VAL A 220 -15.56 53.07 -4.33
CA VAL A 220 -15.94 52.57 -5.65
C VAL A 220 -14.98 51.45 -6.03
N VAL A 221 -15.54 50.32 -6.44
CA VAL A 221 -14.74 49.21 -6.96
C VAL A 221 -14.37 49.57 -8.40
N ALA A 222 -13.21 50.19 -8.56
CA ALA A 222 -12.76 50.65 -9.87
C ALA A 222 -12.66 49.45 -10.82
N PRO A 223 -13.53 49.32 -11.84
CA PRO A 223 -13.42 48.16 -12.74
C PRO A 223 -12.19 48.25 -13.62
N TYR A 224 -11.04 47.93 -13.04
CA TYR A 224 -9.76 48.19 -13.67
C TYR A 224 -9.38 47.03 -14.58
N GLN A 225 -8.73 47.38 -15.70
CA GLN A 225 -8.33 46.40 -16.70
C GLN A 225 -7.04 46.87 -17.33
N THR A 226 -6.04 45.99 -17.39
CA THR A 226 -4.73 46.34 -17.91
C THR A 226 -4.68 46.10 -19.41
N LEU A 227 -4.57 47.18 -20.17
CA LEU A 227 -4.37 47.09 -21.61
C LEU A 227 -2.89 47.08 -21.91
N LEU A 228 -2.45 46.05 -22.65
CA LEU A 228 -1.07 45.95 -23.12
C LEU A 228 -0.89 46.57 -24.51
N ASN A 229 -1.75 47.54 -24.84
CA ASN A 229 -1.66 48.28 -26.09
C ASN A 229 -0.29 48.92 -26.22
N PRO A 230 0.55 48.52 -27.19
CA PRO A 230 1.88 49.16 -27.30
C PRO A 230 1.81 50.62 -27.69
N LEU A 231 0.72 51.05 -28.34
CA LEU A 231 0.53 52.46 -28.62
C LEU A 231 0.31 53.27 -27.35
N SER A 232 -0.12 52.63 -26.27
CA SER A 232 -0.32 53.30 -25.00
C SER A 232 0.99 53.85 -24.47
N LYS A 233 0.88 54.89 -23.62
CA LYS A 233 2.03 55.51 -22.99
C LYS A 233 1.89 55.57 -21.47
N LEU A 234 0.68 55.79 -20.96
CA LEU A 234 0.45 55.75 -19.53
C LEU A 234 0.71 54.36 -19.00
N ASN A 235 1.36 54.27 -17.85
CA ASN A 235 1.79 52.99 -17.30
C ASN A 235 0.69 52.40 -16.43
N VAL A 236 0.27 51.18 -16.77
CA VAL A 236 -0.72 50.46 -15.99
C VAL A 236 -0.08 49.93 -14.71
N LEU A 237 -0.85 49.92 -13.64
CA LEU A 237 -0.42 49.30 -12.40
C LEU A 237 -0.09 47.83 -12.64
N ASN A 238 0.98 47.36 -12.02
CA ASN A 238 1.33 45.96 -12.14
C ASN A 238 0.26 45.13 -11.45
N ASN A 239 0.10 43.90 -11.92
CA ASN A 239 -0.98 43.04 -11.44
C ASN A 239 -0.82 42.74 -9.96
N LEU A 240 0.20 41.97 -9.61
CA LEU A 240 0.31 41.43 -8.26
C LEU A 240 0.86 42.53 -7.35
N HIS A 241 -0.03 43.42 -6.95
CA HIS A 241 0.25 44.34 -5.86
C HIS A 241 -1.02 44.62 -5.09
N SER A 242 -0.93 44.43 -3.79
CA SER A 242 -1.94 44.82 -2.83
C SER A 242 -1.81 46.33 -2.64
N HIS A 243 -2.32 46.83 -1.51
CA HIS A 243 -2.56 48.24 -1.20
C HIS A 243 -1.64 49.23 -1.91
N PHE A 244 -2.23 50.25 -2.53
CA PHE A 244 -1.50 51.27 -3.27
C PHE A 244 -1.56 52.59 -2.53
N ILE A 245 -0.59 53.45 -2.80
CA ILE A 245 -0.61 54.85 -2.36
C ILE A 245 -0.48 55.70 -3.61
N LEU A 246 -1.60 56.27 -4.04
CA LEU A 246 -1.65 57.07 -5.25
C LEU A 246 -1.28 58.51 -4.93
N VAL A 247 0.01 58.80 -4.93
CA VAL A 247 0.47 60.12 -4.53
C VAL A 247 0.00 61.14 -5.55
N ASP A 248 -0.60 62.23 -5.07
CA ASP A 248 -1.27 63.21 -5.91
C ASP A 248 -0.55 64.54 -5.77
N ASP A 249 0.10 64.96 -6.86
CA ASP A 249 0.81 66.21 -6.92
C ASP A 249 0.01 67.31 -7.61
N GLY A 250 -1.23 67.02 -8.00
CA GLY A 250 -2.02 67.92 -8.81
C GLY A 250 -1.82 67.77 -10.30
N THR A 251 -0.71 67.14 -10.72
CA THR A 251 -0.40 66.96 -12.12
C THR A 251 -0.66 65.54 -12.59
N VAL A 252 -0.50 65.35 -13.90
CA VAL A 252 -0.78 64.08 -14.56
C VAL A 252 0.33 63.81 -15.56
N GLY A 253 0.62 62.52 -15.75
CA GLY A 253 1.60 62.07 -16.72
C GLY A 253 3.05 62.10 -16.28
N LYS A 254 3.43 63.00 -15.36
CA LYS A 254 4.82 63.21 -14.99
C LYS A 254 5.12 62.62 -13.62
N TYR A 255 6.42 62.44 -13.36
CA TYR A 255 6.90 61.92 -12.08
C TYR A 255 6.94 63.07 -11.06
N GLY A 256 7.57 62.84 -9.92
CA GLY A 256 7.72 63.86 -8.88
C GLY A 256 7.39 63.40 -7.48
N ALA A 257 6.31 63.97 -6.93
CA ALA A 257 5.89 63.85 -5.54
C ALA A 257 6.02 62.45 -4.94
N GLU A 258 5.77 61.40 -5.72
CA GLU A 258 5.76 60.04 -5.17
C GLU A 258 7.06 59.68 -4.46
N VAL A 259 8.20 60.18 -4.95
CA VAL A 259 9.49 59.88 -4.35
C VAL A 259 9.58 60.53 -2.98
N ARG A 260 8.88 61.64 -2.77
CA ARG A 260 8.92 62.31 -1.47
C ARG A 260 8.28 61.44 -0.40
N LEU A 261 7.12 60.87 -0.69
CA LEU A 261 6.44 60.01 0.28
C LEU A 261 7.30 58.83 0.67
N ARG A 262 8.07 58.30 -0.27
CA ARG A 262 8.69 57.01 -0.10
C ARG A 262 9.76 57.04 0.99
N ARG A 263 10.62 58.06 1.01
CA ARG A 263 11.44 58.32 2.18
C ARG A 263 10.57 58.51 3.42
N GLU A 264 9.49 59.26 3.29
CA GLU A 264 8.74 59.78 4.42
C GLU A 264 7.81 58.75 5.04
N LEU A 265 7.73 57.55 4.46
CA LEU A 265 7.19 56.38 5.14
C LEU A 265 8.30 55.41 5.53
N GLU A 266 9.35 55.33 4.72
CA GLU A 266 10.50 54.48 5.01
C GLU A 266 11.33 55.04 6.17
N LYS A 267 11.02 56.23 6.67
CA LYS A 267 11.72 56.84 7.78
C LYS A 267 10.92 56.80 9.08
N THR A 268 9.59 56.71 9.01
CA THR A 268 8.76 56.56 10.18
C THR A 268 8.52 55.12 10.58
N ILE A 269 8.63 54.20 9.63
CA ILE A 269 8.58 52.78 9.97
C ILE A 269 9.86 52.32 10.63
N ASN A 270 10.98 52.98 10.36
CA ASN A 270 12.19 52.83 11.14
C ASN A 270 12.10 53.52 12.51
N GLN A 271 11.00 54.22 12.78
CA GLN A 271 10.72 54.83 14.07
C GLN A 271 9.69 54.04 14.88
N GLN A 272 8.97 53.12 14.25
CA GLN A 272 8.06 52.23 14.96
C GLN A 272 8.82 50.99 15.41
N ARG A 273 8.41 50.45 16.56
CA ARG A 273 9.09 49.32 17.16
C ARG A 273 8.55 48.00 16.62
N ILE A 274 9.42 46.99 16.62
CA ILE A 274 9.06 45.70 16.05
C ILE A 274 7.96 45.04 16.88
N HIS A 275 8.11 45.07 18.20
CA HIS A 275 7.22 44.37 19.10
C HIS A 275 7.50 44.88 20.51
N ALA A 276 6.45 44.92 21.33
CA ALA A 276 6.51 45.33 22.73
C ALA A 276 7.74 44.85 23.48
N ARG A 277 8.21 43.64 23.19
CA ARG A 277 9.41 43.13 23.82
C ARG A 277 10.67 43.78 23.26
N ILE A 278 10.74 43.96 21.95
CA ILE A 278 11.94 44.50 21.33
C ILE A 278 11.91 46.01 21.42
N GLY A 279 13.06 46.61 21.76
CA GLY A 279 13.19 48.05 21.82
C GLY A 279 13.67 48.69 20.54
N GLN A 280 14.20 47.89 19.60
CA GLN A 280 14.65 48.40 18.31
C GLN A 280 13.46 48.94 17.51
N GLY A 281 13.78 49.49 16.35
CA GLY A 281 12.78 49.91 15.38
C GLY A 281 12.78 48.97 14.20
N VAL A 282 11.64 48.89 13.50
CA VAL A 282 11.50 47.97 12.38
C VAL A 282 12.52 48.37 11.31
N PRO A 283 13.49 47.54 10.97
CA PRO A 283 14.54 48.00 10.06
C PRO A 283 14.02 48.15 8.63
N VAL A 284 14.86 48.77 7.81
CA VAL A 284 14.56 49.05 6.42
C VAL A 284 15.77 48.65 5.59
N VAL A 285 15.51 47.96 4.49
CA VAL A 285 16.55 47.59 3.54
C VAL A 285 16.19 48.25 2.22
N ALA A 286 17.08 48.12 1.23
CA ALA A 286 16.80 48.63 -0.10
C ALA A 286 17.43 47.72 -1.15
N LEU A 287 16.62 47.31 -2.12
CA LEU A 287 17.01 46.37 -3.15
C LEU A 287 17.01 47.09 -4.50
N ILE A 288 17.99 46.74 -5.35
CA ILE A 288 18.21 47.44 -6.62
C ILE A 288 18.17 46.40 -7.72
N PHE A 289 17.22 46.57 -8.66
CA PHE A 289 17.17 45.81 -9.90
C PHE A 289 17.41 46.75 -11.08
N GLU A 290 18.65 46.73 -11.60
CA GLU A 290 19.03 47.32 -12.88
C GLU A 290 19.13 48.83 -12.90
N GLY A 291 18.65 49.51 -11.85
CA GLY A 291 18.84 50.92 -11.57
C GLY A 291 18.72 51.86 -12.75
N GLY A 292 19.58 52.88 -12.73
CA GLY A 292 19.54 54.00 -13.63
C GLY A 292 20.41 55.13 -13.10
N PRO A 293 20.41 56.29 -13.77
CA PRO A 293 21.29 57.38 -13.32
C PRO A 293 20.86 57.98 -11.99
N ASN A 294 19.57 58.30 -11.84
CA ASN A 294 19.08 58.77 -10.56
C ASN A 294 19.16 57.69 -9.49
N VAL A 295 19.18 56.42 -9.90
CA VAL A 295 19.28 55.33 -8.95
C VAL A 295 20.66 55.33 -8.30
N ILE A 296 21.71 55.37 -9.12
CA ILE A 296 23.09 55.38 -8.62
C ILE A 296 23.29 56.52 -7.63
N LEU A 297 22.57 57.63 -7.83
CA LEU A 297 22.60 58.71 -6.85
C LEU A 297 21.95 58.29 -5.54
N THR A 298 20.73 57.74 -5.61
CA THR A 298 19.96 57.49 -4.39
C THR A 298 20.39 56.22 -3.67
N VAL A 299 21.03 55.28 -4.37
CA VAL A 299 21.69 54.18 -3.69
C VAL A 299 22.69 54.74 -2.70
N LEU A 300 23.45 55.74 -3.13
CA LEU A 300 24.58 56.23 -2.34
C LEU A 300 24.13 56.94 -1.07
N GLU A 301 23.16 57.84 -1.19
CA GLU A 301 22.78 58.70 -0.07
C GLU A 301 22.33 57.91 1.14
N TYR A 302 21.82 56.70 0.94
CA TYR A 302 21.57 55.80 2.06
C TYR A 302 22.86 55.45 2.77
N LEU A 303 23.87 54.98 2.03
CA LEU A 303 25.18 54.68 2.58
C LEU A 303 25.81 55.88 3.27
N GLN A 304 25.38 57.09 2.95
CA GLN A 304 25.86 58.32 3.57
C GLN A 304 24.99 58.77 4.72
N GLU A 305 23.69 58.94 4.50
CA GLU A 305 22.79 59.49 5.49
C GLU A 305 22.71 58.60 6.72
N SER A 306 22.37 59.20 7.86
CA SER A 306 22.15 58.48 9.11
C SER A 306 20.65 58.49 9.42
N PRO A 307 20.03 57.36 9.81
CA PRO A 307 20.55 56.01 10.09
C PRO A 307 21.07 55.30 8.83
N PRO A 308 22.11 54.47 8.96
CA PRO A 308 22.68 53.85 7.75
C PRO A 308 21.78 52.78 7.18
N VAL A 309 20.79 53.19 6.40
CA VAL A 309 19.92 52.26 5.66
C VAL A 309 20.81 51.46 4.72
N PRO A 310 20.96 50.14 4.88
CA PRO A 310 21.80 49.39 3.95
C PRO A 310 21.14 49.22 2.60
N VAL A 311 21.81 48.50 1.71
CA VAL A 311 21.35 48.29 0.35
C VAL A 311 21.80 46.91 -0.11
N VAL A 312 21.00 46.30 -0.97
CA VAL A 312 21.21 44.93 -1.45
C VAL A 312 21.37 44.91 -2.96
N VAL A 313 22.11 45.87 -3.51
CA VAL A 313 22.30 45.97 -4.96
C VAL A 313 22.80 44.65 -5.51
N CYS A 314 21.99 44.04 -6.36
CA CYS A 314 22.28 42.73 -6.94
C CYS A 314 23.02 42.89 -8.26
N GLU A 315 23.95 41.98 -8.53
CA GLU A 315 24.88 42.22 -9.61
C GLU A 315 24.34 41.81 -10.98
N GLY A 316 23.47 40.80 -11.03
CA GLY A 316 23.12 40.20 -12.31
C GLY A 316 22.03 40.88 -13.10
N THR A 317 21.28 41.79 -12.47
CA THR A 317 20.05 42.29 -13.08
C THR A 317 20.32 43.04 -14.38
N GLY A 318 21.05 44.14 -14.34
CA GLY A 318 21.34 44.84 -15.58
C GLY A 318 22.08 46.15 -15.39
N ARG A 319 21.76 47.09 -16.27
CA ARG A 319 22.58 48.25 -16.64
C ARG A 319 23.31 48.93 -15.50
N ALA A 320 22.58 49.50 -14.54
CA ALA A 320 23.23 50.22 -13.44
C ALA A 320 23.74 49.25 -12.39
N ALA A 321 22.89 48.31 -11.99
CA ALA A 321 23.22 47.37 -10.93
C ALA A 321 24.41 46.48 -11.29
N ASP A 322 24.56 46.15 -12.58
CA ASP A 322 25.76 45.48 -13.05
C ASP A 322 27.01 46.25 -12.63
N LEU A 323 27.04 47.54 -12.96
CA LEU A 323 28.26 48.33 -12.80
C LEU A 323 28.49 48.69 -11.33
N LEU A 324 27.42 48.92 -10.58
CA LEU A 324 27.57 49.14 -9.14
C LEU A 324 28.11 47.91 -8.44
N ALA A 325 27.90 46.73 -9.03
CA ALA A 325 28.50 45.50 -8.53
C ALA A 325 29.80 45.16 -9.23
N TYR A 326 29.94 45.51 -10.51
CA TYR A 326 31.21 45.33 -11.20
C TYR A 326 32.32 46.06 -10.47
N ILE A 327 32.04 47.26 -9.97
CA ILE A 327 33.03 48.02 -9.23
C ILE A 327 33.32 47.38 -7.88
N HIS A 328 32.39 46.59 -7.35
CA HIS A 328 32.65 45.90 -6.09
C HIS A 328 33.70 44.82 -6.25
N LYS A 329 33.80 44.22 -7.43
CA LYS A 329 34.88 43.30 -7.75
C LYS A 329 36.21 44.03 -7.90
N GLN A 330 36.19 45.37 -7.94
CA GLN A 330 37.38 46.20 -7.95
C GLN A 330 37.29 47.19 -6.78
N THR A 331 38.18 48.18 -6.74
CA THR A 331 38.07 49.28 -5.79
C THR A 331 38.07 48.75 -4.36
N GLU A 332 39.16 48.08 -3.98
CA GLU A 332 39.17 47.27 -2.77
C GLU A 332 39.29 48.18 -1.54
N GLU A 333 38.39 47.99 -0.58
CA GLU A 333 38.20 48.91 0.53
C GLU A 333 38.09 50.36 0.05
N GLY A 334 37.37 50.58 -1.05
CA GLY A 334 37.08 51.94 -1.46
C GLY A 334 38.29 52.69 -1.97
N GLY A 335 38.82 53.58 -1.12
CA GLY A 335 39.89 54.51 -1.46
C GLY A 335 41.01 53.94 -2.29
N ASN A 336 41.42 52.69 -2.04
CA ASN A 336 42.38 52.04 -2.93
C ASN A 336 41.71 51.83 -4.28
N LEU A 337 42.28 52.43 -5.32
CA LEU A 337 41.63 52.60 -6.60
C LEU A 337 42.63 52.35 -7.72
N PRO A 338 42.44 51.31 -8.55
CA PRO A 338 43.33 51.17 -9.72
C PRO A 338 43.08 52.29 -10.71
N ASP A 339 44.03 53.22 -10.81
CA ASP A 339 43.91 54.32 -11.76
C ASP A 339 43.96 53.84 -13.21
N ALA A 340 44.41 52.62 -13.45
CA ALA A 340 44.35 52.02 -14.78
C ALA A 340 43.00 51.39 -15.07
N ALA A 341 42.18 51.14 -14.04
CA ALA A 341 40.83 50.61 -14.23
C ALA A 341 39.78 51.70 -14.37
N GLU A 342 40.02 52.91 -13.86
CA GLU A 342 39.00 53.95 -13.96
C GLU A 342 38.77 54.40 -15.41
N PRO A 343 39.73 54.30 -16.35
CA PRO A 343 39.32 54.41 -17.76
C PRO A 343 38.57 53.19 -18.24
N ASP A 344 38.92 52.00 -17.73
CA ASP A 344 38.28 50.78 -18.19
C ASP A 344 36.83 50.69 -17.74
N ILE A 345 36.57 51.00 -16.48
CA ILE A 345 35.19 50.90 -15.98
C ILE A 345 34.34 52.04 -16.55
N ILE A 346 34.89 53.24 -16.68
CA ILE A 346 34.15 54.32 -17.34
C ILE A 346 33.86 53.94 -18.78
N SER A 347 34.74 53.17 -19.42
CA SER A 347 34.43 52.64 -20.74
C SER A 347 33.26 51.67 -20.66
N THR A 348 33.12 50.96 -19.53
CA THR A 348 31.92 50.16 -19.31
C THR A 348 30.72 51.03 -18.95
N ILE A 349 30.94 52.16 -18.28
CA ILE A 349 29.85 53.11 -18.05
C ILE A 349 29.48 53.79 -19.36
N LYS A 350 30.47 54.02 -20.25
CA LYS A 350 30.19 54.68 -21.51
C LYS A 350 29.22 53.88 -22.36
N LYS A 351 29.34 52.56 -22.36
CA LYS A 351 28.61 51.72 -23.29
C LYS A 351 27.21 51.35 -22.80
N THR A 352 26.96 51.43 -21.49
CA THR A 352 25.71 50.97 -20.92
C THR A 352 24.63 52.05 -20.90
N PHE A 353 25.00 53.25 -20.47
CA PHE A 353 24.07 54.38 -20.33
C PHE A 353 24.17 55.35 -21.50
N ASN A 354 24.76 54.94 -22.63
CA ASN A 354 25.26 55.80 -23.72
C ASN A 354 25.79 57.12 -23.16
N PHE A 355 26.77 56.98 -22.28
CA PHE A 355 27.09 57.94 -21.24
C PHE A 355 28.19 58.90 -21.68
N GLY A 356 28.15 60.12 -21.13
CA GLY A 356 29.07 61.15 -21.52
C GLY A 356 30.35 61.14 -20.70
N GLN A 357 31.42 61.68 -21.29
CA GLN A 357 32.71 61.75 -20.60
C GLN A 357 32.87 63.01 -19.77
N SER A 358 32.22 64.11 -20.15
CA SER A 358 32.14 65.28 -19.28
C SER A 358 31.45 64.92 -17.97
N GLU A 359 30.45 64.04 -18.04
CA GLU A 359 29.73 63.58 -16.87
C GLU A 359 30.35 62.34 -16.23
N ALA A 360 31.54 61.93 -16.67
CA ALA A 360 32.13 60.67 -16.21
C ALA A 360 32.94 60.82 -14.93
N VAL A 361 33.14 62.03 -14.44
CA VAL A 361 33.88 62.20 -13.19
C VAL A 361 32.93 62.03 -12.00
N HIS A 362 31.76 62.67 -12.05
CA HIS A 362 30.90 62.69 -10.86
C HIS A 362 30.09 61.40 -10.73
N LEU A 363 29.64 60.82 -11.84
CA LEU A 363 28.98 59.52 -11.78
C LEU A 363 29.96 58.45 -11.32
N PHE A 364 31.17 58.46 -11.87
CA PHE A 364 32.23 57.62 -11.33
C PHE A 364 32.49 57.96 -9.87
N GLN A 365 32.49 59.26 -9.53
CA GLN A 365 32.66 59.66 -8.14
C GLN A 365 31.53 59.13 -7.27
N THR A 366 30.29 59.15 -7.78
CA THR A 366 29.16 58.60 -7.03
C THR A 366 29.38 57.13 -6.69
N MET A 367 30.09 56.40 -7.56
CA MET A 367 30.43 55.02 -7.28
C MET A 367 31.61 54.86 -6.32
N MET A 368 32.22 55.97 -5.90
CA MET A 368 33.36 55.88 -4.97
C MET A 368 32.89 55.79 -3.54
N GLU A 369 32.12 56.80 -3.09
CA GLU A 369 31.55 56.76 -1.73
C GLU A 369 30.65 55.55 -1.54
N CYS A 370 30.11 54.99 -2.63
CA CYS A 370 29.51 53.67 -2.58
C CYS A 370 30.56 52.65 -2.14
N MET A 371 31.75 52.74 -2.73
CA MET A 371 32.80 51.78 -2.42
C MET A 371 33.60 52.15 -1.19
N LYS A 372 33.49 53.40 -0.71
CA LYS A 372 34.05 53.71 0.60
C LYS A 372 33.26 53.03 1.70
N LYS A 373 31.98 52.81 1.48
CA LYS A 373 31.12 52.04 2.38
C LYS A 373 30.94 50.60 1.89
N LYS A 374 32.03 49.86 1.72
CA LYS A 374 31.93 48.44 1.36
C LYS A 374 31.80 47.56 2.59
N GLU A 375 30.84 47.90 3.44
CA GLU A 375 30.54 47.15 4.64
C GLU A 375 29.05 46.81 4.70
N LEU A 376 28.20 47.77 4.32
CA LEU A 376 26.75 47.59 4.33
C LEU A 376 26.14 47.57 2.93
N ILE A 377 26.91 47.93 1.90
CA ILE A 377 26.47 47.68 0.52
C ILE A 377 26.72 46.22 0.20
N THR A 378 25.70 45.39 0.45
CA THR A 378 25.82 43.96 0.25
C THR A 378 25.62 43.65 -1.23
N VAL A 379 26.73 43.64 -1.96
CA VAL A 379 26.69 43.37 -3.40
C VAL A 379 26.53 41.87 -3.57
N PHE A 380 25.28 41.43 -3.72
CA PHE A 380 24.96 40.02 -3.81
C PHE A 380 25.44 39.44 -5.13
N HIS A 381 26.42 38.54 -5.08
CA HIS A 381 26.91 37.88 -6.28
C HIS A 381 25.96 36.72 -6.59
N ILE A 382 24.94 37.03 -7.40
CA ILE A 382 23.93 36.07 -7.83
C ILE A 382 24.53 34.82 -8.45
N GLY A 383 25.68 34.95 -9.12
CA GLY A 383 26.28 33.84 -9.83
C GLY A 383 26.61 32.65 -8.94
N SER A 384 27.39 32.91 -7.89
CA SER A 384 27.86 31.87 -6.98
C SER A 384 26.90 31.71 -5.81
N GLU A 385 27.35 30.99 -4.78
CA GLU A 385 26.60 30.85 -3.54
C GLU A 385 26.92 31.96 -2.55
N ASP A 386 27.34 33.12 -3.05
CA ASP A 386 27.85 34.21 -2.22
C ASP A 386 26.84 34.66 -1.17
N HIS A 387 27.16 34.35 0.08
CA HIS A 387 26.45 34.68 1.31
C HIS A 387 25.13 33.96 1.52
N GLN A 388 24.46 33.52 0.45
CA GLN A 388 23.61 32.34 0.33
C GLN A 388 22.68 32.69 -0.83
N ASP A 389 21.58 31.96 -1.04
CA ASP A 389 20.47 32.52 -1.79
C ASP A 389 20.11 33.91 -1.26
N ILE A 390 19.55 34.76 -2.13
CA ILE A 390 19.31 36.18 -1.83
C ILE A 390 18.46 36.38 -0.59
N ASP A 391 17.55 35.45 -0.29
CA ASP A 391 16.72 35.55 0.90
C ASP A 391 17.54 35.81 2.16
N VAL A 392 18.64 35.10 2.30
CA VAL A 392 19.51 35.24 3.46
C VAL A 392 20.35 36.49 3.35
N ALA A 393 20.76 36.83 2.13
CA ALA A 393 21.58 38.01 1.88
C ALA A 393 20.93 39.29 2.40
N ILE A 394 19.64 39.48 2.10
CA ILE A 394 18.92 40.64 2.58
C ILE A 394 18.92 40.65 4.10
N LEU A 395 18.42 39.57 4.71
CA LEU A 395 18.36 39.50 6.17
C LEU A 395 19.74 39.53 6.78
N THR A 396 20.75 39.01 6.07
CA THR A 396 22.12 39.09 6.56
C THR A 396 22.68 40.50 6.39
N ALA A 397 22.18 41.25 5.39
CA ALA A 397 22.68 42.60 5.17
C ALA A 397 22.32 43.53 6.31
N LEU A 398 21.21 43.27 6.99
CA LEU A 398 20.75 44.14 8.06
C LEU A 398 21.55 43.94 9.33
N LEU A 399 21.81 42.68 9.67
CA LEU A 399 22.49 42.37 10.93
C LEU A 399 23.93 42.85 10.87
N LYS A 400 24.69 42.34 9.92
CA LYS A 400 26.07 42.75 9.73
C LYS A 400 26.07 44.07 8.98
N GLY A 401 26.22 45.17 9.72
CA GLY A 401 26.41 46.47 9.12
C GLY A 401 25.82 47.65 9.85
N THR A 402 24.75 47.47 10.62
CA THR A 402 24.21 48.57 11.41
C THR A 402 24.81 48.54 12.81
N ASN A 403 26.14 48.43 12.89
CA ASN A 403 26.96 48.55 14.09
C ASN A 403 26.32 47.96 15.34
N ALA A 404 25.67 46.81 15.19
CA ALA A 404 24.76 46.28 16.20
C ALA A 404 25.38 45.09 16.90
N SER A 405 25.23 45.06 18.22
CA SER A 405 25.70 43.94 19.03
C SER A 405 25.05 42.64 18.57
N ALA A 406 25.73 41.54 18.84
CA ALA A 406 25.20 40.22 18.50
C ALA A 406 23.87 39.98 19.18
N PHE A 407 23.71 40.50 20.39
CA PHE A 407 22.40 40.55 21.02
C PHE A 407 21.41 41.32 20.16
N ASP A 408 21.76 42.56 19.79
CA ASP A 408 20.89 43.38 18.95
C ASP A 408 20.65 42.73 17.59
N GLN A 409 21.58 41.89 17.13
CA GLN A 409 21.34 41.08 15.95
C GLN A 409 20.42 39.90 16.25
N LEU A 410 20.51 39.35 17.46
CA LEU A 410 19.70 38.21 17.83
C LEU A 410 18.25 38.62 18.07
N ILE A 411 18.05 39.78 18.67
CA ILE A 411 16.71 40.23 19.00
C ILE A 411 15.90 40.49 17.75
N LEU A 412 16.58 40.81 16.66
CA LEU A 412 15.88 41.02 15.39
C LEU A 412 15.46 39.68 14.80
N THR A 413 16.41 38.76 14.61
CA THR A 413 16.09 37.41 14.12
C THR A 413 15.08 36.71 15.00
N LEU A 414 15.09 37.00 16.30
CA LEU A 414 14.05 36.49 17.19
C LEU A 414 12.69 37.03 16.80
N ALA A 415 12.63 38.24 16.25
CA ALA A 415 11.36 38.82 15.83
C ALA A 415 10.94 38.27 14.48
N TRP A 416 11.87 38.23 13.53
CA TRP A 416 11.63 37.61 12.24
C TRP A 416 11.24 36.14 12.37
N ASP A 417 11.74 35.47 13.40
CA ASP A 417 11.59 34.02 13.60
C ASP A 417 12.36 33.26 12.53
N ARG A 418 13.48 33.85 12.08
CA ARG A 418 14.43 33.17 11.20
C ARG A 418 15.58 32.67 12.05
N VAL A 419 15.59 31.37 12.32
CA VAL A 419 16.66 30.77 13.10
C VAL A 419 17.90 30.57 12.25
N ASP A 420 17.73 30.19 10.98
CA ASP A 420 18.86 29.86 10.12
C ASP A 420 19.82 31.04 9.99
N ILE A 421 19.28 32.25 10.05
CA ILE A 421 20.11 33.44 10.15
C ILE A 421 20.97 33.39 11.41
N ALA A 422 20.41 32.90 12.51
CA ALA A 422 21.10 32.93 13.79
C ALA A 422 22.18 31.85 13.88
N LYS A 423 21.87 30.66 13.35
CA LYS A 423 22.79 29.54 13.45
C LYS A 423 24.03 29.71 12.59
N ASN A 424 24.03 30.65 11.64
CA ASN A 424 25.07 30.74 10.63
C ASN A 424 25.56 32.15 10.36
N HIS A 425 25.02 33.17 11.06
CA HIS A 425 25.53 34.52 10.94
C HIS A 425 25.58 35.28 12.26
N VAL A 426 25.14 34.65 13.35
CA VAL A 426 25.26 35.23 14.69
C VAL A 426 25.98 34.26 15.63
N PHE A 427 25.56 33.01 15.64
CA PHE A 427 26.26 31.94 16.37
C PHE A 427 27.30 31.27 15.46
N VAL A 428 28.28 32.07 15.04
CA VAL A 428 29.25 31.62 14.04
C VAL A 428 30.55 31.19 14.70
N TYR A 429 31.23 32.10 15.37
CA TYR A 429 32.62 31.91 15.80
C TYR A 429 32.86 32.86 16.97
N GLY A 430 34.13 33.11 17.29
CA GLY A 430 34.54 34.13 18.25
C GLY A 430 33.73 35.40 18.17
N GLN A 431 33.06 35.71 19.27
CA GLN A 431 32.01 36.73 19.32
C GLN A 431 31.72 36.99 20.78
N GLN A 432 31.45 38.26 21.13
CA GLN A 432 31.60 38.69 22.52
C GLN A 432 30.63 37.96 23.45
N TRP A 433 29.35 37.86 23.08
CA TRP A 433 28.35 37.11 23.83
C TRP A 433 28.34 37.46 25.32
N LEU A 434 28.00 38.71 25.63
CA LEU A 434 27.89 39.12 27.02
C LEU A 434 26.79 38.32 27.70
N VAL A 435 27.17 37.49 28.68
CA VAL A 435 26.31 36.46 29.23
C VAL A 435 24.95 36.96 29.69
N GLY A 436 24.89 38.14 30.30
CA GLY A 436 23.62 38.73 30.66
C GLY A 436 22.70 38.96 29.47
N SER A 437 23.28 39.14 28.28
CA SER A 437 22.49 39.35 27.08
C SER A 437 21.74 38.10 26.68
N LEU A 438 22.46 36.98 26.56
CA LEU A 438 21.86 35.68 26.25
C LEU A 438 20.69 35.37 27.16
N GLU A 439 20.83 35.65 28.45
CA GLU A 439 19.74 35.45 29.39
C GLU A 439 18.51 36.24 28.98
N GLN A 440 18.69 37.54 28.74
CA GLN A 440 17.56 38.39 28.39
C GLN A 440 16.91 37.94 27.08
N ALA A 441 17.68 37.38 26.16
CA ALA A 441 17.10 36.89 24.92
C ALA A 441 16.23 35.66 25.17
N MET A 442 16.63 34.81 26.11
CA MET A 442 15.80 33.67 26.47
C MET A 442 14.47 34.14 27.04
N LEU A 443 14.50 35.21 27.84
CA LEU A 443 13.27 35.76 28.39
C LEU A 443 12.31 36.17 27.29
N ASP A 444 12.82 36.57 26.14
CA ASP A 444 11.98 37.06 25.06
C ASP A 444 11.48 35.91 24.18
N ALA A 445 12.36 34.98 23.83
CA ALA A 445 11.95 33.78 23.11
C ALA A 445 10.94 32.95 23.87
N LEU A 446 10.97 33.00 25.20
CA LEU A 446 10.01 32.27 26.01
C LEU A 446 8.65 32.94 25.99
N VAL A 447 8.60 34.24 26.28
CA VAL A 447 7.31 34.92 26.34
C VAL A 447 6.60 34.87 24.99
N MET A 448 7.33 34.85 23.88
CA MET A 448 6.58 34.81 22.63
C MET A 448 6.12 33.38 22.35
N ASP A 449 6.84 32.60 21.54
CA ASP A 449 6.78 31.15 21.60
C ASP A 449 7.99 30.53 20.92
N ARG A 450 9.05 31.30 20.69
CA ARG A 450 10.05 30.97 19.68
C ARG A 450 10.89 29.80 20.16
N VAL A 451 10.30 28.61 20.05
CA VAL A 451 10.94 27.37 20.47
C VAL A 451 12.32 27.20 19.83
N SER A 452 12.45 27.60 18.57
CA SER A 452 13.65 27.27 17.82
C SER A 452 14.86 28.05 18.31
N PHE A 453 14.63 29.24 18.88
CA PHE A 453 15.71 30.00 19.47
C PHE A 453 16.00 29.54 20.89
N VAL A 454 14.99 29.01 21.58
CA VAL A 454 15.21 28.39 22.88
C VAL A 454 16.20 27.25 22.73
N LYS A 455 15.89 26.32 21.83
CA LYS A 455 16.80 25.23 21.47
C LYS A 455 18.16 25.77 21.11
N LEU A 456 18.19 26.83 20.32
CA LEU A 456 19.45 27.42 19.91
C LEU A 456 20.23 27.94 21.11
N LEU A 457 19.56 28.66 22.01
CA LEU A 457 20.25 29.27 23.13
C LEU A 457 20.69 28.22 24.14
N ILE A 458 19.87 27.18 24.37
CA ILE A 458 20.31 26.07 25.21
C ILE A 458 21.54 25.41 24.61
N GLU A 459 21.55 25.25 23.30
CA GLU A 459 22.70 24.67 22.60
C GLU A 459 23.81 25.68 22.37
N ASN A 460 23.75 26.84 23.01
CA ASN A 460 24.87 27.77 23.05
C ASN A 460 25.04 28.39 24.43
N GLY A 461 24.75 27.63 25.48
CA GLY A 461 25.15 28.00 26.83
C GLY A 461 24.19 28.87 27.61
N VAL A 462 22.97 28.38 27.81
CA VAL A 462 22.04 28.98 28.75
C VAL A 462 21.57 27.88 29.70
N SER A 463 22.25 27.75 30.83
CA SER A 463 21.85 26.78 31.84
C SER A 463 20.66 27.34 32.59
N MET A 464 19.49 26.73 32.38
CA MET A 464 18.25 27.23 32.97
C MET A 464 18.32 27.36 34.48
N HIS A 465 19.20 26.63 35.15
CA HIS A 465 19.35 26.82 36.58
C HIS A 465 19.72 28.26 36.88
N LYS A 466 20.67 28.81 36.14
CA LYS A 466 21.06 30.20 36.34
C LYS A 466 19.96 31.15 35.89
N PHE A 467 19.32 30.86 34.75
CA PHE A 467 18.24 31.68 34.21
C PHE A 467 16.91 31.01 34.52
N LEU A 468 16.50 31.02 35.79
CA LEU A 468 15.08 30.80 36.05
C LEU A 468 14.64 31.42 37.36
N THR A 469 15.24 32.54 37.76
CA THR A 469 14.99 33.12 39.08
C THR A 469 13.53 33.43 39.29
N ILE A 470 13.19 33.79 40.52
CA ILE A 470 11.79 34.00 40.89
C ILE A 470 11.19 35.14 40.07
N PRO A 471 11.76 36.35 40.04
CA PRO A 471 11.07 37.44 39.33
C PRO A 471 10.99 37.24 37.84
N ARG A 472 11.97 36.58 37.23
CA ARG A 472 11.87 36.30 35.80
C ARG A 472 10.65 35.46 35.48
N LEU A 473 10.47 34.35 36.17
CA LEU A 473 9.36 33.46 35.92
C LEU A 473 8.02 34.05 36.32
N GLU A 474 8.00 35.02 37.23
CA GLU A 474 6.76 35.75 37.49
C GLU A 474 6.28 36.46 36.25
N GLU A 475 7.20 36.97 35.43
CA GLU A 475 6.82 37.65 34.21
C GLU A 475 6.17 36.67 33.25
N LEU A 476 6.85 35.54 33.00
CA LEU A 476 6.47 34.56 31.99
C LEU A 476 4.99 34.16 32.08
N TYR A 477 4.41 34.19 33.27
CA TYR A 477 2.96 34.08 33.40
C TYR A 477 2.28 35.40 33.06
N ASN A 478 2.87 36.51 33.49
CA ASN A 478 2.28 37.84 33.40
C ASN A 478 2.74 38.57 32.15
N THR A 479 2.53 37.98 30.99
CA THR A 479 2.81 38.62 29.71
C THR A 479 1.65 38.40 28.76
N LYS A 480 1.08 39.50 28.30
CA LYS A 480 0.29 39.51 27.08
C LYS A 480 1.16 39.67 25.84
N GLN A 481 2.48 39.75 26.01
CA GLN A 481 3.41 39.89 24.91
C GLN A 481 3.69 38.53 24.28
N GLY A 482 2.64 37.85 23.85
CA GLY A 482 2.77 36.55 23.24
C GLY A 482 1.47 35.78 23.31
N PRO A 483 1.42 34.62 22.65
CA PRO A 483 0.26 33.73 22.77
C PRO A 483 -0.10 33.42 24.22
N THR A 484 -1.32 33.77 24.58
CA THR A 484 -1.81 33.70 25.94
C THR A 484 -2.97 32.71 25.99
N ASN A 485 -3.28 32.23 27.19
CA ASN A 485 -4.44 31.37 27.43
C ASN A 485 -5.40 32.11 28.35
N PRO A 486 -6.63 32.42 27.94
CA PRO A 486 -7.54 33.14 28.84
C PRO A 486 -8.00 32.33 30.04
N MET A 487 -7.84 31.01 30.02
CA MET A 487 -8.19 30.18 31.16
C MET A 487 -7.43 30.60 32.41
N LEU A 488 -6.14 30.86 32.27
CA LEU A 488 -5.27 31.04 33.42
C LEU A 488 -5.71 32.24 34.26
N PHE A 489 -6.11 33.32 33.60
CA PHE A 489 -6.66 34.45 34.32
C PHE A 489 -8.08 34.21 34.78
N HIS A 490 -8.73 33.15 34.30
CA HIS A 490 -10.04 32.75 34.79
C HIS A 490 -9.92 31.74 35.92
N LEU A 491 -8.90 30.89 35.87
CA LEU A 491 -8.66 29.94 36.96
C LEU A 491 -8.26 30.67 38.22
N ILE A 492 -7.35 31.63 38.10
CA ILE A 492 -6.78 32.29 39.27
C ILE A 492 -7.85 33.08 40.02
N ARG A 493 -8.74 33.75 39.29
CA ARG A 493 -9.82 34.46 39.94
C ARG A 493 -10.85 33.53 40.56
N ASP A 494 -10.88 32.27 40.16
CA ASP A 494 -11.77 31.30 40.79
C ASP A 494 -11.22 30.83 42.13
N VAL A 495 -9.96 30.37 42.15
CA VAL A 495 -9.39 29.82 43.38
C VAL A 495 -9.23 30.89 44.45
N LYS A 496 -8.90 32.12 44.03
CA LYS A 496 -8.91 33.24 44.97
C LYS A 496 -10.31 33.58 45.45
N GLN A 497 -11.35 33.08 44.78
CA GLN A 497 -12.74 33.24 45.21
C GLN A 497 -13.11 34.72 45.33
N GLY A 498 -12.97 35.42 44.21
CA GLY A 498 -13.21 36.85 44.19
C GLY A 498 -13.02 37.44 42.81
N ASN A 499 -12.30 38.55 42.76
CA ASN A 499 -12.01 39.24 41.51
C ASN A 499 -10.63 39.87 41.61
N LEU A 500 -9.81 39.64 40.59
CA LEU A 500 -8.45 40.15 40.60
C LEU A 500 -8.46 41.67 40.67
N PRO A 501 -7.58 42.28 41.47
CA PRO A 501 -7.45 43.74 41.44
C PRO A 501 -7.05 44.22 40.06
N PRO A 502 -7.12 45.54 39.81
CA PRO A 502 -6.97 46.05 38.43
C PRO A 502 -5.68 45.64 37.73
N GLY A 503 -4.52 45.93 38.32
CA GLY A 503 -3.26 45.55 37.71
C GLY A 503 -2.97 44.07 37.84
N TYR A 504 -2.69 43.63 39.07
CA TYR A 504 -2.55 42.21 39.40
C TYR A 504 -1.54 41.46 38.55
N LYS A 505 -0.26 41.62 38.84
CA LYS A 505 0.73 40.65 38.39
C LYS A 505 0.54 39.38 39.20
N ILE A 506 0.33 38.25 38.50
CA ILE A 506 0.16 36.95 39.13
C ILE A 506 1.39 36.63 39.99
N THR A 507 1.14 36.11 41.18
CA THR A 507 2.20 35.54 42.02
C THR A 507 2.28 34.04 41.79
N LEU A 508 3.47 33.49 42.03
CA LEU A 508 3.65 32.06 41.86
C LEU A 508 2.87 31.27 42.90
N ILE A 509 2.54 31.89 44.03
CA ILE A 509 1.60 31.27 44.95
C ILE A 509 0.28 31.00 44.24
N ASP A 510 -0.20 31.97 43.48
CA ASP A 510 -1.49 31.83 42.81
C ASP A 510 -1.45 30.71 41.78
N ILE A 511 -0.28 30.44 41.22
CA ILE A 511 -0.15 29.31 40.30
C ILE A 511 -0.23 27.99 41.04
N GLY A 512 0.43 27.91 42.19
CA GLY A 512 0.33 26.70 42.99
C GLY A 512 -1.10 26.37 43.36
N LEU A 513 -1.89 27.39 43.68
CA LEU A 513 -3.30 27.18 43.97
C LEU A 513 -4.09 26.76 42.74
N VAL A 514 -3.49 26.85 41.55
CA VAL A 514 -4.12 26.35 40.33
C VAL A 514 -3.73 24.90 40.09
N ILE A 515 -2.44 24.61 40.18
CA ILE A 515 -1.96 23.28 39.83
C ILE A 515 -2.40 22.29 40.90
N GLU A 516 -2.41 22.70 42.16
CA GLU A 516 -3.01 21.91 43.23
C GLU A 516 -4.51 21.78 43.07
N TYR A 517 -5.12 22.62 42.23
CA TYR A 517 -6.52 22.51 41.88
C TYR A 517 -6.72 21.74 40.58
N LEU A 518 -5.79 21.90 39.64
CA LEU A 518 -5.87 21.18 38.38
C LEU A 518 -5.55 19.71 38.56
N MET A 519 -4.36 19.42 39.10
CA MET A 519 -3.94 18.04 39.32
C MET A 519 -4.85 17.36 40.32
N GLY A 520 -5.06 17.98 41.46
CA GLY A 520 -6.17 17.63 42.31
C GLY A 520 -5.84 16.55 43.32
N GLY A 521 -6.80 16.33 44.21
CA GLY A 521 -6.58 15.37 45.27
C GLY A 521 -5.69 15.98 46.33
N THR A 522 -4.58 15.30 46.60
CA THR A 522 -3.60 15.75 47.59
C THR A 522 -2.31 16.23 46.95
N TYR A 523 -2.37 16.68 45.71
CA TYR A 523 -1.19 17.21 45.06
C TYR A 523 -0.83 18.54 45.72
N ARG A 524 0.41 18.66 46.14
CA ARG A 524 0.92 19.84 46.83
C ARG A 524 2.15 20.31 46.09
N CYS A 525 2.10 21.51 45.53
CA CYS A 525 3.15 22.01 44.67
C CYS A 525 4.20 22.77 45.46
N THR A 526 5.41 22.85 44.90
CA THR A 526 6.53 23.57 45.49
C THR A 526 6.12 24.99 45.89
N TYR A 527 5.23 25.62 45.13
CA TYR A 527 4.95 27.04 45.31
C TYR A 527 4.22 27.30 46.62
N THR A 528 3.28 26.43 46.98
CA THR A 528 2.46 26.66 48.16
C THR A 528 3.15 26.26 49.46
N ARG A 529 4.26 25.53 49.38
CA ARG A 529 4.87 25.02 50.59
C ARG A 529 5.58 26.14 51.34
N LYS A 530 5.86 25.85 52.61
CA LYS A 530 6.37 26.88 53.52
C LYS A 530 7.75 27.36 53.10
N ARG A 531 8.59 26.46 52.58
CA ARG A 531 9.92 26.86 52.12
C ARG A 531 9.82 27.93 51.04
N PHE A 532 9.12 27.62 49.95
CA PHE A 532 9.02 28.59 48.86
C PHE A 532 8.22 29.80 49.30
N ARG A 533 7.16 29.58 50.07
CA ARG A 533 6.27 30.66 50.50
C ARG A 533 6.99 31.65 51.42
N LEU A 534 8.16 31.29 51.95
CA LEU A 534 8.90 32.11 52.89
C LEU A 534 10.04 32.84 52.21
N ILE A 535 10.78 32.14 51.34
CA ILE A 535 11.77 32.79 50.49
C ILE A 535 11.16 33.67 49.42
N TYR A 536 9.88 33.50 49.12
CA TYR A 536 9.20 34.31 48.12
C TYR A 536 8.80 35.67 48.70
N ASN A 537 8.03 35.67 49.78
CA ASN A 537 7.69 36.90 50.47
C ASN A 537 8.91 37.60 51.03
N SER A 538 9.98 36.85 51.29
CA SER A 538 11.25 37.46 51.66
C SER A 538 11.74 38.38 50.55
N LEU A 539 11.93 37.84 49.35
CA LEU A 539 12.41 38.61 48.21
C LEU A 539 11.37 39.65 47.80
N GLU A 613 22.07 31.45 45.32
CA GLU A 613 21.38 30.48 44.47
C GLU A 613 20.15 29.88 45.15
N THR A 614 19.65 30.55 46.20
CA THR A 614 18.39 30.16 46.81
C THR A 614 17.19 30.76 46.08
N LYS A 615 17.38 31.87 45.38
CA LYS A 615 16.34 32.47 44.56
C LYS A 615 16.29 31.88 43.16
N ARG A 616 16.95 30.75 42.93
CA ARG A 616 16.75 29.90 41.77
C ARG A 616 15.75 28.79 42.15
N PHE A 617 15.55 27.84 41.23
CA PHE A 617 14.81 26.61 41.44
C PHE A 617 15.74 25.41 41.34
N PRO A 618 15.45 24.30 42.03
CA PRO A 618 16.32 23.14 41.86
C PRO A 618 16.28 22.58 40.45
N TYR A 619 15.07 22.31 39.97
CA TYR A 619 14.85 21.69 38.67
C TYR A 619 13.98 22.59 37.81
N PRO A 620 14.55 23.38 36.89
CA PRO A 620 13.77 24.44 36.25
C PRO A 620 12.75 23.98 35.23
N LEU A 621 13.11 23.04 34.35
CA LEU A 621 12.21 22.58 33.30
C LEU A 621 11.00 21.83 33.83
N ASN A 622 10.92 21.62 35.14
CA ASN A 622 9.68 21.24 35.78
C ASN A 622 8.79 22.44 36.05
N GLU A 623 9.37 23.65 36.06
CA GLU A 623 8.61 24.87 36.28
C GLU A 623 8.18 25.51 34.97
N LEU A 624 8.99 25.37 33.92
CA LEU A 624 8.62 25.86 32.61
C LEU A 624 7.64 24.93 31.91
N LEU A 625 7.68 23.65 32.23
CA LEU A 625 6.76 22.70 31.62
C LEU A 625 5.35 22.87 32.15
N ILE A 626 5.20 23.19 33.44
CA ILE A 626 3.90 23.56 33.97
C ILE A 626 3.48 24.95 33.52
N TRP A 627 4.40 25.72 32.98
CA TRP A 627 4.08 27.04 32.44
C TRP A 627 3.54 26.93 31.02
N ALA A 628 4.28 26.27 30.15
CA ALA A 628 3.87 26.08 28.77
C ALA A 628 2.58 25.28 28.63
N CYS A 629 2.15 24.59 29.67
CA CYS A 629 0.93 23.81 29.65
C CYS A 629 -0.24 24.56 30.24
N LEU A 630 0.03 25.57 31.06
CA LEU A 630 -0.98 26.51 31.50
C LEU A 630 -1.19 27.63 30.50
N MET A 631 -0.19 27.92 29.68
CA MET A 631 -0.25 28.94 28.65
C MET A 631 -0.47 28.34 27.26
N LYS A 632 -0.83 27.06 27.18
CA LYS A 632 -1.20 26.39 25.94
C LYS A 632 -0.12 26.51 24.87
N ARG A 633 1.15 26.46 25.29
CA ARG A 633 2.29 26.49 24.39
C ARG A 633 2.87 25.09 24.23
N GLN A 634 2.10 24.23 23.57
CA GLN A 634 2.48 22.85 23.29
C GLN A 634 3.91 22.72 22.78
N VAL A 635 4.20 23.38 21.65
CA VAL A 635 5.45 23.18 20.94
C VAL A 635 6.65 23.50 21.85
N MET A 636 6.45 24.38 22.82
CA MET A 636 7.41 24.53 23.90
C MET A 636 7.34 23.39 24.89
N ALA A 637 6.14 22.93 25.23
CA ALA A 637 6.00 21.88 26.22
C ALA A 637 6.64 20.60 25.73
N ARG A 638 6.44 20.25 24.47
CA ARG A 638 7.13 19.13 23.86
C ARG A 638 8.62 19.32 23.82
N PHE A 639 9.07 20.56 23.79
CA PHE A 639 10.50 20.83 23.78
C PHE A 639 11.10 20.82 25.16
N LEU A 640 10.36 21.33 26.14
CA LEU A 640 10.82 21.35 27.51
C LEU A 640 10.57 20.03 28.21
N TRP A 641 9.61 19.25 27.73
CA TRP A 641 9.43 17.90 28.21
C TRP A 641 10.60 17.01 27.88
N GLN A 642 11.01 17.00 26.61
CA GLN A 642 12.05 16.08 26.18
C GLN A 642 13.38 16.39 26.82
N HIS A 643 13.59 17.62 27.26
CA HIS A 643 14.76 17.99 28.03
C HIS A 643 14.51 17.73 29.51
N GLY A 644 15.55 17.91 30.31
CA GLY A 644 15.45 17.63 31.71
C GLY A 644 15.46 16.13 31.98
N GLU A 645 14.82 15.76 33.09
CA GLU A 645 14.68 14.38 33.51
C GLU A 645 13.23 14.13 33.90
N GLU A 646 12.97 12.91 34.38
CA GLU A 646 11.64 12.51 34.82
C GLU A 646 10.61 12.62 33.70
N SER A 647 11.05 12.31 32.48
CA SER A 647 10.24 12.55 31.30
C SER A 647 8.91 11.82 31.30
N MET A 648 8.79 10.74 32.07
CA MET A 648 7.52 10.02 32.13
C MET A 648 6.59 10.58 33.18
N ALA A 649 7.10 11.29 34.18
CA ALA A 649 6.26 11.99 35.13
C ALA A 649 5.85 13.36 34.65
N LYS A 650 6.61 13.93 33.72
CA LYS A 650 6.28 15.22 33.14
C LYS A 650 5.23 15.11 32.06
N ALA A 651 5.17 13.97 31.38
CA ALA A 651 4.18 13.71 30.35
C ALA A 651 2.88 13.17 30.89
N LEU A 652 2.81 12.90 32.19
CA LEU A 652 1.59 12.46 32.84
C LEU A 652 1.08 13.51 33.81
N VAL A 653 1.91 14.49 34.14
CA VAL A 653 1.45 15.69 34.78
C VAL A 653 0.82 16.62 33.75
N ALA A 654 1.56 16.87 32.66
CA ALA A 654 1.05 17.63 31.54
C ALA A 654 -0.32 17.14 31.09
N CYS A 655 -0.42 15.84 30.79
CA CYS A 655 -1.69 15.25 30.40
C CYS A 655 -2.78 15.46 31.43
N LYS A 656 -2.41 15.63 32.68
CA LYS A 656 -3.39 15.89 33.73
C LYS A 656 -3.66 17.38 33.89
N ILE A 657 -2.71 18.22 33.54
CA ILE A 657 -2.96 19.66 33.56
C ILE A 657 -3.96 20.01 32.47
N TYR A 658 -3.60 19.72 31.22
CA TYR A 658 -4.50 19.98 30.09
C TYR A 658 -5.89 19.40 30.30
N ARG A 659 -5.97 18.09 30.48
CA ARG A 659 -7.22 17.41 30.79
C ARG A 659 -8.01 18.10 31.89
N SER A 660 -7.33 18.60 32.92
CA SER A 660 -8.02 19.31 33.98
C SER A 660 -8.29 20.76 33.62
N MET A 661 -7.65 21.27 32.57
CA MET A 661 -8.00 22.58 32.02
C MET A 661 -9.20 22.44 31.09
N ALA A 662 -9.15 21.47 30.19
CA ALA A 662 -10.25 21.18 29.28
C ALA A 662 -11.59 21.04 29.99
N TYR A 663 -11.59 20.42 31.17
CA TYR A 663 -12.83 20.25 31.90
C TYR A 663 -13.31 21.57 32.50
N GLU A 664 -12.41 22.54 32.69
CA GLU A 664 -12.82 23.85 33.14
C GLU A 664 -13.42 24.65 31.99
N ALA A 665 -12.85 24.47 30.79
CA ALA A 665 -13.37 25.12 29.60
C ALA A 665 -14.82 24.73 29.34
N LYS A 666 -15.11 23.44 29.27
CA LYS A 666 -16.47 22.96 29.07
C LYS A 666 -17.41 23.44 30.16
N GLN A 667 -16.90 23.59 31.38
CA GLN A 667 -17.74 23.93 32.51
C GLN A 667 -18.17 25.39 32.46
N SER A 668 -17.21 26.29 32.32
CA SER A 668 -17.47 27.72 32.24
C SER A 668 -17.20 28.23 30.84
N ASP A 669 -18.16 28.98 30.29
CA ASP A 669 -18.04 29.55 28.95
C ASP A 669 -17.96 31.07 29.01
N LEU A 670 -16.76 31.59 29.22
CA LEU A 670 -16.47 33.02 29.15
C LEU A 670 -15.66 33.37 27.91
N VAL A 671 -15.13 32.37 27.20
CA VAL A 671 -14.33 32.56 25.99
C VAL A 671 -14.69 31.44 25.01
N ASP A 672 -14.02 31.42 23.87
CA ASP A 672 -14.15 30.32 22.92
C ASP A 672 -13.82 28.99 23.60
N ASP A 673 -14.26 27.90 23.00
CA ASP A 673 -14.22 26.59 23.65
C ASP A 673 -12.83 26.20 24.12
N THR A 674 -11.90 26.00 23.18
CA THR A 674 -10.51 25.65 23.47
C THR A 674 -10.39 24.22 24.03
N SER A 675 -11.52 23.55 24.25
CA SER A 675 -11.56 22.41 25.16
C SER A 675 -11.19 21.12 24.45
N GLU A 676 -11.34 21.07 23.14
CA GLU A 676 -10.86 19.96 22.32
C GLU A 676 -9.48 20.22 21.77
N GLU A 677 -8.99 21.46 21.86
CA GLU A 677 -7.61 21.76 21.54
C GLU A 677 -6.68 21.28 22.63
N LEU A 678 -7.19 21.16 23.86
CA LEU A 678 -6.41 20.69 24.98
C LEU A 678 -6.44 19.18 25.10
N LYS A 679 -7.63 18.57 25.06
CA LYS A 679 -7.74 17.11 25.11
C LYS A 679 -6.95 16.41 24.01
N GLN A 680 -6.63 17.11 22.93
CA GLN A 680 -5.66 16.61 21.97
C GLN A 680 -4.25 16.89 22.40
N TYR A 681 -4.04 17.94 23.20
CA TYR A 681 -2.74 18.23 23.75
C TYR A 681 -2.40 17.31 24.91
N SER A 682 -3.41 16.94 25.70
CA SER A 682 -3.18 16.00 26.79
C SER A 682 -2.82 14.63 26.23
N ASN A 683 -3.74 14.05 25.45
CA ASN A 683 -3.55 12.77 24.79
C ASN A 683 -2.30 12.71 23.90
N ASP A 684 -1.68 13.84 23.61
CA ASP A 684 -0.37 13.86 22.96
C ASP A 684 0.75 13.65 23.95
N PHE A 685 0.56 14.12 25.19
CA PHE A 685 1.50 13.81 26.27
C PHE A 685 1.21 12.46 26.88
N GLY A 686 -0.08 12.12 26.99
CA GLY A 686 -0.48 10.82 27.47
C GLY A 686 -0.32 9.68 26.48
N GLN A 687 0.50 9.86 25.45
CA GLN A 687 0.85 8.83 24.49
C GLN A 687 2.36 8.74 24.30
N LEU A 688 3.10 9.78 24.71
CA LEU A 688 4.54 9.69 24.75
C LEU A 688 4.99 8.93 25.98
N ALA A 689 4.24 9.06 27.07
CA ALA A 689 4.48 8.26 28.25
C ALA A 689 4.34 6.77 27.92
N VAL A 690 3.22 6.41 27.30
CA VAL A 690 2.91 5.02 26.99
C VAL A 690 3.89 4.47 25.98
N GLU A 691 4.25 5.26 25.00
CA GLU A 691 5.26 4.88 24.03
C GLU A 691 6.66 4.96 24.61
N LEU A 692 6.81 5.44 25.84
CA LEU A 692 8.07 5.43 26.56
C LEU A 692 8.12 4.33 27.60
N LEU A 693 6.96 3.91 28.10
CA LEU A 693 6.87 2.70 28.91
C LEU A 693 7.19 1.46 28.08
N GLU A 694 6.57 1.34 26.91
CA GLU A 694 6.85 0.24 26.00
C GLU A 694 8.34 0.16 25.68
N GLN A 695 8.97 1.30 25.42
CA GLN A 695 10.38 1.32 25.08
C GLN A 695 11.23 0.85 26.25
N SER A 696 10.73 1.01 27.47
CA SER A 696 11.46 0.58 28.65
C SER A 696 11.18 -0.90 28.94
N PHE A 697 9.91 -1.27 28.97
CA PHE A 697 9.47 -2.65 29.06
C PHE A 697 10.12 -3.56 28.02
N ARG A 698 10.51 -3.00 26.88
CA ARG A 698 11.26 -3.71 25.85
C ARG A 698 12.77 -3.60 26.04
N GLN A 699 13.22 -3.15 27.21
CA GLN A 699 14.66 -3.04 27.51
C GLN A 699 15.00 -3.73 28.81
N ASP A 700 14.15 -3.60 29.82
CA ASP A 700 14.26 -4.39 31.03
C ASP A 700 12.91 -4.36 31.72
N GLU A 701 12.20 -5.48 31.68
CA GLU A 701 10.86 -5.54 32.24
C GLU A 701 10.85 -5.29 33.74
N THR A 702 11.96 -5.52 34.42
CA THR A 702 12.04 -5.36 35.87
C THR A 702 12.14 -3.89 36.25
N MET A 703 13.20 -3.22 35.81
CA MET A 703 13.40 -1.82 36.15
C MET A 703 12.25 -0.96 35.66
N ALA A 704 11.78 -1.21 34.44
CA ALA A 704 10.62 -0.52 33.90
C ALA A 704 9.37 -0.64 34.76
N MET A 705 9.31 -1.59 35.68
CA MET A 705 8.26 -1.62 36.70
C MET A 705 8.65 -0.89 37.97
N LYS A 706 9.94 -0.57 38.14
CA LYS A 706 10.35 0.38 39.17
C LYS A 706 10.09 1.81 38.73
N LEU A 707 10.09 2.06 37.43
CA LEU A 707 9.81 3.40 36.93
C LEU A 707 8.37 3.82 37.16
N LEU A 708 7.52 2.90 37.55
CA LEU A 708 6.11 3.17 37.75
C LEU A 708 5.75 3.40 39.22
N THR A 709 6.70 3.22 40.14
CA THR A 709 6.40 3.28 41.56
C THR A 709 7.41 4.06 42.38
N TYR A 710 8.46 4.59 41.77
CA TYR A 710 9.42 5.37 42.54
C TYR A 710 8.81 6.71 42.89
N GLU A 711 8.75 6.99 44.19
CA GLU A 711 8.38 8.30 44.68
C GLU A 711 9.21 9.36 43.98
N LEU A 712 8.54 10.41 43.53
CA LEU A 712 9.14 11.36 42.61
C LEU A 712 9.82 12.51 43.33
N LYS A 713 9.11 13.14 44.27
CA LYS A 713 9.62 14.15 45.20
C LYS A 713 9.81 15.51 44.55
N ASN A 714 9.71 15.61 43.22
CA ASN A 714 9.52 16.87 42.55
C ASN A 714 8.07 17.11 42.17
N TRP A 715 7.29 16.04 42.06
CA TRP A 715 5.91 16.10 41.63
C TRP A 715 5.02 15.59 42.76
N SER A 716 5.30 16.08 43.96
CA SER A 716 4.46 15.93 45.14
C SER A 716 4.40 14.50 45.65
N ASN A 717 5.59 13.92 45.84
CA ASN A 717 5.76 12.61 46.47
C ASN A 717 4.83 11.59 45.84
N SER A 718 4.84 11.57 44.52
CA SER A 718 3.85 10.89 43.73
C SER A 718 4.57 9.89 42.84
N THR A 719 3.85 9.39 41.85
CA THR A 719 4.18 8.13 41.23
C THR A 719 3.81 8.21 39.76
N CYS A 720 4.59 7.59 38.89
CA CYS A 720 4.28 7.68 37.46
C CYS A 720 3.12 6.77 37.05
N LEU A 721 2.36 6.25 38.01
CA LEU A 721 1.24 5.38 37.77
C LEU A 721 0.00 5.81 38.55
N LYS A 722 0.18 6.58 39.62
CA LYS A 722 -0.93 7.27 40.26
C LYS A 722 -1.33 8.52 39.51
N LEU A 723 -0.44 9.07 38.69
CA LEU A 723 -0.76 10.22 37.87
C LEU A 723 -1.68 9.82 36.73
N ALA A 724 -1.25 8.83 35.94
CA ALA A 724 -2.04 8.30 34.84
C ALA A 724 -3.46 7.95 35.27
N VAL A 725 -3.60 7.32 36.42
CA VAL A 725 -4.91 7.01 36.98
C VAL A 725 -5.70 8.28 37.26
N SER A 726 -5.02 9.40 37.52
CA SER A 726 -5.72 10.64 37.82
C SER A 726 -6.10 11.35 36.55
N SER A 727 -5.26 11.24 35.53
CA SER A 727 -5.61 11.64 34.17
C SER A 727 -6.51 10.63 33.47
N ARG A 728 -6.92 9.56 34.17
CA ARG A 728 -7.74 8.49 33.60
C ARG A 728 -7.18 8.03 32.27
N LEU A 729 -5.87 7.83 32.23
CA LEU A 729 -5.17 7.39 31.04
C LEU A 729 -5.15 5.87 31.04
N ARG A 730 -5.94 5.31 30.15
CA ARG A 730 -6.08 3.87 30.04
C ARG A 730 -4.95 3.18 29.29
N PRO A 731 -4.34 3.74 28.23
CA PRO A 731 -3.28 3.02 27.54
C PRO A 731 -1.99 2.79 28.32
N PHE A 732 -1.92 3.24 29.57
CA PHE A 732 -0.76 3.12 30.44
C PHE A 732 -1.06 2.14 31.56
N VAL A 733 -2.13 2.39 32.28
CA VAL A 733 -2.62 1.50 33.32
C VAL A 733 -3.00 0.15 32.73
N ALA A 734 -3.37 0.13 31.46
CA ALA A 734 -3.67 -1.08 30.73
C ALA A 734 -2.60 -1.44 29.71
N HIS A 735 -1.36 -1.07 30.00
CA HIS A 735 -0.21 -1.48 29.23
C HIS A 735 0.33 -2.76 29.88
N THR A 736 1.23 -3.44 29.19
CA THR A 736 1.65 -4.76 29.67
C THR A 736 2.69 -4.70 30.78
N CYS A 737 3.18 -3.51 31.13
CA CYS A 737 4.13 -3.33 32.21
C CYS A 737 3.45 -2.89 33.49
N THR A 738 2.34 -2.20 33.37
CA THR A 738 1.44 -1.96 34.49
C THR A 738 0.48 -3.11 34.71
N GLN A 739 0.63 -4.20 33.98
CA GLN A 739 -0.22 -5.38 34.15
C GLN A 739 0.56 -6.59 34.59
N MET A 740 1.87 -6.61 34.35
CA MET A 740 2.76 -7.51 35.07
C MET A 740 2.91 -7.08 36.52
N LEU A 741 3.32 -5.83 36.74
CA LEU A 741 3.46 -5.30 38.08
C LEU A 741 2.21 -5.50 38.91
N LEU A 742 1.06 -5.17 38.34
CA LEU A 742 -0.19 -5.40 39.06
C LEU A 742 -0.39 -6.86 39.39
N SER A 743 0.20 -7.77 38.62
CA SER A 743 0.16 -9.18 38.94
C SER A 743 1.26 -9.56 39.91
N ASP A 744 2.44 -8.97 39.77
CA ASP A 744 3.50 -9.15 40.76
C ASP A 744 3.14 -8.50 42.09
N MET A 745 2.29 -7.48 42.07
CA MET A 745 1.68 -6.97 43.29
C MET A 745 0.51 -7.81 43.75
N TRP A 746 -0.08 -8.58 42.85
CA TRP A 746 -1.21 -9.42 43.22
C TRP A 746 -0.75 -10.67 43.94
N MET A 747 0.42 -11.18 43.59
CA MET A 747 1.00 -12.29 44.31
C MET A 747 1.28 -11.92 45.75
N GLY A 748 2.12 -10.91 45.93
CA GLY A 748 2.54 -10.48 47.25
C GLY A 748 3.93 -10.99 47.51
N ARG A 749 4.10 -11.66 48.64
CA ARG A 749 5.34 -12.39 48.88
C ARG A 749 5.31 -13.76 48.19
N LEU A 750 4.12 -14.32 48.01
CA LEU A 750 3.94 -15.57 47.28
C LEU A 750 4.63 -15.54 45.94
N ASN A 751 4.97 -16.73 45.45
CA ASN A 751 5.38 -16.93 44.06
C ASN A 751 4.33 -17.86 43.46
N MET A 752 3.31 -17.26 42.87
CA MET A 752 2.26 -17.99 42.20
C MET A 752 2.63 -18.36 40.79
N ARG A 753 3.91 -18.24 40.44
CA ARG A 753 4.48 -18.94 39.30
C ARG A 753 4.81 -20.39 39.68
N LYS A 754 5.62 -20.55 40.74
CA LYS A 754 5.93 -21.89 41.23
C LYS A 754 4.75 -22.55 41.92
N ASN A 755 3.92 -21.76 42.61
CA ASN A 755 2.77 -22.30 43.31
C ASN A 755 1.59 -22.42 42.35
N SER A 756 0.43 -22.81 42.89
CA SER A 756 -0.79 -22.98 42.11
C SER A 756 -1.97 -22.49 42.95
N TRP A 757 -3.02 -22.07 42.25
CA TRP A 757 -4.17 -21.48 42.94
C TRP A 757 -4.84 -22.47 43.87
N TYR A 758 -4.73 -23.77 43.60
CA TYR A 758 -5.23 -24.76 44.54
C TYR A 758 -4.59 -24.58 45.91
N LYS A 759 -3.31 -24.26 45.94
CA LYS A 759 -2.56 -24.27 47.18
C LYS A 759 -2.86 -23.04 48.03
N VAL A 760 -3.21 -21.93 47.39
CA VAL A 760 -3.72 -20.76 48.12
C VAL A 760 -4.95 -21.15 48.92
N ILE A 761 -6.01 -21.60 48.23
CA ILE A 761 -7.23 -22.03 48.92
C ILE A 761 -6.92 -23.16 49.89
N LEU A 762 -6.06 -24.09 49.50
CA LEU A 762 -5.66 -25.15 50.41
C LEU A 762 -4.95 -24.59 51.63
N SER A 763 -4.20 -23.51 51.46
CA SER A 763 -3.46 -22.89 52.55
C SER A 763 -4.29 -21.94 53.39
N ILE A 764 -5.44 -21.49 52.87
CA ILE A 764 -6.28 -20.58 53.63
C ILE A 764 -7.11 -21.36 54.64
N LEU A 765 -7.51 -22.58 54.27
CA LEU A 765 -8.31 -23.43 55.14
C LEU A 765 -7.48 -24.38 55.96
N VAL A 766 -6.29 -24.72 55.48
CA VAL A 766 -5.26 -25.41 56.28
C VAL A 766 -4.15 -24.40 56.52
N PRO A 767 -4.18 -23.63 57.60
CA PRO A 767 -3.13 -22.62 57.84
C PRO A 767 -1.73 -23.21 57.87
N PRO A 768 -1.51 -24.41 58.40
CA PRO A 768 -0.15 -24.97 58.33
C PRO A 768 0.38 -25.18 56.92
N ALA A 769 -0.50 -25.37 55.93
CA ALA A 769 -0.03 -25.53 54.56
C ALA A 769 0.56 -24.26 53.98
N ILE A 770 0.43 -23.13 54.68
CA ILE A 770 1.10 -21.90 54.28
C ILE A 770 2.60 -22.13 54.22
N LEU A 771 3.12 -22.97 55.11
CA LEU A 771 4.55 -23.20 55.24
C LEU A 771 5.12 -24.05 54.11
N MET A 772 4.28 -24.80 53.41
CA MET A 772 4.70 -25.62 52.28
C MET A 772 4.52 -24.89 50.96
N LEU A 773 4.67 -23.57 50.94
CA LEU A 773 4.50 -22.75 49.75
C LEU A 773 5.83 -22.17 49.32
N GLU A 774 5.94 -21.92 48.01
CA GLU A 774 7.13 -21.33 47.43
C GLU A 774 6.96 -19.82 47.35
N TYR A 775 7.58 -19.13 48.31
CA TYR A 775 7.54 -17.68 48.34
C TYR A 775 8.61 -17.09 47.43
N LYS A 776 8.63 -15.77 47.38
CA LYS A 776 9.62 -14.98 46.66
C LYS A 776 10.59 -14.41 47.68
N THR A 777 11.81 -14.15 47.23
CA THR A 777 12.81 -13.55 48.09
C THR A 777 12.73 -12.03 47.99
N LYS A 778 13.24 -11.36 49.01
CA LYS A 778 13.25 -9.90 49.02
C LYS A 778 14.16 -9.31 47.96
N ALA A 779 14.94 -10.13 47.27
CA ALA A 779 15.65 -9.74 46.06
C ALA A 779 14.81 -9.92 44.80
N GLU A 780 13.67 -10.61 44.91
CA GLU A 780 12.69 -10.69 43.83
C GLU A 780 11.60 -9.64 43.96
N MET A 781 11.28 -9.23 45.19
CA MET A 781 10.29 -8.20 45.44
C MET A 781 10.88 -6.80 45.40
N SER A 782 12.01 -6.62 44.72
CA SER A 782 12.64 -5.31 44.68
C SER A 782 11.76 -4.29 43.98
N HIS A 783 11.29 -4.64 42.79
CA HIS A 783 10.50 -3.72 41.99
C HIS A 783 9.09 -3.51 42.52
N ILE A 784 8.63 -4.38 43.41
CA ILE A 784 7.27 -4.26 43.93
C ILE A 784 7.26 -3.19 45.02
N PRO A 785 6.31 -2.26 45.02
CA PRO A 785 6.17 -1.39 46.18
C PRO A 785 5.61 -2.16 47.36
N GLN A 786 6.20 -1.91 48.52
CA GLN A 786 5.86 -2.59 49.75
C GLN A 786 5.36 -1.57 50.75
N SER A 787 4.65 -2.07 51.76
CA SER A 787 4.07 -1.22 52.76
C SER A 787 5.14 -0.70 53.72
N GLN A 788 4.71 0.09 54.69
CA GLN A 788 5.61 0.64 55.69
C GLN A 788 6.30 -0.47 56.47
N ASP A 789 5.52 -1.28 57.19
CA ASP A 789 6.09 -2.33 58.02
C ASP A 789 6.50 -3.55 57.20
N ALA A 790 6.01 -3.67 55.97
CA ALA A 790 6.38 -4.80 55.13
C ALA A 790 7.87 -4.81 54.83
N HIS A 791 8.43 -3.63 54.55
CA HIS A 791 9.86 -3.54 54.29
C HIS A 791 10.66 -3.74 55.57
N GLN A 792 10.11 -3.35 56.72
CA GLN A 792 10.77 -3.58 57.99
C GLN A 792 10.99 -5.08 58.23
N MET A 793 9.99 -5.90 57.92
CA MET A 793 10.12 -7.34 58.07
C MET A 793 11.30 -7.88 57.26
N THR A 794 11.28 -7.67 55.94
CA THR A 794 12.25 -8.28 55.03
C THR A 794 13.69 -7.95 55.41
N MET A 795 13.92 -6.73 55.90
CA MET A 795 15.29 -6.30 56.18
C MET A 795 15.86 -6.99 57.41
N GLU A 796 15.27 -6.77 58.58
CA GLU A 796 15.86 -7.24 59.83
C GLU A 796 15.84 -8.73 60.12
N LEU A 838 13.17 -18.24 55.51
CA LEU A 838 12.27 -17.21 55.99
C LEU A 838 11.61 -17.68 57.31
N PRO A 839 11.73 -16.91 58.40
CA PRO A 839 11.14 -17.36 59.66
C PRO A 839 9.63 -17.55 59.59
N ILE A 840 9.09 -18.24 60.58
CA ILE A 840 7.72 -18.76 60.52
C ILE A 840 6.70 -17.64 60.68
N THR A 841 6.92 -16.73 61.63
CA THR A 841 6.02 -15.60 61.78
C THR A 841 6.00 -14.72 60.55
N ARG A 842 7.03 -14.76 59.72
CA ARG A 842 7.08 -14.06 58.46
C ARG A 842 6.58 -14.90 57.30
N LYS A 843 6.10 -16.12 57.57
CA LYS A 843 5.33 -16.88 56.60
C LYS A 843 3.85 -16.57 56.67
N PHE A 844 3.30 -16.49 57.87
CA PHE A 844 1.89 -16.19 58.03
C PHE A 844 1.61 -14.73 57.72
N TYR A 845 2.54 -13.84 58.04
CA TYR A 845 2.38 -12.44 57.69
C TYR A 845 2.50 -12.23 56.19
N ALA A 846 3.31 -13.04 55.52
CA ALA A 846 3.56 -12.86 54.10
C ALA A 846 2.41 -13.34 53.26
N PHE A 847 1.69 -14.35 53.75
CA PHE A 847 0.58 -14.96 53.03
C PHE A 847 -0.68 -14.13 53.21
N TYR A 848 -1.11 -13.98 54.45
CA TYR A 848 -2.35 -13.30 54.77
C TYR A 848 -2.35 -11.83 54.34
N HIS A 849 -1.19 -11.20 54.19
CA HIS A 849 -1.07 -9.84 53.68
C HIS A 849 -0.74 -9.82 52.19
N ALA A 850 -1.11 -10.87 51.49
CA ALA A 850 -1.03 -10.90 50.05
C ALA A 850 -2.39 -10.54 49.48
N PRO A 851 -2.46 -9.74 48.40
CA PRO A 851 -3.79 -9.44 47.85
C PRO A 851 -4.53 -10.66 47.36
N ILE A 852 -3.85 -11.51 46.59
CA ILE A 852 -4.45 -12.74 46.11
C ILE A 852 -5.03 -13.56 47.24
N VAL A 853 -4.40 -13.52 48.39
CA VAL A 853 -4.97 -14.19 49.55
C VAL A 853 -6.12 -13.39 50.13
N LYS A 854 -6.00 -12.06 50.17
CA LYS A 854 -7.10 -11.25 50.70
C LYS A 854 -8.34 -11.44 49.86
N PHE A 855 -8.16 -11.59 48.56
CA PHE A 855 -9.22 -11.92 47.64
C PHE A 855 -9.85 -13.28 47.89
N TRP A 856 -9.07 -14.35 47.70
CA TRP A 856 -9.56 -15.71 47.83
C TRP A 856 -9.96 -16.09 49.26
N PHE A 857 -9.79 -15.17 50.20
CA PHE A 857 -10.20 -15.31 51.59
C PHE A 857 -11.48 -14.53 51.87
N ASN A 858 -11.86 -13.65 50.93
CA ASN A 858 -13.19 -13.05 50.88
C ASN A 858 -14.14 -13.87 50.02
N THR A 859 -13.70 -14.25 48.82
CA THR A 859 -14.54 -15.01 47.89
C THR A 859 -14.98 -16.34 48.46
N LEU A 860 -14.34 -16.81 49.53
CA LEU A 860 -14.75 -18.03 50.19
C LEU A 860 -15.53 -17.73 51.46
N ALA A 861 -15.62 -16.47 51.86
CA ALA A 861 -16.60 -16.02 52.82
C ALA A 861 -17.85 -15.51 52.13
N TYR A 862 -17.67 -14.85 50.99
CA TYR A 862 -18.79 -14.36 50.23
C TYR A 862 -19.56 -15.50 49.57
N LEU A 863 -18.85 -16.42 48.94
CA LEU A 863 -19.50 -17.65 48.49
C LEU A 863 -19.95 -18.54 49.62
N GLY A 864 -19.63 -18.21 50.85
CA GLY A 864 -20.28 -18.80 52.00
C GLY A 864 -21.35 -17.92 52.58
N PHE A 865 -21.34 -16.66 52.19
CA PHE A 865 -22.45 -15.76 52.44
C PHE A 865 -23.62 -16.05 51.51
N LEU A 866 -23.34 -16.14 50.21
CA LEU A 866 -24.36 -16.43 49.23
C LEU A 866 -24.92 -17.84 49.30
N MET A 867 -24.22 -18.77 49.91
CA MET A 867 -24.77 -20.09 50.16
C MET A 867 -25.66 -20.14 51.39
N LEU A 868 -25.61 -19.12 52.24
CA LEU A 868 -26.41 -19.05 53.45
C LEU A 868 -27.60 -18.13 53.32
N TYR A 869 -27.37 -16.93 52.81
CA TYR A 869 -28.46 -16.01 52.55
C TYR A 869 -29.46 -16.64 51.59
N THR A 870 -28.95 -17.18 50.49
CA THR A 870 -29.72 -18.06 49.63
C THR A 870 -30.43 -19.15 50.40
N PHE A 871 -29.77 -19.78 51.36
CA PHE A 871 -30.45 -20.79 52.17
C PHE A 871 -31.58 -20.17 52.99
N VAL A 872 -31.45 -18.89 53.35
CA VAL A 872 -32.45 -18.24 54.19
C VAL A 872 -33.60 -17.73 53.32
N VAL A 873 -33.25 -17.10 52.20
CA VAL A 873 -34.20 -16.70 51.18
C VAL A 873 -35.11 -17.86 50.81
N LEU A 874 -34.52 -19.01 50.51
CA LEU A 874 -35.26 -20.16 50.03
C LEU A 874 -36.04 -20.87 51.11
N VAL A 875 -35.49 -20.96 52.30
CA VAL A 875 -36.10 -21.72 53.38
C VAL A 875 -37.00 -20.79 54.16
N LYS A 876 -38.04 -21.36 54.76
CA LYS A 876 -39.00 -20.59 55.54
C LYS A 876 -38.29 -19.84 56.65
N MET A 877 -38.96 -18.82 57.16
CA MET A 877 -38.32 -17.82 58.00
C MET A 877 -39.19 -17.56 59.20
N GLU A 878 -38.63 -17.82 60.37
CA GLU A 878 -39.35 -17.89 61.61
C GLU A 878 -39.38 -16.53 62.28
N GLN A 879 -39.95 -16.46 63.47
CA GLN A 879 -40.11 -15.17 64.17
C GLN A 879 -38.76 -14.50 64.36
N LEU A 880 -37.75 -15.28 64.69
CA LEU A 880 -36.40 -14.82 64.90
C LEU A 880 -35.48 -15.35 63.80
N PRO A 881 -34.41 -14.64 63.44
CA PRO A 881 -33.47 -15.20 62.48
C PRO A 881 -32.85 -16.49 63.00
N SER A 882 -32.33 -17.29 62.07
CA SER A 882 -31.66 -18.52 62.40
C SER A 882 -30.16 -18.29 62.37
N VAL A 883 -29.42 -19.35 62.69
CA VAL A 883 -27.97 -19.27 62.71
C VAL A 883 -27.43 -18.85 61.36
N GLN A 884 -28.05 -19.37 60.31
CA GLN A 884 -27.62 -19.03 58.97
C GLN A 884 -27.96 -17.59 58.60
N GLU A 885 -28.89 -16.97 59.35
CA GLU A 885 -29.33 -15.62 59.03
C GLU A 885 -28.63 -14.55 59.85
N TRP A 886 -28.16 -14.88 61.05
CA TRP A 886 -27.40 -13.90 61.83
C TRP A 886 -26.01 -13.68 61.25
N ILE A 887 -25.40 -14.75 60.75
CA ILE A 887 -24.10 -14.65 60.09
C ILE A 887 -24.20 -13.75 58.87
N VAL A 888 -25.40 -13.65 58.30
CA VAL A 888 -25.66 -12.93 57.06
C VAL A 888 -25.82 -11.45 57.34
N ILE A 889 -26.64 -11.12 58.35
CA ILE A 889 -26.67 -9.78 58.90
C ILE A 889 -25.27 -9.34 59.28
N ALA A 890 -24.51 -10.24 59.92
CA ALA A 890 -23.16 -9.92 60.37
C ALA A 890 -22.23 -9.57 59.22
N TYR A 891 -22.29 -10.29 58.12
CA TYR A 891 -21.46 -9.97 56.98
C TYR A 891 -21.77 -8.56 56.48
N ILE A 892 -23.04 -8.25 56.29
CA ILE A 892 -23.41 -7.00 55.63
C ILE A 892 -23.04 -5.82 56.51
N PHE A 893 -23.34 -5.92 57.81
CA PHE A 893 -22.89 -4.93 58.78
C PHE A 893 -21.40 -4.68 58.68
N THR A 894 -20.59 -5.71 58.93
CA THR A 894 -19.16 -5.61 58.82
C THR A 894 -18.70 -5.29 57.40
N TYR A 895 -19.50 -5.67 56.40
CA TYR A 895 -19.24 -5.20 55.05
C TYR A 895 -19.64 -3.75 54.88
N ALA A 896 -20.63 -3.28 55.63
CA ALA A 896 -20.98 -1.87 55.58
C ALA A 896 -19.87 -1.01 56.17
N ILE A 897 -19.45 -1.36 57.38
CA ILE A 897 -18.35 -0.69 58.07
C ILE A 897 -17.11 -0.63 57.18
N GLU A 898 -16.79 -1.75 56.56
CA GLU A 898 -15.68 -1.81 55.62
C GLU A 898 -15.82 -0.83 54.48
N LYS A 899 -17.02 -0.33 54.21
CA LYS A 899 -17.25 0.67 53.18
C LYS A 899 -17.35 2.07 53.80
N VAL A 900 -17.84 2.16 55.04
CA VAL A 900 -17.65 3.38 55.82
C VAL A 900 -16.17 3.73 55.89
N ARG A 901 -15.38 2.83 56.47
CA ARG A 901 -13.94 3.02 56.59
C ARG A 901 -13.26 3.21 55.25
N GLU A 902 -13.82 2.64 54.18
CA GLU A 902 -13.25 2.86 52.86
C GLU A 902 -13.41 4.31 52.41
N VAL A 903 -14.40 5.01 52.94
CA VAL A 903 -14.56 6.44 52.68
C VAL A 903 -13.54 7.24 53.49
N PHE A 904 -13.58 7.10 54.81
CA PHE A 904 -12.76 7.89 55.72
C PHE A 904 -11.27 7.78 55.43
N MET A 905 -10.83 6.72 54.74
CA MET A 905 -9.42 6.50 54.42
C MET A 905 -9.18 6.51 52.91
N SER A 906 -10.01 7.23 52.15
CA SER A 906 -9.85 7.28 50.70
C SER A 906 -8.98 8.45 50.25
N GLU A 907 -7.83 8.59 50.92
CA GLU A 907 -6.70 9.42 50.52
C GLU A 907 -7.11 10.79 49.98
N ALA A 908 -7.75 11.57 50.83
CA ALA A 908 -8.13 12.93 50.49
C ALA A 908 -8.35 13.70 51.78
N GLY A 909 -8.67 14.99 51.64
CA GLY A 909 -8.98 15.84 52.76
C GLY A 909 -10.41 16.35 52.71
N LYS A 910 -10.93 16.53 51.50
CA LYS A 910 -12.29 17.02 51.31
C LYS A 910 -13.28 15.89 51.51
N ILE A 911 -14.06 15.97 52.58
CA ILE A 911 -15.18 15.05 52.75
C ILE A 911 -16.13 15.14 51.56
N SER A 912 -16.32 16.36 51.03
CA SER A 912 -17.16 16.53 49.86
C SER A 912 -16.62 15.81 48.65
N GLN A 913 -15.32 15.56 48.60
CA GLN A 913 -14.71 14.85 47.48
C GLN A 913 -14.58 13.37 47.73
N LYS A 914 -14.34 12.95 48.98
CA LYS A 914 -14.32 11.53 49.31
C LYS A 914 -15.67 10.90 49.03
N ILE A 915 -16.73 11.51 49.59
CA ILE A 915 -18.09 11.01 49.41
C ILE A 915 -18.47 11.02 47.94
N LYS A 916 -17.94 11.97 47.18
CA LYS A 916 -18.28 12.08 45.77
C LYS A 916 -17.56 11.04 44.93
N VAL A 917 -16.35 10.64 45.33
CA VAL A 917 -15.66 9.55 44.64
C VAL A 917 -16.10 8.17 45.10
N TRP A 918 -16.73 8.05 46.28
CA TRP A 918 -17.19 6.76 46.75
C TRP A 918 -18.44 6.33 46.01
N PHE A 919 -19.50 7.15 46.04
CA PHE A 919 -20.71 6.89 45.29
C PHE A 919 -20.51 6.89 43.79
N SER A 920 -19.35 7.31 43.28
CA SER A 920 -19.13 7.35 41.85
C SER A 920 -18.78 5.99 41.28
N ASP A 921 -18.44 5.02 42.13
CA ASP A 921 -18.20 3.65 41.71
C ASP A 921 -19.52 2.91 41.71
N TYR A 922 -19.73 2.12 40.65
CA TYR A 922 -20.97 1.39 40.42
C TYR A 922 -21.52 0.71 41.67
N PHE A 923 -20.66 0.02 42.42
CA PHE A 923 -21.15 -0.84 43.49
C PHE A 923 -21.26 -0.14 44.83
N ASN A 924 -20.54 0.95 45.06
CA ASN A 924 -20.70 1.64 46.34
C ASN A 924 -22.13 2.14 46.49
N VAL A 925 -22.76 2.47 45.38
CA VAL A 925 -24.18 2.79 45.37
C VAL A 925 -24.99 1.52 45.60
N SER A 926 -24.81 0.53 44.73
CA SER A 926 -25.56 -0.71 44.80
C SER A 926 -25.41 -1.38 46.15
N ASP A 927 -24.19 -1.40 46.69
CA ASP A 927 -24.00 -1.87 48.05
C ASP A 927 -24.79 -1.02 49.03
N THR A 928 -24.79 0.29 48.83
CA THR A 928 -25.61 1.13 49.69
C THR A 928 -27.08 0.86 49.49
N ILE A 929 -27.50 0.59 48.25
CA ILE A 929 -28.86 0.14 47.99
C ILE A 929 -29.09 -1.21 48.66
N ALA A 930 -28.09 -2.08 48.61
CA ALA A 930 -28.21 -3.44 49.12
C ALA A 930 -28.03 -3.53 50.63
N ILE A 931 -27.25 -2.62 51.21
CA ILE A 931 -27.09 -2.61 52.66
C ILE A 931 -28.28 -1.94 53.32
N ILE A 932 -28.71 -0.79 52.80
CA ILE A 932 -29.89 -0.13 53.31
C ILE A 932 -31.08 -1.07 53.23
N SER A 933 -31.35 -1.58 52.02
CA SER A 933 -32.46 -2.48 51.79
C SER A 933 -32.45 -3.68 52.73
N PHE A 934 -31.26 -4.20 53.04
CA PHE A 934 -31.22 -5.37 53.90
C PHE A 934 -31.65 -5.03 55.31
N PHE A 935 -31.30 -3.85 55.79
CA PHE A 935 -31.66 -3.47 57.14
C PHE A 935 -33.03 -2.81 57.20
N VAL A 936 -33.50 -2.24 56.09
CA VAL A 936 -34.93 -2.17 55.89
C VAL A 936 -35.54 -3.56 56.03
N GLY A 937 -34.96 -4.53 55.33
CA GLY A 937 -35.44 -5.89 55.41
C GLY A 937 -35.37 -6.45 56.82
N PHE A 938 -34.20 -6.36 57.45
CA PHE A 938 -34.10 -6.79 58.83
C PHE A 938 -34.94 -5.91 59.74
N GLY A 939 -35.03 -4.62 59.41
CA GLY A 939 -35.95 -3.75 60.12
C GLY A 939 -37.37 -4.26 60.10
N LEU A 940 -37.89 -4.51 58.91
CA LEU A 940 -39.26 -5.01 58.80
C LEU A 940 -39.36 -6.48 59.18
N ARG A 941 -38.31 -7.26 58.98
CA ARG A 941 -38.34 -8.68 59.32
C ARG A 941 -38.28 -8.89 60.83
N PHE A 942 -37.31 -8.25 61.48
CA PHE A 942 -37.12 -8.40 62.91
C PHE A 942 -37.96 -7.39 63.69
N GLY A 943 -37.95 -6.14 63.26
CA GLY A 943 -38.79 -5.13 63.86
C GLY A 943 -40.21 -5.23 63.34
N ALA A 944 -40.89 -6.30 63.75
CA ALA A 944 -42.26 -6.55 63.33
C ALA A 944 -42.92 -7.46 64.34
N LYS A 945 -44.24 -7.51 64.27
CA LYS A 945 -45.03 -8.40 65.08
C LYS A 945 -45.02 -9.76 64.40
N TRP A 946 -45.79 -10.71 64.95
CA TRP A 946 -45.80 -12.07 64.43
C TRP A 946 -47.19 -12.65 64.61
N ASN A 947 -47.87 -12.88 63.48
CA ASN A 947 -49.22 -13.43 63.49
C ASN A 947 -49.12 -14.94 63.63
N TYR A 948 -49.17 -15.40 64.89
CA TYR A 948 -48.83 -16.78 65.23
C TYR A 948 -49.64 -17.80 64.45
N ILE A 949 -50.91 -17.51 64.17
CA ILE A 949 -51.77 -18.46 63.47
C ILE A 949 -51.22 -18.76 62.08
N ASN A 950 -50.67 -17.74 61.42
CA ASN A 950 -50.17 -17.88 60.05
C ASN A 950 -49.16 -16.78 59.82
N ALA A 951 -47.91 -17.14 59.55
CA ALA A 951 -46.97 -16.16 59.06
C ALA A 951 -47.39 -15.73 57.65
N TYR A 952 -46.69 -14.74 57.12
CA TYR A 952 -46.94 -14.17 55.79
C TYR A 952 -48.29 -13.46 55.69
N ASP A 953 -48.99 -13.29 56.81
CA ASP A 953 -50.11 -12.36 56.88
C ASP A 953 -49.63 -10.96 57.24
N ASN A 954 -48.59 -10.86 58.06
CA ASN A 954 -48.00 -9.57 58.42
C ASN A 954 -47.30 -8.99 57.20
N HIS A 955 -47.95 -8.04 56.54
CA HIS A 955 -47.38 -7.47 55.32
C HIS A 955 -46.12 -6.65 55.56
N VAL A 956 -45.76 -6.41 56.82
CA VAL A 956 -44.46 -5.83 57.12
C VAL A 956 -43.41 -6.91 57.08
N PHE A 957 -43.68 -8.04 57.72
CA PHE A 957 -42.79 -9.20 57.64
C PHE A 957 -42.57 -9.60 56.20
N VAL A 958 -43.66 -9.86 55.49
CA VAL A 958 -43.65 -10.15 54.06
C VAL A 958 -42.82 -9.13 53.30
N ALA A 959 -43.00 -7.86 53.63
CA ALA A 959 -42.30 -6.83 52.88
C ALA A 959 -40.81 -7.00 52.98
N GLY A 960 -40.29 -7.24 54.20
CA GLY A 960 -38.86 -7.39 54.39
C GLY A 960 -38.34 -8.71 53.91
N ARG A 961 -39.11 -9.78 54.14
CA ARG A 961 -38.93 -11.05 53.46
C ARG A 961 -38.64 -10.85 51.97
N LEU A 962 -39.44 -10.03 51.30
CA LEU A 962 -39.31 -9.80 49.88
C LEU A 962 -38.29 -8.74 49.54
N ILE A 963 -37.80 -7.98 50.53
CA ILE A 963 -36.61 -7.18 50.27
C ILE A 963 -35.42 -8.10 50.12
N TYR A 964 -35.35 -9.16 50.92
CA TYR A 964 -34.23 -10.08 50.86
C TYR A 964 -34.18 -10.77 49.52
N CYS A 965 -35.28 -11.44 49.19
CA CYS A 965 -35.44 -12.15 47.94
C CYS A 965 -35.13 -11.31 46.72
N LEU A 966 -35.16 -9.99 46.83
CA LEU A 966 -34.78 -9.08 45.77
C LEU A 966 -33.42 -8.46 45.99
N ASN A 967 -32.99 -8.37 47.24
CA ASN A 967 -31.67 -7.85 47.55
C ASN A 967 -30.59 -8.83 47.14
N ILE A 968 -30.90 -10.12 47.27
CA ILE A 968 -30.11 -11.23 46.75
C ILE A 968 -29.57 -10.98 45.36
N ILE A 969 -30.35 -10.31 44.49
CA ILE A 969 -29.90 -10.04 43.14
C ILE A 969 -28.74 -9.08 43.14
N PHE A 970 -28.67 -8.18 44.13
CA PHE A 970 -27.53 -7.28 44.19
C PHE A 970 -26.27 -8.04 44.51
N TRP A 971 -26.40 -9.12 45.29
CA TRP A 971 -25.24 -9.84 45.74
C TRP A 971 -24.80 -10.90 44.74
N TYR A 972 -25.69 -11.41 43.90
CA TYR A 972 -25.21 -12.24 42.81
C TYR A 972 -24.49 -11.45 41.73
N VAL A 973 -24.82 -10.18 41.55
CA VAL A 973 -24.11 -9.37 40.57
C VAL A 973 -22.78 -8.88 41.14
N ARG A 974 -22.60 -8.90 42.46
CA ARG A 974 -21.27 -8.75 43.02
C ARG A 974 -20.31 -9.76 42.44
N LEU A 975 -20.74 -11.02 42.33
CA LEU A 975 -19.90 -12.08 41.81
C LEU A 975 -19.30 -11.76 40.46
N LEU A 976 -19.90 -10.84 39.72
CA LEU A 976 -19.28 -10.36 38.50
C LEU A 976 -18.16 -9.37 38.78
N ASP A 977 -18.09 -8.83 40.00
CA ASP A 977 -16.88 -8.14 40.44
C ASP A 977 -15.77 -9.13 40.71
N PHE A 978 -16.05 -10.15 41.51
CA PHE A 978 -15.12 -11.23 41.76
C PHE A 978 -14.82 -12.04 40.50
N LEU A 979 -15.82 -12.34 39.70
CA LEU A 979 -15.60 -13.12 38.49
C LEU A 979 -14.87 -12.36 37.41
N ALA A 980 -14.84 -11.05 37.48
CA ALA A 980 -14.15 -10.26 36.48
C ALA A 980 -12.65 -10.21 36.70
N VAL A 981 -12.15 -10.79 37.80
CA VAL A 981 -10.71 -10.89 38.00
C VAL A 981 -10.07 -11.65 36.86
N ASN A 982 -10.78 -12.59 36.28
CA ASN A 982 -10.25 -13.33 35.16
C ASN A 982 -10.17 -12.44 33.93
N GLN A 983 -9.18 -12.71 33.09
CA GLN A 983 -8.93 -11.91 31.91
C GLN A 983 -9.73 -12.34 30.71
N GLN A 984 -10.42 -13.47 30.79
CA GLN A 984 -11.37 -13.88 29.78
C GLN A 984 -12.79 -13.50 30.13
N ALA A 985 -13.14 -13.54 31.41
CA ALA A 985 -14.51 -13.32 31.83
C ALA A 985 -14.86 -11.84 31.89
N GLY A 986 -14.09 -11.08 32.65
CA GLY A 986 -14.29 -9.66 32.84
C GLY A 986 -14.59 -8.88 31.57
N PRO A 987 -13.85 -9.17 30.51
CA PRO A 987 -14.16 -8.55 29.22
C PRO A 987 -15.42 -9.03 28.53
N TYR A 988 -16.28 -9.78 29.22
CA TYR A 988 -17.66 -9.99 28.80
C TYR A 988 -18.62 -9.30 29.77
N VAL A 989 -18.25 -9.26 31.03
CA VAL A 989 -18.99 -8.54 32.05
C VAL A 989 -19.01 -7.06 31.72
N MET A 990 -17.95 -6.57 31.11
CA MET A 990 -17.89 -5.18 30.69
C MET A 990 -18.61 -4.96 29.36
N MET A 991 -18.90 -6.03 28.62
CA MET A 991 -19.66 -5.93 27.37
C MET A 991 -21.15 -5.87 27.67
N ILE A 992 -21.59 -6.64 28.65
CA ILE A 992 -22.98 -6.72 29.06
C ILE A 992 -23.50 -5.37 29.55
N GLY A 993 -22.63 -4.40 29.76
CA GLY A 993 -23.02 -3.05 30.05
C GLY A 993 -22.93 -2.10 28.87
N LYS A 994 -21.91 -2.26 28.05
CA LYS A 994 -21.71 -1.36 26.92
C LYS A 994 -22.66 -1.61 25.79
N MET A 995 -23.49 -2.63 25.90
CA MET A 995 -24.51 -2.95 24.93
C MET A 995 -25.86 -2.54 25.43
N VAL A 996 -26.18 -2.89 26.67
CA VAL A 996 -27.35 -2.43 27.40
C VAL A 996 -27.51 -0.92 27.30
N ALA A 997 -26.41 -0.19 27.18
CA ALA A 997 -26.47 1.24 26.91
C ALA A 997 -26.74 1.52 25.45
N ASN A 998 -25.91 0.98 24.57
CA ASN A 998 -25.98 1.28 23.15
C ASN A 998 -27.18 0.65 22.45
N MET A 999 -27.96 -0.17 23.15
CA MET A 999 -29.11 -0.85 22.58
C MET A 999 -30.43 -0.30 23.07
N PHE A 1000 -30.41 0.79 23.82
CA PHE A 1000 -31.64 1.26 24.44
C PHE A 1000 -32.67 1.65 23.40
N TYR A 1001 -32.23 2.08 22.23
CA TYR A 1001 -33.13 2.66 21.25
C TYR A 1001 -33.72 1.64 20.31
N ILE A 1002 -33.02 0.54 20.07
CA ILE A 1002 -33.65 -0.58 19.40
C ILE A 1002 -34.77 -1.12 20.26
N VAL A 1003 -34.60 -1.03 21.58
CA VAL A 1003 -35.52 -1.60 22.54
C VAL A 1003 -36.68 -0.67 22.86
N VAL A 1004 -36.55 0.62 22.57
CA VAL A 1004 -37.71 1.49 22.67
C VAL A 1004 -38.65 1.23 21.51
N ILE A 1005 -38.08 1.06 20.32
CA ILE A 1005 -38.86 0.72 19.15
C ILE A 1005 -39.62 -0.57 19.40
N MET A 1006 -38.95 -1.59 19.91
CA MET A 1006 -39.59 -2.85 20.27
C MET A 1006 -40.67 -2.71 21.33
N ALA A 1007 -40.76 -1.58 22.01
CA ALA A 1007 -41.85 -1.28 22.93
C ALA A 1007 -42.89 -0.37 22.35
N LEU A 1008 -42.60 0.25 21.21
CA LEU A 1008 -43.55 0.94 20.37
C LEU A 1008 -44.30 -0.03 19.48
N VAL A 1009 -43.60 -1.07 19.03
CA VAL A 1009 -44.22 -2.17 18.30
C VAL A 1009 -45.06 -3.03 19.22
N LEU A 1010 -44.76 -3.02 20.50
CA LEU A 1010 -45.42 -3.85 21.49
C LEU A 1010 -46.71 -3.25 21.99
N LEU A 1011 -46.86 -1.93 21.90
CA LEU A 1011 -48.10 -1.25 22.21
C LEU A 1011 -48.91 -0.95 20.97
N SER A 1012 -48.25 -0.84 19.83
CA SER A 1012 -48.93 -0.85 18.55
C SER A 1012 -49.77 -2.10 18.36
N PHE A 1013 -49.32 -3.23 18.90
CA PHE A 1013 -50.08 -4.47 18.87
C PHE A 1013 -50.96 -4.68 20.09
N GLY A 1014 -50.49 -4.29 21.27
CA GLY A 1014 -51.21 -4.62 22.48
C GLY A 1014 -52.45 -3.80 22.71
N VAL A 1015 -52.44 -2.55 22.29
CA VAL A 1015 -53.58 -1.67 22.47
C VAL A 1015 -54.69 -2.04 21.49
N PRO A 1016 -54.40 -2.34 20.22
CA PRO A 1016 -55.47 -2.87 19.37
C PRO A 1016 -55.95 -4.25 19.77
N ARG A 1017 -55.05 -5.16 20.12
CA ARG A 1017 -55.42 -6.50 20.52
C ARG A 1017 -56.31 -6.50 21.74
N LYS A 1018 -56.09 -5.58 22.65
CA LYS A 1018 -56.83 -5.52 23.90
C LYS A 1018 -58.14 -4.79 23.74
N ALA A 1019 -58.21 -3.89 22.77
CA ALA A 1019 -59.42 -3.17 22.44
C ALA A 1019 -60.34 -3.97 21.52
N ILE A 1020 -59.75 -4.67 20.55
CA ILE A 1020 -60.51 -5.45 19.59
C ILE A 1020 -61.14 -6.67 20.25
N LEU A 1021 -60.57 -7.16 21.34
CA LEU A 1021 -60.94 -8.43 21.94
C LEU A 1021 -61.70 -8.26 23.24
N TYR A 1022 -61.37 -7.25 24.02
CA TYR A 1022 -61.97 -6.96 25.32
C TYR A 1022 -62.59 -5.57 25.26
N PRO A 1023 -63.78 -5.44 24.67
CA PRO A 1023 -64.32 -4.10 24.41
C PRO A 1023 -65.21 -3.53 25.49
N HIS A 1024 -65.50 -4.29 26.55
CA HIS A 1024 -66.41 -3.88 27.60
C HIS A 1024 -65.64 -3.62 28.88
N GLU A 1025 -64.49 -2.97 28.71
CA GLU A 1025 -63.54 -2.80 29.79
C GLU A 1025 -63.78 -1.47 30.49
N GLU A 1026 -64.20 -1.55 31.75
CA GLU A 1026 -64.11 -0.39 32.58
C GLU A 1026 -62.65 -0.06 32.82
N PRO A 1027 -62.34 1.18 33.21
CA PRO A 1027 -60.94 1.50 33.51
C PRO A 1027 -60.40 0.65 34.64
N SER A 1028 -59.15 0.23 34.50
CA SER A 1028 -58.56 -0.77 35.36
C SER A 1028 -57.05 -0.69 35.21
N TRP A 1029 -56.37 -1.31 36.15
CA TRP A 1029 -54.94 -1.49 36.05
C TRP A 1029 -54.57 -2.72 35.23
N SER A 1030 -55.51 -3.64 35.04
CA SER A 1030 -55.27 -4.76 34.14
C SER A 1030 -55.20 -4.33 32.68
N LEU A 1031 -55.73 -3.16 32.35
CA LEU A 1031 -55.50 -2.55 31.04
C LEU A 1031 -54.11 -1.97 30.91
N ALA A 1032 -53.29 -2.03 31.95
CA ALA A 1032 -51.91 -1.62 31.90
C ALA A 1032 -50.98 -2.80 31.76
N LYS A 1033 -51.42 -3.96 32.25
CA LYS A 1033 -50.70 -5.22 32.05
C LYS A 1033 -51.06 -5.83 30.72
N ASP A 1034 -52.34 -5.96 30.43
CA ASP A 1034 -52.79 -6.78 29.32
C ASP A 1034 -52.48 -6.19 27.96
N ILE A 1035 -52.01 -4.94 27.90
CA ILE A 1035 -51.54 -4.34 26.67
C ILE A 1035 -50.04 -4.45 26.53
N VAL A 1036 -49.39 -5.07 27.50
CA VAL A 1036 -47.94 -5.15 27.55
C VAL A 1036 -47.47 -6.57 27.83
N PHE A 1037 -48.36 -7.40 28.36
CA PHE A 1037 -48.00 -8.68 28.93
C PHE A 1037 -47.78 -9.72 27.83
N HIS A 1038 -48.84 -10.12 27.13
CA HIS A 1038 -48.68 -11.12 26.09
C HIS A 1038 -47.77 -10.67 24.96
N PRO A 1039 -47.81 -9.43 24.50
CA PRO A 1039 -46.87 -9.04 23.44
C PRO A 1039 -45.42 -9.04 23.84
N TYR A 1040 -45.10 -9.18 25.12
CA TYR A 1040 -43.72 -9.30 25.54
C TYR A 1040 -43.27 -10.75 25.56
N TRP A 1041 -44.15 -11.65 25.93
CA TRP A 1041 -43.79 -13.06 25.98
C TRP A 1041 -43.79 -13.67 24.59
N MET A 1042 -44.63 -13.15 23.69
CA MET A 1042 -44.53 -13.46 22.27
C MET A 1042 -43.13 -13.37 21.70
N ILE A 1043 -42.31 -12.45 22.19
CA ILE A 1043 -40.97 -12.26 21.66
C ILE A 1043 -40.07 -13.44 21.98
N PHE A 1044 -40.46 -14.27 22.94
CA PHE A 1044 -39.60 -15.26 23.55
C PHE A 1044 -40.18 -16.65 23.41
N GLY A 1045 -40.59 -16.97 22.19
CA GLY A 1045 -40.96 -18.29 21.81
C GLY A 1045 -42.45 -18.55 21.88
N GLU A 1046 -43.17 -17.74 22.61
CA GLU A 1046 -44.57 -17.96 22.83
C GLU A 1046 -45.36 -17.31 21.72
N VAL A 1047 -46.52 -17.89 21.43
CA VAL A 1047 -47.37 -17.43 20.35
C VAL A 1047 -48.82 -17.32 20.80
N TYR A 1048 -49.16 -18.05 21.86
CA TYR A 1048 -50.52 -18.15 22.38
C TYR A 1048 -51.47 -18.62 21.28
N ALA A 1049 -51.19 -19.84 20.84
CA ALA A 1049 -51.70 -20.33 19.57
C ALA A 1049 -53.18 -20.61 19.64
N TYR A 1050 -53.64 -21.07 20.79
CA TYR A 1050 -55.04 -21.32 21.04
C TYR A 1050 -55.73 -20.11 21.65
N GLU A 1051 -55.17 -18.93 21.42
CA GLU A 1051 -55.76 -17.65 21.75
C GLU A 1051 -55.79 -16.73 20.55
N ILE A 1052 -54.89 -16.93 19.59
CA ILE A 1052 -55.10 -16.41 18.23
C ILE A 1052 -56.37 -17.04 17.67
N ASP A 1053 -57.15 -16.25 16.97
CA ASP A 1053 -58.37 -16.72 16.32
C ASP A 1053 -59.31 -17.30 17.36
N VAL A 1054 -59.72 -16.42 18.27
CA VAL A 1054 -60.54 -16.79 19.42
C VAL A 1054 -61.86 -17.42 19.01
N CYS A 1055 -62.31 -17.21 17.78
CA CYS A 1055 -63.53 -17.82 17.29
C CYS A 1055 -63.32 -19.19 16.71
N ALA A 1056 -62.07 -19.61 16.51
CA ALA A 1056 -61.77 -20.96 16.10
C ALA A 1056 -62.31 -21.96 17.11
N ASN A 1057 -62.41 -23.22 16.69
CA ASN A 1057 -62.91 -24.26 17.58
C ASN A 1057 -61.86 -24.57 18.64
N ASP A 1058 -60.61 -24.65 18.25
CA ASP A 1058 -59.49 -24.89 19.17
C ASP A 1058 -59.06 -23.56 19.77
N SER A 1059 -59.89 -23.09 20.72
CA SER A 1059 -59.67 -21.84 21.40
C SER A 1059 -59.74 -22.07 22.90
N THR A 1060 -58.74 -21.55 23.60
CA THR A 1060 -58.83 -21.34 25.03
C THR A 1060 -59.68 -20.12 25.38
N LEU A 1061 -60.09 -19.35 24.38
CA LEU A 1061 -60.85 -18.12 24.57
C LEU A 1061 -62.10 -18.13 23.70
N PRO A 1062 -63.01 -19.09 23.91
CA PRO A 1062 -64.24 -19.09 23.12
C PRO A 1062 -65.28 -18.08 23.56
N THR A 1063 -64.98 -17.29 24.58
CA THR A 1063 -65.84 -16.24 25.09
C THR A 1063 -65.41 -14.87 24.61
N ILE A 1064 -64.16 -14.74 24.14
CA ILE A 1064 -63.65 -13.52 23.57
C ILE A 1064 -64.12 -13.33 22.14
N CYS A 1065 -64.81 -14.31 21.58
CA CYS A 1065 -65.26 -14.22 20.20
C CYS A 1065 -66.37 -13.21 20.08
N GLY A 1066 -66.28 -12.37 19.05
CA GLY A 1066 -67.24 -11.34 18.81
C GLY A 1066 -66.82 -10.45 17.66
N PRO A 1067 -67.47 -9.31 17.52
CA PRO A 1067 -67.20 -8.45 16.36
C PRO A 1067 -65.81 -7.84 16.33
N GLY A 1068 -65.03 -8.24 15.34
CA GLY A 1068 -63.74 -7.66 15.07
C GLY A 1068 -62.54 -8.49 15.46
N THR A 1069 -62.76 -9.63 16.12
CA THR A 1069 -61.68 -10.42 16.68
C THR A 1069 -60.89 -11.18 15.64
N TRP A 1070 -61.39 -11.24 14.40
CA TRP A 1070 -60.63 -11.78 13.28
C TRP A 1070 -59.48 -10.90 12.85
N LEU A 1071 -59.33 -9.72 13.43
CA LEU A 1071 -58.26 -8.82 13.05
C LEU A 1071 -56.97 -9.16 13.73
N THR A 1072 -57.03 -9.80 14.89
CA THR A 1072 -55.89 -10.06 15.73
C THR A 1072 -54.91 -11.08 15.16
N PRO A 1073 -55.34 -12.12 14.44
CA PRO A 1073 -54.35 -12.93 13.74
C PRO A 1073 -53.52 -12.15 12.76
N PHE A 1074 -54.08 -11.13 12.14
CA PHE A 1074 -53.32 -10.29 11.25
C PHE A 1074 -52.40 -9.36 12.00
N LEU A 1075 -52.91 -8.69 13.02
CA LEU A 1075 -52.11 -7.81 13.85
C LEU A 1075 -50.91 -8.54 14.42
N GLN A 1076 -51.12 -9.76 14.86
CA GLN A 1076 -50.08 -10.57 15.48
C GLN A 1076 -49.11 -11.12 14.47
N ALA A 1077 -49.59 -11.46 13.29
CA ALA A 1077 -48.73 -11.80 12.19
C ALA A 1077 -47.78 -10.68 11.86
N VAL A 1078 -48.30 -9.45 11.77
CA VAL A 1078 -47.47 -8.30 11.51
C VAL A 1078 -46.56 -8.03 12.69
N TYR A 1079 -47.08 -8.23 13.90
CA TYR A 1079 -46.30 -7.98 15.10
C TYR A 1079 -45.03 -8.81 15.15
N LEU A 1080 -45.16 -10.12 15.07
CA LEU A 1080 -44.02 -11.01 15.23
C LEU A 1080 -43.05 -10.92 14.07
N PHE A 1081 -43.57 -10.77 12.87
CA PHE A 1081 -42.74 -10.41 11.75
C PHE A 1081 -41.87 -9.22 12.07
N VAL A 1082 -42.43 -8.21 12.72
CA VAL A 1082 -41.66 -7.04 13.07
C VAL A 1082 -40.74 -7.33 14.24
N GLN A 1083 -41.23 -8.02 15.26
CA GLN A 1083 -40.35 -8.38 16.37
C GLN A 1083 -39.22 -9.28 15.95
N TYR A 1084 -39.52 -10.52 15.60
CA TYR A 1084 -38.46 -11.47 15.31
C TYR A 1084 -37.71 -11.11 14.05
N ILE A 1085 -38.42 -11.06 12.94
CA ILE A 1085 -37.79 -11.05 11.64
C ILE A 1085 -37.20 -9.69 11.31
N ILE A 1086 -37.50 -8.65 12.06
CA ILE A 1086 -36.95 -7.32 11.84
C ILE A 1086 -36.18 -6.84 13.07
N MET A 1087 -36.81 -6.85 14.23
CA MET A 1087 -36.21 -6.16 15.37
C MET A 1087 -35.27 -7.05 16.16
N VAL A 1088 -35.62 -8.31 16.35
CA VAL A 1088 -34.69 -9.25 16.97
C VAL A 1088 -33.45 -9.47 16.12
N ASN A 1089 -33.58 -9.52 14.80
CA ASN A 1089 -32.41 -9.61 13.95
C ASN A 1089 -31.72 -8.27 13.79
N LEU A 1090 -32.31 -7.19 14.29
CA LEU A 1090 -31.62 -5.92 14.41
C LEU A 1090 -30.78 -5.87 15.67
N LEU A 1091 -31.18 -6.62 16.69
CA LEU A 1091 -30.32 -6.83 17.84
C LEU A 1091 -29.14 -7.71 17.48
N ILE A 1092 -29.40 -8.90 16.94
CA ILE A 1092 -28.33 -9.80 16.52
C ILE A 1092 -27.31 -9.07 15.67
N ALA A 1093 -27.77 -8.42 14.61
CA ALA A 1093 -26.92 -7.58 13.79
C ALA A 1093 -26.21 -6.50 14.58
N PHE A 1094 -26.90 -5.90 15.56
CA PHE A 1094 -26.25 -4.95 16.46
C PHE A 1094 -25.13 -5.62 17.25
N PHE A 1095 -25.46 -6.67 18.00
CA PHE A 1095 -24.46 -7.38 18.79
C PHE A 1095 -23.32 -7.94 17.95
N ASN A 1096 -23.48 -8.14 16.66
CA ASN A 1096 -22.38 -8.63 15.84
C ASN A 1096 -21.38 -7.54 15.53
N GLN A 1097 -21.86 -6.34 15.27
CA GLN A 1097 -21.04 -5.25 14.80
C GLN A 1097 -20.57 -4.32 15.89
N VAL A 1098 -21.13 -4.42 17.09
CA VAL A 1098 -20.63 -3.71 18.25
C VAL A 1098 -19.88 -4.68 19.18
N TYR A 1099 -19.54 -5.87 18.69
CA TYR A 1099 -18.82 -6.86 19.48
C TYR A 1099 -17.34 -6.60 19.45
N LEU A 1100 -16.79 -6.38 18.28
CA LEU A 1100 -15.35 -6.18 18.14
C LEU A 1100 -14.92 -4.84 18.71
N GLN A 1101 -15.78 -3.84 18.61
CA GLN A 1101 -15.58 -2.56 19.29
C GLN A 1101 -15.51 -2.76 20.79
N VAL A 1102 -16.63 -3.20 21.36
CA VAL A 1102 -16.78 -3.32 22.79
C VAL A 1102 -15.83 -4.36 23.38
N LYS A 1103 -15.25 -5.21 22.56
CA LYS A 1103 -14.31 -6.20 23.03
C LYS A 1103 -12.90 -5.63 23.11
N ALA A 1104 -12.57 -4.71 22.22
CA ALA A 1104 -11.33 -3.95 22.29
C ALA A 1104 -11.44 -2.71 23.18
N ILE A 1105 -12.47 -2.64 24.01
CA ILE A 1105 -12.68 -1.55 24.96
C ILE A 1105 -12.88 -2.14 26.35
N SER A 1106 -13.80 -3.10 26.46
CA SER A 1106 -14.03 -3.82 27.71
C SER A 1106 -12.79 -4.49 28.26
N ASN A 1107 -11.81 -4.79 27.41
CA ASN A 1107 -10.51 -5.19 27.89
C ASN A 1107 -9.81 -4.03 28.58
N ILE A 1108 -9.77 -2.88 27.91
CA ILE A 1108 -9.10 -1.70 28.44
C ILE A 1108 -9.85 -1.16 29.65
N VAL A 1109 -11.18 -1.18 29.61
CA VAL A 1109 -11.98 -0.82 30.78
C VAL A 1109 -11.75 -1.80 31.92
N TRP A 1110 -11.40 -3.04 31.60
CA TRP A 1110 -11.17 -4.05 32.62
C TRP A 1110 -9.78 -3.95 33.20
N LYS A 1111 -8.78 -3.82 32.34
CA LYS A 1111 -7.41 -3.65 32.77
C LYS A 1111 -7.19 -2.36 33.56
N TYR A 1112 -8.12 -1.41 33.46
CA TYR A 1112 -8.04 -0.16 34.18
C TYR A 1112 -8.82 -0.17 35.48
N GLN A 1113 -9.92 -0.91 35.56
CA GLN A 1113 -10.55 -1.20 36.83
C GLN A 1113 -9.75 -2.19 37.66
N ARG A 1114 -8.72 -2.78 37.08
CA ARG A 1114 -7.92 -3.76 37.79
C ARG A 1114 -7.00 -3.07 38.78
N TYR A 1115 -6.36 -1.97 38.37
CA TYR A 1115 -5.67 -1.08 39.29
C TYR A 1115 -6.51 -0.81 40.52
N HIS A 1116 -7.70 -0.27 40.33
CA HIS A 1116 -8.56 0.13 41.43
C HIS A 1116 -9.07 -1.05 42.24
N PHE A 1117 -8.82 -2.27 41.78
CA PHE A 1117 -9.23 -3.49 42.44
C PHE A 1117 -8.09 -4.06 43.25
N ILE A 1118 -6.95 -4.23 42.59
CA ILE A 1118 -5.75 -4.73 43.25
C ILE A 1118 -5.29 -3.75 44.32
N MET A 1119 -5.21 -2.47 43.96
CA MET A 1119 -4.79 -1.44 44.89
C MET A 1119 -5.89 -1.01 45.84
N ALA A 1120 -6.95 -1.81 45.94
CA ALA A 1120 -7.85 -1.76 47.07
C ALA A 1120 -7.59 -2.88 48.05
N TYR A 1121 -6.87 -3.92 47.62
CA TYR A 1121 -6.51 -5.02 48.50
C TYR A 1121 -5.20 -4.75 49.24
N HIS A 1122 -4.31 -3.96 48.65
CA HIS A 1122 -3.13 -3.48 49.35
C HIS A 1122 -3.46 -2.59 50.54
N GLU A 1123 -4.70 -2.12 50.62
CA GLU A 1123 -5.19 -1.39 51.78
C GLU A 1123 -6.46 -2.01 52.32
N LYS A 1124 -6.90 -3.12 51.76
CA LYS A 1124 -7.94 -3.86 52.44
C LYS A 1124 -7.33 -4.61 53.61
N PRO A 1125 -8.10 -4.84 54.67
CA PRO A 1125 -7.61 -5.70 55.74
C PRO A 1125 -7.36 -7.12 55.28
N VAL A 1126 -6.90 -7.91 56.23
CA VAL A 1126 -6.57 -9.30 56.00
C VAL A 1126 -7.79 -10.18 56.15
N LEU A 1127 -8.71 -9.79 56.99
CA LEU A 1127 -9.76 -10.65 57.50
C LEU A 1127 -11.03 -10.43 56.69
N PRO A 1128 -11.84 -11.46 56.43
CA PRO A 1128 -12.95 -11.27 55.55
C PRO A 1128 -14.07 -10.56 56.27
N PRO A 1129 -15.08 -10.07 55.54
CA PRO A 1129 -16.04 -9.18 56.18
C PRO A 1129 -17.08 -9.84 57.06
N PRO A 1130 -16.93 -11.09 57.52
CA PRO A 1130 -17.65 -11.47 58.74
C PRO A 1130 -16.91 -11.15 60.01
N LEU A 1131 -15.58 -11.22 59.94
CA LEU A 1131 -14.70 -11.01 61.08
C LEU A 1131 -13.55 -10.08 60.70
N ILE A 1132 -13.76 -9.25 59.69
CA ILE A 1132 -12.92 -8.08 59.47
C ILE A 1132 -13.03 -7.09 60.60
N ILE A 1133 -14.09 -7.21 61.40
CA ILE A 1133 -14.33 -6.28 62.50
C ILE A 1133 -13.17 -6.29 63.47
N LEU A 1134 -12.54 -7.45 63.65
CA LEU A 1134 -11.36 -7.52 64.50
C LEU A 1134 -10.24 -6.66 63.94
N SER A 1135 -10.02 -6.71 62.63
CA SER A 1135 -9.05 -5.83 61.99
C SER A 1135 -9.54 -4.39 61.85
N HIS A 1136 -10.77 -4.10 62.27
CA HIS A 1136 -11.21 -2.73 62.48
C HIS A 1136 -11.12 -2.33 63.93
N ILE A 1137 -11.67 -3.17 64.82
CA ILE A 1137 -11.41 -3.06 66.24
C ILE A 1137 -9.91 -2.84 66.47
N VAL A 1138 -9.10 -3.71 65.90
CA VAL A 1138 -7.65 -3.68 66.17
C VAL A 1138 -6.98 -2.75 65.16
N SER A 1139 -7.74 -1.80 64.60
CA SER A 1139 -7.16 -0.65 63.93
C SER A 1139 -7.69 0.66 64.49
N LEU A 1140 -8.79 0.66 65.25
CA LEU A 1140 -9.41 1.90 65.70
C LEU A 1140 -9.17 2.21 67.18
N PHE A 1141 -9.40 1.27 68.11
CA PHE A 1141 -9.06 1.59 69.50
C PHE A 1141 -7.56 1.79 69.65
N CYS A 1142 -6.78 1.11 68.81
CA CYS A 1142 -5.34 1.37 68.76
C CYS A 1142 -5.05 2.72 68.11
N CYS A 1143 -5.91 3.16 67.19
CA CYS A 1143 -5.77 4.49 66.60
C CYS A 1143 -6.07 5.59 67.59
N VAL A 1144 -6.97 5.35 68.55
CA VAL A 1144 -7.24 6.32 69.60
C VAL A 1144 -6.04 6.47 70.52
N CYS A 1145 -5.15 5.47 70.56
CA CYS A 1145 -3.95 5.57 71.38
C CYS A 1145 -2.91 6.48 70.77
N LYS A 1146 -2.75 6.46 69.45
CA LYS A 1146 -1.81 7.34 68.78
C LYS A 1146 -2.32 8.78 68.79
N GLY A 1156 1.13 4.52 52.39
CA GLY A 1156 0.73 3.65 51.29
C GLY A 1156 1.85 2.72 50.85
N PRO A 1157 1.55 1.89 49.85
CA PRO A 1157 2.58 0.99 49.32
C PRO A 1157 3.61 1.72 48.48
N LYS A 1158 4.82 1.83 49.01
CA LYS A 1158 5.90 2.62 48.44
C LYS A 1158 7.01 1.69 47.95
N LEU A 1159 7.80 2.17 46.98
CA LEU A 1159 8.93 1.43 46.42
C LEU A 1159 10.16 1.85 47.22
N PHE A 1160 10.70 0.91 47.99
CA PHE A 1160 11.86 1.20 48.83
C PHE A 1160 13.13 0.84 48.07
N LEU A 1161 13.83 1.88 47.60
CA LEU A 1161 15.09 1.73 46.92
C LEU A 1161 16.19 2.34 47.78
N THR A 1162 17.36 1.68 47.81
CA THR A 1162 18.31 1.94 48.86
C THR A 1162 18.89 3.36 48.78
N GLU A 1163 19.98 3.53 48.00
CA GLU A 1163 20.37 4.82 47.47
C GLU A 1163 20.93 4.65 46.06
N GLU A 1164 21.74 3.61 45.89
CA GLU A 1164 22.32 3.26 44.60
C GLU A 1164 21.25 2.78 43.62
N ASP A 1165 20.15 2.23 44.13
CA ASP A 1165 19.12 1.70 43.25
C ASP A 1165 18.28 2.82 42.65
N GLN A 1166 18.10 3.93 43.37
CA GLN A 1166 17.62 5.15 42.73
C GLN A 1166 18.55 5.56 41.60
N LYS A 1167 19.85 5.43 41.83
CA LYS A 1167 20.84 5.87 40.85
C LYS A 1167 20.82 4.98 39.63
N LYS A 1168 20.74 3.67 39.84
CA LYS A 1168 20.66 2.74 38.72
C LYS A 1168 19.34 2.90 37.97
N LEU A 1169 18.29 3.29 38.67
CA LEU A 1169 16.99 3.48 38.04
C LEU A 1169 16.97 4.74 37.18
N HIS A 1170 17.50 5.85 37.71
CA HIS A 1170 17.57 7.06 36.91
C HIS A 1170 18.43 6.86 35.67
N ASP A 1171 19.52 6.10 35.80
CA ASP A 1171 20.34 5.76 34.66
C ASP A 1171 19.56 4.94 33.64
N PHE A 1172 18.55 4.20 34.10
CA PHE A 1172 17.74 3.39 33.20
C PHE A 1172 16.72 4.25 32.46
N GLU A 1173 16.07 5.17 33.16
CA GLU A 1173 15.07 6.02 32.53
C GLU A 1173 15.72 6.89 31.47
N GLU A 1174 16.85 7.52 31.82
CA GLU A 1174 17.61 8.29 30.85
C GLU A 1174 17.96 7.46 29.63
N GLN A 1175 18.33 6.20 29.85
CA GLN A 1175 18.71 5.33 28.76
C GLN A 1175 17.52 5.03 27.85
N CYS A 1176 16.34 4.84 28.44
CA CYS A 1176 15.17 4.44 27.66
C CYS A 1176 14.55 5.62 26.92
N VAL A 1177 14.63 6.82 27.51
CA VAL A 1177 14.19 8.02 26.81
C VAL A 1177 15.04 8.25 25.58
N GLU A 1178 16.37 8.15 25.74
CA GLU A 1178 17.30 8.34 24.66
C GLU A 1178 17.01 7.43 23.48
N MET A 1179 16.64 6.18 23.74
CA MET A 1179 16.30 5.25 22.67
C MET A 1179 14.99 5.64 22.00
N TYR A 1180 14.04 6.13 22.79
CA TYR A 1180 12.73 6.51 22.26
C TYR A 1180 12.85 7.64 21.25
N PHE A 1181 13.57 8.70 21.62
CA PHE A 1181 13.83 9.82 20.73
C PHE A 1181 14.78 9.46 19.59
N ASP A 1182 15.31 8.23 19.58
CA ASP A 1182 16.26 7.77 18.58
C ASP A 1182 15.66 6.75 17.64
N GLU A 1183 14.67 5.97 18.10
CA GLU A 1183 14.00 5.00 17.24
C GLU A 1183 12.89 5.61 16.42
N LYS A 1184 12.11 6.53 17.00
CA LYS A 1184 11.20 7.35 16.21
C LYS A 1184 11.92 8.03 15.07
N ASP A 1185 13.12 8.53 15.36
CA ASP A 1185 13.94 9.17 14.35
C ASP A 1185 14.25 8.20 13.21
N ASP A 1186 14.42 6.91 13.55
CA ASP A 1186 14.74 5.89 12.57
C ASP A 1186 13.51 5.38 11.82
N LYS A 1187 12.42 5.16 12.54
CA LYS A 1187 11.20 4.66 11.91
C LYS A 1187 10.65 5.63 10.86
N PHE A 1188 11.01 6.91 10.97
CA PHE A 1188 10.55 7.92 10.01
C PHE A 1188 11.60 8.19 8.94
N ASN A 1189 12.82 8.57 9.35
CA ASN A 1189 13.88 8.84 8.39
C ASN A 1189 14.24 7.63 7.54
N SER A 1190 13.92 6.43 7.99
CA SER A 1190 14.23 5.19 7.27
C SER A 1190 12.98 4.38 6.99
N GLY A 1191 11.87 5.08 6.78
CA GLY A 1191 10.65 4.47 6.29
C GLY A 1191 10.59 4.45 4.78
N SER A 1192 9.37 4.52 4.24
CA SER A 1192 9.13 4.48 2.81
C SER A 1192 8.56 5.79 2.27
N GLU A 1193 7.43 6.24 2.83
CA GLU A 1193 6.83 7.48 2.37
C GLU A 1193 7.75 8.67 2.59
N GLU A 1194 8.56 8.62 3.66
CA GLU A 1194 9.59 9.63 3.86
C GLU A 1194 10.74 9.45 2.91
N ARG A 1195 11.00 8.21 2.51
CA ARG A 1195 12.16 7.92 1.68
C ARG A 1195 11.88 8.29 0.23
N ILE A 1196 10.62 8.15 -0.18
CA ILE A 1196 10.19 8.70 -1.47
C ILE A 1196 10.26 10.21 -1.44
N ARG A 1197 9.95 10.82 -0.28
CA ARG A 1197 10.02 12.27 -0.15
C ARG A 1197 11.42 12.79 -0.39
N VAL A 1198 12.42 12.15 0.22
CA VAL A 1198 13.80 12.61 0.04
C VAL A 1198 14.24 12.36 -1.39
N THR A 1199 13.98 11.16 -1.90
CA THR A 1199 14.37 10.81 -3.25
C THR A 1199 13.80 11.78 -4.27
N PHE A 1200 12.60 12.31 -4.01
CA PHE A 1200 12.08 13.41 -4.80
C PHE A 1200 12.93 14.66 -4.63
N GLU A 1201 13.16 15.07 -3.39
CA GLU A 1201 13.88 16.30 -3.13
C GLU A 1201 15.33 16.23 -3.59
N ARG A 1202 15.93 15.04 -3.54
CA ARG A 1202 17.28 14.89 -4.09
C ARG A 1202 17.25 15.05 -5.60
N VAL A 1203 16.44 14.22 -6.27
CA VAL A 1203 16.35 14.25 -7.72
C VAL A 1203 15.87 15.60 -8.23
N GLU A 1204 15.15 16.37 -7.42
CA GLU A 1204 15.02 17.80 -7.71
C GLU A 1204 16.37 18.46 -7.78
N GLN A 1205 17.06 18.54 -6.64
CA GLN A 1205 18.28 19.33 -6.54
C GLN A 1205 19.42 18.73 -7.33
N MET A 1206 19.39 17.43 -7.61
CA MET A 1206 20.31 16.86 -8.58
C MET A 1206 20.10 17.48 -9.95
N SER A 1207 18.91 17.25 -10.52
CA SER A 1207 18.59 17.61 -11.89
C SER A 1207 18.86 19.06 -12.21
N ILE A 1208 18.84 19.93 -11.21
CA ILE A 1208 19.26 21.31 -11.41
C ILE A 1208 20.75 21.38 -11.68
N GLN A 1209 21.55 20.68 -10.87
CA GLN A 1209 22.98 20.63 -11.07
C GLN A 1209 23.41 19.54 -12.04
N ILE A 1210 22.47 18.87 -12.69
CA ILE A 1210 22.80 18.05 -13.86
C ILE A 1210 22.76 18.90 -15.11
N LYS A 1211 21.58 19.48 -15.41
CA LYS A 1211 21.43 20.24 -16.64
C LYS A 1211 22.32 21.47 -16.66
N GLU A 1212 22.51 22.10 -15.50
CA GLU A 1212 23.40 23.26 -15.42
C GLU A 1212 24.84 22.85 -15.71
N VAL A 1213 25.31 21.82 -15.02
CA VAL A 1213 26.68 21.34 -15.20
C VAL A 1213 26.85 20.78 -16.60
N GLY A 1214 25.89 19.98 -17.05
CA GLY A 1214 26.02 19.34 -18.34
C GLY A 1214 25.98 20.31 -19.49
N ASP A 1215 25.28 21.43 -19.31
CA ASP A 1215 25.37 22.51 -20.28
C ASP A 1215 26.80 22.98 -20.43
N ARG A 1216 27.43 23.35 -19.32
CA ARG A 1216 28.77 23.95 -19.33
C ARG A 1216 29.78 23.05 -20.05
N VAL A 1217 29.64 21.73 -19.88
CA VAL A 1217 30.52 20.79 -20.57
C VAL A 1217 30.43 21.00 -22.07
N ASN A 1218 29.21 21.13 -22.59
CA ASN A 1218 29.05 21.33 -24.03
C ASN A 1218 29.61 22.67 -24.47
N TYR A 1219 29.57 23.68 -23.59
CA TYR A 1219 30.18 24.96 -23.91
C TYR A 1219 31.71 24.91 -23.83
N ILE A 1220 32.27 23.85 -23.28
CA ILE A 1220 33.72 23.62 -23.30
C ILE A 1220 34.14 22.90 -24.57
N LYS A 1221 33.50 21.75 -24.86
CA LYS A 1221 33.92 20.92 -25.99
C LYS A 1221 33.79 21.67 -27.31
N ARG A 1222 32.76 22.51 -27.44
CA ARG A 1222 32.65 23.34 -28.63
C ARG A 1222 33.77 24.34 -28.72
N SER A 1223 34.36 24.71 -27.58
CA SER A 1223 35.52 25.59 -27.56
C SER A 1223 36.82 24.80 -27.67
N LEU A 1224 36.99 23.77 -26.83
CA LEU A 1224 38.23 23.01 -26.76
C LEU A 1224 38.68 22.50 -28.12
N GLN A 1225 37.75 22.00 -28.92
CA GLN A 1225 38.09 21.59 -30.28
C GLN A 1225 38.46 22.78 -31.15
N SER A 1226 38.05 24.00 -30.77
CA SER A 1226 38.43 25.21 -31.47
C SER A 1226 39.70 25.85 -30.91
N LEU A 1227 40.02 25.61 -29.64
CA LEU A 1227 41.29 26.07 -29.10
C LEU A 1227 42.46 25.44 -29.83
N ASP A 1228 42.39 24.14 -30.09
CA ASP A 1228 43.45 23.42 -30.81
C ASP A 1228 43.19 23.41 -32.31
N SER A 1229 42.02 22.92 -32.74
CA SER A 1229 41.66 22.76 -34.15
C SER A 1229 42.77 22.16 -35.00
N GLN B 2 36.50 4.41 54.50
CA GLN B 2 36.45 5.60 53.63
C GLN B 2 35.15 5.80 52.86
N LYS B 3 34.45 4.69 52.54
CA LYS B 3 33.28 4.67 51.66
C LYS B 3 33.59 5.16 50.24
N SER B 4 34.86 5.29 49.88
CA SER B 4 35.25 5.69 48.53
C SER B 4 36.66 5.18 48.29
N TRP B 5 36.77 4.07 47.56
CA TRP B 5 38.07 3.52 47.22
C TRP B 5 38.90 4.50 46.40
N ILE B 6 38.22 5.41 45.68
CA ILE B 6 38.88 6.36 44.80
C ILE B 6 39.85 7.21 45.61
N GLU B 7 39.35 7.88 46.64
CA GLU B 7 40.20 8.70 47.49
C GLU B 7 40.94 7.88 48.54
N SER B 8 40.61 6.60 48.69
CA SER B 8 41.44 5.71 49.50
C SER B 8 42.77 5.43 48.83
N THR B 9 42.77 5.33 47.51
CA THR B 9 43.95 5.00 46.72
C THR B 9 44.61 6.25 46.14
N LEU B 10 43.85 7.05 45.39
CA LEU B 10 44.39 8.22 44.74
C LEU B 10 44.57 9.35 45.76
N THR B 11 45.41 10.32 45.38
CA THR B 11 45.69 11.48 46.22
C THR B 11 45.62 12.75 45.37
N LYS B 12 46.00 13.89 45.94
CA LYS B 12 45.94 15.17 45.26
C LYS B 12 47.14 16.02 45.62
N ARG B 13 47.66 16.74 44.65
CA ARG B 13 48.83 17.60 44.87
C ARG B 13 48.38 19.03 45.16
N GLU B 14 49.02 19.62 46.17
CA GLU B 14 48.83 21.02 46.55
C GLU B 14 50.19 21.62 46.84
N CYS B 15 50.42 22.83 46.37
CA CYS B 15 51.69 23.51 46.64
C CYS B 15 51.73 23.86 48.12
N VAL B 16 52.43 23.02 48.91
CA VAL B 16 52.43 23.18 50.37
C VAL B 16 53.48 24.18 50.85
N TYR B 17 54.19 24.82 49.93
CA TYR B 17 55.25 25.77 50.22
C TYR B 17 54.95 27.00 49.36
N ILE B 18 55.75 28.06 49.52
CA ILE B 18 55.50 29.34 48.83
C ILE B 18 56.80 29.80 48.19
N ILE B 19 56.80 29.94 46.86
CA ILE B 19 57.96 30.37 46.07
C ILE B 19 57.58 31.58 45.23
N PRO B 20 57.79 32.82 45.66
CA PRO B 20 57.65 33.96 44.74
C PRO B 20 58.45 33.80 43.46
N SER B 21 57.95 34.43 42.40
CA SER B 21 58.59 34.43 41.09
C SER B 21 58.81 35.83 40.53
N SER B 22 58.34 36.86 41.22
CA SER B 22 58.53 38.25 40.80
C SER B 22 58.95 39.09 42.00
N LYS B 23 59.76 40.12 41.74
CA LYS B 23 60.36 40.93 42.78
C LYS B 23 60.14 42.43 42.54
N ASP B 24 60.17 42.86 41.29
CA ASP B 24 60.20 44.28 40.97
C ASP B 24 58.86 44.94 41.34
N PRO B 25 58.85 46.01 42.16
CA PRO B 25 57.58 46.67 42.47
C PRO B 25 57.06 47.55 41.33
N HIS B 26 56.28 46.95 40.42
CA HIS B 26 55.53 47.70 39.41
C HIS B 26 54.73 48.83 40.03
N ARG B 27 54.23 48.65 41.25
CA ARG B 27 53.39 49.60 41.94
C ARG B 27 53.57 49.39 43.43
N CYS B 28 53.49 50.48 44.20
CA CYS B 28 53.49 50.39 45.67
C CYS B 28 54.80 49.77 46.17
N LEU B 29 55.86 50.57 46.08
CA LEU B 29 57.25 50.19 46.41
C LEU B 29 57.41 49.22 47.58
N PRO B 30 56.65 49.33 48.69
CA PRO B 30 56.75 48.25 49.69
C PRO B 30 56.10 46.98 49.18
N GLY B 31 56.88 46.21 48.43
CA GLY B 31 56.43 45.04 47.70
C GLY B 31 55.53 44.07 48.44
N CYS B 32 55.65 44.03 49.77
CA CYS B 32 54.81 43.18 50.62
C CYS B 32 53.33 43.29 50.28
N GLN B 33 52.85 44.51 50.04
CA GLN B 33 51.46 44.72 49.68
C GLN B 33 51.12 44.03 48.36
N ILE B 34 51.85 44.35 47.29
CA ILE B 34 51.54 43.81 45.97
C ILE B 34 51.82 42.32 45.87
N CYS B 35 52.84 41.82 46.58
CA CYS B 35 53.15 40.40 46.55
C CYS B 35 51.97 39.57 47.05
N GLN B 36 51.13 40.16 47.90
CA GLN B 36 49.89 39.53 48.32
C GLN B 36 49.05 39.11 47.11
N GLN B 37 48.71 40.06 46.22
CA GLN B 37 47.66 39.85 45.24
C GLN B 37 48.13 39.61 43.81
N LEU B 38 49.42 39.82 43.46
CA LEU B 38 49.82 39.85 42.05
C LEU B 38 51.19 39.21 41.81
N VAL B 39 51.71 38.41 42.75
CA VAL B 39 53.00 37.73 42.54
C VAL B 39 52.76 36.25 42.74
N ARG B 40 52.81 35.50 41.64
CA ARG B 40 52.45 34.09 41.61
C ARG B 40 53.66 33.19 41.75
N CYS B 41 53.39 31.98 42.24
CA CYS B 41 54.41 30.97 42.44
C CYS B 41 54.63 30.18 41.14
N PHE B 42 55.74 29.44 41.07
CA PHE B 42 55.86 28.38 40.06
C PHE B 42 54.91 27.24 40.37
N CYS B 43 54.27 27.26 41.56
CA CYS B 43 52.99 26.64 41.86
C CYS B 43 51.88 27.11 40.92
N GLY B 44 52.08 28.17 40.14
CA GLY B 44 51.05 28.67 39.25
C GLY B 44 50.02 29.52 39.97
N ARG B 45 49.48 29.02 41.08
CA ARG B 45 48.57 29.80 41.88
C ARG B 45 49.33 30.90 42.62
N LEU B 46 48.60 31.93 43.01
CA LEU B 46 49.15 33.08 43.69
C LEU B 46 49.68 32.68 45.07
N VAL B 47 50.63 33.46 45.60
CA VAL B 47 51.22 33.14 46.89
C VAL B 47 50.19 33.10 48.01
N LYS B 48 49.06 33.82 47.87
CA LYS B 48 48.01 33.82 48.86
C LYS B 48 46.93 32.78 48.58
N GLN B 49 46.79 32.32 47.34
CA GLN B 49 45.94 31.17 47.05
C GLN B 49 46.48 29.89 47.66
N HIS B 50 47.71 29.91 48.16
CA HIS B 50 48.27 28.84 48.99
C HIS B 50 47.65 28.90 50.39
N ALA B 51 46.36 28.55 50.49
CA ALA B 51 45.74 28.54 51.81
C ALA B 51 46.45 27.50 52.67
N CYS B 52 46.22 26.21 52.37
CA CYS B 52 46.97 25.07 52.93
C CYS B 52 47.26 25.25 54.42
N PHE B 53 46.23 25.19 55.25
CA PHE B 53 46.04 25.98 56.47
C PHE B 53 47.31 26.50 57.14
N THR B 54 48.36 25.67 57.27
CA THR B 54 49.61 26.19 57.82
C THR B 54 50.22 27.25 56.91
N ALA B 55 50.11 27.09 55.59
CA ALA B 55 50.61 28.09 54.66
C ALA B 55 49.73 29.33 54.60
N SER B 56 48.50 29.26 55.14
CA SER B 56 47.67 30.45 55.24
C SER B 56 48.18 31.38 56.33
N LEU B 57 48.64 30.83 57.45
CA LEU B 57 49.35 31.62 58.44
C LEU B 57 50.72 32.07 57.92
N ALA B 58 51.23 31.40 56.90
CA ALA B 58 52.46 31.83 56.25
C ALA B 58 52.22 33.02 55.32
N MET B 59 51.00 33.58 55.30
CA MET B 59 50.76 34.92 54.80
C MET B 59 51.11 35.95 55.87
N LYS B 60 52.38 35.97 56.25
CA LYS B 60 52.94 36.93 57.18
C LYS B 60 53.29 38.14 56.31
N TYR B 61 54.18 39.02 56.77
CA TYR B 61 54.56 40.28 56.12
C TYR B 61 54.50 40.27 54.58
N SER B 62 55.18 39.33 53.92
CA SER B 62 55.03 39.08 52.50
C SER B 62 54.66 37.64 52.25
N ASP B 63 55.54 36.72 52.67
CA ASP B 63 55.33 35.27 52.66
C ASP B 63 56.62 34.61 53.16
N VAL B 64 56.63 33.28 53.15
CA VAL B 64 57.83 32.48 53.36
C VAL B 64 58.98 33.01 52.50
N LYS B 65 60.21 32.88 53.01
CA LYS B 65 61.41 33.35 52.31
C LYS B 65 61.42 34.86 52.10
N LEU B 66 61.81 35.54 53.18
CA LEU B 66 62.00 37.00 53.23
C LEU B 66 62.61 37.55 51.96
N GLY B 67 62.14 38.76 51.60
CA GLY B 67 62.43 39.45 50.36
C GLY B 67 63.82 39.30 49.77
N GLU B 68 64.87 39.58 50.54
CA GLU B 68 66.22 39.43 50.00
C GLU B 68 66.48 37.98 49.65
N HIS B 69 66.73 37.14 50.66
CA HIS B 69 67.02 35.70 50.55
C HIS B 69 67.76 35.36 49.25
N PHE B 70 68.86 36.06 48.99
CA PHE B 70 69.70 35.78 47.83
C PHE B 70 68.87 35.79 46.53
N ASN B 71 68.37 36.99 46.18
CA ASN B 71 67.10 37.22 45.45
C ASN B 71 66.66 36.12 44.49
N GLN B 72 67.57 35.57 43.70
CA GLN B 72 67.33 34.54 42.69
C GLN B 72 67.33 33.14 43.27
N ALA B 73 67.11 32.98 44.58
CA ALA B 73 67.36 31.71 45.23
C ALA B 73 66.23 30.72 45.01
N ILE B 74 64.98 31.18 44.97
CA ILE B 74 63.90 30.26 45.30
C ILE B 74 63.36 29.54 44.05
N GLU B 75 62.54 30.20 43.22
CA GLU B 75 62.34 29.95 41.78
C GLU B 75 62.46 28.50 41.32
N GLU B 76 62.01 27.52 42.12
CA GLU B 76 62.07 26.12 41.70
C GLU B 76 60.78 25.36 41.93
N TRP B 77 60.14 25.57 43.10
CA TRP B 77 58.92 24.85 43.48
C TRP B 77 59.03 23.35 43.23
N SER B 78 59.82 22.68 44.05
CA SER B 78 59.92 21.23 43.97
C SER B 78 58.55 20.60 44.10
N VAL B 79 58.22 19.74 43.15
CA VAL B 79 56.91 19.09 43.17
C VAL B 79 56.90 17.87 44.08
N GLU B 80 58.02 17.59 44.76
CA GLU B 80 58.14 16.44 45.65
C GLU B 80 57.82 16.81 47.10
N LYS B 81 58.62 17.71 47.69
CA LYS B 81 58.47 18.07 49.11
C LYS B 81 57.77 19.40 49.31
N HIS B 82 57.98 20.36 48.40
CA HIS B 82 57.21 21.59 48.38
C HIS B 82 55.83 21.39 47.73
N THR B 83 55.46 20.14 47.42
CA THR B 83 54.12 19.81 46.95
C THR B 83 53.80 18.39 47.43
N GLU B 84 53.11 18.29 48.55
CA GLU B 84 52.78 16.99 49.14
C GLU B 84 51.47 16.47 48.55
N GLN B 85 51.10 15.27 48.96
CA GLN B 85 49.88 14.61 48.53
C GLN B 85 48.83 14.70 49.64
N SER B 86 47.57 14.47 49.26
CA SER B 86 46.47 14.48 50.21
C SER B 86 45.33 13.65 49.64
N PRO B 87 44.41 13.15 50.48
CA PRO B 87 43.23 12.46 49.94
C PRO B 87 42.38 13.38 49.07
N THR B 88 41.89 12.84 47.96
CA THR B 88 41.26 13.67 46.93
C THR B 88 40.00 14.33 47.46
N ASP B 89 39.92 15.66 47.32
CA ASP B 89 38.75 16.42 47.73
C ASP B 89 37.70 16.48 46.62
N ALA B 90 38.12 16.32 45.38
CA ALA B 90 37.22 16.19 44.24
C ALA B 90 37.04 14.73 43.91
N TYR B 91 35.79 14.33 43.68
CA TYR B 91 35.45 13.23 42.79
C TYR B 91 33.94 13.23 42.60
N GLY B 92 33.49 13.32 41.36
CA GLY B 92 32.06 13.38 41.11
C GLY B 92 31.70 13.06 39.67
N VAL B 93 30.66 13.74 39.20
CA VAL B 93 30.12 13.55 37.87
C VAL B 93 29.78 14.92 37.31
N ILE B 94 30.51 15.36 36.28
CA ILE B 94 30.20 16.62 35.63
C ILE B 94 28.82 16.52 35.03
N ASN B 95 28.05 17.60 35.16
CA ASN B 95 26.69 17.65 34.63
C ASN B 95 26.66 18.17 33.20
N PHE B 96 27.55 19.10 32.86
CA PHE B 96 27.47 19.87 31.61
C PHE B 96 26.05 20.41 31.41
N GLN B 97 25.67 21.29 32.34
CA GLN B 97 24.30 21.81 32.36
C GLN B 97 24.04 22.62 31.10
N GLY B 98 23.27 22.03 30.19
CA GLY B 98 22.87 22.68 28.96
C GLY B 98 23.61 22.22 27.72
N GLY B 99 22.86 21.72 26.74
CA GLY B 99 23.34 21.53 25.38
C GLY B 99 22.88 20.27 24.68
N SER B 100 22.74 19.15 25.39
CA SER B 100 21.99 18.02 24.84
C SER B 100 21.59 17.09 25.99
N HIS B 101 20.36 17.22 26.46
CA HIS B 101 19.74 16.33 27.44
C HIS B 101 20.61 16.07 28.67
N SER B 102 21.51 17.00 29.01
CA SER B 102 22.32 16.93 30.22
C SER B 102 23.19 15.66 30.22
N TYR B 103 23.92 15.49 29.13
CA TYR B 103 24.89 14.41 28.99
C TYR B 103 25.91 14.42 30.13
N ARG B 104 26.27 13.24 30.62
CA ARG B 104 27.08 13.10 31.82
C ARG B 104 28.54 12.84 31.50
N ALA B 105 29.40 13.13 32.48
CA ALA B 105 30.79 12.71 32.45
C ALA B 105 31.32 12.65 33.88
N LYS B 106 32.53 12.14 34.06
CA LYS B 106 33.05 11.79 35.38
C LYS B 106 34.52 12.20 35.48
N TYR B 107 35.03 12.18 36.72
CA TYR B 107 36.37 12.67 37.01
C TYR B 107 36.80 12.16 38.38
N VAL B 108 38.05 12.46 38.75
CA VAL B 108 38.50 12.32 40.13
C VAL B 108 39.30 13.52 40.60
N ARG B 109 40.17 14.09 39.74
CA ARG B 109 41.26 14.98 40.15
C ARG B 109 42.36 14.23 40.91
N LEU B 110 43.10 13.38 40.20
CA LEU B 110 44.16 12.57 40.79
C LEU B 110 45.52 13.23 40.57
N SER B 111 46.51 12.79 41.33
CA SER B 111 47.89 13.19 41.12
C SER B 111 48.56 12.30 40.08
N TYR B 112 49.49 12.88 39.32
CA TYR B 112 50.29 12.12 38.36
C TYR B 112 51.23 11.14 39.04
N ASP B 113 51.43 11.29 40.36
CA ASP B 113 52.14 10.32 41.17
C ASP B 113 51.68 8.90 40.91
N THR B 114 50.39 8.75 40.63
CA THR B 114 49.74 7.46 40.39
C THR B 114 50.53 6.65 39.37
N LYS B 115 51.06 5.51 39.82
CA LYS B 115 51.86 4.63 38.97
C LYS B 115 51.01 4.13 37.82
N PRO B 116 51.62 3.75 36.68
CA PRO B 116 50.81 3.38 35.51
C PRO B 116 49.81 2.27 35.76
N GLU B 117 50.21 1.25 36.52
CA GLU B 117 49.28 0.18 36.85
C GLU B 117 48.22 0.62 37.84
N ILE B 118 48.50 1.64 38.64
CA ILE B 118 47.49 2.16 39.56
C ILE B 118 46.42 2.91 38.78
N ILE B 119 46.76 3.43 37.60
CA ILE B 119 45.83 4.24 36.83
C ILE B 119 44.87 3.34 36.05
N LEU B 120 45.32 2.15 35.68
CA LEU B 120 44.46 1.22 34.93
C LEU B 120 43.46 0.55 35.86
N GLN B 121 43.87 0.29 37.10
CA GLN B 121 43.07 -0.48 38.04
C GLN B 121 42.03 0.36 38.77
N LEU B 122 41.63 1.49 38.18
CA LEU B 122 40.45 2.23 38.59
C LEU B 122 39.47 2.37 37.45
N LEU B 123 39.98 2.55 36.22
CA LEU B 123 39.14 2.79 35.06
C LEU B 123 38.16 1.66 34.81
N LEU B 124 38.58 0.43 35.11
CA LEU B 124 37.76 -0.73 34.84
C LEU B 124 36.75 -0.94 35.96
N LYS B 125 37.22 -1.01 37.20
CA LYS B 125 36.38 -1.50 38.29
C LYS B 125 35.56 -0.41 38.97
N GLU B 126 36.08 0.82 39.04
CA GLU B 126 35.31 1.91 39.63
C GLU B 126 34.27 2.47 38.66
N TRP B 127 34.70 2.85 37.47
CA TRP B 127 33.81 3.43 36.48
C TRP B 127 33.14 2.38 35.59
N GLN B 128 33.43 1.10 35.78
CA GLN B 128 32.75 0.02 35.06
C GLN B 128 32.90 0.16 33.55
N MET B 129 34.02 0.73 33.12
CA MET B 129 34.32 0.86 31.70
C MET B 129 34.84 -0.47 31.21
N GLU B 130 34.06 -1.15 30.37
CA GLU B 130 34.45 -2.47 29.89
C GLU B 130 35.70 -2.33 29.03
N LEU B 131 36.57 -3.34 29.14
CA LEU B 131 37.91 -3.27 28.58
C LEU B 131 37.84 -3.01 27.08
N PRO B 132 38.73 -2.21 26.52
CA PRO B 132 38.59 -1.84 25.12
C PRO B 132 39.21 -2.87 24.20
N LYS B 133 38.79 -2.79 22.95
CA LYS B 133 39.43 -3.52 21.88
C LYS B 133 40.40 -2.64 21.10
N LEU B 134 40.42 -1.33 21.36
CA LEU B 134 41.22 -0.39 20.60
C LEU B 134 41.46 0.85 21.44
N VAL B 135 42.42 1.66 21.01
CA VAL B 135 42.80 2.90 21.69
C VAL B 135 43.23 3.89 20.62
N ILE B 136 42.54 5.04 20.56
CA ILE B 136 42.67 6.02 19.48
C ILE B 136 43.09 7.35 20.08
N SER B 137 44.10 7.33 20.96
CA SER B 137 44.76 8.55 21.40
C SER B 137 44.99 9.51 20.23
N VAL B 138 44.64 10.78 20.45
CA VAL B 138 44.68 11.79 19.40
C VAL B 138 45.74 12.82 19.80
N HIS B 139 46.85 12.84 19.05
CA HIS B 139 48.04 13.59 19.46
C HIS B 139 48.33 14.74 18.49
N GLY B 140 47.29 15.46 18.10
CA GLY B 140 47.44 16.59 17.20
C GLY B 140 47.62 17.91 17.92
N GLY B 141 47.01 18.95 17.37
CA GLY B 141 47.28 20.30 17.83
C GLY B 141 46.53 20.67 19.09
N MET B 142 47.23 21.41 19.97
CA MET B 142 46.64 21.96 21.18
C MET B 142 45.90 23.26 20.93
N GLN B 143 46.51 24.18 20.18
CA GLN B 143 45.83 25.41 19.80
C GLN B 143 44.75 25.10 18.77
N LYS B 144 43.63 25.81 18.86
CA LYS B 144 42.50 25.57 17.97
C LYS B 144 42.89 25.80 16.51
N PHE B 145 42.34 24.99 15.64
CA PHE B 145 42.60 25.03 14.20
C PHE B 145 41.32 24.72 13.46
N GLU B 146 41.38 24.76 12.14
CA GLU B 146 40.19 24.77 11.29
C GLU B 146 40.36 23.81 10.13
N LEU B 147 39.24 23.25 9.67
CA LEU B 147 39.21 22.21 8.65
C LEU B 147 38.24 22.60 7.53
N HIS B 148 38.19 21.75 6.46
CA HIS B 148 37.36 21.90 5.26
C HIS B 148 36.10 21.05 5.41
N PRO B 149 34.91 21.50 4.93
CA PRO B 149 33.66 20.78 5.24
C PRO B 149 33.65 19.31 4.91
N ARG B 150 34.41 18.88 3.90
CA ARG B 150 34.50 17.46 3.58
C ARG B 150 35.24 16.69 4.68
N ILE B 151 36.49 17.07 4.94
CA ILE B 151 37.31 16.37 5.92
C ILE B 151 36.73 16.47 7.32
N LYS B 152 35.98 17.54 7.60
CA LYS B 152 35.38 17.71 8.92
C LYS B 152 34.44 16.56 9.25
N GLN B 153 33.50 16.29 8.35
CA GLN B 153 32.53 15.22 8.58
C GLN B 153 33.09 13.84 8.24
N LEU B 154 33.94 13.73 7.22
CA LEU B 154 34.46 12.42 6.85
C LEU B 154 35.32 11.83 7.96
N LEU B 155 36.17 12.63 8.60
CA LEU B 155 36.88 12.15 9.78
C LEU B 155 35.97 11.95 10.97
N GLY B 156 34.80 12.58 10.96
CA GLY B 156 33.79 12.29 11.95
C GLY B 156 32.97 11.05 11.65
N LYS B 157 33.03 10.57 10.41
CA LYS B 157 32.51 9.24 10.12
C LYS B 157 33.38 8.17 10.77
N GLY B 158 34.70 8.34 10.69
CA GLY B 158 35.61 7.27 11.06
C GLY B 158 35.80 7.12 12.55
N LEU B 159 36.01 8.23 13.26
CA LEU B 159 36.09 8.18 14.71
C LEU B 159 34.83 7.66 15.36
N ILE B 160 33.71 7.64 14.63
CA ILE B 160 32.52 6.94 15.08
C ILE B 160 32.50 5.51 14.59
N LYS B 161 33.11 5.25 13.44
CA LYS B 161 32.98 3.94 12.80
C LYS B 161 34.04 2.99 13.33
N ALA B 162 35.29 3.40 13.29
CA ALA B 162 36.39 2.56 13.77
C ALA B 162 36.50 2.54 15.28
N ALA B 163 35.53 3.08 16.01
CA ALA B 163 35.50 3.02 17.46
C ALA B 163 34.22 2.46 18.04
N VAL B 164 33.08 2.66 17.38
CA VAL B 164 31.85 2.04 17.87
C VAL B 164 31.90 0.54 17.71
N THR B 165 32.55 0.07 16.65
CA THR B 165 32.65 -1.36 16.39
C THR B 165 33.54 -2.02 17.42
N THR B 166 34.71 -1.43 17.64
CA THR B 166 35.62 -1.81 18.70
C THR B 166 35.14 -1.20 20.01
N GLY B 167 35.98 -1.26 21.06
CA GLY B 167 35.68 -0.60 22.31
C GLY B 167 36.18 0.83 22.28
N ALA B 168 37.46 1.00 21.95
CA ALA B 168 38.00 2.29 21.56
C ALA B 168 37.90 3.35 22.66
N TRP B 169 38.73 3.19 23.68
CA TRP B 169 38.96 4.24 24.65
C TRP B 169 39.77 5.36 24.00
N ILE B 170 39.10 6.33 23.39
CA ILE B 170 39.77 7.49 22.83
C ILE B 170 40.42 8.28 23.97
N LEU B 171 41.68 8.66 23.77
CA LEU B 171 42.42 9.49 24.72
C LEU B 171 42.57 10.89 24.15
N THR B 172 41.96 11.87 24.80
CA THR B 172 42.00 13.25 24.37
C THR B 172 42.65 14.12 25.44
N GLY B 173 42.63 15.43 25.21
CA GLY B 173 42.98 16.41 26.23
C GLY B 173 41.77 16.88 27.02
N GLY B 174 40.57 16.65 26.50
CA GLY B 174 39.34 17.06 27.17
C GLY B 174 38.93 18.48 26.85
N VAL B 175 39.86 19.42 26.96
CA VAL B 175 39.60 20.84 26.74
C VAL B 175 39.01 21.07 25.35
N ASN B 176 38.26 22.16 25.22
CA ASN B 176 37.52 22.44 24.00
C ASN B 176 38.34 23.26 22.99
N THR B 177 39.66 23.12 23.03
CA THR B 177 40.58 23.87 22.17
C THR B 177 41.50 22.99 21.35
N GLY B 178 41.92 21.84 21.87
CA GLY B 178 42.84 20.97 21.18
C GLY B 178 42.14 20.12 20.13
N VAL B 179 42.79 19.00 19.80
CA VAL B 179 42.12 17.94 19.04
C VAL B 179 40.87 17.47 19.75
N ALA B 180 40.88 17.53 21.09
CA ALA B 180 39.68 17.31 21.89
C ALA B 180 38.50 18.13 21.39
N LYS B 181 38.75 19.32 20.84
CA LYS B 181 37.67 20.15 20.30
C LYS B 181 36.96 19.45 19.16
N HIS B 182 37.67 19.15 18.07
CA HIS B 182 37.04 18.67 16.86
C HIS B 182 36.49 17.26 17.02
N VAL B 183 37.13 16.43 17.84
CA VAL B 183 36.65 15.06 18.02
C VAL B 183 35.27 15.08 18.66
N GLY B 184 35.04 16.00 19.60
CA GLY B 184 33.73 16.11 20.20
C GLY B 184 32.67 16.57 19.24
N ASP B 185 33.07 17.40 18.26
CA ASP B 185 32.12 17.87 17.25
C ASP B 185 31.66 16.72 16.36
N ALA B 186 32.52 15.72 16.16
CA ALA B 186 32.10 14.54 15.40
C ALA B 186 31.12 13.70 16.20
N LEU B 187 31.28 13.66 17.52
CA LEU B 187 30.43 12.83 18.36
C LEU B 187 28.98 13.28 18.36
N LYS B 188 28.71 14.54 17.97
CA LYS B 188 27.35 15.07 17.94
C LYS B 188 26.76 15.03 16.53
N GLU B 189 27.52 15.44 15.52
CA GLU B 189 27.04 15.43 14.15
C GLU B 189 26.69 14.02 13.75
N HIS B 190 27.63 13.11 13.97
CA HIS B 190 27.42 11.68 13.79
C HIS B 190 27.02 11.01 15.10
N ALA B 191 26.02 11.56 15.77
CA ALA B 191 25.57 11.03 17.05
C ALA B 191 25.08 9.61 16.87
N SER B 192 25.80 8.65 17.47
CA SER B 192 25.44 7.25 17.34
C SER B 192 24.16 6.99 18.14
N ARG B 193 23.72 5.74 18.11
CA ARG B 193 22.53 5.34 18.86
C ARG B 193 22.75 5.62 20.33
N SER B 194 21.91 6.48 20.89
CA SER B 194 22.17 7.05 22.22
C SER B 194 22.12 5.93 23.25
N SER B 195 23.31 5.55 23.72
CA SER B 195 23.56 4.33 24.45
C SER B 195 24.87 4.53 25.18
N ARG B 196 25.52 3.43 25.59
CA ARG B 196 26.96 3.51 25.79
C ARG B 196 27.58 3.65 24.40
N LYS B 197 27.80 4.89 24.00
CA LYS B 197 28.51 5.18 22.77
C LYS B 197 30.00 5.09 23.07
N ILE B 198 30.83 5.58 22.15
CA ILE B 198 32.27 5.52 22.31
C ILE B 198 32.64 6.28 23.56
N CYS B 199 33.08 5.57 24.60
CA CYS B 199 33.45 6.19 25.85
C CYS B 199 34.82 6.83 25.68
N THR B 200 34.84 8.15 25.45
CA THR B 200 36.08 8.88 25.32
C THR B 200 36.61 9.19 26.70
N ILE B 201 37.82 8.70 26.98
CA ILE B 201 38.46 8.90 28.27
C ILE B 201 39.44 10.06 28.10
N GLY B 202 38.94 11.27 28.34
CA GLY B 202 39.70 12.48 28.11
C GLY B 202 40.52 12.91 29.31
N ILE B 203 41.82 12.66 29.26
CA ILE B 203 42.72 13.16 30.30
C ILE B 203 42.73 14.67 30.22
N ALA B 204 42.38 15.32 31.33
CA ALA B 204 42.44 16.76 31.45
C ALA B 204 43.54 17.14 32.43
N PRO B 205 44.31 18.20 32.18
CA PRO B 205 45.16 18.74 33.24
C PRO B 205 44.32 19.55 34.22
N TRP B 206 44.85 19.69 35.44
CA TRP B 206 44.36 20.66 36.42
C TRP B 206 44.89 22.08 36.13
N GLY B 207 45.40 22.31 34.92
CA GLY B 207 46.01 23.54 34.51
C GLY B 207 45.01 24.39 33.74
N VAL B 208 45.01 24.27 32.42
CA VAL B 208 44.13 25.09 31.61
C VAL B 208 42.71 24.53 31.74
N ILE B 209 42.00 25.00 32.77
CA ILE B 209 40.68 24.49 33.12
C ILE B 209 39.91 25.60 33.83
N GLU B 210 38.74 25.93 33.30
CA GLU B 210 37.83 26.86 33.97
C GLU B 210 36.96 26.09 34.97
N ASN B 211 36.45 26.83 35.96
CA ASN B 211 35.58 26.27 36.99
C ASN B 211 36.27 25.16 37.77
N ARG B 212 37.58 25.29 37.97
CA ARG B 212 38.33 24.32 38.77
C ARG B 212 37.75 24.20 40.17
N ASN B 213 37.22 25.29 40.73
CA ASN B 213 36.63 25.23 42.06
C ASN B 213 35.37 24.37 42.05
N ASP B 214 34.59 24.42 40.98
CA ASP B 214 33.39 23.60 40.89
C ASP B 214 33.73 22.11 40.93
N LEU B 215 34.90 21.75 40.39
CA LEU B 215 35.33 20.36 40.44
C LEU B 215 35.65 19.91 41.86
N VAL B 216 35.86 20.85 42.79
CA VAL B 216 36.27 20.49 44.15
C VAL B 216 35.00 20.08 44.90
N GLY B 217 34.66 18.80 44.80
CA GLY B 217 33.56 18.23 45.55
C GLY B 217 33.64 16.72 45.63
N ARG B 218 33.53 16.17 46.83
CA ARG B 218 33.51 14.72 47.01
C ARG B 218 32.09 14.20 46.78
N ASP B 219 31.91 13.38 45.74
CA ASP B 219 30.60 12.97 45.28
C ASP B 219 29.67 14.17 45.09
N VAL B 220 30.04 15.04 44.15
CA VAL B 220 29.30 16.27 43.89
C VAL B 220 29.03 16.36 42.40
N VAL B 221 27.77 16.62 42.05
CA VAL B 221 27.39 16.86 40.67
C VAL B 221 27.79 18.30 40.35
N ALA B 222 28.99 18.47 39.82
CA ALA B 222 29.51 19.81 39.52
C ALA B 222 28.58 20.51 38.53
N PRO B 223 27.84 21.56 38.94
CA PRO B 223 26.95 22.22 37.97
C PRO B 223 27.74 23.00 36.93
N TYR B 224 28.28 22.28 35.96
CA TYR B 224 29.24 22.84 35.03
C TYR B 224 28.52 23.49 33.86
N GLN B 225 29.11 24.59 33.37
CA GLN B 225 28.53 25.37 32.28
C GLN B 225 29.67 25.96 31.48
N THR B 226 29.63 25.78 30.16
CA THR B 226 30.71 26.24 29.28
C THR B 226 30.41 27.67 28.82
N LEU B 227 31.24 28.60 29.27
CA LEU B 227 31.18 29.98 28.82
C LEU B 227 32.09 30.15 27.62
N LEU B 228 31.53 30.65 26.52
CA LEU B 228 32.30 30.97 25.32
C LEU B 228 32.76 32.43 25.32
N ASN B 229 32.92 33.00 26.52
CA ASN B 229 33.44 34.35 26.69
C ASN B 229 34.80 34.49 26.01
N PRO B 230 34.95 35.29 24.95
CA PRO B 230 36.27 35.40 24.32
C PRO B 230 37.31 36.05 25.21
N LEU B 231 36.89 36.86 26.19
CA LEU B 231 37.81 37.41 27.17
C LEU B 231 38.41 36.32 28.06
N SER B 232 37.72 35.19 28.19
CA SER B 232 38.22 34.07 28.98
C SER B 232 39.53 33.55 28.42
N LYS B 233 40.32 32.91 29.29
CA LYS B 233 41.58 32.30 28.92
C LYS B 233 41.68 30.84 29.34
N LEU B 234 41.11 30.48 30.48
CA LEU B 234 41.06 29.09 30.89
C LEU B 234 40.19 28.30 29.93
N ASN B 235 40.65 27.10 29.58
CA ASN B 235 40.00 26.30 28.56
C ASN B 235 38.91 25.43 29.17
N VAL B 236 37.68 25.58 28.68
CA VAL B 236 36.57 24.76 29.13
C VAL B 236 36.69 23.36 28.53
N LEU B 237 36.27 22.38 29.31
CA LEU B 237 36.18 21.01 28.81
C LEU B 237 35.26 20.96 27.61
N ASN B 238 35.64 20.18 26.61
CA ASN B 238 34.77 20.01 25.46
C ASN B 238 33.52 19.27 25.88
N ASN B 239 32.44 19.54 25.15
CA ASN B 239 31.14 18.99 25.53
C ASN B 239 31.14 17.48 25.48
N LEU B 240 31.23 16.92 24.29
CA LEU B 240 31.01 15.48 24.12
C LEU B 240 32.27 14.74 24.54
N HIS B 241 32.42 14.59 25.84
CA HIS B 241 33.39 13.66 26.39
C HIS B 241 32.85 13.06 27.67
N SER B 242 32.88 11.74 27.71
CA SER B 242 32.61 10.96 28.91
C SER B 242 33.86 11.03 29.78
N HIS B 243 34.02 10.05 30.68
CA HIS B 243 34.96 10.02 31.80
C HIS B 243 36.24 10.83 31.58
N PHE B 244 36.59 11.66 32.55
CA PHE B 244 37.78 12.51 32.50
C PHE B 244 38.80 12.03 33.50
N ILE B 245 40.06 12.37 33.24
CA ILE B 245 41.16 12.18 34.20
C ILE B 245 41.78 13.55 34.42
N LEU B 246 41.46 14.17 35.54
CA LEU B 246 41.92 15.51 35.87
C LEU B 246 43.29 15.41 36.54
N VAL B 247 44.35 15.36 35.73
CA VAL B 247 45.68 15.17 36.27
C VAL B 247 46.07 16.40 37.09
N ASP B 248 46.55 16.17 38.30
CA ASP B 248 46.81 17.22 39.27
C ASP B 248 48.29 17.27 39.57
N ASP B 249 48.92 18.35 39.14
CA ASP B 249 50.35 18.58 39.37
C ASP B 249 50.61 19.52 40.54
N GLY B 250 49.55 19.95 41.24
CA GLY B 250 49.66 20.97 42.25
C GLY B 250 49.55 22.39 41.74
N THR B 251 49.74 22.60 40.44
CA THR B 251 49.70 23.91 39.83
C THR B 251 48.41 24.14 39.06
N VAL B 252 48.24 25.38 38.59
CA VAL B 252 47.05 25.81 37.89
C VAL B 252 47.45 26.66 36.70
N GLY B 253 46.65 26.59 35.64
CA GLY B 253 46.85 27.38 34.44
C GLY B 253 47.84 26.83 33.43
N LYS B 254 48.84 26.07 33.86
CA LYS B 254 49.93 25.62 33.00
C LYS B 254 49.80 24.14 32.65
N TYR B 255 50.50 23.75 31.59
CA TYR B 255 50.52 22.36 31.14
C TYR B 255 51.51 21.56 32.01
N GLY B 256 51.84 20.35 31.58
CA GLY B 256 52.80 19.51 32.28
C GLY B 256 52.36 18.08 32.50
N ALA B 257 52.15 17.73 33.78
CA ALA B 257 51.90 16.38 34.28
C ALA B 257 50.98 15.53 33.41
N GLU B 258 49.95 16.12 32.80
CA GLU B 258 48.95 15.36 32.07
C GLU B 258 49.58 14.48 30.98
N VAL B 259 50.64 14.96 30.34
CA VAL B 259 51.30 14.20 29.28
C VAL B 259 51.97 12.97 29.84
N ARG B 260 52.38 13.02 31.11
CA ARG B 260 53.02 11.87 31.73
C ARG B 260 52.04 10.71 31.87
N LEU B 261 50.84 10.99 32.35
CA LEU B 261 49.84 9.95 32.51
C LEU B 261 49.51 9.27 31.19
N ARG B 262 49.52 10.04 30.11
CA ARG B 262 48.96 9.58 28.85
C ARG B 262 49.76 8.43 28.25
N ARG B 263 51.09 8.53 28.24
CA ARG B 263 51.92 7.36 27.99
C ARG B 263 51.61 6.25 28.98
N GLU B 264 51.48 6.60 30.25
CA GLU B 264 51.49 5.65 31.35
C GLU B 264 50.16 4.94 31.52
N LEU B 265 49.14 5.30 30.74
CA LEU B 265 47.96 4.46 30.54
C LEU B 265 47.96 3.81 29.17
N GLU B 266 48.49 4.50 28.17
CA GLU B 266 48.62 3.97 26.82
C GLU B 266 49.68 2.87 26.73
N LYS B 267 50.43 2.62 27.80
CA LYS B 267 51.44 1.58 27.85
C LYS B 267 51.02 0.37 28.66
N THR B 268 50.08 0.54 29.61
CA THR B 268 49.54 -0.58 30.37
C THR B 268 48.32 -1.20 29.71
N ILE B 269 47.60 -0.46 28.89
CA ILE B 269 46.51 -1.03 28.12
C ILE B 269 47.04 -1.87 26.96
N ASN B 270 48.25 -1.58 26.48
CA ASN B 270 48.97 -2.48 25.60
C ASN B 270 49.55 -3.68 26.34
N GLN B 271 49.41 -3.73 27.66
CA GLN B 271 49.80 -4.87 28.49
C GLN B 271 48.62 -5.72 28.92
N GLN B 272 47.39 -5.20 28.79
CA GLN B 272 46.19 -5.98 29.05
C GLN B 272 45.77 -6.71 27.79
N ARG B 273 45.20 -7.90 27.97
CA ARG B 273 44.83 -8.75 26.86
C ARG B 273 43.43 -8.41 26.35
N ILE B 274 43.21 -8.66 25.06
CA ILE B 274 41.95 -8.31 24.44
C ILE B 274 40.81 -9.15 25.00
N HIS B 275 41.04 -10.44 25.15
CA HIS B 275 40.01 -11.38 25.56
C HIS B 275 40.70 -12.69 25.91
N ALA B 276 40.13 -13.41 26.87
CA ALA B 276 40.59 -14.71 27.34
C ALA B 276 41.09 -15.63 26.23
N ARG B 277 40.44 -15.60 25.07
CA ARG B 277 40.87 -16.42 23.95
C ARG B 277 42.13 -15.85 23.29
N ILE B 278 42.20 -14.54 23.11
CA ILE B 278 43.33 -13.93 22.43
C ILE B 278 44.47 -13.75 23.41
N GLY B 279 45.69 -14.07 22.97
CA GLY B 279 46.88 -13.88 23.76
C GLY B 279 47.57 -12.55 23.57
N GLN B 280 47.21 -11.82 22.51
CA GLN B 280 47.78 -10.51 22.26
C GLN B 280 47.36 -9.52 23.34
N GLY B 281 47.90 -8.31 23.23
CA GLY B 281 47.49 -7.20 24.09
C GLY B 281 46.67 -6.20 23.29
N VAL B 282 45.82 -5.45 23.99
CA VAL B 282 44.93 -4.51 23.33
C VAL B 282 45.80 -3.47 22.61
N PRO B 283 45.76 -3.36 21.29
CA PRO B 283 46.70 -2.47 20.61
C PRO B 283 46.36 -1.01 20.85
N VAL B 284 47.30 -0.16 20.44
CA VAL B 284 47.20 1.29 20.59
C VAL B 284 47.60 1.92 19.28
N VAL B 285 46.82 2.89 18.84
CA VAL B 285 47.11 3.67 17.65
C VAL B 285 47.29 5.11 18.10
N ALA B 286 47.66 5.99 17.17
CA ALA B 286 47.76 7.42 17.46
C ALA B 286 47.38 8.22 16.23
N LEU B 287 46.47 9.16 16.43
CA LEU B 287 45.91 9.97 15.36
C LEU B 287 46.35 11.43 15.56
N ILE B 288 46.63 12.11 14.45
CA ILE B 288 47.20 13.46 14.49
C ILE B 288 46.29 14.37 13.68
N PHE B 289 45.73 15.39 14.33
CA PHE B 289 45.01 16.47 13.68
C PHE B 289 45.78 17.78 13.86
N GLU B 290 46.52 18.18 12.83
CA GLU B 290 47.10 19.51 12.66
C GLU B 290 48.32 19.80 13.53
N GLY B 291 48.61 18.92 14.50
CA GLY B 291 49.84 18.90 15.28
C GLY B 291 50.39 20.23 15.75
N GLY B 292 51.72 20.32 15.73
CA GLY B 292 52.46 21.41 16.30
C GLY B 292 53.93 21.03 16.44
N PRO B 293 54.76 21.89 17.02
CA PRO B 293 56.19 21.57 17.12
C PRO B 293 56.48 20.40 18.05
N ASN B 294 55.91 20.42 19.26
CA ASN B 294 56.06 19.28 20.16
C ASN B 294 55.38 18.04 19.62
N VAL B 295 54.40 18.22 18.74
CA VAL B 295 53.70 17.08 18.16
C VAL B 295 54.64 16.32 17.22
N ILE B 296 55.29 17.05 16.30
CA ILE B 296 56.22 16.45 15.34
C ILE B 296 57.30 15.68 16.07
N LEU B 297 57.66 16.12 17.28
CA LEU B 297 58.60 15.36 18.09
C LEU B 297 57.96 14.05 18.57
N THR B 298 56.76 14.12 19.14
CA THR B 298 56.18 12.95 19.80
C THR B 298 55.54 11.98 18.80
N VAL B 299 55.19 12.44 17.61
CA VAL B 299 54.82 11.51 16.54
C VAL B 299 55.99 10.56 16.31
N LEU B 300 57.20 11.10 16.27
CA LEU B 300 58.35 10.32 15.85
C LEU B 300 58.72 9.25 16.85
N GLU B 301 58.77 9.61 18.14
CA GLU B 301 59.28 8.70 19.17
C GLU B 301 58.49 7.40 19.23
N TYR B 302 57.23 7.42 18.83
CA TYR B 302 56.48 6.18 18.66
C TYR B 302 57.10 5.30 17.59
N LEU B 303 57.32 5.88 16.40
CA LEU B 303 57.98 5.17 15.30
C LEU B 303 59.36 4.66 15.69
N GLN B 304 59.97 5.23 16.72
CA GLN B 304 61.28 4.80 17.22
C GLN B 304 61.16 3.82 18.38
N GLU B 305 60.44 4.19 19.43
CA GLU B 305 60.37 3.38 20.65
C GLU B 305 59.74 2.02 20.37
N SER B 306 60.08 1.05 21.20
CA SER B 306 59.49 -0.30 21.16
C SER B 306 58.57 -0.48 22.35
N PRO B 307 57.34 -1.01 22.18
CA PRO B 307 56.67 -1.57 21.00
C PRO B 307 56.35 -0.51 19.95
N PRO B 308 56.39 -0.86 18.65
CA PRO B 308 56.18 0.16 17.63
C PRO B 308 54.74 0.61 17.53
N VAL B 309 54.35 1.52 18.42
CA VAL B 309 53.03 2.16 18.37
C VAL B 309 52.91 2.86 17.02
N PRO B 310 52.01 2.45 16.12
CA PRO B 310 51.90 3.16 14.84
C PRO B 310 51.23 4.51 15.00
N VAL B 311 51.03 5.19 13.88
CA VAL B 311 50.47 6.53 13.86
C VAL B 311 49.65 6.69 12.58
N VAL B 312 48.60 7.50 12.66
CA VAL B 312 47.65 7.70 11.56
C VAL B 312 47.61 9.17 11.15
N VAL B 313 48.78 9.81 11.10
CA VAL B 313 48.84 11.23 10.75
C VAL B 313 48.11 11.49 9.44
N CYS B 314 47.05 12.30 9.53
CA CYS B 314 46.19 12.59 8.39
C CYS B 314 46.67 13.85 7.70
N GLU B 315 46.54 13.88 6.37
CA GLU B 315 47.24 14.92 5.62
C GLU B 315 46.47 16.23 5.53
N GLY B 316 45.14 16.17 5.56
CA GLY B 316 44.34 17.33 5.22
C GLY B 316 44.10 18.32 6.34
N THR B 317 44.36 17.94 7.59
CA THR B 317 43.91 18.72 8.73
C THR B 317 44.53 20.11 8.76
N GLY B 318 45.85 20.20 8.89
CA GLY B 318 46.46 21.52 8.89
C GLY B 318 47.95 21.51 9.16
N ARG B 319 48.39 22.57 9.83
CA ARG B 319 49.76 23.07 9.87
C ARG B 319 50.85 22.01 9.93
N ALA B 320 50.90 21.24 11.02
CA ALA B 320 51.96 20.24 11.16
C ALA B 320 51.63 18.99 10.36
N ALA B 321 50.40 18.50 10.50
CA ALA B 321 49.99 17.26 9.85
C ALA B 321 50.04 17.37 8.33
N ASP B 322 49.79 18.55 7.78
CA ASP B 322 50.00 18.79 6.35
C ASP B 322 51.42 18.42 5.96
N LEU B 323 52.41 18.97 6.68
CA LEU B 323 53.79 18.84 6.26
C LEU B 323 54.35 17.46 6.58
N LEU B 324 53.91 16.84 7.67
CA LEU B 324 54.29 15.47 7.96
C LEU B 324 53.75 14.52 6.89
N ALA B 325 52.67 14.89 6.22
CA ALA B 325 52.16 14.14 5.09
C ALA B 325 52.67 14.65 3.75
N TYR B 326 52.92 15.96 3.65
CA TYR B 326 53.55 16.49 2.43
C TYR B 326 54.89 15.83 2.17
N ILE B 327 55.65 15.58 3.23
CA ILE B 327 56.93 14.90 3.07
C ILE B 327 56.74 13.43 2.69
N HIS B 328 55.58 12.85 3.01
CA HIS B 328 55.32 11.47 2.61
C HIS B 328 55.17 11.35 1.10
N LYS B 329 54.67 12.40 0.45
CA LYS B 329 54.64 12.45 -1.01
C LYS B 329 56.03 12.62 -1.60
N GLN B 330 57.03 12.90 -0.76
CA GLN B 330 58.44 12.96 -1.16
C GLN B 330 59.23 12.00 -0.27
N THR B 331 60.56 12.06 -0.31
CA THR B 331 61.42 11.33 0.63
C THR B 331 61.14 9.83 0.55
N GLU B 332 61.35 9.26 -0.63
CA GLU B 332 60.85 7.92 -0.91
C GLU B 332 61.72 6.87 -0.23
N GLU B 333 61.08 5.97 0.51
CA GLU B 333 61.76 5.06 1.43
C GLU B 333 62.75 5.80 2.32
N GLY B 334 62.36 6.98 2.82
CA GLY B 334 63.18 7.65 3.80
C GLY B 334 64.48 8.18 3.25
N GLY B 335 65.57 7.47 3.56
CA GLY B 335 66.93 7.87 3.26
C GLY B 335 67.15 8.49 1.89
N ASN B 336 66.48 8.00 0.86
CA ASN B 336 66.52 8.68 -0.44
C ASN B 336 65.82 10.01 -0.29
N LEU B 337 66.56 11.09 -0.55
CA LEU B 337 66.16 12.43 -0.17
C LEU B 337 66.51 13.40 -1.28
N PRO B 338 65.53 14.04 -1.95
CA PRO B 338 65.89 15.09 -2.91
C PRO B 338 66.50 16.29 -2.20
N ASP B 339 67.81 16.47 -2.38
CA ASP B 339 68.49 17.60 -1.77
C ASP B 339 68.03 18.93 -2.36
N ALA B 340 67.37 18.91 -3.52
CA ALA B 340 66.76 20.11 -4.07
C ALA B 340 65.39 20.40 -3.48
N ALA B 341 64.77 19.42 -2.82
CA ALA B 341 63.48 19.62 -2.16
C ALA B 341 63.62 20.04 -0.70
N GLU B 342 64.74 19.73 -0.05
CA GLU B 342 64.87 20.11 1.35
C GLU B 342 64.94 21.62 1.55
N PRO B 343 65.39 22.45 0.60
CA PRO B 343 65.10 23.89 0.72
C PRO B 343 63.64 24.19 0.45
N ASP B 344 63.01 23.46 -0.47
CA ASP B 344 61.64 23.75 -0.82
C ASP B 344 60.68 23.41 0.32
N ILE B 345 60.84 22.23 0.93
CA ILE B 345 59.94 21.86 2.01
C ILE B 345 60.20 22.69 3.26
N ILE B 346 61.47 22.99 3.57
CA ILE B 346 61.76 23.89 4.68
C ILE B 346 61.16 25.26 4.42
N SER B 347 61.08 25.67 3.15
CA SER B 347 60.36 26.90 2.83
C SER B 347 58.87 26.74 3.12
N THR B 348 58.35 25.52 3.00
CA THR B 348 56.98 25.26 3.45
C THR B 348 56.91 25.16 4.98
N ILE B 349 57.98 24.69 5.62
CA ILE B 349 58.02 24.72 7.09
C ILE B 349 58.19 26.16 7.56
N LYS B 350 58.92 26.98 6.79
CA LYS B 350 59.14 28.37 7.19
C LYS B 350 57.83 29.15 7.28
N LYS B 351 56.90 28.89 6.36
CA LYS B 351 55.71 29.71 6.24
C LYS B 351 54.57 29.28 7.15
N THR B 352 54.59 28.03 7.63
CA THR B 352 53.47 27.50 8.41
C THR B 352 53.61 27.75 9.89
N PHE B 353 54.81 27.52 10.44
CA PHE B 353 55.08 27.68 11.87
C PHE B 353 55.79 28.98 12.20
N ASN B 354 55.76 29.97 11.28
CA ASN B 354 56.64 31.15 11.25
C ASN B 354 58.02 30.79 11.76
N PHE B 355 58.63 29.82 11.08
CA PHE B 355 59.66 28.95 11.62
C PHE B 355 61.06 29.46 11.30
N GLY B 356 62.00 29.14 12.19
CA GLY B 356 63.36 29.64 12.06
C GLY B 356 64.22 28.72 11.22
N GLN B 357 65.27 29.31 10.63
CA GLN B 357 66.22 28.55 9.82
C GLN B 357 67.35 27.94 10.63
N SER B 358 67.74 28.57 11.74
CA SER B 358 68.65 27.92 12.68
C SER B 358 68.05 26.64 13.22
N GLU B 359 66.74 26.62 13.42
CA GLU B 359 66.02 25.45 13.90
C GLU B 359 65.52 24.56 12.77
N ALA B 360 65.95 24.82 11.53
CA ALA B 360 65.40 24.09 10.38
C ALA B 360 66.14 22.80 10.07
N VAL B 361 67.24 22.52 10.77
CA VAL B 361 67.95 21.26 10.53
C VAL B 361 67.30 20.14 11.36
N HIS B 362 67.04 20.39 12.64
CA HIS B 362 66.61 19.32 13.52
C HIS B 362 65.11 19.02 13.37
N LEU B 363 64.29 20.05 13.14
CA LEU B 363 62.88 19.80 12.86
C LEU B 363 62.74 19.08 11.53
N PHE B 364 63.47 19.52 10.51
CA PHE B 364 63.56 18.75 9.27
C PHE B 364 64.10 17.35 9.55
N GLN B 365 65.12 17.26 10.41
CA GLN B 365 65.66 15.95 10.78
C GLN B 365 64.60 15.10 11.47
N THR B 366 63.78 15.71 12.33
CA THR B 366 62.71 14.97 12.99
C THR B 366 61.76 14.35 11.97
N MET B 367 61.58 15.01 10.83
CA MET B 367 60.76 14.46 9.76
C MET B 367 61.48 13.41 8.93
N MET B 368 62.75 13.13 9.22
CA MET B 368 63.49 12.12 8.47
C MET B 368 63.25 10.73 9.04
N GLU B 369 63.56 10.53 10.32
CA GLU B 369 63.28 9.25 10.97
C GLU B 369 61.79 8.92 10.93
N CYS B 370 60.94 9.92 10.81
CA CYS B 370 59.55 9.68 10.45
C CYS B 370 59.48 8.98 9.10
N MET B 371 60.25 9.48 8.14
CA MET B 371 60.23 8.93 6.80
C MET B 371 61.14 7.71 6.65
N LYS B 372 62.05 7.48 7.59
CA LYS B 372 62.76 6.21 7.58
C LYS B 372 61.83 5.06 7.96
N LYS B 373 60.81 5.35 8.77
CA LYS B 373 59.76 4.39 9.10
C LYS B 373 58.50 4.63 8.26
N LYS B 374 58.62 4.58 6.93
CA LYS B 374 57.44 4.69 6.05
C LYS B 374 56.80 3.33 5.83
N GLU B 375 56.51 2.64 6.94
CA GLU B 375 55.84 1.35 6.91
C GLU B 375 54.64 1.37 7.85
N LEU B 376 54.79 1.98 9.03
CA LEU B 376 53.73 2.05 10.02
C LEU B 376 53.21 3.47 10.22
N ILE B 377 53.88 4.49 9.68
CA ILE B 377 53.30 5.83 9.60
C ILE B 377 52.31 5.87 8.45
N THR B 378 51.06 5.55 8.75
CA THR B 378 50.01 5.48 7.74
C THR B 378 49.53 6.89 7.44
N VAL B 379 50.16 7.50 6.45
CA VAL B 379 49.81 8.87 6.06
C VAL B 379 48.55 8.79 5.23
N PHE B 380 47.40 8.96 5.88
CA PHE B 380 46.11 8.82 5.24
C PHE B 380 45.87 9.97 4.27
N HIS B 381 45.81 9.67 2.97
CA HIS B 381 45.52 10.70 1.97
C HIS B 381 44.01 10.87 1.92
N ILE B 382 43.52 11.80 2.75
CA ILE B 382 42.10 12.14 2.84
C ILE B 382 41.48 12.47 1.49
N GLY B 383 42.25 13.05 0.57
CA GLY B 383 41.73 13.49 -0.69
C GLY B 383 41.12 12.38 -1.53
N SER B 384 41.90 11.34 -1.77
CA SER B 384 41.48 10.23 -2.62
C SER B 384 40.85 9.13 -1.76
N GLU B 385 40.67 7.96 -2.38
CA GLU B 385 40.19 6.77 -1.68
C GLU B 385 41.33 5.97 -1.05
N ASP B 386 42.44 6.64 -0.74
CA ASP B 386 43.67 5.98 -0.31
C ASP B 386 43.46 5.11 0.93
N HIS B 387 43.53 3.80 0.72
CA HIS B 387 43.43 2.71 1.68
C HIS B 387 42.06 2.48 2.28
N GLN B 388 41.20 3.52 2.34
CA GLN B 388 39.74 3.49 2.23
C GLN B 388 39.31 4.77 2.94
N ASP B 389 38.03 4.93 3.28
CA ASP B 389 37.69 5.86 4.35
C ASP B 389 38.56 5.62 5.59
N ILE B 390 38.78 6.68 6.38
CA ILE B 390 39.73 6.67 7.50
C ILE B 390 39.45 5.56 8.50
N ASP B 391 38.18 5.16 8.66
CA ASP B 391 37.82 4.08 9.58
C ASP B 391 38.65 2.83 9.34
N VAL B 392 38.83 2.48 8.07
CA VAL B 392 39.60 1.29 7.71
C VAL B 392 41.08 1.56 7.84
N ALA B 393 41.50 2.78 7.52
CA ALA B 393 42.90 3.17 7.58
C ALA B 393 43.50 2.94 8.96
N ILE B 394 42.79 3.37 10.00
CA ILE B 394 43.25 3.17 11.36
C ILE B 394 43.39 1.68 11.64
N LEU B 395 42.30 0.93 11.46
CA LEU B 395 42.34 -0.50 11.72
C LEU B 395 43.30 -1.22 10.79
N THR B 396 43.48 -0.70 9.58
CA THR B 396 44.47 -1.27 8.67
C THR B 396 45.89 -0.90 9.08
N ALA B 397 46.05 0.24 9.76
CA ALA B 397 47.38 0.67 10.17
C ALA B 397 47.96 -0.26 11.23
N LEU B 398 47.10 -0.87 12.03
CA LEU B 398 47.57 -1.72 13.11
C LEU B 398 48.04 -3.07 12.60
N LEU B 399 47.28 -3.66 11.69
CA LEU B 399 47.58 -5.00 11.21
C LEU B 399 48.87 -4.98 10.39
N LYS B 400 48.88 -4.21 9.32
CA LYS B 400 50.06 -4.06 8.49
C LYS B 400 51.01 -3.08 9.17
N GLY B 401 52.00 -3.63 9.88
CA GLY B 401 53.07 -2.82 10.44
C GLY B 401 53.65 -3.26 11.75
N THR B 402 52.89 -3.96 12.59
CA THR B 402 53.45 -4.50 13.82
C THR B 402 53.94 -5.94 13.61
N ASN B 403 54.71 -6.13 12.53
CA ASN B 403 55.44 -7.36 12.19
C ASN B 403 54.68 -8.63 12.54
N ALA B 404 53.37 -8.65 12.29
CA ALA B 404 52.47 -9.65 12.84
C ALA B 404 52.02 -10.61 11.75
N SER B 405 52.00 -11.89 12.09
CA SER B 405 51.53 -12.92 11.18
C SER B 405 50.09 -12.65 10.78
N ALA B 406 49.69 -13.18 9.62
CA ALA B 406 48.33 -13.03 9.15
C ALA B 406 47.34 -13.63 10.13
N PHE B 407 47.75 -14.71 10.81
CA PHE B 407 47.00 -15.21 11.95
C PHE B 407 46.87 -14.14 13.03
N ASP B 408 48.01 -13.59 13.46
CA ASP B 408 48.01 -12.56 14.48
C ASP B 408 47.25 -11.32 14.02
N GLN B 409 47.16 -11.10 12.70
CA GLN B 409 46.28 -10.06 12.17
C GLN B 409 44.83 -10.49 12.20
N LEU B 410 44.57 -11.78 11.99
CA LEU B 410 43.20 -12.28 11.98
C LEU B 410 42.61 -12.32 13.37
N ILE B 411 43.42 -12.69 14.36
CA ILE B 411 42.93 -12.83 15.73
C ILE B 411 42.51 -11.48 16.28
N LEU B 412 43.09 -10.40 15.77
CA LEU B 412 42.69 -9.07 16.20
C LEU B 412 41.35 -8.69 15.59
N THR B 413 41.24 -8.76 14.25
CA THR B 413 39.97 -8.49 13.57
C THR B 413 38.86 -9.40 14.06
N LEU B 414 39.20 -10.62 14.47
CA LEU B 414 38.23 -11.48 15.10
C LEU B 414 37.73 -10.90 16.41
N ALA B 415 38.57 -10.14 17.11
CA ALA B 415 38.16 -9.52 18.36
C ALA B 415 37.34 -8.26 18.10
N TRP B 416 37.84 -7.41 17.19
CA TRP B 416 37.10 -6.23 16.76
C TRP B 416 35.74 -6.60 16.18
N ASP B 417 35.64 -7.77 15.56
CA ASP B 417 34.46 -8.21 14.81
C ASP B 417 34.28 -7.36 13.55
N ARG B 418 35.40 -6.91 12.99
CA ARG B 418 35.42 -6.25 11.68
C ARG B 418 35.85 -7.28 10.65
N VAL B 419 34.88 -7.77 9.88
CA VAL B 419 35.18 -8.73 8.84
C VAL B 419 35.74 -8.04 7.60
N ASP B 420 35.24 -6.84 7.27
CA ASP B 420 35.65 -6.14 6.06
C ASP B 420 37.14 -5.89 6.04
N ILE B 421 37.73 -5.69 7.21
CA ILE B 421 39.18 -5.64 7.33
C ILE B 421 39.80 -6.95 6.87
N ALA B 422 39.16 -8.08 7.19
CA ALA B 422 39.74 -9.39 6.90
C ALA B 422 39.61 -9.75 5.43
N LYS B 423 38.46 -9.43 4.83
CA LYS B 423 38.20 -9.80 3.45
C LYS B 423 39.06 -9.03 2.46
N ASN B 424 39.69 -7.93 2.87
CA ASN B 424 40.34 -7.01 1.95
C ASN B 424 41.71 -6.53 2.42
N HIS B 425 42.19 -6.99 3.58
CA HIS B 425 43.55 -6.66 4.01
C HIS B 425 44.27 -7.84 4.67
N VAL B 426 43.60 -8.98 4.82
CA VAL B 426 44.23 -10.20 5.33
C VAL B 426 44.03 -11.35 4.34
N PHE B 427 42.81 -11.56 3.88
CA PHE B 427 42.51 -12.52 2.81
C PHE B 427 42.59 -11.84 1.45
N VAL B 428 43.79 -11.36 1.12
CA VAL B 428 43.98 -10.55 -0.08
C VAL B 428 44.53 -11.37 -1.23
N TYR B 429 45.74 -11.92 -1.06
CA TYR B 429 46.52 -12.50 -2.16
C TYR B 429 47.49 -13.49 -1.53
N GLY B 430 48.52 -13.87 -2.29
CA GLY B 430 49.64 -14.66 -1.81
C GLY B 430 50.09 -14.28 -0.41
N GLN B 431 50.00 -15.25 0.50
CA GLN B 431 50.10 -15.02 1.93
C GLN B 431 50.23 -16.40 2.58
N GLN B 432 51.06 -16.48 3.63
CA GLN B 432 51.60 -17.77 4.04
C GLN B 432 50.51 -18.74 4.49
N TRP B 433 49.57 -18.28 5.32
CA TRP B 433 48.42 -19.08 5.78
C TRP B 433 48.81 -20.47 6.25
N LEU B 434 49.58 -20.52 7.34
CA LEU B 434 49.94 -21.80 7.92
C LEU B 434 48.69 -22.52 8.40
N VAL B 435 48.38 -23.66 7.77
CA VAL B 435 47.08 -24.32 7.88
C VAL B 435 46.63 -24.56 9.32
N GLY B 436 47.55 -24.95 10.20
CA GLY B 436 47.21 -25.09 11.60
C GLY B 436 46.70 -23.80 12.23
N SER B 437 47.10 -22.65 11.70
CA SER B 437 46.67 -21.37 12.21
C SER B 437 45.19 -21.15 11.94
N LEU B 438 44.78 -21.29 10.66
CA LEU B 438 43.39 -21.17 10.26
C LEU B 438 42.47 -22.01 11.13
N GLU B 439 42.89 -23.25 11.42
CA GLU B 439 42.11 -24.11 12.29
C GLU B 439 41.90 -23.47 13.65
N GLN B 440 42.99 -23.01 14.28
CA GLN B 440 42.87 -22.42 15.60
C GLN B 440 42.01 -21.16 15.60
N ALA B 441 41.99 -20.42 14.49
CA ALA B 441 41.14 -19.25 14.40
C ALA B 441 39.67 -19.65 14.35
N MET B 442 39.36 -20.76 13.68
CA MET B 442 37.99 -21.24 13.68
C MET B 442 37.54 -21.60 15.08
N LEU B 443 38.45 -22.19 15.86
CA LEU B 443 38.12 -22.53 17.24
C LEU B 443 37.73 -21.31 18.04
N ASP B 444 38.26 -20.14 17.68
CA ASP B 444 37.99 -18.93 18.44
C ASP B 444 36.73 -18.24 17.95
N ALA B 445 36.55 -18.14 16.64
CA ALA B 445 35.32 -17.61 16.07
C ALA B 445 34.10 -18.42 16.47
N LEU B 446 34.27 -19.72 16.72
CA LEU B 446 33.17 -20.55 17.13
C LEU B 446 32.80 -20.30 18.59
N VAL B 447 33.79 -20.35 19.49
CA VAL B 447 33.49 -20.18 20.90
C VAL B 447 32.88 -18.81 21.17
N MET B 448 33.24 -17.78 20.40
CA MET B 448 32.61 -16.51 20.72
C MET B 448 31.20 -16.45 20.15
N ASP B 449 31.00 -15.85 18.97
CA ASP B 449 29.86 -16.17 18.12
C ASP B 449 30.10 -15.72 16.69
N ARG B 450 31.36 -15.45 16.32
CA ARG B 450 31.66 -14.60 15.17
C ARG B 450 31.35 -15.35 13.89
N VAL B 451 30.05 -15.40 13.58
CA VAL B 451 29.56 -16.09 12.40
C VAL B 451 30.24 -15.61 11.13
N SER B 452 30.54 -14.31 11.04
CA SER B 452 30.99 -13.74 9.79
C SER B 452 32.40 -14.17 9.45
N PHE B 453 33.20 -14.50 10.47
CA PHE B 453 34.54 -15.03 10.22
C PHE B 453 34.49 -16.53 9.97
N VAL B 454 33.49 -17.22 10.52
CA VAL B 454 33.27 -18.62 10.20
C VAL B 454 33.02 -18.76 8.71
N LYS B 455 32.03 -18.02 8.20
CA LYS B 455 31.76 -17.94 6.78
C LYS B 455 33.02 -17.60 6.00
N LEU B 456 33.78 -16.65 6.51
CA LEU B 456 35.00 -16.25 5.83
C LEU B 456 36.00 -17.38 5.76
N LEU B 457 36.19 -18.08 6.89
CA LEU B 457 37.19 -19.13 6.95
C LEU B 457 36.76 -20.35 6.14
N ILE B 458 35.47 -20.68 6.16
CA ILE B 458 34.97 -21.74 5.29
C ILE B 458 35.21 -21.38 3.84
N GLU B 459 34.98 -20.12 3.49
CA GLU B 459 35.21 -19.64 2.13
C GLU B 459 36.68 -19.32 1.86
N ASN B 460 37.58 -19.74 2.75
CA ASN B 460 39.00 -19.70 2.48
C ASN B 460 39.71 -20.96 2.98
N GLY B 461 39.03 -22.10 2.92
CA GLY B 461 39.69 -23.39 3.08
C GLY B 461 39.80 -23.91 4.49
N VAL B 462 38.66 -24.11 5.14
CA VAL B 462 38.60 -24.83 6.40
C VAL B 462 37.55 -25.92 6.25
N SER B 463 37.98 -27.12 5.85
CA SER B 463 37.07 -28.25 5.74
C SER B 463 36.81 -28.79 7.13
N MET B 464 35.57 -28.60 7.60
CA MET B 464 35.19 -28.97 8.95
C MET B 464 35.48 -30.43 9.27
N HIS B 465 35.53 -31.29 8.26
CA HIS B 465 35.90 -32.68 8.51
C HIS B 465 37.26 -32.76 9.18
N LYS B 466 38.22 -32.01 8.66
CA LYS B 466 39.55 -31.97 9.26
C LYS B 466 39.54 -31.26 10.62
N PHE B 467 38.81 -30.16 10.72
CA PHE B 467 38.69 -29.38 11.95
C PHE B 467 37.35 -29.71 12.61
N LEU B 468 37.21 -30.91 13.16
CA LEU B 468 36.15 -31.08 14.15
C LEU B 468 36.45 -32.23 15.10
N THR B 469 37.73 -32.47 15.41
CA THR B 469 38.12 -33.63 16.19
C THR B 469 37.43 -33.66 17.55
N ILE B 470 37.60 -34.78 18.25
CA ILE B 470 36.89 -34.98 19.51
C ILE B 470 37.31 -33.92 20.53
N PRO B 471 38.60 -33.72 20.85
CA PRO B 471 38.93 -32.78 21.92
C PRO B 471 38.60 -31.34 21.60
N ARG B 472 38.66 -30.95 20.33
CA ARG B 472 38.27 -29.59 19.96
C ARG B 472 36.83 -29.32 20.33
N LEU B 473 35.91 -30.19 19.90
CA LEU B 473 34.49 -30.00 20.15
C LEU B 473 34.12 -30.18 21.61
N GLU B 474 34.93 -30.90 22.39
CA GLU B 474 34.72 -30.93 23.82
C GLU B 474 34.85 -29.53 24.42
N GLU B 475 35.75 -28.72 23.88
CA GLU B 475 35.91 -27.37 24.38
C GLU B 475 34.67 -26.55 24.10
N LEU B 476 34.23 -26.56 22.83
CA LEU B 476 33.15 -25.72 22.34
C LEU B 476 31.91 -25.75 23.23
N TYR B 477 31.65 -26.87 23.91
CA TYR B 477 30.66 -26.89 24.96
C TYR B 477 31.19 -26.26 26.25
N ASN B 478 32.46 -26.55 26.56
CA ASN B 478 33.08 -26.16 27.82
C ASN B 478 33.83 -24.84 27.70
N THR B 479 33.15 -23.79 27.28
CA THR B 479 33.71 -22.45 27.24
C THR B 479 32.72 -21.47 27.82
N LYS B 480 33.14 -20.76 28.85
CA LYS B 480 32.54 -19.50 29.24
C LYS B 480 33.11 -18.33 28.46
N GLN B 481 34.04 -18.59 27.54
CA GLN B 481 34.65 -17.56 26.72
C GLN B 481 33.74 -17.21 25.54
N GLY B 482 32.52 -16.84 25.84
CA GLY B 482 31.55 -16.47 24.83
C GLY B 482 30.13 -16.57 25.35
N PRO B 483 29.17 -16.14 24.54
CA PRO B 483 27.75 -16.31 24.91
C PRO B 483 27.41 -17.76 25.25
N THR B 484 26.92 -17.94 26.46
CA THR B 484 26.67 -19.25 27.03
C THR B 484 25.17 -19.38 27.31
N ASN B 485 24.70 -20.62 27.47
CA ASN B 485 23.34 -20.91 27.86
C ASN B 485 23.36 -21.61 29.21
N PRO B 486 22.78 -21.03 30.27
CA PRO B 486 22.82 -21.72 31.57
C PRO B 486 22.01 -23.01 31.63
N MET B 487 21.10 -23.23 30.68
CA MET B 487 20.35 -24.48 30.65
C MET B 487 21.26 -25.69 30.55
N LEU B 488 22.28 -25.60 29.70
CA LEU B 488 23.07 -26.78 29.36
C LEU B 488 23.77 -27.35 30.58
N PHE B 489 24.27 -26.47 31.44
CA PHE B 489 24.85 -26.93 32.70
C PHE B 489 23.79 -27.31 33.72
N HIS B 490 22.52 -26.96 33.46
CA HIS B 490 21.43 -27.41 34.29
C HIS B 490 20.83 -28.71 33.78
N LEU B 491 20.83 -28.91 32.46
CA LEU B 491 20.36 -30.16 31.90
C LEU B 491 21.27 -31.31 32.26
N ILE B 492 22.58 -31.09 32.15
CA ILE B 492 23.55 -32.16 32.33
C ILE B 492 23.53 -32.66 33.76
N ARG B 493 23.41 -31.75 34.72
CA ARG B 493 23.31 -32.17 36.13
C ARG B 493 21.99 -32.87 36.44
N ASP B 494 20.98 -32.70 35.60
CA ASP B 494 19.72 -33.42 35.79
C ASP B 494 19.83 -34.86 35.32
N VAL B 495 20.29 -35.07 34.08
CA VAL B 495 20.34 -36.41 33.51
C VAL B 495 21.36 -37.28 34.26
N LYS B 496 22.46 -36.69 34.69
CA LYS B 496 23.39 -37.40 35.56
C LYS B 496 22.79 -37.70 36.92
N GLN B 497 21.69 -37.05 37.29
CA GLN B 497 20.96 -37.31 38.53
C GLN B 497 21.86 -37.14 39.74
N GLY B 498 22.39 -35.93 39.88
CA GLY B 498 23.32 -35.63 40.94
C GLY B 498 23.78 -34.19 40.92
N ASN B 499 25.09 -33.99 41.04
CA ASN B 499 25.68 -32.67 41.03
C ASN B 499 27.06 -32.77 40.39
N LEU B 500 27.32 -31.88 39.44
CA LEU B 500 28.58 -31.91 38.72
C LEU B 500 29.75 -31.71 39.69
N PRO B 501 30.84 -32.46 39.54
CA PRO B 501 32.04 -32.17 40.34
C PRO B 501 32.53 -30.76 40.09
N PRO B 502 33.48 -30.28 40.91
CA PRO B 502 33.84 -28.85 40.87
C PRO B 502 34.30 -28.35 39.51
N GLY B 503 35.32 -28.97 38.91
CA GLY B 503 35.79 -28.54 37.61
C GLY B 503 34.85 -28.96 36.49
N TYR B 504 34.80 -30.27 36.22
CA TYR B 504 33.84 -30.86 35.29
C TYR B 504 33.84 -30.25 33.90
N LYS B 505 34.81 -30.60 33.06
CA LYS B 505 34.66 -30.41 31.64
C LYS B 505 33.63 -31.43 31.13
N ILE B 506 32.59 -30.93 30.47
CA ILE B 506 31.54 -31.77 29.90
C ILE B 506 32.15 -32.76 28.92
N THR B 507 31.70 -34.00 28.99
CA THR B 507 32.02 -35.01 28.00
C THR B 507 30.91 -35.07 26.95
N LEU B 508 31.27 -35.50 25.74
CA LEU B 508 30.27 -35.61 24.69
C LEU B 508 29.27 -36.70 24.98
N ILE B 509 29.63 -37.67 25.82
CA ILE B 509 28.63 -38.61 26.32
C ILE B 509 27.52 -37.85 27.02
N ASP B 510 27.88 -36.89 27.86
CA ASP B 510 26.90 -36.14 28.63
C ASP B 510 25.97 -35.35 27.73
N ILE B 511 26.46 -34.94 26.57
CA ILE B 511 25.62 -34.25 25.60
C ILE B 511 24.62 -35.21 24.98
N GLY B 512 25.08 -36.42 24.63
CA GLY B 512 24.16 -37.41 24.09
C GLY B 512 23.02 -37.70 25.04
N LEU B 513 23.33 -37.76 26.34
CA LEU B 513 22.29 -37.97 27.33
C LEU B 513 21.36 -36.77 27.46
N VAL B 514 21.70 -35.64 26.84
CA VAL B 514 20.81 -34.49 26.80
C VAL B 514 19.94 -34.54 25.56
N ILE B 515 20.55 -34.79 24.40
CA ILE B 515 19.82 -34.74 23.15
C ILE B 515 18.87 -35.92 23.06
N GLU B 516 19.28 -37.08 23.55
CA GLU B 516 18.39 -38.21 23.71
C GLU B 516 17.31 -37.96 24.74
N TYR B 517 17.49 -36.94 25.59
CA TYR B 517 16.47 -36.50 26.52
C TYR B 517 15.66 -35.35 25.95
N LEU B 518 16.29 -34.48 25.18
CA LEU B 518 15.58 -33.36 24.57
C LEU B 518 14.68 -33.84 23.44
N MET B 519 15.28 -34.51 22.46
CA MET B 519 14.51 -35.01 21.33
C MET B 519 13.50 -36.04 21.76
N GLY B 520 13.93 -37.02 22.51
CA GLY B 520 13.02 -37.82 23.30
C GLY B 520 12.49 -39.03 22.55
N GLY B 521 11.78 -39.87 23.30
CA GLY B 521 11.29 -41.10 22.74
C GLY B 521 12.41 -42.11 22.63
N THR B 522 12.63 -42.58 21.41
CA THR B 522 13.67 -43.56 21.10
C THR B 522 14.81 -42.95 20.30
N TYR B 523 15.02 -41.64 20.42
CA TYR B 523 16.13 -41.01 19.73
C TYR B 523 17.42 -41.44 20.39
N ARG B 524 18.35 -41.94 19.59
CA ARG B 524 19.63 -42.45 20.06
C ARG B 524 20.72 -41.74 19.28
N CYS B 525 21.56 -40.98 19.98
CA CYS B 525 22.54 -40.13 19.33
C CYS B 525 23.86 -40.85 19.15
N THR B 526 24.64 -40.38 18.16
CA THR B 526 25.97 -40.92 17.86
C THR B 526 26.82 -41.04 19.13
N TYR B 527 26.67 -40.11 20.07
CA TYR B 527 27.58 -40.00 21.20
C TYR B 527 27.42 -41.17 22.15
N THR B 528 26.19 -41.61 22.39
CA THR B 528 25.95 -42.66 23.36
C THR B 528 26.19 -44.05 22.83
N ARG B 529 26.34 -44.21 21.52
CA ARG B 529 26.45 -45.52 20.94
C ARG B 529 27.81 -46.13 21.23
N LYS B 530 27.89 -47.45 21.07
CA LYS B 530 29.07 -48.19 21.48
C LYS B 530 30.29 -47.81 20.64
N ARG B 531 30.09 -47.53 19.35
CA ARG B 531 31.22 -47.13 18.51
C ARG B 531 31.87 -45.86 19.05
N PHE B 532 31.10 -44.79 19.20
CA PHE B 532 31.68 -43.54 19.69
C PHE B 532 32.13 -43.68 21.13
N ARG B 533 31.35 -44.39 21.94
CA ARG B 533 31.64 -44.54 23.36
C ARG B 533 32.92 -45.33 23.60
N LEU B 534 33.44 -46.01 22.58
CA LEU B 534 34.62 -46.85 22.69
C LEU B 534 35.86 -46.14 22.15
N ILE B 535 35.74 -45.48 21.00
CA ILE B 535 36.79 -44.61 20.48
C ILE B 535 36.98 -43.36 21.31
N TYR B 536 35.99 -42.98 22.14
CA TYR B 536 36.09 -41.80 22.98
C TYR B 536 36.92 -42.09 24.22
N ASN B 537 36.51 -43.09 25.00
CA ASN B 537 37.29 -43.51 26.15
C ASN B 537 38.66 -44.04 25.76
N SER B 538 38.80 -44.52 24.52
CA SER B 538 40.11 -44.87 24.00
C SER B 538 41.04 -43.65 24.00
N LEU B 539 40.64 -42.60 23.30
CA LEU B 539 41.44 -41.39 23.21
C LEU B 539 41.53 -40.71 24.57
N GLU B 613 41.92 -40.63 10.88
CA GLU B 613 40.67 -39.92 10.64
C GLU B 613 39.48 -40.60 11.33
N THR B 614 39.75 -41.45 12.32
CA THR B 614 38.70 -42.02 13.15
C THR B 614 38.34 -41.11 14.31
N LYS B 615 39.25 -40.23 14.73
CA LYS B 615 38.96 -39.24 15.75
C LYS B 615 38.36 -37.96 15.16
N ARG B 616 37.89 -37.99 13.92
CA ARG B 616 37.02 -37.00 13.33
C ARG B 616 35.57 -37.47 13.47
N PHE B 617 34.63 -36.73 12.87
CA PHE B 617 33.24 -37.11 12.73
C PHE B 617 32.92 -37.29 11.25
N PRO B 618 31.95 -38.15 10.90
CA PRO B 618 31.60 -38.27 9.49
C PRO B 618 31.03 -36.98 8.91
N TYR B 619 30.01 -36.46 9.58
CA TYR B 619 29.27 -35.27 9.13
C TYR B 619 29.34 -34.20 10.21
N PRO B 620 30.22 -33.21 10.10
CA PRO B 620 30.48 -32.32 11.23
C PRO B 620 29.38 -31.31 11.54
N LEU B 621 28.83 -30.66 10.52
CA LEU B 621 27.81 -29.63 10.75
C LEU B 621 26.51 -30.18 11.29
N ASN B 622 26.40 -31.50 11.46
CA ASN B 622 25.38 -32.09 12.28
C ASN B 622 25.75 -32.06 13.75
N GLU B 623 27.04 -31.91 14.06
CA GLU B 623 27.50 -31.84 15.44
C GLU B 623 27.60 -30.41 15.93
N LEU B 624 27.92 -29.47 15.04
CA LEU B 624 27.95 -28.06 15.39
C LEU B 624 26.55 -27.47 15.44
N LEU B 625 25.63 -28.02 14.68
CA LEU B 625 24.27 -27.51 14.68
C LEU B 625 23.53 -27.89 15.95
N ILE B 626 23.80 -29.07 16.49
CA ILE B 626 23.28 -29.42 17.81
C ILE B 626 24.04 -28.69 18.91
N TRP B 627 25.18 -28.10 18.59
CA TRP B 627 25.92 -27.31 19.56
C TRP B 627 25.37 -25.90 19.65
N ALA B 628 25.26 -25.22 18.52
CA ALA B 628 24.75 -23.87 18.47
C ALA B 628 23.30 -23.76 18.93
N CYS B 629 22.59 -24.88 19.02
CA CYS B 629 21.20 -24.89 19.46
C CYS B 629 21.08 -25.24 20.93
N LEU B 630 22.08 -25.89 21.50
CA LEU B 630 22.19 -26.07 22.92
C LEU B 630 22.83 -24.87 23.60
N MET B 631 23.63 -24.10 22.87
CA MET B 631 24.26 -22.90 23.37
C MET B 631 23.56 -21.62 22.92
N LYS B 632 22.35 -21.75 22.37
CA LYS B 632 21.48 -20.63 22.02
C LYS B 632 22.19 -19.64 21.08
N ARG B 633 22.99 -20.17 20.17
CA ARG B 633 23.66 -19.37 19.15
C ARG B 633 22.96 -19.52 17.81
N GLN B 634 21.76 -18.95 17.74
CA GLN B 634 20.92 -18.96 16.54
C GLN B 634 21.70 -18.60 15.29
N VAL B 635 22.28 -17.41 15.27
CA VAL B 635 22.88 -16.85 14.06
C VAL B 635 23.97 -17.77 13.51
N MET B 636 24.59 -18.56 14.38
CA MET B 636 25.42 -19.67 13.93
C MET B 636 24.59 -20.84 13.45
N ALA B 637 23.49 -21.15 14.15
CA ALA B 637 22.69 -22.30 13.78
C ALA B 637 22.08 -22.11 12.40
N ARG B 638 21.57 -20.92 12.12
CA ARG B 638 21.11 -20.57 10.79
C ARG B 638 22.21 -20.63 9.76
N PHE B 639 23.45 -20.41 10.18
CA PHE B 639 24.56 -20.46 9.26
C PHE B 639 25.06 -21.88 9.05
N LEU B 640 25.06 -22.68 10.10
CA LEU B 640 25.48 -24.07 10.01
C LEU B 640 24.38 -24.96 9.51
N TRP B 641 23.13 -24.55 9.66
CA TRP B 641 22.02 -25.25 9.05
C TRP B 641 22.07 -25.19 7.54
N GLN B 642 22.22 -23.98 7.00
CA GLN B 642 22.13 -23.80 5.55
C GLN B 642 23.29 -24.49 4.84
N HIS B 643 24.39 -24.71 5.53
CA HIS B 643 25.49 -25.50 4.99
C HIS B 643 25.26 -26.97 5.30
N GLY B 644 26.14 -27.81 4.76
CA GLY B 644 25.97 -29.23 4.90
C GLY B 644 24.86 -29.77 4.02
N GLU B 645 24.26 -30.86 4.48
CA GLU B 645 23.16 -31.52 3.80
C GLU B 645 22.07 -31.82 4.82
N GLU B 646 21.02 -32.49 4.35
CA GLU B 646 19.89 -32.89 5.19
C GLU B 646 19.23 -31.68 5.85
N SER B 647 19.16 -30.58 5.10
CA SER B 647 18.73 -29.31 5.65
C SER B 647 17.31 -29.33 6.21
N MET B 648 16.48 -30.27 5.77
CA MET B 648 15.12 -30.35 6.30
C MET B 648 15.04 -31.20 7.56
N ALA B 649 15.99 -32.10 7.78
CA ALA B 649 16.07 -32.84 9.03
C ALA B 649 16.81 -32.08 10.10
N LYS B 650 17.65 -31.14 9.71
CA LYS B 650 18.38 -30.31 10.65
C LYS B 650 17.53 -29.18 11.20
N ALA B 651 16.56 -28.71 10.42
CA ALA B 651 15.65 -27.67 10.83
C ALA B 651 14.45 -28.18 11.59
N LEU B 652 14.30 -29.50 11.69
CA LEU B 652 13.24 -30.12 12.47
C LEU B 652 13.80 -30.84 13.68
N VAL B 653 15.11 -31.06 13.71
CA VAL B 653 15.78 -31.43 14.94
C VAL B 653 16.01 -30.19 15.80
N ALA B 654 16.57 -29.15 15.20
CA ALA B 654 16.73 -27.87 15.86
C ALA B 654 15.43 -27.40 16.52
N CYS B 655 14.35 -27.34 15.75
CA CYS B 655 13.06 -26.95 16.27
C CYS B 655 12.61 -27.83 17.42
N LYS B 656 13.08 -29.07 17.48
CA LYS B 656 12.75 -29.96 18.57
C LYS B 656 13.71 -29.82 19.72
N ILE B 657 14.95 -29.41 19.45
CA ILE B 657 15.87 -29.16 20.53
C ILE B 657 15.41 -27.94 21.33
N TYR B 658 15.31 -26.79 20.65
CA TYR B 658 14.84 -25.56 21.30
C TYR B 658 13.52 -25.76 22.04
N ARG B 659 12.49 -26.16 21.32
CA ARG B 659 11.19 -26.48 21.91
C ARG B 659 11.31 -27.37 23.14
N SER B 660 12.21 -28.35 23.11
CA SER B 660 12.40 -29.21 24.26
C SER B 660 13.30 -28.57 25.31
N MET B 661 14.02 -27.50 24.95
CA MET B 661 14.73 -26.71 25.93
C MET B 661 13.80 -25.71 26.60
N ALA B 662 12.99 -25.01 25.79
CA ALA B 662 12.00 -24.07 26.28
C ALA B 662 11.10 -24.69 27.34
N TYR B 663 10.73 -25.95 27.18
CA TYR B 663 9.86 -26.60 28.14
C TYR B 663 10.60 -26.91 29.44
N GLU B 664 11.93 -27.00 29.39
CA GLU B 664 12.71 -27.17 30.60
C GLU B 664 12.83 -25.85 31.35
N ALA B 665 12.97 -24.75 30.59
CA ALA B 665 13.03 -23.42 31.16
C ALA B 665 11.78 -23.12 32.00
N LYS B 666 10.60 -23.26 31.39
CA LYS B 666 9.35 -23.03 32.09
C LYS B 666 9.21 -23.93 33.31
N GLN B 667 9.75 -25.14 33.24
CA GLN B 667 9.55 -26.13 34.29
C GLN B 667 10.40 -25.78 35.52
N SER B 668 11.69 -25.56 35.31
CA SER B 668 12.62 -25.21 36.39
C SER B 668 13.06 -23.77 36.25
N ASP B 669 12.96 -23.01 37.34
CA ASP B 669 13.35 -21.60 37.38
C ASP B 669 14.57 -21.39 38.26
N LEU B 670 15.77 -21.62 37.70
CA LEU B 670 17.03 -21.30 38.37
C LEU B 670 17.70 -20.09 37.74
N VAL B 671 17.22 -19.62 36.59
CA VAL B 671 17.77 -18.47 35.89
C VAL B 671 16.60 -17.68 35.29
N ASP B 672 16.93 -16.62 34.56
CA ASP B 672 15.92 -15.87 33.81
C ASP B 672 15.18 -16.80 32.85
N ASP B 673 14.01 -16.38 32.40
CA ASP B 673 13.09 -17.25 31.68
C ASP B 673 13.73 -17.90 30.46
N THR B 674 14.09 -17.10 29.46
CA THR B 674 14.73 -17.55 28.23
C THR B 674 13.78 -18.38 27.35
N SER B 675 12.56 -18.62 27.83
CA SER B 675 11.74 -19.69 27.32
C SER B 675 10.94 -19.27 26.10
N GLU B 676 10.69 -17.98 25.96
CA GLU B 676 10.08 -17.43 24.76
C GLU B 676 11.12 -16.96 23.77
N GLU B 677 12.38 -16.86 24.17
CA GLU B 677 13.47 -16.59 23.25
C GLU B 677 13.79 -17.83 22.43
N LEU B 678 13.48 -19.01 22.96
CA LEU B 678 13.72 -20.27 22.29
C LEU B 678 12.55 -20.65 21.39
N LYS B 679 11.32 -20.63 21.91
CA LYS B 679 10.15 -20.93 21.10
C LYS B 679 10.03 -20.05 19.87
N GLN B 680 10.66 -18.88 19.86
CA GLN B 680 10.82 -18.11 18.64
C GLN B 680 11.99 -18.60 17.81
N TYR B 681 12.98 -19.21 18.45
CA TYR B 681 14.10 -19.81 17.73
C TYR B 681 13.69 -21.14 17.12
N SER B 682 12.84 -21.90 17.79
CA SER B 682 12.36 -23.15 17.23
C SER B 682 11.51 -22.88 16.02
N ASN B 683 10.41 -22.15 16.22
CA ASN B 683 9.49 -21.74 15.15
C ASN B 683 10.18 -21.00 14.00
N ASP B 684 11.41 -20.55 14.17
CA ASP B 684 12.20 -20.01 13.08
C ASP B 684 12.86 -21.13 12.27
N PHE B 685 13.19 -22.25 12.92
CA PHE B 685 13.66 -23.42 12.20
C PHE B 685 12.48 -24.24 11.70
N GLY B 686 11.42 -24.31 12.48
CA GLY B 686 10.21 -24.97 12.08
C GLY B 686 9.36 -24.22 11.06
N GLN B 687 9.93 -23.25 10.36
CA GLN B 687 9.29 -22.53 9.28
C GLN B 687 10.18 -22.48 8.05
N LEU B 688 11.48 -22.75 8.21
CA LEU B 688 12.34 -22.93 7.06
C LEU B 688 12.14 -24.31 6.46
N ALA B 689 11.86 -25.29 7.31
CA ALA B 689 11.50 -26.61 6.84
C ALA B 689 10.25 -26.54 5.96
N VAL B 690 9.20 -25.91 6.48
CA VAL B 690 7.91 -25.83 5.80
C VAL B 690 8.04 -25.02 4.53
N GLU B 691 8.79 -23.94 4.57
CA GLU B 691 9.07 -23.15 3.39
C GLU B 691 10.07 -23.82 2.46
N LEU B 692 10.64 -24.94 2.88
CA LEU B 692 11.50 -25.75 2.04
C LEU B 692 10.78 -26.98 1.50
N LEU B 693 9.75 -27.44 2.21
CA LEU B 693 8.85 -28.44 1.68
C LEU B 693 8.04 -27.89 0.51
N GLU B 694 7.45 -26.72 0.70
CA GLU B 694 6.71 -26.04 -0.37
C GLU B 694 7.58 -25.87 -1.60
N GLN B 695 8.83 -25.45 -1.42
CA GLN B 695 9.72 -25.24 -2.54
C GLN B 695 10.01 -26.54 -3.28
N SER B 696 9.92 -27.67 -2.57
CA SER B 696 10.15 -28.96 -3.20
C SER B 696 8.87 -29.49 -3.84
N PHE B 697 7.78 -29.48 -3.09
CA PHE B 697 6.44 -29.77 -3.60
C PHE B 697 6.10 -28.97 -4.85
N ARG B 698 6.67 -27.79 -5.00
CA ARG B 698 6.52 -26.97 -6.20
C ARG B 698 7.59 -27.26 -7.25
N GLN B 699 8.32 -28.37 -7.11
CA GLN B 699 9.34 -28.76 -8.08
C GLN B 699 9.16 -30.19 -8.54
N ASP B 700 8.79 -31.08 -7.63
CA ASP B 700 8.36 -32.43 -7.99
C ASP B 700 7.57 -32.98 -6.82
N GLU B 701 6.26 -33.09 -6.98
CA GLU B 701 5.41 -33.54 -5.89
C GLU B 701 5.72 -34.96 -5.46
N THR B 702 6.32 -35.76 -6.33
CA THR B 702 6.62 -37.16 -6.03
C THR B 702 7.83 -37.27 -5.12
N MET B 703 8.99 -36.81 -5.60
CA MET B 703 10.21 -36.90 -4.82
C MET B 703 10.09 -36.17 -3.49
N ALA B 704 9.50 -34.98 -3.51
CA ALA B 704 9.22 -34.23 -2.29
C ALA B 704 8.41 -35.00 -1.26
N MET B 705 7.72 -36.07 -1.64
CA MET B 705 7.11 -36.98 -0.68
C MET B 705 8.03 -38.13 -0.30
N LYS B 706 9.11 -38.35 -1.04
CA LYS B 706 10.18 -39.21 -0.59
C LYS B 706 11.07 -38.52 0.42
N LEU B 707 11.15 -37.19 0.35
CA LEU B 707 11.95 -36.44 1.30
C LEU B 707 11.38 -36.46 2.70
N LEU B 708 10.15 -36.94 2.85
CA LEU B 708 9.48 -36.98 4.13
C LEU B 708 9.54 -38.34 4.81
N THR B 709 10.09 -39.36 4.14
CA THR B 709 10.07 -40.72 4.65
C THR B 709 11.39 -41.46 4.50
N TYR B 710 12.42 -40.85 3.93
CA TYR B 710 13.68 -41.55 3.82
C TYR B 710 14.35 -41.60 5.18
N GLU B 711 14.63 -42.81 5.64
CA GLU B 711 15.44 -43.03 6.83
C GLU B 711 16.72 -42.23 6.72
N LEU B 712 17.05 -41.54 7.80
CA LEU B 712 18.08 -40.52 7.78
C LEU B 712 19.45 -41.07 8.10
N LYS B 713 19.56 -41.83 9.19
CA LYS B 713 20.74 -42.59 9.60
C LYS B 713 21.84 -41.72 10.19
N ASN B 714 21.74 -40.40 10.09
CA ASN B 714 22.52 -39.49 10.90
C ASN B 714 21.74 -38.96 12.08
N TRP B 715 20.41 -38.99 11.99
CA TRP B 715 19.54 -38.43 13.01
C TRP B 715 18.68 -39.56 13.57
N SER B 716 19.34 -40.67 13.88
CA SER B 716 18.78 -41.78 14.64
C SER B 716 17.69 -42.54 13.88
N ASN B 717 18.03 -42.93 12.64
CA ASN B 717 17.20 -43.80 11.82
C ASN B 717 15.77 -43.28 11.79
N SER B 718 15.64 -42.00 11.52
CA SER B 718 14.42 -41.26 11.71
C SER B 718 14.05 -40.63 10.39
N THR B 719 13.12 -39.69 10.45
CA THR B 719 12.32 -39.33 9.30
C THR B 719 12.02 -37.85 9.38
N CYS B 720 11.97 -37.17 8.24
CA CYS B 720 11.71 -35.73 8.28
C CYS B 720 10.24 -35.39 8.51
N LEU B 721 9.44 -36.36 8.96
CA LEU B 721 8.03 -36.19 9.23
C LEU B 721 7.64 -36.77 10.57
N LYS B 722 8.43 -37.70 11.11
CA LYS B 722 8.30 -38.11 12.49
C LYS B 722 8.93 -37.12 13.44
N LEU B 723 9.86 -36.30 12.95
CA LEU B 723 10.45 -35.26 13.77
C LEU B 723 9.46 -34.13 14.02
N ALA B 724 8.92 -33.58 12.94
CA ALA B 724 7.91 -32.53 13.01
C ALA B 724 6.77 -32.89 13.95
N VAL B 725 6.30 -34.13 13.87
CA VAL B 725 5.28 -34.60 14.77
C VAL B 725 5.76 -34.60 16.23
N SER B 726 7.07 -34.70 16.45
CA SER B 726 7.60 -34.73 17.80
C SER B 726 7.78 -33.31 18.32
N SER B 727 8.15 -32.40 17.42
CA SER B 727 8.11 -30.97 17.69
C SER B 727 6.71 -30.39 17.62
N ARG B 728 5.69 -31.22 17.40
CA ARG B 728 4.31 -30.80 17.26
C ARG B 728 4.20 -29.63 16.30
N LEU B 729 4.88 -29.74 15.18
CA LEU B 729 4.88 -28.70 14.15
C LEU B 729 3.74 -28.97 13.20
N ARG B 730 2.73 -28.14 13.29
CA ARG B 730 1.54 -28.28 12.48
C ARG B 730 1.67 -27.75 11.05
N PRO B 731 2.40 -26.68 10.76
CA PRO B 731 2.47 -26.21 9.37
C PRO B 731 3.19 -27.12 8.39
N PHE B 732 3.68 -28.27 8.84
CA PHE B 732 4.41 -29.25 8.04
C PHE B 732 3.57 -30.49 7.84
N VAL B 733 3.13 -31.07 8.96
CA VAL B 733 2.22 -32.21 8.96
C VAL B 733 0.91 -31.84 8.30
N ALA B 734 0.54 -30.57 8.35
CA ALA B 734 -0.64 -30.04 7.69
C ALA B 734 -0.31 -29.20 6.48
N HIS B 735 0.79 -29.52 5.81
CA HIS B 735 1.14 -28.94 4.53
C HIS B 735 0.57 -29.84 3.45
N THR B 736 0.57 -29.37 2.22
CA THR B 736 -0.12 -30.10 1.17
C THR B 736 0.69 -31.27 0.61
N CYS B 737 1.94 -31.44 1.03
CA CYS B 737 2.78 -32.54 0.61
C CYS B 737 2.79 -33.66 1.63
N THR B 738 2.59 -33.33 2.89
CA THR B 738 2.29 -34.30 3.92
C THR B 738 0.82 -34.66 3.97
N GLN B 739 0.00 -34.16 3.06
CA GLN B 739 -1.42 -34.45 3.00
C GLN B 739 -1.80 -35.17 1.72
N MET B 740 -0.99 -35.05 0.67
CA MET B 740 -1.05 -35.99 -0.43
C MET B 740 -0.49 -37.34 -0.03
N LEU B 741 0.74 -37.35 0.49
CA LEU B 741 1.35 -38.60 0.94
C LEU B 741 0.46 -39.34 1.92
N LEU B 742 -0.08 -38.63 2.90
CA LEU B 742 -0.98 -39.27 3.84
C LEU B 742 -2.21 -39.84 3.15
N SER B 743 -2.58 -39.30 1.99
CA SER B 743 -3.65 -39.86 1.20
C SER B 743 -3.16 -40.98 0.29
N ASP B 744 -1.96 -40.83 -0.26
CA ASP B 744 -1.34 -41.92 -1.00
C ASP B 744 -0.96 -43.08 -0.09
N MET B 745 -0.72 -42.80 1.19
CA MET B 745 -0.62 -43.85 2.20
C MET B 745 -1.98 -44.36 2.65
N TRP B 746 -3.03 -43.58 2.45
CA TRP B 746 -4.35 -43.98 2.87
C TRP B 746 -4.95 -44.95 1.86
N MET B 747 -4.61 -44.79 0.59
CA MET B 747 -5.03 -45.76 -0.41
C MET B 747 -4.44 -47.11 -0.13
N GLY B 748 -3.13 -47.19 -0.12
CA GLY B 748 -2.42 -48.43 0.07
C GLY B 748 -1.89 -48.90 -1.26
N ARG B 749 -2.19 -50.14 -1.62
CA ARG B 749 -1.95 -50.62 -2.97
C ARG B 749 -3.05 -50.18 -3.92
N LEU B 750 -4.27 -50.01 -3.39
CA LEU B 750 -5.39 -49.49 -4.15
C LEU B 750 -5.05 -48.22 -4.91
N ASN B 751 -5.77 -48.00 -6.00
CA ASN B 751 -5.79 -46.71 -6.68
C ASN B 751 -7.21 -46.20 -6.56
N MET B 752 -7.46 -45.43 -5.52
CA MET B 752 -8.75 -44.81 -5.29
C MET B 752 -8.91 -43.53 -6.06
N ARG B 753 -8.03 -43.28 -7.03
CA ARG B 753 -8.31 -42.33 -8.09
C ARG B 753 -9.16 -42.99 -9.17
N LYS B 754 -8.68 -44.11 -9.70
CA LYS B 754 -9.45 -44.87 -10.69
C LYS B 754 -10.65 -45.57 -10.07
N ASN B 755 -10.52 -46.03 -8.83
CA ASN B 755 -11.62 -46.72 -8.15
C ASN B 755 -12.55 -45.70 -7.51
N SER B 756 -13.54 -46.20 -6.77
CA SER B 756 -14.51 -45.38 -6.08
C SER B 756 -14.83 -46.00 -4.73
N TRP B 757 -15.25 -45.16 -3.78
CA TRP B 757 -15.47 -45.63 -2.43
C TRP B 757 -16.58 -46.67 -2.35
N TYR B 758 -17.52 -46.65 -3.30
CA TYR B 758 -18.51 -47.71 -3.36
C TYR B 758 -17.85 -49.06 -3.50
N LYS B 759 -16.78 -49.14 -4.27
CA LYS B 759 -16.20 -50.43 -4.62
C LYS B 759 -15.39 -51.01 -3.48
N VAL B 760 -14.81 -50.16 -2.63
CA VAL B 760 -14.19 -50.61 -1.39
C VAL B 760 -15.22 -51.37 -0.55
N ILE B 761 -16.29 -50.70 -0.15
CA ILE B 761 -17.34 -51.34 0.64
C ILE B 761 -17.92 -52.53 -0.12
N LEU B 762 -18.11 -52.38 -1.43
CA LEU B 762 -18.58 -53.50 -2.23
C LEU B 762 -17.60 -54.65 -2.20
N SER B 763 -16.30 -54.36 -2.14
CA SER B 763 -15.27 -55.36 -2.12
C SER B 763 -15.01 -55.95 -0.75
N ILE B 764 -15.44 -55.27 0.31
CA ILE B 764 -15.23 -55.78 1.66
C ILE B 764 -16.27 -56.84 1.99
N LEU B 765 -17.48 -56.67 1.47
CA LEU B 765 -18.57 -57.60 1.71
C LEU B 765 -18.69 -58.65 0.62
N VAL B 766 -18.22 -58.34 -0.59
CA VAL B 766 -18.04 -59.32 -1.65
C VAL B 766 -16.52 -59.46 -1.83
N PRO B 767 -15.86 -60.39 -1.13
CA PRO B 767 -14.40 -60.54 -1.26
C PRO B 767 -13.94 -60.78 -2.69
N PRO B 768 -14.69 -61.54 -3.52
CA PRO B 768 -14.25 -61.69 -4.91
C PRO B 768 -14.18 -60.38 -5.69
N ALA B 769 -14.97 -59.37 -5.32
CA ALA B 769 -14.92 -58.10 -6.02
C ALA B 769 -13.61 -57.35 -5.78
N ILE B 770 -12.77 -57.83 -4.86
CA ILE B 770 -11.43 -57.27 -4.69
C ILE B 770 -10.66 -57.37 -5.97
N LEU B 771 -10.90 -58.44 -6.74
CA LEU B 771 -10.14 -58.72 -7.94
C LEU B 771 -10.51 -57.82 -9.11
N MET B 772 -11.69 -57.20 -9.07
CA MET B 772 -12.14 -56.27 -10.09
C MET B 772 -11.82 -54.82 -9.74
N LEU B 773 -10.72 -54.59 -9.04
CA LEU B 773 -10.30 -53.26 -8.61
C LEU B 773 -9.04 -52.84 -9.34
N GLU B 774 -8.89 -51.52 -9.49
CA GLU B 774 -7.72 -50.94 -10.15
C GLU B 774 -6.68 -50.59 -9.10
N TYR B 775 -5.69 -51.45 -8.96
CA TYR B 775 -4.60 -51.22 -8.02
C TYR B 775 -3.54 -50.30 -8.64
N LYS B 776 -2.52 -50.03 -7.84
CA LYS B 776 -1.35 -49.26 -8.23
C LYS B 776 -0.21 -50.24 -8.44
N THR B 777 0.73 -49.85 -9.29
CA THR B 777 1.91 -50.67 -9.53
C THR B 777 3.00 -50.29 -8.55
N LYS B 778 3.93 -51.22 -8.33
CA LYS B 778 5.05 -50.96 -7.43
C LYS B 778 6.00 -49.89 -7.95
N ALA B 779 5.80 -49.42 -9.18
CA ALA B 779 6.46 -48.24 -9.68
C ALA B 779 5.67 -46.97 -9.38
N GLU B 780 4.42 -47.09 -8.93
CA GLU B 780 3.65 -45.97 -8.42
C GLU B 780 3.76 -45.82 -6.91
N MET B 781 3.97 -46.92 -6.20
CA MET B 781 4.15 -46.90 -4.76
C MET B 781 5.59 -46.66 -4.34
N SER B 782 6.39 -46.06 -5.21
CA SER B 782 7.79 -45.83 -4.89
C SER B 782 7.94 -44.88 -3.71
N HIS B 783 7.26 -43.74 -3.78
CA HIS B 783 7.40 -42.72 -2.74
C HIS B 783 6.70 -43.10 -1.44
N ILE B 784 5.81 -44.08 -1.48
CA ILE B 784 5.08 -44.46 -0.27
C ILE B 784 5.97 -45.33 0.59
N PRO B 785 6.09 -45.09 1.90
CA PRO B 785 6.76 -46.06 2.76
C PRO B 785 5.92 -47.31 2.91
N GLN B 786 6.58 -48.45 2.83
CA GLN B 786 5.96 -49.75 2.88
C GLN B 786 6.49 -50.52 4.08
N SER B 787 5.74 -51.53 4.48
CA SER B 787 6.10 -52.31 5.63
C SER B 787 7.27 -53.24 5.30
N GLN B 788 7.67 -54.02 6.31
CA GLN B 788 8.76 -54.98 6.14
C GLN B 788 8.42 -55.99 5.05
N ASP B 789 7.38 -56.79 5.28
CA ASP B 789 7.00 -57.83 4.34
C ASP B 789 6.26 -57.28 3.12
N ALA B 790 5.75 -56.05 3.21
CA ALA B 790 5.06 -55.46 2.07
C ALA B 790 5.98 -55.30 0.87
N HIS B 791 7.21 -54.86 1.12
CA HIS B 791 8.18 -54.71 0.05
C HIS B 791 8.65 -56.06 -0.47
N GLN B 792 8.68 -57.07 0.42
CA GLN B 792 9.04 -58.42 -0.01
C GLN B 792 8.07 -58.93 -1.06
N MET B 793 6.77 -58.69 -0.87
CA MET B 793 5.77 -59.11 -1.84
C MET B 793 6.04 -58.51 -3.21
N THR B 794 6.08 -57.18 -3.30
CA THR B 794 6.16 -56.48 -4.59
C THR B 794 7.37 -56.91 -5.41
N MET B 795 8.49 -57.20 -4.74
CA MET B 795 9.71 -57.51 -5.47
C MET B 795 9.66 -58.88 -6.12
N GLU B 796 9.54 -59.93 -5.32
CA GLU B 796 9.68 -61.29 -5.83
C GLU B 796 8.55 -61.84 -6.70
N LEU B 838 -0.81 -58.81 -11.40
CA LEU B 838 -0.56 -59.03 -9.98
C LEU B 838 -1.23 -60.35 -9.53
N PRO B 839 -0.47 -61.29 -8.95
CA PRO B 839 -1.08 -62.56 -8.55
C PRO B 839 -2.20 -62.39 -7.54
N ILE B 840 -2.99 -63.45 -7.37
CA ILE B 840 -4.26 -63.36 -6.67
C ILE B 840 -4.06 -63.24 -5.17
N THR B 841 -3.14 -64.03 -4.60
CA THR B 841 -2.84 -63.90 -3.18
C THR B 841 -2.29 -62.52 -2.83
N ARG B 842 -1.73 -61.81 -3.80
CA ARG B 842 -1.27 -60.45 -3.62
C ARG B 842 -2.33 -59.43 -3.98
N LYS B 843 -3.55 -59.87 -4.31
CA LYS B 843 -4.70 -58.98 -4.37
C LYS B 843 -5.40 -58.88 -3.04
N PHE B 844 -5.60 -60.00 -2.36
CA PHE B 844 -6.25 -59.98 -1.06
C PHE B 844 -5.36 -59.39 0.00
N TYR B 845 -4.05 -59.62 -0.10
CA TYR B 845 -3.12 -59.01 0.84
C TYR B 845 -3.01 -57.52 0.60
N ALA B 846 -3.16 -57.07 -0.63
CA ALA B 846 -2.98 -55.67 -0.97
C ALA B 846 -4.16 -54.83 -0.54
N PHE B 847 -5.35 -55.43 -0.53
CA PHE B 847 -6.58 -54.75 -0.20
C PHE B 847 -6.75 -54.66 1.32
N TYR B 848 -6.80 -55.82 1.96
CA TYR B 848 -7.05 -55.90 3.39
C TYR B 848 -5.98 -55.23 4.22
N HIS B 849 -4.76 -55.06 3.70
CA HIS B 849 -3.69 -54.32 4.37
C HIS B 849 -3.60 -52.90 3.86
N ALA B 850 -4.69 -52.36 3.36
CA ALA B 850 -4.78 -50.96 3.02
C ALA B 850 -5.42 -50.22 4.18
N PRO B 851 -4.96 -49.03 4.55
CA PRO B 851 -5.62 -48.32 5.65
C PRO B 851 -7.07 -48.00 5.37
N ILE B 852 -7.35 -47.45 4.19
CA ILE B 852 -8.71 -47.14 3.78
C ILE B 852 -9.62 -48.35 3.93
N VAL B 853 -9.09 -49.53 3.67
CA VAL B 853 -9.86 -50.74 3.91
C VAL B 853 -9.92 -51.06 5.38
N LYS B 854 -8.84 -50.88 6.13
CA LYS B 854 -8.88 -51.15 7.56
C LYS B 854 -9.90 -50.28 8.24
N PHE B 855 -10.01 -49.03 7.77
CA PHE B 855 -11.03 -48.11 8.21
C PHE B 855 -12.43 -48.54 7.88
N TRP B 856 -12.76 -48.61 6.60
CA TRP B 856 -14.11 -48.94 6.15
C TRP B 856 -14.53 -50.38 6.47
N PHE B 857 -13.64 -51.15 7.09
CA PHE B 857 -13.89 -52.51 7.56
C PHE B 857 -14.09 -52.53 9.07
N ASN B 858 -13.74 -51.42 9.74
CA ASN B 858 -14.15 -51.15 11.11
C ASN B 858 -15.45 -50.38 11.18
N THR B 859 -15.57 -49.31 10.39
CA THR B 859 -16.75 -48.47 10.39
C THR B 859 -18.00 -49.23 10.00
N LEU B 860 -17.87 -50.41 9.41
CA LEU B 860 -19.01 -51.25 9.10
C LEU B 860 -19.17 -52.37 10.09
N ALA B 861 -18.23 -52.52 11.02
CA ALA B 861 -18.43 -53.31 12.22
C ALA B 861 -18.90 -52.44 13.36
N TYR B 862 -18.38 -51.22 13.43
CA TYR B 862 -18.79 -50.29 14.47
C TYR B 862 -20.20 -49.78 14.23
N LEU B 863 -20.52 -49.39 12.99
CA LEU B 863 -21.89 -49.10 12.65
C LEU B 863 -22.77 -50.34 12.63
N GLY B 864 -22.21 -51.53 12.83
CA GLY B 864 -22.98 -52.70 13.15
C GLY B 864 -22.96 -53.02 14.62
N PHE B 865 -22.02 -52.42 15.33
CA PHE B 865 -22.01 -52.40 16.78
C PHE B 865 -23.06 -51.44 17.32
N LEU B 866 -23.07 -50.21 16.82
CA LEU B 866 -24.03 -49.21 17.24
C LEU B 866 -25.45 -49.50 16.81
N MET B 867 -25.67 -50.31 15.80
CA MET B 867 -27.00 -50.75 15.45
C MET B 867 -27.51 -51.88 16.32
N LEU B 868 -26.62 -52.55 17.06
CA LEU B 868 -26.98 -53.66 17.93
C LEU B 868 -27.04 -53.26 19.38
N TYR B 869 -26.03 -52.57 19.87
CA TYR B 869 -26.06 -52.05 21.23
C TYR B 869 -27.25 -51.15 21.43
N THR B 870 -27.43 -50.21 20.51
CA THR B 870 -28.66 -49.46 20.39
C THR B 870 -29.91 -50.34 20.39
N PHE B 871 -29.87 -51.45 19.67
CA PHE B 871 -31.00 -52.38 19.70
C PHE B 871 -31.18 -52.98 21.10
N VAL B 872 -30.10 -53.11 21.86
CA VAL B 872 -30.18 -53.73 23.18
C VAL B 872 -30.59 -52.69 24.21
N VAL B 873 -29.98 -51.51 24.13
CA VAL B 873 -30.37 -50.35 24.93
C VAL B 873 -31.88 -50.13 24.84
N LEU B 874 -32.40 -50.09 23.62
CA LEU B 874 -33.79 -49.76 23.38
C LEU B 874 -34.74 -50.88 23.73
N VAL B 875 -34.35 -52.11 23.47
CA VAL B 875 -35.23 -53.26 23.66
C VAL B 875 -35.03 -53.78 25.06
N LYS B 876 -36.10 -54.39 25.60
CA LYS B 876 -36.05 -54.93 26.94
C LYS B 876 -34.93 -55.94 27.07
N MET B 877 -34.53 -56.20 28.31
CA MET B 877 -33.29 -56.89 28.60
C MET B 877 -33.55 -57.96 29.63
N GLU B 878 -33.28 -59.20 29.25
CA GLU B 878 -33.71 -60.37 29.99
C GLU B 878 -32.61 -60.77 30.97
N GLN B 879 -32.82 -61.89 31.67
CA GLN B 879 -31.89 -62.32 32.70
C GLN B 879 -30.50 -62.52 32.14
N LEU B 880 -30.42 -63.05 30.93
CA LEU B 880 -29.17 -63.28 30.22
C LEU B 880 -29.09 -62.38 28.99
N PRO B 881 -27.90 -61.99 28.56
CA PRO B 881 -27.80 -61.23 27.32
C PRO B 881 -28.34 -62.01 26.14
N SER B 882 -28.69 -61.29 25.09
CA SER B 882 -29.18 -61.90 23.86
C SER B 882 -28.05 -61.96 22.86
N VAL B 883 -28.34 -62.51 21.69
CA VAL B 883 -27.36 -62.65 20.63
C VAL B 883 -26.82 -61.29 20.25
N GLN B 884 -27.69 -60.30 20.21
CA GLN B 884 -27.27 -58.95 19.85
C GLN B 884 -26.43 -58.32 20.94
N GLU B 885 -26.47 -58.86 22.17
CA GLU B 885 -25.76 -58.27 23.29
C GLU B 885 -24.42 -58.93 23.56
N TRP B 886 -24.27 -60.21 23.22
CA TRP B 886 -22.96 -60.86 23.38
C TRP B 886 -21.96 -60.38 22.36
N ILE B 887 -22.42 -60.12 21.13
CA ILE B 887 -21.58 -59.56 20.08
C ILE B 887 -21.05 -58.19 20.51
N VAL B 888 -21.81 -57.52 21.38
CA VAL B 888 -21.52 -56.16 21.82
C VAL B 888 -20.48 -56.15 22.91
N ILE B 889 -20.66 -57.00 23.90
CA ILE B 889 -19.61 -57.31 24.86
C ILE B 889 -18.35 -57.72 24.14
N ALA B 890 -18.49 -58.56 23.11
CA ALA B 890 -17.35 -59.06 22.37
C ALA B 890 -16.57 -57.97 21.66
N TYR B 891 -17.27 -57.00 21.07
CA TYR B 891 -16.57 -55.89 20.43
C TYR B 891 -15.74 -55.12 21.44
N ILE B 892 -16.34 -54.78 22.59
CA ILE B 892 -15.67 -53.88 23.52
C ILE B 892 -14.46 -54.56 24.13
N PHE B 893 -14.62 -55.82 24.53
CA PHE B 893 -13.50 -56.64 24.98
C PHE B 893 -12.36 -56.61 23.97
N THR B 894 -12.62 -57.11 22.76
CA THR B 894 -11.61 -57.10 21.71
C THR B 894 -11.21 -55.70 21.31
N TYR B 895 -12.08 -54.72 21.51
CA TYR B 895 -11.69 -53.33 21.35
C TYR B 895 -10.84 -52.87 22.54
N ALA B 896 -11.06 -53.45 23.72
CA ALA B 896 -10.21 -53.10 24.85
C ALA B 896 -8.80 -53.62 24.63
N ILE B 897 -8.68 -54.91 24.31
CA ILE B 897 -7.41 -55.56 24.01
C ILE B 897 -6.66 -54.77 22.95
N GLU B 898 -7.36 -54.39 21.89
CA GLU B 898 -6.77 -53.57 20.84
C GLU B 898 -6.20 -52.27 21.36
N LYS B 899 -6.63 -51.82 22.54
CA LYS B 899 -6.09 -50.61 23.16
C LYS B 899 -5.04 -50.96 24.20
N VAL B 900 -5.17 -52.11 24.85
CA VAL B 900 -4.06 -52.67 25.61
C VAL B 900 -2.83 -52.80 24.71
N ARG B 901 -2.96 -53.60 23.65
CA ARG B 901 -1.88 -53.80 22.69
C ARG B 901 -1.42 -52.51 22.05
N GLU B 902 -2.31 -51.52 21.94
CA GLU B 902 -1.89 -50.23 21.41
C GLU B 902 -0.93 -49.52 22.34
N VAL B 903 -0.98 -49.83 23.63
CA VAL B 903 -0.01 -49.30 24.58
C VAL B 903 1.33 -50.03 24.46
N PHE B 904 1.30 -51.36 24.64
CA PHE B 904 2.51 -52.17 24.66
C PHE B 904 3.36 -52.03 23.40
N MET B 905 2.77 -51.58 22.29
CA MET B 905 3.48 -51.42 21.02
C MET B 905 3.52 -49.97 20.57
N SER B 906 3.47 -49.02 21.51
CA SER B 906 3.48 -47.60 21.17
C SER B 906 4.89 -47.03 21.14
N GLU B 907 5.79 -47.76 20.48
CA GLU B 907 7.12 -47.30 20.06
C GLU B 907 7.86 -46.49 21.13
N ALA B 908 8.12 -47.13 22.26
CA ALA B 908 8.88 -46.52 23.33
C ALA B 908 9.44 -47.63 24.21
N GLY B 909 10.21 -47.24 25.22
CA GLY B 909 10.75 -48.16 26.20
C GLY B 909 10.21 -47.90 27.59
N LYS B 910 9.91 -46.64 27.88
CA LYS B 910 9.41 -46.24 29.19
C LYS B 910 7.92 -46.56 29.27
N ILE B 911 7.56 -47.54 30.11
CA ILE B 911 6.16 -47.77 30.43
C ILE B 911 5.53 -46.51 30.99
N SER B 912 6.29 -45.77 31.80
CA SER B 912 5.78 -44.52 32.36
C SER B 912 5.47 -43.50 31.27
N GLN B 913 6.12 -43.60 30.11
CA GLN B 913 5.87 -42.68 29.00
C GLN B 913 4.83 -43.21 28.02
N LYS B 914 4.79 -44.52 27.80
CA LYS B 914 3.75 -45.11 26.97
C LYS B 914 2.37 -44.82 27.57
N ILE B 915 2.20 -45.18 28.84
CA ILE B 915 0.94 -44.98 29.54
C ILE B 915 0.57 -43.50 29.57
N LYS B 916 1.58 -42.63 29.63
CA LYS B 916 1.31 -41.20 29.71
C LYS B 916 0.91 -40.63 28.36
N VAL B 917 1.41 -41.20 27.26
CA VAL B 917 0.97 -40.77 25.93
C VAL B 917 -0.33 -41.44 25.49
N TRP B 918 -0.71 -42.55 26.11
CA TRP B 918 -1.96 -43.22 25.74
C TRP B 918 -3.15 -42.46 26.29
N PHE B 919 -3.20 -42.27 27.62
CA PHE B 919 -4.25 -41.47 28.25
C PHE B 919 -4.25 -40.01 27.82
N SER B 920 -3.23 -39.54 27.11
CA SER B 920 -3.17 -38.15 26.71
C SER B 920 -4.03 -37.86 25.48
N ASP B 921 -4.48 -38.89 24.79
CA ASP B 921 -5.40 -38.74 23.68
C ASP B 921 -6.82 -38.78 24.22
N TYR B 922 -7.65 -37.87 23.72
CA TYR B 922 -9.02 -37.66 24.17
C TYR B 922 -9.78 -38.96 24.37
N PHE B 923 -9.69 -39.89 23.42
CA PHE B 923 -10.57 -41.05 23.46
C PHE B 923 -10.00 -42.24 24.21
N ASN B 924 -8.69 -42.32 24.39
CA ASN B 924 -8.15 -43.45 25.17
C ASN B 924 -8.66 -43.39 26.59
N VAL B 925 -8.92 -42.18 27.07
CA VAL B 925 -9.58 -42.00 28.36
C VAL B 925 -11.05 -42.38 28.23
N SER B 926 -11.76 -41.71 27.32
CA SER B 926 -13.19 -41.96 27.13
C SER B 926 -13.48 -43.41 26.85
N ASP B 927 -12.68 -44.04 26.00
CA ASP B 927 -12.79 -45.48 25.80
C ASP B 927 -12.57 -46.22 27.11
N THR B 928 -11.59 -45.78 27.89
CA THR B 928 -11.39 -46.41 29.20
C THR B 928 -12.58 -46.13 30.11
N ILE B 929 -13.14 -44.93 30.03
CA ILE B 929 -14.38 -44.66 30.75
C ILE B 929 -15.50 -45.53 30.21
N ALA B 930 -15.53 -45.72 28.89
CA ALA B 930 -16.60 -46.46 28.24
C ALA B 930 -16.42 -47.97 28.31
N ILE B 931 -15.18 -48.44 28.39
CA ILE B 931 -14.95 -49.87 28.53
C ILE B 931 -15.14 -50.29 29.97
N ILE B 932 -14.58 -49.54 30.92
CA ILE B 932 -14.80 -49.84 32.33
C ILE B 932 -16.29 -49.82 32.62
N SER B 933 -16.94 -48.71 32.29
CA SER B 933 -18.36 -48.55 32.55
C SER B 933 -19.19 -49.69 31.96
N PHE B 934 -18.80 -50.18 30.79
CA PHE B 934 -19.59 -51.24 30.19
C PHE B 934 -19.49 -52.52 30.98
N PHE B 935 -18.32 -52.81 31.53
CA PHE B 935 -18.14 -54.03 32.27
C PHE B 935 -18.52 -53.86 33.74
N VAL B 936 -18.48 -52.64 34.25
CA VAL B 936 -19.36 -52.30 35.36
C VAL B 936 -20.79 -52.64 34.98
N GLY B 937 -21.23 -52.17 33.81
CA GLY B 937 -22.57 -52.46 33.35
C GLY B 937 -22.83 -53.95 33.20
N PHE B 938 -21.95 -54.65 32.48
CA PHE B 938 -22.11 -56.09 32.37
C PHE B 938 -21.89 -56.75 33.73
N GLY B 939 -21.00 -56.19 34.54
CA GLY B 939 -20.85 -56.65 35.91
C GLY B 939 -22.16 -56.61 36.67
N LEU B 940 -22.79 -55.44 36.70
CA LEU B 940 -24.05 -55.31 37.41
C LEU B 940 -25.21 -55.93 36.65
N ARG B 941 -25.13 -55.97 35.32
CA ARG B 941 -26.22 -56.55 34.53
C ARG B 941 -26.21 -58.07 34.63
N PHE B 942 -25.05 -58.68 34.39
CA PHE B 942 -24.92 -60.13 34.42
C PHE B 942 -24.62 -60.64 35.82
N GLY B 943 -23.70 -59.99 36.52
CA GLY B 943 -23.42 -60.33 37.89
C GLY B 943 -24.44 -59.73 38.81
N ALA B 944 -25.66 -60.25 38.74
CA ALA B 944 -26.76 -59.78 39.56
C ALA B 944 -27.80 -60.87 39.67
N LYS B 945 -28.68 -60.71 40.64
CA LYS B 945 -29.81 -61.59 40.83
C LYS B 945 -30.90 -61.18 39.85
N TRP B 946 -32.05 -61.82 39.95
CA TRP B 946 -33.15 -61.56 39.02
C TRP B 946 -34.46 -61.72 39.75
N ASN B 947 -35.18 -60.60 39.92
CA ASN B 947 -36.46 -60.59 40.62
C ASN B 947 -37.54 -61.01 39.63
N TYR B 948 -37.82 -62.31 39.61
CA TYR B 948 -38.62 -62.94 38.55
C TYR B 948 -39.99 -62.28 38.40
N ILE B 949 -40.60 -61.85 39.50
CA ILE B 949 -41.93 -61.26 39.43
C ILE B 949 -41.93 -60.00 38.58
N ASN B 950 -40.86 -59.21 38.67
CA ASN B 950 -40.76 -57.94 37.96
C ASN B 950 -39.29 -57.61 37.84
N ALA B 951 -38.79 -57.51 36.61
CA ALA B 951 -37.48 -56.92 36.42
C ALA B 951 -37.54 -55.43 36.75
N TYR B 952 -36.38 -54.79 36.74
CA TYR B 952 -36.22 -53.36 37.04
C TYR B 952 -36.55 -53.03 38.50
N ASP B 953 -36.78 -54.03 39.34
CA ASP B 953 -36.78 -53.85 40.77
C ASP B 953 -35.37 -53.99 41.35
N ASN B 954 -34.56 -54.85 40.76
CA ASN B 954 -33.18 -55.02 41.18
C ASN B 954 -32.38 -53.79 40.78
N HIS B 955 -32.12 -52.90 41.75
CA HIS B 955 -31.43 -51.66 41.47
C HIS B 955 -29.99 -51.86 41.05
N VAL B 956 -29.47 -53.08 41.15
CA VAL B 956 -28.16 -53.38 40.58
C VAL B 956 -28.31 -53.62 39.09
N PHE B 957 -29.30 -54.43 38.70
CA PHE B 957 -29.61 -54.63 37.29
C PHE B 957 -29.90 -53.30 36.62
N VAL B 958 -30.86 -52.56 37.17
CA VAL B 958 -31.20 -51.22 36.72
C VAL B 958 -29.96 -50.36 36.59
N ALA B 959 -29.06 -50.44 37.57
CA ALA B 959 -27.90 -49.58 37.55
C ALA B 959 -27.06 -49.84 36.31
N GLY B 960 -26.81 -51.10 35.99
CA GLY B 960 -25.99 -51.45 34.85
C GLY B 960 -26.71 -51.25 33.53
N ARG B 961 -27.99 -51.61 33.51
CA ARG B 961 -28.90 -51.18 32.45
C ARG B 961 -28.70 -49.72 32.09
N LEU B 962 -28.64 -48.85 33.09
CA LEU B 962 -28.50 -47.42 32.89
C LEU B 962 -27.06 -46.98 32.70
N ILE B 963 -26.09 -47.85 32.97
CA ILE B 963 -24.75 -47.56 32.52
C ILE B 963 -24.69 -47.68 31.01
N TYR B 964 -25.39 -48.65 30.45
CA TYR B 964 -25.36 -48.85 29.01
C TYR B 964 -25.98 -47.67 28.30
N CYS B 965 -27.23 -47.37 28.66
CA CYS B 965 -27.98 -46.26 28.12
C CYS B 965 -27.24 -44.93 28.20
N LEU B 966 -26.25 -44.81 29.07
CA LEU B 966 -25.40 -43.64 29.14
C LEU B 966 -24.04 -43.86 28.53
N ASN B 967 -23.58 -45.11 28.48
CA ASN B 967 -22.31 -45.42 27.85
C ASN B 967 -22.40 -45.29 26.34
N ILE B 968 -23.57 -45.62 25.81
CA ILE B 968 -23.96 -45.37 24.42
C ILE B 968 -23.55 -44.00 23.91
N ILE B 969 -23.61 -42.98 24.77
CA ILE B 969 -23.23 -41.63 24.35
C ILE B 969 -21.75 -41.56 24.06
N PHE B 970 -20.94 -42.38 24.75
CA PHE B 970 -19.51 -42.38 24.45
C PHE B 970 -19.27 -42.93 23.07
N TRP B 971 -20.10 -43.86 22.64
CA TRP B 971 -19.88 -44.54 21.38
C TRP B 971 -20.47 -43.78 20.21
N TYR B 972 -21.51 -42.98 20.42
CA TYR B 972 -21.93 -42.09 19.35
C TYR B 972 -20.96 -40.96 19.10
N VAL B 973 -20.22 -40.52 20.11
CA VAL B 973 -19.22 -39.49 19.89
C VAL B 973 -17.94 -40.06 19.28
N ARG B 974 -17.73 -41.38 19.38
CA ARG B 974 -16.72 -42.02 18.55
C ARG B 974 -16.92 -41.70 17.08
N LEU B 975 -18.17 -41.78 16.63
CA LEU B 975 -18.48 -41.54 15.22
C LEU B 975 -17.97 -40.20 14.73
N LEU B 976 -17.70 -39.27 15.61
CA LEU B 976 -17.06 -38.03 15.23
C LEU B 976 -15.55 -38.21 15.04
N ASP B 977 -15.00 -39.32 15.52
CA ASP B 977 -13.67 -39.73 15.13
C ASP B 977 -13.68 -40.26 13.70
N PHE B 978 -14.57 -41.21 13.43
CA PHE B 978 -14.78 -41.73 12.09
C PHE B 978 -15.31 -40.67 11.13
N LEU B 979 -16.25 -39.84 11.57
CA LEU B 979 -16.80 -38.82 10.70
C LEU B 979 -15.85 -37.69 10.43
N ALA B 980 -14.81 -37.52 11.23
CA ALA B 980 -13.87 -36.46 11.01
C ALA B 980 -12.85 -36.80 9.94
N VAL B 981 -12.87 -38.01 9.39
CA VAL B 981 -12.01 -38.35 8.27
C VAL B 981 -12.28 -37.42 7.10
N ASN B 982 -13.50 -36.95 6.95
CA ASN B 982 -13.81 -36.04 5.89
C ASN B 982 -13.19 -34.68 6.16
N GLN B 983 -12.84 -34.00 5.09
CA GLN B 983 -12.16 -32.71 5.19
C GLN B 983 -13.11 -31.54 5.30
N GLN B 984 -14.41 -31.76 5.15
CA GLN B 984 -15.42 -30.77 5.44
C GLN B 984 -16.00 -30.92 6.83
N ALA B 985 -16.15 -32.15 7.30
CA ALA B 985 -16.82 -32.41 8.55
C ALA B 985 -15.92 -32.18 9.75
N GLY B 986 -14.77 -32.86 9.77
CA GLY B 986 -13.81 -32.77 10.84
C GLY B 986 -13.52 -31.36 11.32
N PRO B 987 -13.35 -30.44 10.40
CA PRO B 987 -13.19 -29.03 10.78
C PRO B 987 -14.42 -28.35 11.32
N TYR B 988 -15.49 -29.08 11.65
CA TYR B 988 -16.57 -28.59 12.49
C TYR B 988 -16.57 -29.33 13.81
N VAL B 989 -16.19 -30.60 13.79
CA VAL B 989 -16.03 -31.40 14.98
C VAL B 989 -14.95 -30.82 15.85
N MET B 990 -13.95 -30.22 15.25
CA MET B 990 -12.88 -29.55 15.99
C MET B 990 -13.29 -28.16 16.44
N MET B 991 -14.36 -27.60 15.86
CA MET B 991 -14.87 -26.29 16.29
C MET B 991 -15.76 -26.45 17.51
N ILE B 992 -16.55 -27.52 17.54
CA ILE B 992 -17.45 -27.82 18.63
C ILE B 992 -16.73 -28.00 19.95
N GLY B 993 -15.40 -28.12 19.92
CA GLY B 993 -14.60 -28.13 21.12
C GLY B 993 -13.93 -26.80 21.42
N LYS B 994 -13.46 -26.11 20.39
CA LYS B 994 -12.73 -24.86 20.61
C LYS B 994 -13.64 -23.71 20.97
N MET B 995 -14.94 -23.95 20.99
CA MET B 995 -15.92 -22.96 21.39
C MET B 995 -16.43 -23.27 22.77
N VAL B 996 -16.80 -24.52 23.01
CA VAL B 996 -17.12 -25.05 24.33
C VAL B 996 -16.09 -24.68 25.38
N ALA B 997 -14.85 -24.52 24.97
CA ALA B 997 -13.82 -23.99 25.85
C ALA B 997 -13.90 -22.48 25.96
N ASN B 998 -13.85 -21.79 24.84
CA ASN B 998 -13.79 -20.34 24.82
C ASN B 998 -15.09 -19.67 25.23
N MET B 999 -16.16 -20.43 25.44
CA MET B 999 -17.47 -19.90 25.79
C MET B 999 -17.85 -20.18 27.21
N PHE B 1000 -16.95 -20.71 28.02
CA PHE B 1000 -17.32 -21.14 29.36
C PHE B 1000 -17.78 -19.96 30.20
N TYR B 1001 -17.27 -18.78 29.93
CA TYR B 1001 -17.49 -17.64 30.81
C TYR B 1001 -18.71 -16.84 30.45
N ILE B 1002 -19.13 -16.86 29.19
CA ILE B 1002 -20.45 -16.36 28.85
C ILE B 1002 -21.49 -17.21 29.53
N VAL B 1003 -21.21 -18.50 29.69
CA VAL B 1003 -22.15 -19.47 30.21
C VAL B 1003 -22.16 -19.52 31.73
N VAL B 1004 -21.12 -19.01 32.38
CA VAL B 1004 -21.18 -18.84 33.82
C VAL B 1004 -22.09 -17.68 34.17
N ILE B 1005 -21.96 -16.60 33.41
CA ILE B 1005 -22.82 -15.45 33.59
C ILE B 1005 -24.27 -15.86 33.42
N MET B 1006 -24.57 -16.61 32.35
CA MET B 1006 -25.91 -17.13 32.13
C MET B 1006 -26.41 -18.05 33.22
N ALA B 1007 -25.54 -18.50 34.13
CA ALA B 1007 -25.94 -19.26 35.30
C ALA B 1007 -25.96 -18.44 36.56
N LEU B 1008 -25.39 -17.24 36.52
CA LEU B 1008 -25.55 -16.22 37.52
C LEU B 1008 -26.84 -15.46 37.34
N VAL B 1009 -27.23 -15.25 36.09
CA VAL B 1009 -28.53 -14.68 35.73
C VAL B 1009 -29.65 -15.67 36.01
N LEU B 1010 -29.35 -16.96 36.01
CA LEU B 1010 -30.31 -18.02 36.17
C LEU B 1010 -30.63 -18.30 37.63
N LEU B 1011 -29.73 -17.96 38.53
CA LEU B 1011 -29.97 -18.03 39.96
C LEU B 1011 -30.37 -16.70 40.54
N SER B 1012 -29.97 -15.61 39.90
CA SER B 1012 -30.52 -14.30 40.19
C SER B 1012 -32.03 -14.28 40.02
N PHE B 1013 -32.56 -15.04 39.06
CA PHE B 1013 -34.00 -15.17 38.88
C PHE B 1013 -34.61 -16.34 39.62
N GLY B 1014 -33.91 -17.46 39.73
CA GLY B 1014 -34.52 -18.65 40.29
C GLY B 1014 -34.68 -18.62 41.79
N VAL B 1015 -33.75 -17.98 42.48
CA VAL B 1015 -33.80 -17.91 43.93
C VAL B 1015 -34.87 -16.92 44.38
N PRO B 1016 -35.02 -15.75 43.75
CA PRO B 1016 -36.19 -14.93 44.07
C PRO B 1016 -37.52 -15.53 43.65
N ARG B 1017 -37.59 -16.11 42.46
CA ARG B 1017 -38.81 -16.71 41.98
C ARG B 1017 -39.28 -17.83 42.87
N LYS B 1018 -38.36 -18.58 43.44
CA LYS B 1018 -38.69 -19.73 44.27
C LYS B 1018 -38.99 -19.33 45.70
N ALA B 1019 -38.43 -18.21 46.13
CA ALA B 1019 -38.69 -17.66 47.44
C ALA B 1019 -39.96 -16.83 47.48
N ILE B 1020 -40.20 -16.05 46.44
CA ILE B 1020 -41.37 -15.19 46.35
C ILE B 1020 -42.64 -16.00 46.20
N LEU B 1021 -42.56 -17.21 45.64
CA LEU B 1021 -43.71 -18.00 45.25
C LEU B 1021 -43.96 -19.18 46.17
N TYR B 1022 -42.90 -19.79 46.68
CA TYR B 1022 -42.97 -20.95 47.55
C TYR B 1022 -42.31 -20.59 48.88
N PRO B 1023 -43.01 -19.90 49.76
CA PRO B 1023 -42.37 -19.35 50.96
C PRO B 1023 -42.41 -20.24 52.19
N HIS B 1024 -43.08 -21.39 52.13
CA HIS B 1024 -43.27 -22.27 53.27
C HIS B 1024 -42.47 -23.53 53.06
N GLU B 1025 -41.25 -23.35 52.56
CA GLU B 1025 -40.41 -24.46 52.13
C GLU B 1025 -39.50 -24.89 53.27
N GLU B 1026 -39.72 -26.09 53.76
CA GLU B 1026 -38.70 -26.72 54.57
C GLU B 1026 -37.49 -27.01 53.70
N PRO B 1027 -36.32 -27.21 54.29
CA PRO B 1027 -35.15 -27.55 53.49
C PRO B 1027 -35.36 -28.86 52.75
N SER B 1028 -34.89 -28.89 51.51
CA SER B 1028 -35.20 -29.96 50.59
C SER B 1028 -34.18 -29.93 49.46
N TRP B 1029 -34.14 -31.02 48.72
CA TRP B 1029 -33.37 -31.07 47.50
C TRP B 1029 -34.13 -30.52 46.31
N SER B 1030 -35.45 -30.42 46.41
CA SER B 1030 -36.23 -29.76 45.38
C SER B 1030 -35.98 -28.26 45.33
N LEU B 1031 -35.47 -27.68 46.41
CA LEU B 1031 -34.96 -26.31 46.38
C LEU B 1031 -33.64 -26.19 45.65
N ALA B 1032 -33.07 -27.30 45.18
CA ALA B 1032 -31.87 -27.28 44.37
C ALA B 1032 -32.19 -27.44 42.89
N LYS B 1033 -33.32 -28.08 42.60
CA LYS B 1033 -33.84 -28.18 41.25
C LYS B 1033 -34.65 -26.95 40.88
N ASP B 1034 -35.59 -26.58 41.75
CA ASP B 1034 -36.59 -25.61 41.37
C ASP B 1034 -36.07 -24.20 41.25
N ILE B 1035 -34.82 -23.96 41.66
CA ILE B 1035 -34.16 -22.67 41.47
C ILE B 1035 -33.29 -22.68 40.22
N VAL B 1036 -33.27 -23.79 39.51
CA VAL B 1036 -32.38 -23.98 38.37
C VAL B 1036 -33.14 -24.55 37.18
N PHE B 1037 -34.31 -25.14 37.43
CA PHE B 1037 -35.01 -25.95 36.46
C PHE B 1037 -35.75 -25.08 35.46
N HIS B 1038 -36.79 -24.38 35.89
CA HIS B 1038 -37.55 -23.55 34.96
C HIS B 1038 -36.71 -22.45 34.34
N PRO B 1039 -35.83 -21.76 35.07
CA PRO B 1039 -35.03 -20.74 34.41
C PRO B 1039 -34.07 -21.25 33.37
N TYR B 1040 -33.87 -22.56 33.26
CA TYR B 1040 -33.03 -23.11 32.21
C TYR B 1040 -33.84 -23.42 30.97
N TRP B 1041 -35.07 -23.88 31.15
CA TRP B 1041 -35.90 -24.21 30.01
C TRP B 1041 -36.48 -22.96 29.38
N MET B 1042 -36.71 -21.91 30.18
CA MET B 1042 -37.01 -20.58 29.67
C MET B 1042 -36.08 -20.12 28.55
N ILE B 1043 -34.81 -20.50 28.59
CA ILE B 1043 -33.85 -20.06 27.58
C ILE B 1043 -34.15 -20.67 26.22
N PHE B 1044 -34.95 -21.72 26.18
CA PHE B 1044 -35.10 -22.58 25.01
C PHE B 1044 -36.54 -22.63 24.55
N GLY B 1045 -37.16 -21.46 24.46
CA GLY B 1045 -38.44 -21.30 23.86
C GLY B 1045 -39.59 -21.29 24.84
N GLU B 1046 -39.36 -21.80 26.03
CA GLU B 1046 -40.42 -21.93 26.99
C GLU B 1046 -40.51 -20.65 27.81
N VAL B 1047 -41.72 -20.40 28.28
CA VAL B 1047 -42.01 -19.17 29.01
C VAL B 1047 -42.81 -19.49 30.27
N TYR B 1048 -43.51 -20.62 30.27
CA TYR B 1048 -44.41 -21.04 31.34
C TYR B 1048 -45.46 -19.95 31.57
N ALA B 1049 -46.26 -19.76 30.52
CA ALA B 1049 -47.06 -18.58 30.37
C ALA B 1049 -48.22 -18.57 31.34
N TYR B 1050 -48.76 -19.74 31.62
CA TYR B 1050 -49.84 -19.90 32.58
C TYR B 1050 -49.30 -20.24 33.96
N GLU B 1051 -48.06 -19.85 34.22
CA GLU B 1051 -47.44 -19.89 35.54
C GLU B 1051 -46.86 -18.54 35.92
N ILE B 1052 -46.52 -17.71 34.94
CA ILE B 1052 -46.37 -16.27 35.17
C ILE B 1052 -47.71 -15.74 35.65
N ASP B 1053 -47.67 -14.83 36.61
CA ASP B 1053 -48.86 -14.19 37.12
C ASP B 1053 -49.83 -15.23 37.68
N VAL B 1054 -49.33 -15.93 38.69
CA VAL B 1054 -50.05 -17.05 39.29
C VAL B 1054 -51.41 -16.66 39.85
N CYS B 1055 -51.65 -15.38 40.09
CA CYS B 1055 -52.93 -14.91 40.57
C CYS B 1055 -53.90 -14.60 39.44
N ALA B 1056 -53.43 -14.59 38.19
CA ALA B 1056 -54.30 -14.45 37.05
C ALA B 1056 -55.32 -15.57 37.02
N ASN B 1057 -56.38 -15.38 36.24
CA ASN B 1057 -57.41 -16.39 36.13
C ASN B 1057 -56.90 -17.58 35.33
N ASP B 1058 -56.19 -17.31 34.25
CA ASP B 1058 -55.57 -18.35 33.43
C ASP B 1058 -54.24 -18.75 34.02
N SER B 1059 -54.32 -19.51 35.11
CA SER B 1059 -53.18 -19.98 35.85
C SER B 1059 -53.26 -21.49 36.03
N THR B 1060 -52.17 -22.16 35.72
CA THR B 1060 -51.94 -23.51 36.16
C THR B 1060 -51.53 -23.57 37.64
N LEU B 1061 -51.29 -22.42 38.25
CA LEU B 1061 -50.82 -22.31 39.63
C LEU B 1061 -51.70 -21.36 40.42
N PRO B 1062 -53.00 -21.66 40.56
CA PRO B 1062 -53.87 -20.79 41.35
C PRO B 1062 -53.72 -20.95 42.85
N THR B 1063 -52.83 -21.83 43.29
CA THR B 1063 -52.53 -22.08 44.69
C THR B 1063 -51.26 -21.40 45.13
N ILE B 1064 -50.41 -21.02 44.18
CA ILE B 1064 -49.19 -20.27 44.44
C ILE B 1064 -49.48 -18.80 44.67
N CYS B 1065 -50.71 -18.37 44.48
CA CYS B 1065 -51.05 -16.96 44.63
C CYS B 1065 -50.99 -16.57 46.09
N GLY B 1066 -50.39 -15.42 46.35
CA GLY B 1066 -50.24 -14.93 47.69
C GLY B 1066 -49.39 -13.68 47.72
N PRO B 1067 -48.95 -13.28 48.90
CA PRO B 1067 -48.22 -12.01 49.02
C PRO B 1067 -46.86 -11.99 48.33
N GLY B 1068 -46.76 -11.15 47.30
CA GLY B 1068 -45.51 -10.88 46.64
C GLY B 1068 -45.35 -11.52 45.28
N THR B 1069 -46.29 -12.35 44.84
CA THR B 1069 -46.16 -13.14 43.63
C THR B 1069 -46.32 -12.32 42.37
N TRP B 1070 -46.78 -11.08 42.50
CA TRP B 1070 -46.82 -10.13 41.39
C TRP B 1070 -45.43 -9.65 40.98
N LEU B 1071 -44.39 -10.02 41.70
CA LEU B 1071 -43.06 -9.58 41.38
C LEU B 1071 -42.43 -10.41 40.30
N THR B 1072 -42.86 -11.65 40.15
CA THR B 1072 -42.25 -12.62 39.28
C THR B 1072 -42.45 -12.33 37.79
N PRO B 1073 -43.58 -11.77 37.35
CA PRO B 1073 -43.63 -11.30 35.96
C PRO B 1073 -42.57 -10.28 35.63
N PHE B 1074 -42.21 -9.44 36.59
CA PHE B 1074 -41.15 -8.47 36.37
C PHE B 1074 -39.79 -9.13 36.38
N LEU B 1075 -39.53 -9.96 37.38
CA LEU B 1075 -38.27 -10.68 37.45
C LEU B 1075 -38.00 -11.47 36.18
N GLN B 1076 -39.04 -12.12 35.66
CA GLN B 1076 -38.94 -12.95 34.48
C GLN B 1076 -38.82 -12.14 33.21
N ALA B 1077 -39.49 -11.01 33.17
CA ALA B 1077 -39.29 -10.05 32.10
C ALA B 1077 -37.84 -9.61 32.01
N VAL B 1078 -37.26 -9.26 33.15
CA VAL B 1078 -35.86 -8.87 33.19
C VAL B 1078 -34.98 -10.05 32.87
N TYR B 1079 -35.36 -11.23 33.36
CA TYR B 1079 -34.57 -12.43 33.14
C TYR B 1079 -34.38 -12.73 31.66
N LEU B 1080 -35.47 -12.87 30.93
CA LEU B 1080 -35.41 -13.28 29.54
C LEU B 1080 -34.82 -12.21 28.65
N PHE B 1081 -35.13 -10.96 28.93
CA PHE B 1081 -34.43 -9.87 28.31
C PHE B 1081 -32.93 -10.04 28.44
N VAL B 1082 -32.47 -10.45 29.62
CA VAL B 1082 -31.05 -10.64 29.82
C VAL B 1082 -30.58 -11.92 29.14
N GLN B 1083 -31.33 -13.00 29.28
CA GLN B 1083 -30.95 -14.23 28.59
C GLN B 1083 -30.94 -14.07 27.08
N TYR B 1084 -32.10 -13.93 26.47
CA TYR B 1084 -32.19 -13.90 25.03
C TYR B 1084 -31.54 -12.67 24.45
N ILE B 1085 -32.05 -11.51 24.83
CA ILE B 1085 -31.76 -10.28 24.12
C ILE B 1085 -30.36 -9.76 24.45
N ILE B 1086 -29.70 -10.29 25.47
CA ILE B 1086 -28.35 -9.89 25.83
C ILE B 1086 -27.39 -11.06 25.76
N MET B 1087 -27.68 -12.15 26.45
CA MET B 1087 -26.69 -13.20 26.62
C MET B 1087 -26.70 -14.21 25.49
N VAL B 1088 -27.87 -14.59 25.00
CA VAL B 1088 -27.93 -15.45 23.82
C VAL B 1088 -27.37 -14.75 22.59
N ASN B 1089 -27.61 -13.46 22.42
CA ASN B 1089 -27.00 -12.73 21.33
C ASN B 1089 -25.55 -12.39 21.60
N LEU B 1090 -25.07 -12.64 22.81
CA LEU B 1090 -23.65 -12.60 23.10
C LEU B 1090 -22.96 -13.88 22.71
N LEU B 1091 -23.69 -14.99 22.74
CA LEU B 1091 -23.21 -16.22 22.15
C LEU B 1091 -23.15 -16.13 20.64
N ILE B 1092 -24.27 -15.80 20.01
CA ILE B 1092 -24.32 -15.63 18.55
C ILE B 1092 -23.18 -14.75 18.08
N ALA B 1093 -23.06 -13.56 18.65
CA ALA B 1093 -21.95 -12.67 18.37
C ALA B 1093 -20.60 -13.32 18.65
N PHE B 1094 -20.50 -14.12 19.71
CA PHE B 1094 -19.29 -14.87 19.96
C PHE B 1094 -19.01 -15.86 18.84
N PHE B 1095 -19.97 -16.76 18.57
CA PHE B 1095 -19.79 -17.74 17.51
C PHE B 1095 -19.56 -17.12 16.14
N ASN B 1096 -19.92 -15.86 15.91
CA ASN B 1096 -19.66 -15.25 14.62
C ASN B 1096 -18.22 -14.84 14.48
N GLN B 1097 -17.63 -14.32 15.54
CA GLN B 1097 -16.31 -13.73 15.51
C GLN B 1097 -15.20 -14.67 15.92
N VAL B 1098 -15.55 -15.82 16.51
CA VAL B 1098 -14.59 -16.88 16.76
C VAL B 1098 -14.77 -18.02 15.76
N TYR B 1099 -15.50 -17.79 14.67
CA TYR B 1099 -15.72 -18.80 13.65
C TYR B 1099 -14.57 -18.85 12.67
N LEU B 1100 -14.15 -17.70 12.18
CA LEU B 1100 -13.09 -17.65 11.20
C LEU B 1100 -11.75 -18.00 11.79
N GLN B 1101 -11.55 -17.66 13.07
CA GLN B 1101 -10.38 -18.10 13.81
C GLN B 1101 -10.36 -19.62 13.91
N VAL B 1102 -11.36 -20.16 14.59
CA VAL B 1102 -11.43 -21.58 14.89
C VAL B 1102 -11.56 -22.42 13.63
N LYS B 1103 -11.92 -21.81 12.50
CA LYS B 1103 -12.02 -22.53 11.25
C LYS B 1103 -10.68 -22.63 10.55
N ALA B 1104 -9.83 -21.61 10.71
CA ALA B 1104 -8.45 -21.65 10.25
C ALA B 1104 -7.51 -22.29 11.26
N ILE B 1105 -8.05 -23.01 12.24
CA ILE B 1105 -7.27 -23.72 13.24
C ILE B 1105 -7.73 -25.18 13.28
N SER B 1106 -9.05 -25.38 13.39
CA SER B 1106 -9.63 -26.70 13.36
C SER B 1106 -9.29 -27.47 12.09
N ASN B 1107 -8.97 -26.79 11.00
CA ASN B 1107 -8.40 -27.43 9.85
C ASN B 1107 -7.00 -27.96 10.16
N ILE B 1108 -6.16 -27.10 10.72
CA ILE B 1108 -4.79 -27.47 11.05
C ILE B 1108 -4.75 -28.48 12.16
N VAL B 1109 -5.62 -28.34 13.17
CA VAL B 1109 -5.76 -29.36 14.20
C VAL B 1109 -6.26 -30.67 13.63
N TRP B 1110 -7.01 -30.60 12.53
CA TRP B 1110 -7.55 -31.79 11.91
C TRP B 1110 -6.53 -32.47 11.02
N LYS B 1111 -5.87 -31.69 10.18
CA LYS B 1111 -4.82 -32.19 9.31
C LYS B 1111 -3.64 -32.75 10.09
N TYR B 1112 -3.52 -32.41 11.37
CA TYR B 1112 -2.44 -32.89 12.22
C TYR B 1112 -2.83 -34.11 13.04
N GLN B 1113 -4.10 -34.23 13.43
CA GLN B 1113 -4.62 -35.48 13.95
C GLN B 1113 -4.79 -36.53 12.89
N ARG B 1114 -4.63 -36.16 11.63
CA ARG B 1114 -4.79 -37.09 10.53
C ARG B 1114 -3.60 -38.02 10.43
N TYR B 1115 -2.39 -37.48 10.55
CA TYR B 1115 -1.19 -38.26 10.75
C TYR B 1115 -1.41 -39.36 11.77
N HIS B 1116 -1.78 -38.97 12.99
CA HIS B 1116 -1.93 -39.91 14.08
C HIS B 1116 -3.09 -40.87 13.88
N PHE B 1117 -3.90 -40.66 12.85
CA PHE B 1117 -5.04 -41.49 12.54
C PHE B 1117 -4.67 -42.48 11.46
N ILE B 1118 -4.13 -41.96 10.35
CA ILE B 1118 -3.68 -42.80 9.25
C ILE B 1118 -2.55 -43.71 9.70
N MET B 1119 -1.55 -43.13 10.37
CA MET B 1119 -0.41 -43.89 10.85
C MET B 1119 -0.71 -44.66 12.13
N ALA B 1120 -1.99 -44.82 12.46
CA ALA B 1120 -2.43 -45.83 13.37
C ALA B 1120 -3.03 -47.02 12.65
N TYR B 1121 -3.42 -46.85 11.39
CA TYR B 1121 -3.94 -47.94 10.58
C TYR B 1121 -2.84 -48.72 9.89
N HIS B 1122 -1.71 -48.06 9.59
CA HIS B 1122 -0.53 -48.77 9.11
C HIS B 1122 0.04 -49.74 10.13
N GLU B 1123 -0.39 -49.63 11.39
CA GLU B 1123 -0.05 -50.60 12.41
C GLU B 1123 -1.28 -51.14 13.10
N LYS B 1124 -2.47 -50.76 12.64
CA LYS B 1124 -3.63 -51.47 13.11
C LYS B 1124 -3.73 -52.80 12.39
N PRO B 1125 -4.30 -53.82 13.01
CA PRO B 1125 -4.55 -55.05 12.29
C PRO B 1125 -5.51 -54.88 11.14
N VAL B 1126 -5.74 -56.00 10.47
CA VAL B 1126 -6.61 -56.06 9.31
C VAL B 1126 -8.05 -56.24 9.72
N LEU B 1127 -8.27 -56.93 10.81
CA LEU B 1127 -9.55 -57.50 11.16
C LEU B 1127 -10.27 -56.56 12.13
N PRO B 1128 -11.59 -56.42 12.06
CA PRO B 1128 -12.24 -55.44 12.87
C PRO B 1128 -12.35 -55.91 14.30
N PRO B 1129 -12.69 -55.03 15.24
CA PRO B 1129 -12.57 -55.42 16.63
C PRO B 1129 -13.66 -56.31 17.18
N PRO B 1130 -14.48 -57.00 16.37
CA PRO B 1130 -15.13 -58.21 16.90
C PRO B 1130 -14.29 -59.46 16.76
N LEU B 1131 -13.51 -59.50 15.69
CA LEU B 1131 -12.69 -60.66 15.35
C LEU B 1131 -11.28 -60.22 14.99
N ILE B 1132 -10.86 -59.06 15.49
CA ILE B 1132 -9.44 -58.70 15.52
C ILE B 1132 -8.67 -59.62 16.44
N ILE B 1133 -9.37 -60.35 17.31
CA ILE B 1133 -8.72 -61.23 18.28
C ILE B 1133 -7.91 -62.28 17.55
N LEU B 1134 -8.37 -62.72 16.38
CA LEU B 1134 -7.60 -63.67 15.59
C LEU B 1134 -6.27 -63.04 15.17
N SER B 1135 -6.27 -61.79 14.73
CA SER B 1135 -5.04 -61.10 14.43
C SER B 1135 -4.27 -60.66 15.67
N HIS B 1136 -4.80 -60.91 16.87
CA HIS B 1136 -4.01 -60.83 18.10
C HIS B 1136 -3.53 -62.20 18.54
N ILE B 1137 -4.44 -63.17 18.58
CA ILE B 1137 -4.07 -64.58 18.71
C ILE B 1137 -2.93 -64.88 17.75
N VAL B 1138 -3.12 -64.54 16.48
CA VAL B 1138 -2.15 -64.92 15.45
C VAL B 1138 -1.09 -63.81 15.32
N SER B 1139 -0.91 -63.03 16.39
CA SER B 1139 0.29 -62.22 16.55
C SER B 1139 1.00 -62.48 17.87
N LEU B 1140 0.35 -63.15 18.84
CA LEU B 1140 0.93 -63.32 20.17
C LEU B 1140 1.46 -64.73 20.44
N PHE B 1141 0.67 -65.79 20.20
CA PHE B 1141 1.25 -67.11 20.39
C PHE B 1141 2.39 -67.35 19.39
N CYS B 1142 2.30 -66.71 18.22
CA CYS B 1142 3.41 -66.74 17.29
C CYS B 1142 4.58 -65.88 17.78
N CYS B 1143 4.28 -64.83 18.55
CA CYS B 1143 5.33 -64.03 19.16
C CYS B 1143 6.07 -64.78 20.25
N VAL B 1144 5.38 -65.68 20.95
CA VAL B 1144 6.04 -66.51 21.96
C VAL B 1144 7.00 -67.49 21.29
N CYS B 1145 6.81 -67.79 20.00
CA CYS B 1145 7.72 -68.68 19.29
C CYS B 1145 9.04 -67.99 18.96
N LYS B 1146 9.01 -66.72 18.59
CA LYS B 1146 10.24 -65.98 18.30
C LYS B 1146 11.00 -65.69 19.58
N GLY B 1156 8.57 -50.66 11.38
CA GLY B 1156 7.55 -49.72 10.95
C GLY B 1156 7.52 -49.54 9.45
N PRO B 1157 6.62 -48.68 8.97
CA PRO B 1157 6.54 -48.42 7.53
C PRO B 1157 7.68 -47.54 7.05
N LYS B 1158 8.59 -48.14 6.29
CA LYS B 1158 9.83 -47.53 5.85
C LYS B 1158 9.79 -47.31 4.34
N LEU B 1159 10.58 -46.34 3.86
CA LEU B 1159 10.70 -46.02 2.44
C LEU B 1159 11.87 -46.83 1.90
N PHE B 1160 11.58 -47.80 1.05
CA PHE B 1160 12.60 -48.67 0.49
C PHE B 1160 13.08 -48.10 -0.83
N LEU B 1161 14.28 -47.50 -0.80
CA LEU B 1161 14.93 -46.97 -1.99
C LEU B 1161 16.16 -47.79 -2.30
N THR B 1162 16.41 -48.03 -3.59
CA THR B 1162 17.31 -49.10 -3.96
C THR B 1162 18.76 -48.81 -3.54
N GLU B 1163 19.51 -48.11 -4.40
CA GLU B 1163 20.71 -47.38 -3.99
C GLU B 1163 20.82 -46.08 -4.78
N GLU B 1164 20.53 -46.17 -6.07
CA GLU B 1164 20.51 -45.02 -6.96
C GLU B 1164 19.38 -44.06 -6.61
N ASP B 1165 18.31 -44.56 -6.04
CA ASP B 1165 17.17 -43.71 -5.73
C ASP B 1165 17.43 -42.85 -4.50
N GLN B 1166 18.22 -43.34 -3.55
CA GLN B 1166 18.78 -42.46 -2.53
C GLN B 1166 19.60 -41.36 -3.19
N LYS B 1167 20.37 -41.71 -4.23
CA LYS B 1167 21.26 -40.76 -4.87
C LYS B 1167 20.45 -39.71 -5.64
N LYS B 1168 19.41 -40.15 -6.35
CA LYS B 1168 18.57 -39.20 -7.07
C LYS B 1168 17.77 -38.33 -6.10
N LEU B 1169 17.45 -38.86 -4.92
CA LEU B 1169 16.72 -38.11 -3.92
C LEU B 1169 17.58 -37.04 -3.29
N HIS B 1170 18.81 -37.39 -2.90
CA HIS B 1170 19.72 -36.40 -2.34
C HIS B 1170 20.01 -35.30 -3.34
N ASP B 1171 20.14 -35.66 -4.62
CA ASP B 1171 20.31 -34.65 -5.66
C ASP B 1171 19.11 -33.75 -5.77
N PHE B 1172 17.92 -34.24 -5.38
CA PHE B 1172 16.71 -33.43 -5.42
C PHE B 1172 16.65 -32.47 -4.24
N GLU B 1173 16.98 -32.94 -3.05
CA GLU B 1173 16.95 -32.08 -1.87
C GLU B 1173 17.94 -30.95 -2.01
N GLU B 1174 19.17 -31.27 -2.43
CA GLU B 1174 20.16 -30.24 -2.69
C GLU B 1174 19.65 -29.23 -3.70
N GLN B 1175 18.94 -29.70 -4.72
CA GLN B 1175 18.43 -28.82 -5.76
C GLN B 1175 17.37 -27.89 -5.19
N CYS B 1176 16.52 -28.39 -4.30
CA CYS B 1176 15.39 -27.60 -3.80
C CYS B 1176 15.83 -26.63 -2.72
N VAL B 1177 16.85 -26.98 -1.94
CA VAL B 1177 17.41 -26.05 -0.98
C VAL B 1177 18.04 -24.87 -1.71
N GLU B 1178 18.83 -25.16 -2.74
CA GLU B 1178 19.48 -24.14 -3.54
C GLU B 1178 18.49 -23.12 -4.09
N MET B 1179 17.32 -23.58 -4.55
CA MET B 1179 16.31 -22.66 -5.04
C MET B 1179 15.72 -21.83 -3.92
N TYR B 1180 15.54 -22.44 -2.74
CA TYR B 1180 14.94 -21.74 -1.62
C TYR B 1180 15.80 -20.56 -1.18
N PHE B 1181 17.10 -20.79 -1.00
CA PHE B 1181 18.04 -19.73 -0.67
C PHE B 1181 18.27 -18.76 -1.82
N ASP B 1182 17.70 -19.02 -2.99
CA ASP B 1182 17.86 -18.20 -4.17
C ASP B 1182 16.61 -17.41 -4.52
N GLU B 1183 15.43 -17.93 -4.17
CA GLU B 1183 14.18 -17.20 -4.42
C GLU B 1183 13.86 -16.18 -3.34
N LYS B 1184 14.11 -16.53 -2.07
CA LYS B 1184 14.08 -15.53 -1.00
C LYS B 1184 14.97 -14.35 -1.34
N ASP B 1185 16.15 -14.64 -1.88
CA ASP B 1185 17.07 -13.60 -2.30
C ASP B 1185 16.43 -12.70 -3.34
N ASP B 1186 15.59 -13.27 -4.20
CA ASP B 1186 14.94 -12.53 -5.27
C ASP B 1186 13.70 -11.78 -4.78
N LYS B 1187 12.88 -12.42 -3.94
CA LYS B 1187 11.66 -11.80 -3.44
C LYS B 1187 11.97 -10.56 -2.60
N PHE B 1188 13.19 -10.46 -2.07
CA PHE B 1188 13.58 -9.31 -1.26
C PHE B 1188 14.37 -8.29 -2.08
N ASN B 1189 15.46 -8.72 -2.71
CA ASN B 1189 16.28 -7.83 -3.52
C ASN B 1189 15.52 -7.23 -4.70
N SER B 1190 14.42 -7.86 -5.12
CA SER B 1190 13.63 -7.41 -6.25
C SER B 1190 12.18 -7.18 -5.86
N GLY B 1191 11.97 -6.75 -4.61
CA GLY B 1191 10.68 -6.28 -4.14
C GLY B 1191 10.51 -4.80 -4.38
N SER B 1192 9.74 -4.16 -3.50
CA SER B 1192 9.42 -2.74 -3.61
C SER B 1192 10.00 -1.93 -2.45
N GLU B 1193 9.68 -2.30 -1.21
CA GLU B 1193 10.20 -1.57 -0.05
C GLU B 1193 11.72 -1.67 0.01
N GLU B 1194 12.29 -2.78 -0.43
CA GLU B 1194 13.73 -2.89 -0.56
C GLU B 1194 14.25 -2.08 -1.74
N ARG B 1195 13.44 -1.93 -2.77
CA ARG B 1195 13.90 -1.26 -3.98
C ARG B 1195 13.87 0.25 -3.79
N ILE B 1196 12.92 0.74 -2.99
CA ILE B 1196 12.95 2.12 -2.55
C ILE B 1196 14.16 2.36 -1.65
N ARG B 1197 14.53 1.36 -0.84
CA ARG B 1197 15.69 1.50 0.04
C ARG B 1197 16.95 1.70 -0.76
N VAL B 1198 17.16 0.91 -1.82
CA VAL B 1198 18.37 1.05 -2.60
C VAL B 1198 18.36 2.36 -3.36
N THR B 1199 17.23 2.67 -3.99
CA THR B 1199 17.09 3.91 -4.76
C THR B 1199 17.38 5.13 -3.89
N PHE B 1200 17.04 5.07 -2.61
CA PHE B 1200 17.48 6.07 -1.65
C PHE B 1200 18.99 6.07 -1.50
N GLU B 1201 19.56 4.91 -1.20
CA GLU B 1201 20.99 4.81 -0.94
C GLU B 1201 21.81 5.13 -2.17
N ARG B 1202 21.31 4.82 -3.36
CA ARG B 1202 22.00 5.22 -4.58
C ARG B 1202 21.97 6.73 -4.73
N VAL B 1203 20.76 7.30 -4.74
CA VAL B 1203 20.60 8.73 -4.92
C VAL B 1203 21.28 9.52 -3.80
N GLU B 1204 21.48 8.93 -2.62
CA GLU B 1204 22.46 9.48 -1.70
C GLU B 1204 23.83 9.56 -2.33
N GLN B 1205 24.42 8.39 -2.61
CA GLN B 1205 25.81 8.33 -3.02
C GLN B 1205 26.02 8.91 -4.40
N MET B 1206 24.99 8.95 -5.23
CA MET B 1206 25.06 9.72 -6.47
C MET B 1206 25.28 11.19 -6.17
N SER B 1207 24.29 11.81 -5.50
CA SER B 1207 24.24 13.24 -5.28
C SER B 1207 25.50 13.79 -4.65
N ILE B 1208 26.24 12.98 -3.91
CA ILE B 1208 27.54 13.38 -3.40
C ILE B 1208 28.53 13.53 -4.55
N GLN B 1209 28.57 12.56 -5.45
CA GLN B 1209 29.44 12.61 -6.61
C GLN B 1209 28.80 13.33 -7.79
N ILE B 1210 27.63 13.93 -7.61
CA ILE B 1210 27.11 14.90 -8.57
C ILE B 1210 27.64 16.29 -8.23
N LYS B 1211 27.29 16.79 -7.04
CA LYS B 1211 27.67 18.14 -6.67
C LYS B 1211 29.18 18.30 -6.58
N GLU B 1212 29.88 17.26 -6.13
CA GLU B 1212 31.34 17.32 -6.07
C GLU B 1212 31.92 17.41 -7.48
N VAL B 1213 31.50 16.50 -8.36
CA VAL B 1213 32.00 16.48 -9.72
C VAL B 1213 31.56 17.74 -10.45
N GLY B 1214 30.29 18.11 -10.29
CA GLY B 1214 29.78 19.26 -11.03
C GLY B 1214 30.39 20.56 -10.59
N ASP B 1215 30.81 20.65 -9.33
CA ASP B 1215 31.61 21.78 -8.90
C ASP B 1215 32.87 21.90 -9.74
N ARG B 1216 33.67 20.82 -9.79
CA ARG B 1216 34.97 20.83 -10.44
C ARG B 1216 34.87 21.28 -11.88
N VAL B 1217 33.80 20.90 -12.57
CA VAL B 1217 33.58 21.33 -13.96
C VAL B 1217 33.56 22.85 -14.04
N ASN B 1218 32.83 23.48 -13.11
CA ASN B 1218 32.75 24.94 -13.11
C ASN B 1218 34.09 25.57 -12.79
N TYR B 1219 34.91 24.90 -11.97
CA TYR B 1219 36.26 25.39 -11.70
C TYR B 1219 37.21 25.17 -12.88
N ILE B 1220 36.79 24.38 -13.88
CA ILE B 1220 37.56 24.25 -15.13
C ILE B 1220 37.17 25.34 -16.12
N LYS B 1221 35.86 25.47 -16.40
CA LYS B 1221 35.40 26.38 -17.44
C LYS B 1221 35.76 27.82 -17.11
N ARG B 1222 35.74 28.19 -15.83
CA ARG B 1222 36.20 29.51 -15.43
C ARG B 1222 37.69 29.68 -15.68
N SER B 1223 38.44 28.59 -15.70
CA SER B 1223 39.85 28.63 -16.03
C SER B 1223 40.08 28.50 -17.54
N LEU B 1224 39.47 27.47 -18.15
CA LEU B 1224 39.69 27.16 -19.57
C LEU B 1224 39.47 28.36 -20.47
N GLN B 1225 38.43 29.14 -20.21
CA GLN B 1225 38.21 30.37 -20.96
C GLN B 1225 39.29 31.40 -20.67
N SER B 1226 39.98 31.28 -19.52
CA SER B 1226 41.09 32.16 -19.19
C SER B 1226 42.43 31.62 -19.67
N LEU B 1227 42.57 30.30 -19.83
CA LEU B 1227 43.79 29.74 -20.42
C LEU B 1227 44.00 30.25 -21.84
N ASP B 1228 42.92 30.28 -22.64
CA ASP B 1228 42.99 30.77 -24.01
C ASP B 1228 42.70 32.26 -24.09
N SER B 1229 41.53 32.68 -23.58
CA SER B 1229 41.06 34.07 -23.65
C SER B 1229 41.25 34.71 -25.04
N GLN C 2 31.58 -55.58 -15.44
CA GLN C 2 32.37 -54.52 -14.80
C GLN C 2 31.61 -53.61 -13.82
N LYS C 3 30.30 -53.45 -14.04
CA LYS C 3 29.45 -52.50 -13.32
C LYS C 3 29.90 -51.04 -13.49
N SER C 4 30.79 -50.77 -14.44
CA SER C 4 31.22 -49.40 -14.74
C SER C 4 31.72 -49.37 -16.17
N TRP C 5 30.88 -48.87 -17.07
CA TRP C 5 31.26 -48.72 -18.47
C TRP C 5 32.47 -47.81 -18.63
N ILE C 6 32.67 -46.89 -17.68
CA ILE C 6 33.74 -45.92 -17.74
C ILE C 6 35.08 -46.63 -17.82
N GLU C 7 35.37 -47.48 -16.84
CA GLU C 7 36.60 -48.24 -16.82
C GLU C 7 36.55 -49.47 -17.71
N SER C 8 35.37 -49.82 -18.24
CA SER C 8 35.30 -50.85 -19.27
C SER C 8 35.88 -50.35 -20.58
N THR C 9 35.70 -49.06 -20.87
CA THR C 9 36.13 -48.45 -22.12
C THR C 9 37.45 -47.70 -21.95
N LEU C 10 37.50 -46.78 -21.00
CA LEU C 10 38.69 -45.96 -20.79
C LEU C 10 39.76 -46.77 -20.05
N THR C 11 41.00 -46.30 -20.15
CA THR C 11 42.13 -46.94 -19.49
C THR C 11 42.97 -45.86 -18.80
N LYS C 12 44.14 -46.25 -18.28
CA LYS C 12 45.02 -45.34 -17.55
C LYS C 12 46.47 -45.64 -17.88
N ARG C 13 47.28 -44.60 -18.00
CA ARG C 13 48.69 -44.75 -18.31
C ARG C 13 49.52 -44.74 -17.04
N GLU C 14 50.47 -45.68 -16.98
CA GLU C 14 51.43 -45.79 -15.89
C GLU C 14 52.80 -46.07 -16.51
N CYS C 15 53.84 -45.41 -16.00
CA CYS C 15 55.19 -45.65 -16.50
C CYS C 15 55.60 -47.05 -16.05
N VAL C 16 55.49 -48.03 -16.97
CA VAL C 16 55.74 -49.43 -16.61
C VAL C 16 57.20 -49.80 -16.70
N TYR C 17 58.07 -48.84 -17.01
CA TYR C 17 59.50 -49.04 -17.17
C TYR C 17 60.18 -47.96 -16.33
N ILE C 18 61.51 -47.98 -16.25
CA ILE C 18 62.25 -47.05 -15.39
C ILE C 18 63.40 -46.44 -16.20
N ILE C 19 63.38 -45.12 -16.35
CA ILE C 19 64.38 -44.37 -17.11
C ILE C 19 64.98 -43.29 -16.21
N PRO C 20 66.11 -43.51 -15.53
CA PRO C 20 66.79 -42.39 -14.88
C PRO C 20 67.09 -41.22 -15.81
N SER C 21 67.15 -40.03 -15.23
CA SER C 21 67.44 -38.79 -15.94
C SER C 21 68.60 -38.01 -15.35
N SER C 22 69.15 -38.46 -14.22
CA SER C 22 70.30 -37.82 -13.58
C SER C 22 71.31 -38.88 -13.16
N LYS C 23 72.59 -38.50 -13.19
CA LYS C 23 73.69 -39.43 -12.94
C LYS C 23 74.65 -38.90 -11.88
N ASP C 24 74.90 -37.60 -11.87
CA ASP C 24 75.97 -37.03 -11.05
C ASP C 24 75.65 -37.17 -9.57
N PRO C 25 76.53 -37.78 -8.75
CA PRO C 25 76.24 -37.86 -7.30
C PRO C 25 76.48 -36.55 -6.56
N HIS C 26 75.45 -35.70 -6.51
CA HIS C 26 75.44 -34.51 -5.65
C HIS C 26 75.84 -34.85 -4.22
N ARG C 27 75.48 -36.04 -3.75
CA ARG C 27 75.73 -36.47 -2.38
C ARG C 27 75.82 -37.99 -2.39
N CYS C 28 76.66 -38.54 -1.51
CA CYS C 28 76.72 -39.98 -1.31
C CYS C 28 77.12 -40.70 -2.60
N LEU C 29 78.42 -40.56 -2.94
CA LEU C 29 79.05 -41.07 -4.16
C LEU C 29 78.51 -42.39 -4.68
N PRO C 30 78.21 -43.40 -3.85
CA PRO C 30 77.55 -44.59 -4.41
C PRO C 30 76.11 -44.26 -4.79
N GLY C 31 75.96 -43.73 -6.01
CA GLY C 31 74.71 -43.19 -6.53
C GLY C 31 73.46 -44.02 -6.31
N CYS C 32 73.62 -45.34 -6.19
CA CYS C 32 72.51 -46.25 -5.93
C CYS C 32 71.62 -45.78 -4.78
N GLN C 33 72.23 -45.29 -3.70
CA GLN C 33 71.44 -44.79 -2.57
C GLN C 33 70.59 -43.59 -2.98
N ILE C 34 71.21 -42.54 -3.53
CA ILE C 34 70.48 -41.32 -3.87
C ILE C 34 69.53 -41.51 -5.03
N CYS C 35 69.86 -42.39 -5.99
CA CYS C 35 68.97 -42.64 -7.11
C CYS C 35 67.63 -43.18 -6.66
N GLN C 36 67.61 -43.84 -5.49
CA GLN C 36 66.37 -44.26 -4.86
C GLN C 36 65.41 -43.08 -4.69
N GLN C 37 65.84 -42.03 -4.00
CA GLN C 37 64.92 -41.01 -3.50
C GLN C 37 64.90 -39.68 -4.26
N LEU C 38 65.86 -39.42 -5.18
CA LEU C 38 66.02 -38.06 -5.71
C LEU C 38 66.39 -38.05 -7.21
N VAL C 39 66.20 -39.14 -7.93
CA VAL C 39 66.49 -39.18 -9.36
C VAL C 39 65.23 -39.62 -10.09
N ARG C 40 64.60 -38.68 -10.79
CA ARG C 40 63.28 -38.88 -11.37
C ARG C 40 63.39 -39.27 -12.84
N CYS C 41 62.35 -39.94 -13.30
CA CYS C 41 62.24 -40.41 -14.67
C CYS C 41 61.67 -39.29 -15.56
N PHE C 42 61.82 -39.45 -16.88
CA PHE C 42 61.00 -38.67 -17.81
C PHE C 42 59.54 -39.10 -17.75
N CYS C 43 59.27 -40.20 -17.03
CA CYS C 43 57.98 -40.50 -16.40
C CYS C 43 57.55 -39.41 -15.43
N GLY C 44 58.41 -38.47 -15.05
CA GLY C 44 58.06 -37.44 -14.11
C GLY C 44 58.10 -37.90 -12.67
N ARG C 45 57.47 -39.04 -12.38
CA ARG C 45 57.56 -39.61 -11.05
C ARG C 45 58.94 -40.19 -10.81
N LEU C 46 59.28 -40.33 -9.54
CA LEU C 46 60.57 -40.84 -9.13
C LEU C 46 60.73 -42.30 -9.54
N VAL C 47 61.98 -42.76 -9.68
CA VAL C 47 62.23 -44.13 -10.11
C VAL C 47 61.64 -45.15 -9.14
N LYS C 48 61.46 -44.78 -7.86
CA LYS C 48 60.86 -45.67 -6.88
C LYS C 48 59.35 -45.50 -6.76
N GLN C 49 58.80 -44.35 -7.16
CA GLN C 49 57.36 -44.21 -7.28
C GLN C 49 56.78 -45.09 -8.39
N HIS C 50 57.64 -45.68 -9.23
CA HIS C 50 57.25 -46.72 -10.15
C HIS C 50 57.02 -48.03 -9.40
N ALA C 51 55.94 -48.10 -8.62
CA ALA C 51 55.65 -49.34 -7.92
C ALA C 51 55.39 -50.42 -8.95
N CYS C 52 54.23 -50.34 -9.64
CA CYS C 52 53.89 -51.16 -10.82
C CYS C 52 54.35 -52.61 -10.66
N PHE C 53 53.70 -53.36 -9.77
CA PHE C 53 54.30 -54.38 -8.91
C PHE C 53 55.56 -55.06 -9.44
N THR C 54 55.62 -55.42 -10.73
CA THR C 54 56.86 -55.96 -11.27
C THR C 54 57.99 -54.92 -11.24
N ALA C 55 57.68 -53.65 -11.50
CA ALA C 55 58.69 -52.60 -11.41
C ALA C 55 59.04 -52.26 -9.97
N SER C 56 58.25 -52.70 -8.98
CA SER C 56 58.64 -52.51 -7.59
C SER C 56 59.77 -53.44 -7.21
N LEU C 57 59.74 -54.68 -7.70
CA LEU C 57 60.89 -55.57 -7.58
C LEU C 57 62.06 -55.09 -8.43
N ALA C 58 61.79 -54.26 -9.42
CA ALA C 58 62.86 -53.63 -10.20
C ALA C 58 63.53 -52.48 -9.44
N MET C 59 63.16 -52.27 -8.17
CA MET C 59 63.99 -51.51 -7.24
C MET C 59 65.09 -52.40 -6.67
N LYS C 60 65.95 -52.88 -7.57
CA LYS C 60 67.12 -53.66 -7.23
C LYS C 60 68.20 -52.62 -6.89
N TYR C 61 69.48 -52.99 -6.94
CA TYR C 61 70.62 -52.15 -6.56
C TYR C 61 70.44 -50.64 -6.80
N SER C 62 70.11 -50.22 -8.03
CA SER C 62 69.70 -48.85 -8.31
C SER C 62 68.33 -48.85 -8.98
N ASP C 63 68.24 -49.49 -10.15
CA ASP C 63 67.01 -49.73 -10.88
C ASP C 63 67.37 -50.44 -12.19
N VAL C 64 66.36 -50.66 -13.03
CA VAL C 64 66.55 -51.11 -14.40
C VAL C 64 67.61 -50.28 -15.10
N LYS C 65 68.35 -50.89 -16.03
CA LYS C 65 69.42 -50.23 -16.79
C LYS C 65 70.56 -49.75 -15.89
N LEU C 66 71.42 -50.71 -15.55
CA LEU C 66 72.66 -50.51 -14.79
C LEU C 66 73.36 -49.21 -15.14
N GLY C 67 73.94 -48.61 -14.10
CA GLY C 67 74.55 -47.29 -14.11
C GLY C 67 75.28 -46.85 -15.35
N GLU C 68 76.23 -47.65 -15.84
CA GLU C 68 76.94 -47.25 -17.05
C GLU C 68 75.96 -47.18 -18.24
N HIS C 69 75.57 -48.35 -18.76
CA HIS C 69 74.66 -48.52 -19.90
C HIS C 69 74.75 -47.37 -20.91
N PHE C 70 75.97 -47.08 -21.36
CA PHE C 70 76.20 -46.05 -22.38
C PHE C 70 75.56 -44.72 -21.96
N ASN C 71 76.12 -44.12 -20.90
CA ASN C 71 75.42 -43.26 -19.93
C ASN C 71 74.21 -42.48 -20.43
N GLN C 72 74.31 -41.87 -21.61
CA GLN C 72 73.29 -41.05 -22.25
C GLN C 72 72.27 -41.88 -23.03
N ALA C 73 72.12 -43.16 -22.72
CA ALA C 73 71.37 -44.06 -23.59
C ALA C 73 69.86 -43.92 -23.39
N ILE C 74 69.41 -43.70 -22.16
CA ILE C 74 68.05 -44.10 -21.84
C ILE C 74 67.04 -42.97 -22.10
N GLU C 75 66.96 -41.97 -21.21
CA GLU C 75 66.51 -40.59 -21.47
C GLU C 75 65.44 -40.40 -22.55
N GLU C 76 64.48 -41.33 -22.68
CA GLU C 76 63.41 -41.17 -23.67
C GLU C 76 62.02 -41.44 -23.10
N TRP C 77 61.87 -42.49 -22.29
CA TRP C 77 60.57 -42.89 -21.73
C TRP C 77 59.48 -42.92 -22.80
N SER C 78 59.54 -43.93 -23.68
CA SER C 78 58.50 -44.11 -24.67
C SER C 78 57.15 -44.25 -23.99
N VAL C 79 56.19 -43.43 -24.44
CA VAL C 79 54.87 -43.46 -23.85
C VAL C 79 54.01 -44.58 -24.44
N GLU C 80 54.58 -45.39 -25.35
CA GLU C 80 53.86 -46.48 -25.99
C GLU C 80 54.07 -47.81 -25.26
N LYS C 81 55.32 -48.29 -25.22
CA LYS C 81 55.60 -49.61 -24.63
C LYS C 81 56.20 -49.49 -23.23
N HIS C 82 56.99 -48.46 -22.95
CA HIS C 82 57.42 -48.16 -21.60
C HIS C 82 56.33 -47.44 -20.79
N THR C 83 55.11 -47.32 -21.33
CA THR C 83 53.95 -46.81 -20.61
C THR C 83 52.71 -47.52 -21.15
N GLU C 84 52.28 -48.59 -20.49
CA GLU C 84 51.15 -49.36 -20.96
C GLU C 84 49.85 -48.78 -20.39
N GLN C 85 48.73 -49.37 -20.78
CA GLN C 85 47.41 -48.97 -20.33
C GLN C 85 46.90 -49.95 -19.28
N SER C 86 45.89 -49.52 -18.53
CA SER C 86 45.27 -50.36 -17.52
C SER C 86 43.85 -49.87 -17.26
N PRO C 87 42.96 -50.71 -16.72
CA PRO C 87 41.62 -50.20 -16.36
C PRO C 87 41.70 -49.12 -15.29
N THR C 88 40.88 -48.08 -15.44
CA THR C 88 41.02 -46.88 -14.64
C THR C 88 40.76 -47.18 -13.16
N ASP C 89 41.70 -46.79 -12.31
CA ASP C 89 41.57 -46.95 -10.87
C ASP C 89 40.85 -45.78 -10.22
N ALA C 90 40.88 -44.61 -10.86
CA ALA C 90 40.12 -43.45 -10.46
C ALA C 90 38.84 -43.39 -11.29
N TYR C 91 37.72 -43.13 -10.63
CA TYR C 91 36.58 -42.42 -11.21
C TYR C 91 35.60 -42.11 -10.09
N GLY C 92 35.26 -40.85 -9.91
CA GLY C 92 34.38 -40.48 -8.83
C GLY C 92 33.78 -39.10 -9.01
N VAL C 93 33.59 -38.43 -7.88
CA VAL C 93 32.98 -37.11 -7.82
C VAL C 93 33.75 -36.29 -6.80
N ILE C 94 34.46 -35.27 -7.27
CA ILE C 94 35.17 -34.37 -6.37
C ILE C 94 34.15 -33.69 -5.48
N ASN C 95 34.49 -33.55 -4.21
CA ASN C 95 33.62 -32.93 -3.23
C ASN C 95 33.87 -31.42 -3.14
N PHE C 96 35.12 -30.99 -3.29
CA PHE C 96 35.54 -29.63 -2.98
C PHE C 96 35.03 -29.23 -1.60
N GLN C 97 35.53 -29.94 -0.59
CA GLN C 97 35.04 -29.75 0.77
C GLN C 97 35.38 -28.36 1.26
N GLY C 98 34.36 -27.51 1.32
CA GLY C 98 34.50 -26.14 1.80
C GLY C 98 34.50 -25.08 0.73
N GLY C 99 33.56 -24.15 0.82
CA GLY C 99 33.61 -22.90 0.09
C GLY C 99 32.29 -22.39 -0.45
N SER C 100 31.41 -23.27 -0.92
CA SER C 100 30.02 -22.88 -1.15
C SER C 100 29.16 -24.14 -1.23
N HIS C 101 28.50 -24.48 -0.12
CA HIS C 101 27.51 -25.55 -0.03
C HIS C 101 27.98 -26.87 -0.64
N SER C 102 29.30 -27.11 -0.68
CA SER C 102 29.87 -28.38 -1.13
C SER C 102 29.47 -28.68 -2.57
N TYR C 103 29.71 -27.69 -3.43
CA TYR C 103 29.49 -27.84 -4.88
C TYR C 103 30.26 -29.03 -5.44
N ARG C 104 29.63 -29.75 -6.36
CA ARG C 104 30.15 -31.02 -6.86
C ARG C 104 30.86 -30.87 -8.19
N ALA C 105 31.71 -31.85 -8.49
CA ALA C 105 32.31 -32.01 -9.81
C ALA C 105 32.72 -33.47 -10.00
N LYS C 106 33.12 -33.83 -11.22
CA LYS C 106 33.30 -35.23 -11.58
C LYS C 106 34.56 -35.37 -12.44
N TYR C 107 34.99 -36.62 -12.62
CA TYR C 107 36.25 -36.94 -13.29
C TYR C 107 36.25 -38.41 -13.68
N VAL C 108 37.31 -38.82 -14.39
CA VAL C 108 37.62 -40.24 -14.58
C VAL C 108 39.10 -40.53 -14.35
N ARG C 109 40.00 -39.66 -14.80
CA ARG C 109 41.42 -39.99 -15.02
C ARG C 109 41.62 -40.95 -16.18
N LEU C 110 41.38 -40.48 -17.40
CA LEU C 110 41.51 -41.29 -18.62
C LEU C 110 42.86 -41.06 -19.27
N SER C 111 43.23 -41.96 -20.17
CA SER C 111 44.40 -41.80 -21.01
C SER C 111 44.07 -41.00 -22.27
N TYR C 112 45.05 -40.22 -22.74
CA TYR C 112 44.88 -39.48 -23.99
C TYR C 112 44.81 -40.41 -25.20
N ASP C 113 45.17 -41.68 -25.03
CA ASP C 113 44.95 -42.72 -26.03
C ASP C 113 43.55 -42.67 -26.61
N THR C 114 42.58 -42.33 -25.77
CA THR C 114 41.17 -42.27 -26.12
C THR C 114 40.97 -41.48 -27.41
N LYS C 115 40.49 -42.17 -28.45
CA LYS C 115 40.25 -41.56 -29.75
C LYS C 115 39.22 -40.45 -29.62
N PRO C 116 39.22 -39.45 -30.53
CA PRO C 116 38.32 -38.31 -30.34
C PRO C 116 36.86 -38.67 -30.22
N GLU C 117 36.40 -39.63 -31.03
CA GLU C 117 35.01 -40.07 -30.93
C GLU C 117 34.76 -40.88 -29.67
N ILE C 118 35.79 -41.50 -29.11
CA ILE C 118 35.61 -42.23 -27.86
C ILE C 118 35.43 -41.24 -26.70
N ILE C 119 35.95 -40.03 -26.86
CA ILE C 119 35.89 -39.04 -25.78
C ILE C 119 34.53 -38.37 -25.75
N LEU C 120 33.87 -38.24 -26.90
CA LEU C 120 32.55 -37.62 -26.95
C LEU C 120 31.47 -38.57 -26.44
N GLN C 121 31.65 -39.86 -26.70
CA GLN C 121 30.64 -40.87 -26.40
C GLN C 121 30.66 -41.34 -24.95
N LEU C 122 31.21 -40.52 -24.05
CA LEU C 122 31.06 -40.71 -22.61
C LEU C 122 30.42 -39.47 -21.98
N LEU C 123 30.80 -38.29 -22.47
CA LEU C 123 30.34 -37.03 -21.89
C LEU C 123 28.83 -36.92 -21.90
N LEU C 124 28.18 -37.47 -22.93
CA LEU C 124 26.74 -37.34 -23.07
C LEU C 124 26.03 -38.39 -22.24
N LYS C 125 26.39 -39.66 -22.42
CA LYS C 125 25.57 -40.74 -21.89
C LYS C 125 25.95 -41.16 -20.47
N GLU C 126 27.22 -41.03 -20.09
CA GLU C 126 27.62 -41.36 -18.72
C GLU C 126 27.28 -40.23 -17.75
N TRP C 127 27.73 -39.02 -18.05
CA TRP C 127 27.52 -37.87 -17.18
C TRP C 127 26.22 -37.13 -17.48
N GLN C 128 25.44 -37.57 -18.47
CA GLN C 128 24.12 -37.02 -18.76
C GLN C 128 24.20 -35.52 -19.05
N MET C 129 25.31 -35.09 -19.62
CA MET C 129 25.48 -33.69 -20.02
C MET C 129 24.75 -33.50 -21.34
N GLU C 130 23.66 -32.73 -21.31
CA GLU C 130 22.87 -32.53 -22.52
C GLU C 130 23.70 -31.78 -23.54
N LEU C 131 23.50 -32.13 -24.80
CA LEU C 131 24.37 -31.68 -25.88
C LEU C 131 24.38 -30.15 -25.93
N PRO C 132 25.52 -29.54 -26.21
CA PRO C 132 25.59 -28.08 -26.12
C PRO C 132 25.12 -27.41 -27.39
N LYS C 133 24.79 -26.14 -27.25
CA LYS C 133 24.57 -25.27 -28.39
C LYS C 133 25.79 -24.43 -28.72
N LEU C 134 26.82 -24.45 -27.87
CA LEU C 134 27.98 -23.60 -28.03
C LEU C 134 29.15 -24.21 -27.29
N VAL C 135 30.36 -23.73 -27.60
CA VAL C 135 31.59 -24.20 -27.00
C VAL C 135 32.55 -23.01 -26.89
N ILE C 136 32.95 -22.69 -25.66
CA ILE C 136 33.70 -21.47 -25.34
C ILE C 136 35.04 -21.85 -24.72
N SER C 137 35.74 -22.79 -25.35
CA SER C 137 37.14 -23.05 -25.01
C SER C 137 37.91 -21.76 -24.80
N VAL C 138 38.68 -21.71 -23.71
CA VAL C 138 39.38 -20.51 -23.28
C VAL C 138 40.87 -20.80 -23.39
N HIS C 139 41.53 -20.15 -24.34
CA HIS C 139 42.91 -20.51 -24.72
C HIS C 139 43.88 -19.37 -24.40
N GLY C 140 43.73 -18.77 -23.22
CA GLY C 140 44.62 -17.70 -22.79
C GLY C 140 45.79 -18.18 -21.98
N GLY C 141 46.16 -17.41 -20.97
CA GLY C 141 47.39 -17.63 -20.24
C GLY C 141 47.30 -18.75 -19.23
N MET C 142 48.38 -19.53 -19.14
CA MET C 142 48.53 -20.57 -18.13
C MET C 142 49.03 -20.02 -16.81
N GLN C 143 50.05 -19.18 -16.84
CA GLN C 143 50.52 -18.53 -15.61
C GLN C 143 49.50 -17.49 -15.17
N LYS C 144 49.33 -17.36 -13.85
CA LYS C 144 48.35 -16.43 -13.30
C LYS C 144 48.65 -15.00 -13.72
N PHE C 145 47.59 -14.24 -13.95
CA PHE C 145 47.68 -12.86 -14.38
C PHE C 145 46.54 -12.08 -13.72
N GLU C 146 46.50 -10.78 -13.98
CA GLU C 146 45.67 -9.85 -13.22
C GLU C 146 44.94 -8.90 -14.17
N LEU C 147 43.76 -8.46 -13.72
CA LEU C 147 42.87 -7.64 -14.54
C LEU C 147 42.44 -6.40 -13.75
N HIS C 148 41.66 -5.50 -14.43
CA HIS C 148 41.14 -4.23 -13.92
C HIS C 148 39.69 -4.42 -13.46
N PRO C 149 39.24 -3.78 -12.36
CA PRO C 149 37.90 -4.12 -11.80
C PRO C 149 36.75 -4.06 -12.77
N ARG C 150 36.82 -3.20 -13.80
CA ARG C 150 35.78 -3.15 -14.81
C ARG C 150 35.76 -4.43 -15.64
N ILE C 151 36.87 -4.71 -16.33
CA ILE C 151 36.96 -5.87 -17.22
C ILE C 151 36.78 -7.17 -16.45
N LYS C 152 37.14 -7.20 -15.17
CA LYS C 152 37.00 -8.41 -14.37
C LYS C 152 35.55 -8.86 -14.30
N GLN C 153 34.64 -7.96 -13.93
CA GLN C 153 33.24 -8.30 -13.80
C GLN C 153 32.52 -8.26 -15.15
N LEU C 154 32.89 -7.35 -16.06
CA LEU C 154 32.19 -7.26 -17.33
C LEU C 154 32.39 -8.52 -18.16
N LEU C 155 33.61 -9.08 -18.19
CA LEU C 155 33.80 -10.37 -18.83
C LEU C 155 33.17 -11.50 -18.05
N GLY C 156 32.89 -11.29 -16.76
CA GLY C 156 32.11 -12.24 -15.99
C GLY C 156 30.63 -12.10 -16.19
N LYS C 157 30.18 -10.97 -16.77
CA LYS C 157 28.81 -10.89 -17.25
C LYS C 157 28.61 -11.79 -18.46
N GLY C 158 29.57 -11.78 -19.38
CA GLY C 158 29.37 -12.41 -20.67
C GLY C 158 29.52 -13.92 -20.64
N LEU C 159 30.55 -14.42 -19.99
CA LEU C 159 30.70 -15.86 -19.82
C LEU C 159 29.55 -16.49 -19.07
N ILE C 160 28.75 -15.69 -18.36
CA ILE C 160 27.49 -16.17 -17.80
C ILE C 160 26.35 -15.94 -18.77
N LYS C 161 26.44 -14.90 -19.60
CA LYS C 161 25.31 -14.52 -20.42
C LYS C 161 25.31 -15.29 -21.74
N ALA C 162 26.43 -15.28 -22.44
CA ALA C 162 26.53 -15.98 -23.72
C ALA C 162 26.73 -17.48 -23.54
N ALA C 163 26.57 -18.01 -22.34
CA ALA C 163 26.64 -19.45 -22.10
C ALA C 163 25.44 -20.02 -21.36
N VAL C 164 24.79 -19.24 -20.49
CA VAL C 164 23.58 -19.73 -19.85
C VAL C 164 22.45 -19.84 -20.86
N THR C 165 22.42 -18.95 -21.85
CA THR C 165 21.37 -18.96 -22.84
C THR C 165 21.54 -20.16 -23.75
N THR C 166 22.75 -20.36 -24.24
CA THR C 166 23.14 -21.54 -24.97
C THR C 166 23.42 -22.68 -24.00
N GLY C 167 23.99 -23.78 -24.49
CA GLY C 167 24.42 -24.86 -23.63
C GLY C 167 25.83 -24.62 -23.12
N ALA C 168 26.74 -24.36 -24.05
CA ALA C 168 28.05 -23.78 -23.73
C ALA C 168 28.88 -24.68 -22.80
N TRP C 169 29.37 -25.77 -23.35
CA TRP C 169 30.42 -26.55 -22.70
C TRP C 169 31.73 -25.79 -22.73
N ILE C 170 31.98 -24.95 -21.73
CA ILE C 170 33.25 -24.25 -21.62
C ILE C 170 34.36 -25.26 -21.42
N LEU C 171 35.44 -25.11 -22.17
CA LEU C 171 36.64 -25.96 -22.06
C LEU C 171 37.75 -25.15 -21.40
N THR C 172 38.16 -25.56 -20.21
CA THR C 172 39.20 -24.91 -19.44
C THR C 172 40.38 -25.84 -19.22
N GLY C 173 41.35 -25.37 -18.43
CA GLY C 173 42.40 -26.23 -17.91
C GLY C 173 42.06 -26.81 -16.55
N GLY C 174 41.06 -26.25 -15.87
CA GLY C 174 40.65 -26.74 -14.56
C GLY C 174 41.42 -26.14 -13.41
N VAL C 175 42.76 -26.15 -13.52
CA VAL C 175 43.65 -25.66 -12.48
C VAL C 175 43.33 -24.21 -12.13
N ASN C 176 43.67 -23.81 -10.91
CA ASN C 176 43.29 -22.51 -10.38
C ASN C 176 44.35 -21.44 -10.67
N THR C 177 45.09 -21.61 -11.77
CA THR C 177 46.18 -20.72 -12.15
C THR C 177 46.03 -20.15 -13.55
N GLY C 178 45.47 -20.89 -14.49
CA GLY C 178 45.34 -20.44 -15.85
C GLY C 178 44.15 -19.53 -16.04
N VAL C 179 43.69 -19.43 -17.28
CA VAL C 179 42.38 -18.83 -17.57
C VAL C 179 41.29 -19.52 -16.79
N ALA C 180 41.44 -20.81 -16.52
CA ALA C 180 40.60 -21.54 -15.59
C ALA C 180 40.41 -20.82 -14.27
N LYS C 181 41.43 -20.08 -13.83
CA LYS C 181 41.32 -19.32 -12.58
C LYS C 181 40.22 -18.27 -12.67
N HIS C 182 40.37 -17.31 -13.60
CA HIS C 182 39.48 -16.16 -13.63
C HIS C 182 38.07 -16.51 -14.07
N VAL C 183 37.93 -17.53 -14.92
CA VAL C 183 36.59 -17.91 -15.37
C VAL C 183 35.78 -18.43 -14.19
N GLY C 184 36.40 -19.15 -13.28
CA GLY C 184 35.70 -19.63 -12.11
C GLY C 184 35.29 -18.50 -11.19
N ASP C 185 36.09 -17.44 -11.15
CA ASP C 185 35.75 -16.29 -10.33
C ASP C 185 34.50 -15.58 -10.84
N ALA C 186 34.27 -15.63 -12.14
CA ALA C 186 33.04 -15.08 -12.70
C ALA C 186 31.84 -15.93 -12.33
N LEU C 187 32.03 -17.24 -12.24
CA LEU C 187 30.92 -18.14 -11.98
C LEU C 187 30.34 -17.94 -10.58
N LYS C 188 31.09 -17.32 -9.66
CA LYS C 188 30.62 -17.08 -8.31
C LYS C 188 30.09 -15.66 -8.12
N GLU C 189 30.80 -14.67 -8.63
CA GLU C 189 30.36 -13.28 -8.51
C GLU C 189 29.02 -13.11 -9.19
N HIS C 190 28.95 -13.58 -10.43
CA HIS C 190 27.72 -13.64 -11.19
C HIS C 190 27.07 -15.01 -11.07
N ALA C 191 26.91 -15.48 -9.85
CA ALA C 191 26.33 -16.80 -9.62
C ALA C 191 24.90 -16.84 -10.16
N SER C 192 24.70 -17.65 -11.19
CA SER C 192 23.39 -17.76 -11.82
C SER C 192 22.44 -18.48 -10.86
N ARG C 193 21.20 -18.64 -11.31
CA ARG C 193 20.19 -19.35 -10.53
C ARG C 193 20.68 -20.76 -10.26
N SER C 194 20.84 -21.10 -8.98
CA SER C 194 21.55 -22.30 -8.59
C SER C 194 20.76 -23.52 -9.06
N SER C 195 21.27 -24.13 -10.11
CA SER C 195 20.57 -25.10 -10.94
C SER C 195 21.62 -25.88 -11.69
N ARG C 196 21.24 -26.52 -12.79
CA ARG C 196 22.24 -26.83 -13.81
C ARG C 196 22.64 -25.50 -14.44
N LYS C 197 23.68 -24.90 -13.90
CA LYS C 197 24.26 -23.70 -14.49
C LYS C 197 25.17 -24.12 -15.63
N ILE C 198 26.00 -23.20 -16.11
CA ILE C 198 26.89 -23.49 -17.23
C ILE C 198 27.81 -24.61 -16.81
N CYS C 199 27.64 -25.79 -17.40
CA CYS C 199 28.47 -26.93 -17.08
C CYS C 199 29.83 -26.77 -17.74
N THR C 200 30.81 -26.30 -16.98
CA THR C 200 32.16 -26.13 -17.49
C THR C 200 32.85 -27.48 -17.47
N ILE C 201 33.28 -27.94 -18.64
CA ILE C 201 33.95 -29.22 -18.79
C ILE C 201 35.45 -28.92 -18.83
N GLY C 202 36.07 -28.90 -17.65
CA GLY C 202 37.46 -28.52 -17.53
C GLY C 202 38.41 -29.68 -17.66
N ILE C 203 39.07 -29.78 -18.82
CA ILE C 203 40.11 -30.78 -19.01
C ILE C 203 41.27 -30.43 -18.08
N ALA C 204 41.63 -31.37 -17.23
CA ALA C 204 42.77 -31.24 -16.34
C ALA C 204 43.86 -32.21 -16.78
N PRO C 205 45.14 -31.83 -16.74
CA PRO C 205 46.18 -32.85 -16.86
C PRO C 205 46.36 -33.60 -15.56
N TRP C 206 46.91 -34.81 -15.65
CA TRP C 206 47.41 -35.56 -14.50
C TRP C 206 48.81 -35.06 -14.08
N GLY C 207 49.20 -33.88 -14.53
CA GLY C 207 50.50 -33.29 -14.30
C GLY C 207 50.44 -32.32 -13.15
N VAL C 208 50.22 -31.04 -13.46
CA VAL C 208 50.22 -30.03 -12.42
C VAL C 208 48.90 -30.14 -11.66
N ILE C 209 48.88 -31.02 -10.65
CA ILE C 209 47.67 -31.34 -9.90
C ILE C 209 48.08 -31.78 -8.50
N GLU C 210 47.55 -31.10 -7.49
CA GLU C 210 47.72 -31.51 -6.11
C GLU C 210 46.67 -32.56 -5.74
N ASN C 211 46.99 -33.36 -4.72
CA ASN C 211 46.09 -34.40 -4.22
C ASN C 211 45.76 -35.42 -5.30
N ARG C 212 46.72 -35.70 -6.18
CA ARG C 212 46.54 -36.71 -7.21
C ARG C 212 46.19 -38.07 -6.60
N ASN C 213 46.72 -38.37 -5.42
CA ASN C 213 46.42 -39.64 -4.76
C ASN C 213 44.95 -39.70 -4.34
N ASP C 214 44.40 -38.57 -3.90
CA ASP C 214 42.99 -38.53 -3.52
C ASP C 214 42.09 -38.86 -4.70
N LEU C 215 42.51 -38.50 -5.91
CA LEU C 215 41.73 -38.83 -7.09
C LEU C 215 41.72 -40.33 -7.36
N VAL C 216 42.66 -41.09 -6.79
CA VAL C 216 42.76 -42.51 -7.07
C VAL C 216 41.70 -43.21 -6.23
N GLY C 217 40.49 -43.33 -6.78
CA GLY C 217 39.42 -44.07 -6.16
C GLY C 217 38.33 -44.43 -7.16
N ARG C 218 37.95 -45.70 -7.20
CA ARG C 218 36.84 -46.14 -8.06
C ARG C 218 35.53 -45.89 -7.34
N ASP C 219 34.69 -45.01 -7.90
CA ASP C 219 33.48 -44.52 -7.23
C ASP C 219 33.79 -44.05 -5.82
N VAL C 220 34.62 -43.00 -5.72
CA VAL C 220 35.05 -42.47 -4.43
C VAL C 220 34.82 -40.97 -4.44
N VAL C 221 34.17 -40.47 -3.39
CA VAL C 221 33.99 -39.04 -3.19
C VAL C 221 35.31 -38.51 -2.65
N ALA C 222 36.17 -38.05 -3.55
CA ALA C 222 37.49 -37.56 -3.16
C ALA C 222 37.35 -36.39 -2.19
N PRO C 223 37.70 -36.53 -0.91
CA PRO C 223 37.55 -35.40 0.01
C PRO C 223 38.56 -34.30 -0.29
N TYR C 224 38.28 -33.52 -1.32
CA TYR C 224 39.24 -32.59 -1.87
C TYR C 224 39.18 -31.26 -1.13
N GLN C 225 40.33 -30.64 -0.97
CA GLN C 225 40.46 -29.38 -0.24
C GLN C 225 41.59 -28.58 -0.88
N THR C 226 41.30 -27.31 -1.20
CA THR C 226 42.26 -26.46 -1.89
C THR C 226 43.12 -25.73 -0.85
N LEU C 227 44.40 -26.06 -0.83
CA LEU C 227 45.37 -25.36 0.00
C LEU C 227 45.98 -24.23 -0.81
N LEU C 228 45.90 -23.02 -0.26
CA LEU C 228 46.55 -21.84 -0.86
C LEU C 228 47.96 -21.63 -0.30
N ASN C 229 48.60 -22.71 0.14
CA ASN C 229 49.98 -22.67 0.63
C ASN C 229 50.88 -22.09 -0.45
N PRO C 230 51.50 -20.91 -0.25
CA PRO C 230 52.38 -20.39 -1.31
C PRO C 230 53.63 -21.22 -1.53
N LEU C 231 54.05 -22.00 -0.53
CA LEU C 231 55.15 -22.95 -0.73
C LEU C 231 54.78 -24.06 -1.70
N SER C 232 53.49 -24.34 -1.86
CA SER C 232 53.02 -25.35 -2.79
C SER C 232 53.42 -25.01 -4.22
N LYS C 233 53.52 -26.03 -5.06
CA LYS C 233 53.84 -25.88 -6.47
C LYS C 233 52.83 -26.56 -7.37
N LEU C 234 52.29 -27.71 -6.96
CA LEU C 234 51.23 -28.36 -7.71
C LEU C 234 49.98 -27.48 -7.72
N ASN C 235 49.33 -27.39 -8.88
CA ASN C 235 48.21 -26.47 -9.06
C ASN C 235 46.91 -27.15 -8.67
N VAL C 236 46.20 -26.54 -7.72
CA VAL C 236 44.89 -27.05 -7.30
C VAL C 236 43.85 -26.73 -8.37
N LEU C 237 42.90 -27.64 -8.53
CA LEU C 237 41.76 -27.39 -9.40
C LEU C 237 41.01 -26.13 -8.94
N ASN C 238 40.59 -25.32 -9.90
CA ASN C 238 39.80 -24.16 -9.55
C ASN C 238 38.47 -24.60 -8.98
N ASN C 239 37.91 -23.76 -8.11
CA ASN C 239 36.70 -24.12 -7.40
C ASN C 239 35.54 -24.36 -8.34
N LEU C 240 35.07 -23.29 -8.98
CA LEU C 240 33.82 -23.36 -9.73
C LEU C 240 34.10 -24.01 -11.08
N HIS C 241 34.20 -25.33 -11.06
CA HIS C 241 34.16 -26.11 -12.28
C HIS C 241 33.47 -27.43 -12.03
N SER C 242 32.48 -27.71 -12.86
CA SER C 242 31.82 -29.00 -12.92
C SER C 242 32.75 -29.94 -13.67
N HIS C 243 32.19 -31.02 -14.25
CA HIS C 243 32.87 -32.19 -14.78
C HIS C 243 34.28 -31.95 -15.30
N PHE C 244 35.23 -32.77 -14.87
CA PHE C 244 36.63 -32.65 -15.25
C PHE C 244 37.02 -33.81 -16.17
N ILE C 245 38.06 -33.59 -16.96
CA ILE C 245 38.71 -34.66 -17.73
C ILE C 245 40.17 -34.67 -17.32
N LEU C 246 40.53 -35.64 -16.49
CA LEU C 246 41.89 -35.75 -15.95
C LEU C 246 42.74 -36.54 -16.94
N VAL C 247 43.31 -35.83 -17.92
CA VAL C 247 44.07 -36.52 -18.96
C VAL C 247 45.32 -37.12 -18.34
N ASP C 248 45.56 -38.39 -18.64
CA ASP C 248 46.61 -39.17 -18.01
C ASP C 248 47.63 -39.58 -19.05
N ASP C 249 48.83 -39.01 -18.94
CA ASP C 249 49.93 -39.30 -19.83
C ASP C 249 50.92 -40.31 -19.23
N GLY C 250 50.63 -40.83 -18.04
CA GLY C 250 51.56 -41.65 -17.31
C GLY C 250 52.53 -40.88 -16.44
N THR C 251 52.69 -39.58 -16.69
CA THR C 251 53.61 -38.75 -15.94
C THR C 251 52.89 -37.84 -14.95
N VAL C 252 53.69 -37.14 -14.14
CA VAL C 252 53.19 -36.29 -13.07
C VAL C 252 53.99 -35.00 -13.08
N GLY C 253 53.33 -33.90 -12.69
CA GLY C 253 53.95 -32.61 -12.57
C GLY C 253 54.09 -31.80 -13.84
N LYS C 254 54.18 -32.44 -15.00
CA LYS C 254 54.47 -31.77 -16.27
C LYS C 254 53.23 -31.67 -17.14
N TYR C 255 53.28 -30.77 -18.12
CA TYR C 255 52.21 -30.58 -19.08
C TYR C 255 52.31 -31.65 -20.17
N GLY C 256 51.55 -31.47 -21.26
CA GLY C 256 51.61 -32.39 -22.39
C GLY C 256 50.25 -32.83 -22.91
N ALA C 257 49.96 -34.12 -22.72
CA ALA C 257 48.82 -34.83 -23.30
C ALA C 257 47.49 -34.08 -23.28
N GLU C 258 47.23 -33.29 -22.23
CA GLU C 258 45.94 -32.62 -22.08
C GLU C 258 45.58 -31.76 -23.30
N VAL C 259 46.58 -31.13 -23.92
CA VAL C 259 46.33 -30.28 -25.07
C VAL C 259 45.87 -31.13 -26.25
N ARG C 260 46.28 -32.39 -26.31
CA ARG C 260 45.88 -33.25 -27.41
C ARG C 260 44.38 -33.51 -27.36
N LEU C 261 43.86 -33.84 -26.18
CA LEU C 261 42.43 -34.11 -26.04
C LEU C 261 41.60 -32.90 -26.45
N ARG C 262 42.09 -31.70 -26.17
CA ARG C 262 41.27 -30.51 -26.25
C ARG C 262 40.86 -30.20 -27.68
N ARG C 263 41.79 -30.26 -28.63
CA ARG C 263 41.40 -30.30 -30.04
C ARG C 263 40.45 -31.45 -30.32
N GLU C 264 40.75 -32.62 -29.78
CA GLU C 264 40.12 -33.87 -30.18
C GLU C 264 38.74 -34.06 -29.58
N LEU C 265 38.29 -33.15 -28.72
CA LEU C 265 36.88 -33.01 -28.38
C LEU C 265 36.26 -31.78 -29.03
N GLU C 266 37.04 -30.73 -29.18
CA GLU C 266 36.62 -29.51 -29.84
C GLU C 266 36.44 -29.71 -31.36
N LYS C 267 36.84 -30.86 -31.89
CA LYS C 267 36.69 -31.17 -33.31
C LYS C 267 35.56 -32.15 -33.58
N THR C 268 35.17 -32.97 -32.61
CA THR C 268 34.04 -33.88 -32.75
C THR C 268 32.72 -33.25 -32.33
N ILE C 269 32.76 -32.25 -31.46
CA ILE C 269 31.56 -31.50 -31.12
C ILE C 269 31.15 -30.57 -32.26
N ASN C 270 32.11 -30.14 -33.08
CA ASN C 270 31.81 -29.50 -34.35
C ASN C 270 31.34 -30.49 -35.40
N GLN C 271 31.32 -31.79 -35.09
CA GLN C 271 30.78 -32.83 -35.96
C GLN C 271 29.41 -33.31 -35.50
N GLN C 272 29.00 -32.99 -34.28
CA GLN C 272 27.66 -33.30 -33.80
C GLN C 272 26.73 -32.16 -34.16
N ARG C 273 25.47 -32.50 -34.43
CA ARG C 273 24.48 -31.53 -34.87
C ARG C 273 23.81 -30.86 -33.68
N ILE C 274 23.36 -29.62 -33.90
CA ILE C 274 22.76 -28.84 -32.83
C ILE C 274 21.44 -29.47 -32.39
N HIS C 275 20.61 -29.86 -33.35
CA HIS C 275 19.27 -30.35 -33.07
C HIS C 275 18.75 -30.98 -34.36
N ALA C 276 17.93 -32.01 -34.18
CA ALA C 276 17.27 -32.74 -35.27
C ALA C 276 16.79 -31.86 -36.41
N ARG C 277 16.30 -30.66 -36.11
CA ARG C 277 15.85 -29.75 -37.14
C ARG C 277 17.03 -29.11 -37.87
N ILE C 278 18.06 -28.70 -37.13
CA ILE C 278 19.20 -28.01 -37.74
C ILE C 278 20.15 -29.02 -38.32
N GLY C 279 20.65 -28.75 -39.53
CA GLY C 279 21.62 -29.59 -40.17
C GLY C 279 23.08 -29.22 -39.91
N GLN C 280 23.30 -28.02 -39.37
CA GLN C 280 24.65 -27.58 -39.03
C GLN C 280 25.22 -28.44 -37.90
N GLY C 281 26.48 -28.15 -37.57
CA GLY C 281 27.14 -28.75 -36.42
C GLY C 281 27.30 -27.73 -35.32
N VAL C 282 27.38 -28.20 -34.08
CA VAL C 282 27.48 -27.31 -32.93
C VAL C 282 28.76 -26.50 -33.08
N PRO C 283 28.70 -25.17 -33.21
CA PRO C 283 29.92 -24.43 -33.49
C PRO C 283 30.84 -24.36 -32.29
N VAL C 284 32.06 -23.89 -32.55
CA VAL C 284 33.10 -23.78 -31.55
C VAL C 284 33.73 -22.40 -31.69
N VAL C 285 33.93 -21.74 -30.56
CA VAL C 285 34.61 -20.46 -30.51
C VAL C 285 35.86 -20.65 -29.66
N ALA C 286 36.68 -19.60 -29.57
CA ALA C 286 37.86 -19.64 -28.71
C ALA C 286 38.12 -18.26 -28.13
N LEU C 287 38.27 -18.21 -26.81
CA LEU C 287 38.43 -16.96 -26.07
C LEU C 287 39.83 -16.93 -25.48
N ILE C 288 40.44 -15.76 -25.45
CA ILE C 288 41.84 -15.58 -25.03
C ILE C 288 41.88 -14.55 -23.92
N PHE C 289 42.36 -14.98 -22.75
CA PHE C 289 42.66 -14.07 -21.64
C PHE C 289 44.16 -14.08 -21.38
N GLU C 290 44.85 -13.05 -21.88
CA GLU C 290 46.22 -12.70 -21.51
C GLU C 290 47.30 -13.60 -22.12
N GLY C 291 46.91 -14.73 -22.71
CA GLY C 291 47.74 -15.59 -23.53
C GLY C 291 49.15 -15.86 -23.03
N GLY C 292 50.07 -15.93 -23.99
CA GLY C 292 51.44 -16.35 -23.78
C GLY C 292 52.09 -16.67 -25.12
N PRO C 293 53.33 -17.16 -25.10
CA PRO C 293 54.01 -17.43 -26.38
C PRO C 293 53.40 -18.58 -27.16
N ASN C 294 53.15 -19.72 -26.49
CA ASN C 294 52.46 -20.81 -27.16
C ASN C 294 51.03 -20.45 -27.52
N VAL C 295 50.46 -19.48 -26.81
CA VAL C 295 49.09 -19.05 -27.10
C VAL C 295 49.04 -18.35 -28.44
N ILE C 296 49.93 -17.37 -28.65
CA ILE C 296 49.99 -16.61 -29.90
C ILE C 296 50.14 -17.55 -31.08
N LEU C 297 50.82 -18.68 -30.86
CA LEU C 297 50.92 -19.71 -31.91
C LEU C 297 49.56 -20.35 -32.15
N THR C 298 48.88 -20.81 -31.09
CA THR C 298 47.68 -21.60 -31.27
C THR C 298 46.45 -20.76 -31.56
N VAL C 299 46.47 -19.47 -31.20
CA VAL C 299 45.44 -18.56 -31.70
C VAL C 299 45.43 -18.60 -33.22
N LEU C 300 46.62 -18.57 -33.81
CA LEU C 300 46.74 -18.39 -35.25
C LEU C 300 46.24 -19.60 -36.02
N GLU C 301 46.66 -20.80 -35.62
CA GLU C 301 46.38 -22.01 -36.38
C GLU C 301 44.90 -22.24 -36.58
N TYR C 302 44.07 -21.74 -35.68
CA TYR C 302 42.62 -21.74 -35.90
C TYR C 302 42.26 -20.90 -37.11
N LEU C 303 42.74 -19.65 -37.14
CA LEU C 303 42.52 -18.76 -38.27
C LEU C 303 43.05 -19.33 -39.58
N GLN C 304 43.98 -20.29 -39.51
CA GLN C 304 44.53 -20.97 -40.67
C GLN C 304 43.82 -22.27 -41.00
N GLU C 305 43.72 -23.18 -40.02
CA GLU C 305 43.17 -24.51 -40.26
C GLU C 305 41.70 -24.43 -40.68
N SER C 306 41.25 -25.45 -41.39
CA SER C 306 39.85 -25.60 -41.79
C SER C 306 39.22 -26.73 -40.99
N PRO C 307 38.01 -26.57 -40.41
CA PRO C 307 37.05 -25.45 -40.46
C PRO C 307 37.57 -24.19 -39.75
N PRO C 308 37.20 -23.00 -40.22
CA PRO C 308 37.76 -21.78 -39.61
C PRO C 308 37.16 -21.50 -38.24
N VAL C 309 37.69 -22.17 -37.22
CA VAL C 309 37.32 -21.90 -35.83
C VAL C 309 37.66 -20.45 -35.54
N PRO C 310 36.68 -19.56 -35.27
CA PRO C 310 37.04 -18.17 -34.98
C PRO C 310 37.66 -18.04 -33.59
N VAL C 311 37.96 -16.79 -33.22
CA VAL C 311 38.60 -16.48 -31.95
C VAL C 311 38.10 -15.14 -31.46
N VAL C 312 38.04 -14.98 -30.14
CA VAL C 312 37.48 -13.79 -29.49
C VAL C 312 38.55 -13.12 -28.62
N VAL C 313 39.78 -13.05 -29.12
CA VAL C 313 40.87 -12.46 -28.34
C VAL C 313 40.49 -11.07 -27.86
N CYS C 314 40.43 -10.93 -26.53
CA CYS C 314 40.00 -9.70 -25.89
C CYS C 314 41.21 -8.82 -25.59
N GLU C 315 41.03 -7.51 -25.72
CA GLU C 315 42.20 -6.63 -25.74
C GLU C 315 42.69 -6.25 -24.35
N GLY C 316 41.79 -6.19 -23.36
CA GLY C 316 42.14 -5.57 -22.09
C GLY C 316 42.83 -6.48 -21.09
N THR C 317 42.82 -7.79 -21.31
CA THR C 317 43.23 -8.73 -20.27
C THR C 317 44.69 -8.56 -19.88
N GLY C 318 45.61 -8.77 -20.81
CA GLY C 318 47.02 -8.59 -20.45
C GLY C 318 47.98 -8.98 -21.54
N ARG C 319 49.13 -9.48 -21.10
CA ARG C 319 50.40 -9.53 -21.82
C ARG C 319 50.30 -9.88 -23.30
N ALA C 320 49.83 -11.08 -23.64
CA ALA C 320 49.76 -11.49 -25.04
C ALA C 320 48.53 -10.91 -25.71
N ALA C 321 47.38 -11.02 -25.05
CA ALA C 321 46.12 -10.58 -25.62
C ALA C 321 46.10 -9.07 -25.88
N ASP C 322 46.79 -8.31 -25.03
CA ASP C 322 46.99 -6.88 -25.30
C ASP C 322 47.59 -6.67 -26.68
N LEU C 323 48.69 -7.36 -26.96
CA LEU C 323 49.45 -7.09 -28.18
C LEU C 323 48.78 -7.68 -29.40
N LEU C 324 48.13 -8.84 -29.25
CA LEU C 324 47.35 -9.39 -30.35
C LEU C 324 46.19 -8.48 -30.73
N ALA C 325 45.73 -7.67 -29.78
CA ALA C 325 44.73 -6.65 -30.07
C ALA C 325 45.33 -5.29 -30.37
N TYR C 326 46.48 -4.96 -29.76
CA TYR C 326 47.18 -3.74 -30.12
C TYR C 326 47.50 -3.71 -31.60
N ILE C 327 47.89 -4.85 -32.17
CA ILE C 327 48.19 -4.91 -33.59
C ILE C 327 46.91 -4.80 -34.42
N HIS C 328 45.75 -5.12 -33.84
CA HIS C 328 44.50 -4.96 -34.58
C HIS C 328 44.18 -3.49 -34.81
N LYS C 329 44.60 -2.62 -33.89
CA LYS C 329 44.50 -1.18 -34.09
C LYS C 329 45.47 -0.68 -35.15
N GLN C 330 46.40 -1.54 -35.59
CA GLN C 330 47.32 -1.25 -36.69
C GLN C 330 47.17 -2.36 -37.73
N THR C 331 48.07 -2.41 -38.72
CA THR C 331 48.15 -3.54 -39.65
C THR C 331 46.81 -3.70 -40.39
N GLU C 332 46.41 -2.67 -41.12
CA GLU C 332 45.04 -2.59 -41.62
C GLU C 332 44.86 -3.52 -42.82
N GLU C 333 43.83 -4.36 -42.76
CA GLU C 333 43.66 -5.48 -43.68
C GLU C 333 44.94 -6.30 -43.81
N GLY C 334 45.62 -6.53 -42.70
CA GLY C 334 46.75 -7.45 -42.72
C GLY C 334 47.94 -6.93 -43.48
N GLY C 335 48.13 -7.44 -44.71
CA GLY C 335 49.29 -7.18 -45.55
C GLY C 335 49.78 -5.74 -45.58
N ASN C 336 48.88 -4.77 -45.55
CA ASN C 336 49.30 -3.38 -45.39
C ASN C 336 49.89 -3.22 -44.00
N LEU C 337 51.15 -2.83 -43.94
CA LEU C 337 51.95 -2.93 -42.73
C LEU C 337 52.82 -1.69 -42.58
N PRO C 338 52.62 -0.85 -41.56
CA PRO C 338 53.56 0.27 -41.35
C PRO C 338 54.94 -0.27 -40.94
N ASP C 339 55.90 -0.17 -41.87
CA ASP C 339 57.26 -0.62 -41.57
C ASP C 339 57.92 0.23 -40.49
N ALA C 340 57.38 1.42 -40.21
CA ALA C 340 57.84 2.23 -39.09
C ALA C 340 57.23 1.81 -37.76
N ALA C 341 56.14 1.03 -37.78
CA ALA C 341 55.53 0.53 -36.56
C ALA C 341 56.08 -0.83 -36.14
N GLU C 342 56.62 -1.61 -37.08
CA GLU C 342 57.10 -2.93 -36.69
C GLU C 342 58.32 -2.86 -35.77
N PRO C 343 59.16 -1.81 -35.77
CA PRO C 343 60.07 -1.65 -34.63
C PRO C 343 59.35 -1.22 -33.37
N ASP C 344 58.30 -0.40 -33.51
CA ASP C 344 57.60 0.12 -32.35
C ASP C 344 56.83 -0.99 -31.63
N ILE C 345 56.10 -1.82 -32.37
CA ILE C 345 55.32 -2.87 -31.73
C ILE C 345 56.24 -3.97 -31.19
N ILE C 346 57.31 -4.31 -31.92
CA ILE C 346 58.28 -5.27 -31.37
C ILE C 346 58.91 -4.71 -30.11
N SER C 347 59.06 -3.39 -30.02
CA SER C 347 59.50 -2.79 -28.77
C SER C 347 58.46 -2.99 -27.68
N THR C 348 57.18 -3.04 -28.06
CA THR C 348 56.14 -3.43 -27.11
C THR C 348 56.15 -4.93 -26.84
N ILE C 349 56.54 -5.73 -27.83
CA ILE C 349 56.72 -7.17 -27.58
C ILE C 349 57.97 -7.39 -26.74
N LYS C 350 58.99 -6.55 -26.92
CA LYS C 350 60.22 -6.70 -26.14
C LYS C 350 59.98 -6.55 -24.65
N LYS C 351 59.11 -5.62 -24.26
CA LYS C 351 58.96 -5.25 -22.87
C LYS C 351 57.98 -6.14 -22.11
N THR C 352 57.08 -6.84 -22.81
CA THR C 352 56.03 -7.59 -22.16
C THR C 352 56.44 -9.03 -21.84
N PHE C 353 57.08 -9.70 -22.79
CA PHE C 353 57.49 -11.09 -22.66
C PHE C 353 58.97 -11.24 -22.32
N ASN C 354 59.63 -10.16 -21.85
CA ASN C 354 61.09 -9.98 -21.79
C ASN C 354 61.75 -10.66 -22.99
N PHE C 355 61.34 -10.22 -24.16
CA PHE C 355 61.39 -10.99 -25.40
C PHE C 355 62.64 -10.69 -26.20
N GLY C 356 63.08 -11.70 -26.96
CA GLY C 356 64.33 -11.59 -27.71
C GLY C 356 64.11 -11.00 -29.09
N GLN C 357 65.18 -10.41 -29.63
CA GLN C 357 65.14 -9.82 -30.97
C GLN C 357 65.47 -10.83 -32.06
N SER C 358 66.29 -11.83 -31.77
CA SER C 358 66.47 -12.94 -32.70
C SER C 358 65.16 -13.65 -32.95
N GLU C 359 64.32 -13.74 -31.91
CA GLU C 359 63.01 -14.37 -32.02
C GLU C 359 61.91 -13.37 -32.40
N ALA C 360 62.27 -12.15 -32.78
CA ALA C 360 61.27 -11.11 -33.02
C ALA C 360 60.73 -11.10 -34.44
N VAL C 361 61.29 -11.91 -35.33
CA VAL C 361 60.76 -11.98 -36.69
C VAL C 361 59.57 -12.93 -36.75
N HIS C 362 59.71 -14.12 -36.17
CA HIS C 362 58.67 -15.14 -36.36
C HIS C 362 57.49 -14.93 -35.43
N LEU C 363 57.72 -14.46 -34.20
CA LEU C 363 56.59 -14.11 -33.33
C LEU C 363 55.84 -12.92 -33.90
N PHE C 364 56.56 -11.91 -34.38
CA PHE C 364 55.92 -10.84 -35.14
C PHE C 364 55.24 -11.40 -36.37
N GLN C 365 55.89 -12.35 -37.05
CA GLN C 365 55.27 -13.00 -38.21
C GLN C 365 54.00 -13.74 -37.81
N THR C 366 54.02 -14.41 -36.66
CA THR C 366 52.82 -15.10 -36.18
C THR C 366 51.65 -14.14 -36.02
N MET C 367 51.93 -12.87 -35.68
CA MET C 367 50.90 -11.86 -35.58
C MET C 367 50.49 -11.31 -36.94
N MET C 368 51.13 -11.74 -38.03
CA MET C 368 50.76 -11.24 -39.36
C MET C 368 49.60 -12.03 -39.94
N GLU C 369 49.75 -13.35 -40.08
CA GLU C 369 48.66 -14.19 -40.55
C GLU C 369 47.44 -14.10 -39.63
N CYS C 370 47.65 -13.74 -38.36
CA CYS C 370 46.54 -13.31 -37.52
C CYS C 370 45.85 -12.11 -38.14
N MET C 371 46.64 -11.14 -38.59
CA MET C 371 46.09 -9.92 -39.16
C MET C 371 45.73 -10.07 -40.63
N LYS C 372 46.23 -11.10 -41.31
CA LYS C 372 45.71 -11.39 -42.65
C LYS C 372 44.28 -11.88 -42.57
N LYS C 373 43.92 -12.54 -41.48
CA LYS C 373 42.54 -12.96 -41.21
C LYS C 373 41.83 -11.99 -40.26
N LYS C 374 41.75 -10.71 -40.62
CA LYS C 374 41.00 -9.73 -39.81
C LYS C 374 39.53 -9.71 -40.20
N GLU C 375 38.93 -10.89 -40.21
CA GLU C 375 37.51 -11.04 -40.51
C GLU C 375 36.82 -11.86 -39.42
N LEU C 376 37.49 -12.91 -38.95
CA LEU C 376 36.96 -13.79 -37.92
C LEU C 376 37.72 -13.69 -36.60
N ILE C 377 38.88 -13.03 -36.58
CA ILE C 377 39.53 -12.67 -35.31
C ILE C 377 38.81 -11.46 -34.74
N THR C 378 37.79 -11.71 -33.92
CA THR C 378 36.98 -10.64 -33.35
C THR C 378 37.71 -10.06 -32.16
N VAL C 379 38.51 -9.02 -32.43
CA VAL C 379 39.28 -8.37 -31.38
C VAL C 379 38.34 -7.46 -30.62
N PHE C 380 37.79 -7.98 -29.52
CA PHE C 380 36.80 -7.27 -28.74
C PHE C 380 37.44 -6.10 -28.01
N HIS C 381 37.06 -4.87 -28.38
CA HIS C 381 37.56 -3.69 -27.69
C HIS C 381 36.72 -3.48 -26.44
N ILE C 382 37.19 -4.08 -25.35
CA ILE C 382 36.53 -4.00 -24.05
C ILE C 382 36.28 -2.57 -23.60
N GLY C 383 37.13 -1.63 -23.99
CA GLY C 383 37.02 -0.25 -23.53
C GLY C 383 35.71 0.40 -23.91
N SER C 384 35.39 0.39 -25.21
CA SER C 384 34.21 1.06 -25.73
C SER C 384 33.03 0.07 -25.78
N GLU C 385 31.97 0.48 -26.48
CA GLU C 385 30.82 -0.38 -26.74
C GLU C 385 31.01 -1.24 -27.99
N ASP C 386 32.27 -1.51 -28.37
CA ASP C 386 32.58 -2.15 -29.64
C ASP C 386 31.90 -3.50 -29.78
N HIS C 387 30.93 -3.53 -30.70
CA HIS C 387 30.12 -4.67 -31.13
C HIS C 387 29.12 -5.19 -30.12
N GLN C 388 29.35 -4.99 -28.81
CA GLN C 388 28.38 -4.77 -27.74
C GLN C 388 29.15 -5.21 -26.49
N ASP C 389 28.48 -5.41 -25.35
CA ASP C 389 29.06 -6.26 -24.32
C ASP C 389 29.54 -7.58 -24.91
N ILE C 390 30.56 -8.19 -24.28
CA ILE C 390 31.26 -9.36 -24.82
C ILE C 390 30.32 -10.52 -25.12
N ASP C 391 29.22 -10.65 -24.37
CA ASP C 391 28.25 -11.72 -24.60
C ASP C 391 27.81 -11.77 -26.06
N VAL C 392 27.54 -10.61 -26.65
CA VAL C 392 27.09 -10.53 -28.02
C VAL C 392 28.26 -10.72 -28.97
N ALA C 393 29.44 -10.23 -28.58
CA ALA C 393 30.63 -10.32 -29.40
C ALA C 393 30.96 -11.77 -29.75
N ILE C 394 30.93 -12.65 -28.75
CA ILE C 394 31.20 -14.07 -28.99
C ILE C 394 30.18 -14.62 -29.98
N LEU C 395 28.89 -14.48 -29.65
CA LEU C 395 27.84 -15.00 -30.53
C LEU C 395 27.83 -14.30 -31.87
N THR C 396 28.25 -13.03 -31.90
CA THR C 396 28.36 -12.32 -33.16
C THR C 396 29.59 -12.78 -33.94
N ALA C 397 30.62 -13.24 -33.24
CA ALA C 397 31.85 -13.68 -33.90
C ALA C 397 31.60 -14.93 -34.73
N LEU C 398 30.65 -15.76 -34.32
CA LEU C 398 30.40 -17.02 -35.02
C LEU C 398 29.63 -16.80 -36.31
N LEU C 399 28.62 -15.94 -36.26
CA LEU C 399 27.75 -15.72 -37.41
C LEU C 399 28.52 -15.04 -38.52
N LYS C 400 29.02 -13.85 -38.24
CA LYS C 400 29.82 -13.10 -39.19
C LYS C 400 31.22 -13.67 -39.19
N GLY C 401 31.51 -14.54 -40.15
CA GLY C 401 32.86 -15.02 -40.36
C GLY C 401 33.01 -16.45 -40.85
N THR C 402 32.06 -17.33 -40.56
CA THR C 402 32.12 -18.69 -41.11
C THR C 402 31.32 -18.77 -42.41
N ASN C 403 31.57 -17.81 -43.31
CA ASN C 403 31.08 -17.75 -44.68
C ASN C 403 29.65 -18.27 -44.84
N ALA C 404 28.78 -17.92 -43.90
CA ALA C 404 27.49 -18.57 -43.74
C ALA C 404 26.38 -17.64 -44.18
N SER C 405 25.42 -18.20 -44.92
CA SER C 405 24.25 -17.45 -45.35
C SER C 405 23.49 -16.90 -44.15
N ALA C 406 22.74 -15.82 -44.40
CA ALA C 406 21.93 -15.22 -43.34
C ALA C 406 20.92 -16.22 -42.79
N PHE C 407 20.42 -17.10 -43.65
CA PHE C 407 19.66 -18.26 -43.19
C PHE C 407 20.49 -19.12 -42.24
N ASP C 408 21.67 -19.52 -42.68
CA ASP C 408 22.55 -20.34 -41.86
C ASP C 408 22.97 -19.60 -40.59
N GLN C 409 22.96 -18.27 -40.61
CA GLN C 409 23.14 -17.49 -39.40
C GLN C 409 21.88 -17.47 -38.55
N LEU C 410 20.72 -17.49 -39.20
CA LEU C 410 19.46 -17.45 -38.48
C LEU C 410 19.17 -18.77 -37.80
N ILE C 411 19.50 -19.88 -38.46
CA ILE C 411 19.19 -21.20 -37.94
C ILE C 411 20.00 -21.47 -36.67
N LEU C 412 21.14 -20.82 -36.54
CA LEU C 412 21.94 -20.97 -35.33
C LEU C 412 21.31 -20.19 -34.18
N THR C 413 21.08 -18.89 -34.37
CA THR C 413 20.41 -18.07 -33.36
C THR C 413 19.04 -18.63 -32.99
N LEU C 414 18.37 -19.27 -33.93
CA LEU C 414 17.13 -19.97 -33.63
C LEU C 414 17.37 -21.11 -32.65
N ALA C 415 18.55 -21.72 -32.70
CA ALA C 415 18.87 -22.81 -31.78
C ALA C 415 19.29 -22.26 -30.42
N TRP C 416 20.17 -21.25 -30.43
CA TRP C 416 20.55 -20.55 -29.20
C TRP C 416 19.36 -19.95 -28.50
N ASP C 417 18.34 -19.53 -29.26
CA ASP C 417 17.19 -18.79 -28.76
C ASP C 417 17.60 -17.38 -28.32
N ARG C 418 18.62 -16.84 -29.00
CA ARG C 418 19.03 -15.44 -28.84
C ARG C 418 18.43 -14.65 -29.99
N VAL C 419 17.36 -13.92 -29.69
CA VAL C 419 16.72 -13.08 -30.70
C VAL C 419 17.52 -11.80 -30.92
N ASP C 420 18.07 -11.22 -29.84
CA ASP C 420 18.76 -9.93 -29.93
C ASP C 420 19.91 -9.98 -30.92
N ILE C 421 20.54 -11.15 -31.04
CA ILE C 421 21.52 -11.38 -32.09
C ILE C 421 20.88 -11.21 -33.47
N ALA C 422 19.64 -11.67 -33.62
CA ALA C 422 18.99 -11.67 -34.93
C ALA C 422 18.50 -10.29 -35.32
N LYS C 423 17.96 -9.55 -34.36
CA LYS C 423 17.39 -8.24 -34.63
C LYS C 423 18.44 -7.19 -34.97
N ASN C 424 19.72 -7.46 -34.69
CA ASN C 424 20.75 -6.43 -34.78
C ASN C 424 22.04 -6.92 -35.44
N HIS C 425 22.10 -8.18 -35.89
CA HIS C 425 23.25 -8.65 -36.65
C HIS C 425 22.89 -9.57 -37.81
N VAL C 426 21.60 -9.87 -37.99
CA VAL C 426 21.11 -10.64 -39.13
C VAL C 426 20.03 -9.88 -39.88
N PHE C 427 19.05 -9.35 -39.16
CA PHE C 427 18.03 -8.46 -39.71
C PHE C 427 18.48 -7.01 -39.59
N VAL C 428 19.58 -6.69 -40.27
CA VAL C 428 20.22 -5.39 -40.12
C VAL C 428 19.85 -4.45 -41.26
N TYR C 429 20.21 -4.82 -42.49
CA TYR C 429 20.19 -3.91 -43.64
C TYR C 429 20.11 -4.77 -44.89
N GLY C 430 20.42 -4.18 -46.04
CA GLY C 430 20.58 -4.89 -47.30
C GLY C 430 21.27 -6.23 -47.16
N GLN C 431 20.55 -7.28 -47.53
CA GLN C 431 20.92 -8.66 -47.22
C GLN C 431 20.02 -9.54 -48.05
N GLN C 432 20.57 -10.66 -48.55
CA GLN C 432 19.97 -11.34 -49.70
C GLN C 432 18.57 -11.86 -49.39
N TRP C 433 18.39 -12.53 -48.25
CA TRP C 433 17.09 -13.01 -47.78
C TRP C 433 16.33 -13.77 -48.86
N LEU C 434 16.87 -14.91 -49.28
CA LEU C 434 16.18 -15.75 -50.25
C LEU C 434 14.86 -16.24 -49.66
N VAL C 435 13.74 -15.80 -50.25
CA VAL C 435 12.42 -15.92 -49.65
C VAL C 435 12.08 -17.34 -49.20
N GLY C 436 12.44 -18.35 -49.99
CA GLY C 436 12.25 -19.72 -49.57
C GLY C 436 12.95 -20.06 -48.27
N SER C 437 14.03 -19.36 -47.95
CA SER C 437 14.78 -19.60 -46.73
C SER C 437 13.96 -19.17 -45.51
N LEU C 438 13.50 -17.92 -45.51
CA LEU C 438 12.65 -17.39 -44.45
C LEU C 438 11.50 -18.32 -44.12
N GLU C 439 10.86 -18.86 -45.16
CA GLU C 439 9.78 -19.81 -44.95
C GLU C 439 10.25 -21.01 -44.15
N GLN C 440 11.35 -21.63 -44.57
CA GLN C 440 11.85 -22.81 -43.88
C GLN C 440 12.23 -22.51 -42.45
N ALA C 441 12.70 -21.29 -42.18
CA ALA C 441 13.03 -20.93 -40.81
C ALA C 441 11.78 -20.81 -39.94
N MET C 442 10.68 -20.34 -40.51
CA MET C 442 9.43 -20.32 -39.77
C MET C 442 9.00 -21.71 -39.41
N LEU C 443 9.19 -22.66 -40.32
CA LEU C 443 8.85 -24.05 -40.05
C LEU C 443 9.59 -24.58 -38.84
N ASP C 444 10.79 -24.07 -38.59
CA ASP C 444 11.61 -24.57 -37.50
C ASP C 444 11.28 -23.87 -36.19
N ALA C 445 11.12 -22.54 -36.22
CA ALA C 445 10.68 -21.80 -35.05
C ALA C 445 9.33 -22.24 -34.56
N LEU C 446 8.48 -22.72 -35.45
CA LEU C 446 7.16 -23.19 -35.06
C LEU C 446 7.24 -24.54 -34.37
N VAL C 447 7.91 -25.52 -34.99
CA VAL C 447 7.98 -26.84 -34.40
C VAL C 447 8.65 -26.81 -33.04
N MET C 448 9.60 -25.90 -32.81
CA MET C 448 10.20 -25.94 -31.48
C MET C 448 9.29 -25.24 -30.47
N ASP C 449 9.50 -23.97 -30.16
CA ASP C 449 8.46 -23.10 -29.64
C ASP C 449 8.84 -21.63 -29.79
N ARG C 450 9.82 -21.33 -30.65
CA ARG C 450 10.56 -20.08 -30.54
C ARG C 450 9.68 -18.92 -31.00
N VAL C 451 8.77 -18.53 -30.10
CA VAL C 451 7.82 -17.44 -30.36
C VAL C 451 8.53 -16.18 -30.81
N SER C 452 9.69 -15.89 -30.25
CA SER C 452 10.31 -14.59 -30.45
C SER C 452 10.85 -14.45 -31.86
N PHE C 453 11.20 -15.56 -32.50
CA PHE C 453 11.64 -15.53 -33.89
C PHE C 453 10.44 -15.54 -34.83
N VAL C 454 9.33 -16.13 -34.40
CA VAL C 454 8.09 -16.06 -35.17
C VAL C 454 7.70 -14.60 -35.33
N LYS C 455 7.58 -13.89 -34.20
CA LYS C 455 7.35 -12.45 -34.20
C LYS C 455 8.34 -11.74 -35.08
N LEU C 456 9.60 -12.11 -34.97
CA LEU C 456 10.64 -11.48 -35.77
C LEU C 456 10.40 -11.71 -37.26
N LEU C 457 10.09 -12.95 -37.63
CA LEU C 457 9.94 -13.27 -39.04
C LEU C 457 8.66 -12.67 -39.62
N ILE C 458 7.58 -12.63 -38.84
CA ILE C 458 6.38 -11.95 -39.27
C ILE C 458 6.68 -10.47 -39.49
N GLU C 459 7.46 -9.89 -38.59
CA GLU C 459 7.85 -8.48 -38.70
C GLU C 459 9.01 -8.28 -39.67
N ASN C 460 9.35 -9.30 -40.46
CA ASN C 460 10.28 -9.14 -41.58
C ASN C 460 9.81 -9.92 -42.80
N GLY C 461 8.51 -10.01 -43.02
CA GLY C 461 7.97 -10.45 -44.28
C GLY C 461 7.76 -11.94 -44.45
N VAL C 462 6.94 -12.52 -43.58
CA VAL C 462 6.45 -13.89 -43.77
C VAL C 462 4.94 -13.85 -43.66
N SER C 463 4.27 -13.70 -44.81
CA SER C 463 2.82 -13.72 -44.85
C SER C 463 2.35 -15.16 -44.72
N MET C 464 1.75 -15.49 -43.59
CA MET C 464 1.33 -16.86 -43.29
C MET C 464 0.43 -17.45 -44.36
N HIS C 465 -0.27 -16.63 -45.12
CA HIS C 465 -1.08 -17.15 -46.22
C HIS C 465 -0.19 -17.93 -47.18
N LYS C 466 0.95 -17.36 -47.54
CA LYS C 466 1.87 -18.05 -48.43
C LYS C 466 2.52 -19.25 -47.74
N PHE C 467 2.91 -19.09 -46.48
CA PHE C 467 3.52 -20.16 -45.69
C PHE C 467 2.49 -20.75 -44.75
N LEU C 468 1.53 -21.49 -45.30
CA LEU C 468 0.79 -22.41 -44.42
C LEU C 468 0.20 -23.57 -45.19
N THR C 469 0.87 -24.01 -46.26
CA THR C 469 0.31 -25.03 -47.14
C THR C 469 -0.04 -26.31 -46.40
N ILE C 470 -0.73 -27.21 -47.10
CA ILE C 470 -1.22 -28.43 -46.46
C ILE C 470 -0.06 -29.27 -45.93
N PRO C 471 0.94 -29.64 -46.74
CA PRO C 471 1.97 -30.55 -46.22
C PRO C 471 2.83 -29.95 -45.13
N ARG C 472 3.06 -28.64 -45.15
CA ARG C 472 3.80 -28.00 -44.07
C ARG C 472 3.11 -28.19 -42.73
N LEU C 473 1.83 -27.86 -42.66
CA LEU C 473 1.08 -27.95 -41.43
C LEU C 473 0.83 -29.39 -40.99
N GLU C 474 0.88 -30.35 -41.92
CA GLU C 474 0.85 -31.75 -41.51
C GLU C 474 2.04 -32.09 -40.64
N GLU C 475 3.19 -31.49 -40.92
CA GLU C 475 4.37 -31.74 -40.11
C GLU C 475 4.17 -31.22 -38.70
N LEU C 476 3.77 -29.95 -38.60
CA LEU C 476 3.67 -29.22 -37.34
C LEU C 476 2.92 -30.00 -36.26
N TYR C 477 1.97 -30.85 -36.64
CA TYR C 477 1.40 -31.81 -35.70
C TYR C 477 2.34 -32.99 -35.50
N ASN C 478 2.96 -33.45 -36.57
CA ASN C 478 3.78 -34.67 -36.58
C ASN C 478 5.25 -34.38 -36.36
N THR C 479 5.57 -33.72 -35.26
CA THR C 479 6.95 -33.49 -34.86
C THR C 479 7.11 -33.79 -33.39
N LYS C 480 8.02 -34.71 -33.10
CA LYS C 480 8.61 -34.82 -31.78
C LYS C 480 9.81 -33.89 -31.62
N GLN C 481 10.12 -33.10 -32.66
CA GLN C 481 11.22 -32.16 -32.63
C GLN C 481 10.80 -30.88 -31.93
N GLY C 482 10.33 -31.00 -30.69
CA GLY C 482 9.90 -29.86 -29.92
C GLY C 482 8.96 -30.29 -28.82
N PRO C 483 8.60 -29.34 -27.94
CA PRO C 483 7.59 -29.61 -26.91
C PRO C 483 6.30 -30.17 -27.49
N THR C 484 5.94 -31.36 -27.02
CA THR C 484 4.84 -32.13 -27.55
C THR C 484 3.80 -32.32 -26.44
N ASN C 485 2.57 -32.65 -26.82
CA ASN C 485 1.50 -32.97 -25.89
C ASN C 485 1.11 -34.44 -26.10
N PRO C 486 1.27 -35.32 -25.11
CA PRO C 486 0.88 -36.73 -25.34
C PRO C 486 -0.60 -36.94 -25.51
N MET C 487 -1.45 -35.98 -25.13
CA MET C 487 -2.88 -36.12 -25.33
C MET C 487 -3.23 -36.32 -26.80
N LEU C 488 -2.59 -35.54 -27.67
CA LEU C 488 -3.00 -35.48 -29.07
C LEU C 488 -2.88 -36.84 -29.73
N PHE C 489 -1.82 -37.57 -29.43
CA PHE C 489 -1.67 -38.92 -29.93
C PHE C 489 -2.55 -39.90 -29.18
N HIS C 490 -3.13 -39.50 -28.05
CA HIS C 490 -4.11 -40.30 -27.33
C HIS C 490 -5.53 -39.99 -27.78
N LEU C 491 -5.78 -38.73 -28.14
CA LEU C 491 -7.09 -38.36 -28.66
C LEU C 491 -7.35 -39.00 -30.00
N ILE C 492 -6.35 -38.96 -30.89
CA ILE C 492 -6.53 -39.40 -32.27
C ILE C 492 -6.80 -40.90 -32.30
N ARG C 493 -6.10 -41.67 -31.48
CA ARG C 493 -6.36 -43.11 -31.42
C ARG C 493 -7.71 -43.43 -30.79
N ASP C 494 -8.31 -42.50 -30.06
CA ASP C 494 -9.64 -42.72 -29.51
C ASP C 494 -10.71 -42.53 -30.58
N VAL C 495 -10.68 -41.38 -31.27
CA VAL C 495 -11.73 -41.08 -32.26
C VAL C 495 -11.67 -42.04 -33.44
N LYS C 496 -10.47 -42.46 -33.83
CA LYS C 496 -10.34 -43.50 -34.84
C LYS C 496 -10.84 -44.85 -34.33
N GLN C 497 -11.01 -45.00 -33.01
CA GLN C 497 -11.58 -46.20 -32.41
C GLN C 497 -10.75 -47.44 -32.76
N GLY C 498 -9.48 -47.39 -32.38
CA GLY C 498 -8.57 -48.45 -32.72
C GLY C 498 -7.18 -48.22 -32.17
N ASN C 499 -6.18 -48.40 -33.03
CA ASN C 499 -4.79 -48.20 -32.66
C ASN C 499 -4.04 -47.69 -33.88
N LEU C 500 -3.27 -46.63 -33.70
CA LEU C 500 -2.55 -46.03 -34.81
C LEU C 500 -1.57 -47.03 -35.40
N PRO C 501 -1.44 -47.12 -36.73
CA PRO C 501 -0.38 -47.94 -37.31
C PRO C 501 0.98 -47.49 -36.86
N PRO C 502 2.03 -48.28 -37.14
CA PRO C 502 3.35 -48.01 -36.53
C PRO C 502 3.91 -46.62 -36.81
N GLY C 503 4.04 -46.24 -38.08
CA GLY C 503 4.55 -44.91 -38.40
C GLY C 503 3.53 -43.82 -38.15
N TYR C 504 2.48 -43.78 -38.97
CA TYR C 504 1.33 -42.90 -38.77
C TYR C 504 1.68 -41.42 -38.63
N LYS C 505 1.95 -40.76 -39.74
CA LYS C 505 1.88 -39.31 -39.77
C LYS C 505 0.40 -38.92 -39.70
N ILE C 506 0.06 -38.10 -38.71
CA ILE C 506 -1.32 -37.60 -38.54
C ILE C 506 -1.76 -36.87 -39.80
N THR C 507 -2.99 -37.13 -40.22
CA THR C 507 -3.64 -36.35 -41.26
C THR C 507 -4.48 -35.26 -40.64
N LEU C 508 -4.69 -34.18 -41.39
CA LEU C 508 -5.50 -33.08 -40.89
C LEU C 508 -6.95 -33.48 -40.75
N ILE C 509 -7.39 -34.51 -41.48
CA ILE C 509 -8.70 -35.09 -41.22
C ILE C 509 -8.77 -35.55 -39.77
N ASP C 510 -7.73 -36.23 -39.30
CA ASP C 510 -7.73 -36.78 -37.95
C ASP C 510 -7.80 -35.67 -36.91
N ILE C 511 -7.27 -34.49 -37.24
CA ILE C 511 -7.38 -33.36 -36.33
C ILE C 511 -8.81 -32.84 -36.29
N GLY C 512 -9.46 -32.75 -37.44
CA GLY C 512 -10.85 -32.33 -37.46
C GLY C 512 -11.72 -33.22 -36.61
N LEU C 513 -11.47 -34.52 -36.65
CA LEU C 513 -12.20 -35.45 -35.81
C LEU C 513 -11.88 -35.29 -34.33
N VAL C 514 -10.84 -34.51 -33.99
CA VAL C 514 -10.54 -34.18 -32.61
C VAL C 514 -11.25 -32.91 -32.19
N ILE C 515 -11.15 -31.87 -33.02
CA ILE C 515 -11.69 -30.57 -32.65
C ILE C 515 -13.21 -30.62 -32.68
N GLU C 516 -13.78 -31.35 -33.64
CA GLU C 516 -15.21 -31.63 -33.63
C GLU C 516 -15.61 -32.52 -32.47
N TYR C 517 -14.65 -33.17 -31.82
CA TYR C 517 -14.88 -33.92 -30.60
C TYR C 517 -14.58 -33.10 -29.36
N LEU C 518 -13.58 -32.22 -29.45
CA LEU C 518 -13.24 -31.38 -28.31
C LEU C 518 -14.28 -30.28 -28.12
N MET C 519 -14.50 -29.48 -29.17
CA MET C 519 -15.46 -28.40 -29.10
C MET C 519 -16.86 -28.94 -28.88
N GLY C 520 -17.27 -29.89 -29.70
CA GLY C 520 -18.39 -30.73 -29.37
C GLY C 520 -19.71 -30.18 -29.84
N GLY C 521 -20.75 -31.00 -29.70
CA GLY C 521 -22.05 -30.62 -30.18
C GLY C 521 -22.11 -30.79 -31.69
N THR C 522 -22.43 -29.71 -32.37
CA THR C 522 -22.53 -29.67 -33.82
C THR C 522 -21.40 -28.87 -34.46
N TYR C 523 -20.26 -28.75 -33.78
CA TYR C 523 -19.14 -28.05 -34.35
C TYR C 523 -18.57 -28.90 -35.50
N ARG C 524 -18.43 -28.27 -36.65
CA ARG C 524 -17.95 -28.92 -37.86
C ARG C 524 -16.77 -28.12 -38.38
N CYS C 525 -15.60 -28.73 -38.43
CA CYS C 525 -14.38 -28.02 -38.75
C CYS C 525 -14.10 -28.08 -40.25
N THR C 526 -13.33 -27.09 -40.73
CA THR C 526 -12.91 -27.01 -42.13
C THR C 526 -12.34 -28.33 -42.63
N TYR C 527 -11.65 -29.08 -41.76
CA TYR C 527 -10.88 -30.24 -42.18
C TYR C 527 -11.79 -31.37 -42.63
N THR C 528 -12.89 -31.58 -41.92
CA THR C 528 -13.77 -32.71 -42.21
C THR C 528 -14.72 -32.45 -43.37
N ARG C 529 -14.85 -31.20 -43.81
CA ARG C 529 -15.84 -30.89 -44.82
C ARG C 529 -15.39 -31.39 -46.18
N LYS C 530 -16.37 -31.48 -47.09
CA LYS C 530 -16.13 -32.10 -48.38
C LYS C 530 -15.13 -31.32 -49.21
N ARG C 531 -15.16 -30.00 -49.13
CA ARG C 531 -14.21 -29.18 -49.87
C ARG C 531 -12.78 -29.54 -49.49
N PHE C 532 -12.44 -29.43 -48.20
CA PHE C 532 -11.08 -29.73 -47.79
C PHE C 532 -10.76 -31.20 -47.96
N ARG C 533 -11.74 -32.06 -47.66
CA ARG C 533 -11.55 -33.51 -47.73
C ARG C 533 -11.30 -33.98 -49.16
N LEU C 534 -11.56 -33.14 -50.15
CA LEU C 534 -11.44 -33.50 -51.55
C LEU C 534 -10.15 -32.95 -52.15
N ILE C 535 -9.83 -31.69 -51.85
CA ILE C 535 -8.54 -31.11 -52.21
C ILE C 535 -7.39 -31.71 -51.42
N TYR C 536 -7.67 -32.38 -50.30
CA TYR C 536 -6.63 -33.00 -49.49
C TYR C 536 -6.20 -34.33 -50.07
N ASN C 537 -7.16 -35.24 -50.24
CA ASN C 537 -6.88 -36.52 -50.89
C ASN C 537 -6.43 -36.32 -52.34
N SER C 538 -6.82 -35.22 -52.97
CA SER C 538 -6.29 -34.88 -54.28
C SER C 538 -4.78 -34.72 -54.22
N LEU C 539 -4.29 -33.81 -53.39
CA LEU C 539 -2.86 -33.57 -53.26
C LEU C 539 -2.16 -34.80 -52.65
N GLU C 613 -3.05 -21.39 -55.34
CA GLU C 613 -3.34 -20.93 -53.98
C GLU C 613 -4.55 -21.64 -53.37
N THR C 614 -4.95 -22.77 -53.95
CA THR C 614 -5.97 -23.60 -53.35
C THR C 614 -5.41 -24.55 -52.29
N LYS C 615 -4.13 -24.87 -52.37
CA LYS C 615 -3.46 -25.67 -51.35
C LYS C 615 -2.93 -24.82 -50.20
N ARG C 616 -3.36 -23.57 -50.09
CA ARG C 616 -3.21 -22.75 -48.91
C ARG C 616 -4.50 -22.86 -48.08
N PHE C 617 -4.59 -22.06 -47.01
CA PHE C 617 -5.78 -21.86 -46.21
C PHE C 617 -6.26 -20.42 -46.34
N PRO C 618 -7.56 -20.15 -46.19
CA PRO C 618 -8.00 -18.76 -46.25
C PRO C 618 -7.43 -17.93 -45.12
N TYR C 619 -7.64 -18.40 -43.89
CA TYR C 619 -7.25 -17.69 -42.68
C TYR C 619 -6.30 -18.55 -41.86
N PRO C 620 -4.98 -18.34 -41.94
CA PRO C 620 -4.04 -19.32 -41.39
C PRO C 620 -3.95 -19.34 -39.87
N LEU C 621 -3.90 -18.18 -39.21
CA LEU C 621 -3.75 -18.15 -37.76
C LEU C 621 -4.97 -18.67 -37.02
N ASN C 622 -6.02 -19.05 -37.72
CA ASN C 622 -7.05 -19.89 -37.17
C ASN C 622 -6.66 -21.36 -37.17
N GLU C 623 -5.70 -21.74 -38.00
CA GLU C 623 -5.22 -23.11 -38.07
C GLU C 623 -4.02 -23.35 -37.17
N LEU C 624 -3.19 -22.33 -36.99
CA LEU C 624 -2.07 -22.42 -36.07
C LEU C 624 -2.50 -22.25 -34.62
N LEU C 625 -3.59 -21.52 -34.40
CA LEU C 625 -4.07 -21.31 -33.04
C LEU C 625 -4.71 -22.58 -32.49
N ILE C 626 -5.41 -23.34 -33.34
CA ILE C 626 -5.88 -24.66 -32.92
C ILE C 626 -4.75 -25.67 -32.85
N TRP C 627 -3.59 -25.34 -33.40
CA TRP C 627 -2.43 -26.20 -33.31
C TRP C 627 -1.69 -26.00 -32.00
N ALA C 628 -1.35 -24.75 -31.70
CA ALA C 628 -0.65 -24.42 -30.47
C ALA C 628 -1.47 -24.73 -29.22
N CYS C 629 -2.77 -24.97 -29.35
CA CYS C 629 -3.62 -25.29 -28.23
C CYS C 629 -3.84 -26.78 -28.09
N LEU C 630 -3.64 -27.53 -29.17
CA LEU C 630 -3.59 -28.98 -29.10
C LEU C 630 -2.20 -29.48 -28.72
N MET C 631 -1.17 -28.68 -28.98
CA MET C 631 0.20 -29.01 -28.63
C MET C 631 0.68 -28.28 -27.37
N LYS C 632 -0.24 -27.68 -26.63
CA LYS C 632 0.03 -27.06 -25.33
C LYS C 632 1.15 -26.01 -25.42
N ARG C 633 1.17 -25.28 -26.52
CA ARG C 633 2.13 -24.19 -26.72
C ARG C 633 1.46 -22.85 -26.51
N GLN C 634 1.10 -22.58 -25.25
CA GLN C 634 0.46 -21.34 -24.83
C GLN C 634 1.11 -20.10 -25.42
N VAL C 635 2.39 -19.92 -25.13
CA VAL C 635 3.10 -18.68 -25.46
C VAL C 635 3.04 -18.39 -26.96
N MET C 636 2.93 -19.44 -27.77
CA MET C 636 2.57 -19.27 -29.17
C MET C 636 1.10 -18.94 -29.35
N ALA C 637 0.23 -19.59 -28.58
CA ALA C 637 -1.20 -19.38 -28.76
C ALA C 637 -1.57 -17.94 -28.42
N ARG C 638 -1.00 -17.41 -27.33
CA ARG C 638 -1.16 -16.01 -27.00
C ARG C 638 -0.58 -15.09 -28.06
N PHE C 639 0.41 -15.56 -28.79
CA PHE C 639 1.00 -14.76 -29.84
C PHE C 639 0.23 -14.85 -31.13
N LEU C 640 -0.29 -16.03 -31.45
CA LEU C 640 -1.07 -16.22 -32.66
C LEU C 640 -2.51 -15.80 -32.46
N TRP C 641 -2.98 -15.78 -31.22
CA TRP C 641 -4.28 -15.21 -30.92
C TRP C 641 -4.33 -13.72 -31.18
N GLN C 642 -3.36 -12.99 -30.64
CA GLN C 642 -3.41 -11.53 -30.73
C GLN C 642 -3.26 -11.06 -32.16
N HIS C 643 -2.66 -11.87 -33.02
CA HIS C 643 -2.60 -11.57 -34.44
C HIS C 643 -3.84 -12.12 -35.13
N GLY C 644 -3.97 -11.80 -36.41
CA GLY C 644 -5.14 -12.19 -37.15
C GLY C 644 -6.34 -11.33 -36.80
N GLU C 645 -7.51 -11.93 -36.94
CA GLU C 645 -8.78 -11.29 -36.61
C GLU C 645 -9.62 -12.25 -35.80
N GLU C 646 -10.85 -11.83 -35.49
CA GLU C 646 -11.80 -12.65 -34.74
C GLU C 646 -11.25 -13.01 -33.37
N SER C 647 -10.52 -12.07 -32.76
CA SER C 647 -9.79 -12.35 -31.54
C SER C 647 -10.66 -12.80 -30.38
N MET C 648 -11.95 -12.46 -30.40
CA MET C 648 -12.84 -12.89 -29.33
C MET C 648 -13.43 -14.27 -29.58
N ALA C 649 -13.48 -14.72 -30.82
CA ALA C 649 -13.88 -16.09 -31.12
C ALA C 649 -12.73 -17.06 -31.02
N LYS C 650 -11.51 -16.57 -31.14
CA LYS C 650 -10.34 -17.41 -31.01
C LYS C 650 -9.97 -17.67 -29.57
N ALA C 651 -10.31 -16.74 -28.68
CA ALA C 651 -10.07 -16.88 -27.25
C ALA C 651 -11.16 -17.62 -26.53
N LEU C 652 -12.25 -17.95 -27.22
CA LEU C 652 -13.33 -18.74 -26.66
C LEU C 652 -13.42 -20.10 -27.32
N VAL C 653 -12.74 -20.27 -28.44
CA VAL C 653 -12.48 -21.60 -28.97
C VAL C 653 -11.33 -22.25 -28.23
N ALA C 654 -10.22 -21.51 -28.10
CA ALA C 654 -9.08 -21.94 -27.31
C ALA C 654 -9.50 -22.39 -25.92
N CYS C 655 -10.21 -21.54 -25.19
CA CYS C 655 -10.70 -21.88 -23.87
C CYS C 655 -11.56 -23.13 -23.87
N LYS C 656 -12.19 -23.44 -24.99
CA LYS C 656 -13.00 -24.64 -25.09
C LYS C 656 -12.17 -25.84 -25.55
N ILE C 657 -11.08 -25.59 -26.28
CA ILE C 657 -10.20 -26.69 -26.63
C ILE C 657 -9.50 -27.20 -25.38
N TYR C 658 -8.76 -26.33 -24.70
CA TYR C 658 -8.06 -26.71 -23.47
C TYR C 658 -8.99 -27.35 -22.46
N ARG C 659 -10.03 -26.64 -22.05
CA ARG C 659 -11.06 -27.17 -21.15
C ARG C 659 -11.55 -28.54 -21.58
N SER C 660 -11.72 -28.76 -22.88
CA SER C 660 -12.15 -30.07 -23.35
C SER C 660 -10.99 -31.05 -23.46
N MET C 661 -9.75 -30.56 -23.40
CA MET C 661 -8.60 -31.43 -23.28
C MET C 661 -8.38 -31.84 -21.83
N ALA C 662 -8.43 -30.85 -20.93
CA ALA C 662 -8.32 -31.09 -19.50
C ALA C 662 -9.27 -32.17 -19.00
N TYR C 663 -10.48 -32.20 -19.53
CA TYR C 663 -11.45 -33.20 -19.11
C TYR C 663 -11.10 -34.58 -19.64
N GLU C 664 -10.32 -34.66 -20.72
CA GLU C 664 -9.84 -35.94 -21.20
C GLU C 664 -8.69 -36.44 -20.33
N ALA C 665 -7.85 -35.52 -19.90
CA ALA C 665 -6.74 -35.84 -19.00
C ALA C 665 -7.23 -36.50 -17.72
N LYS C 666 -8.15 -35.84 -17.02
CA LYS C 666 -8.71 -36.39 -15.79
C LYS C 666 -9.39 -37.73 -16.04
N GLN C 667 -9.97 -37.91 -17.22
CA GLN C 667 -10.75 -39.12 -17.49
C GLN C 667 -9.84 -40.32 -17.71
N SER C 668 -8.85 -40.18 -18.58
CA SER C 668 -7.91 -41.25 -18.88
C SER C 668 -6.54 -40.89 -18.34
N ASP C 669 -5.93 -41.82 -17.60
CA ASP C 669 -4.60 -41.63 -17.03
C ASP C 669 -3.58 -42.56 -17.67
N LEU C 670 -3.03 -42.15 -18.81
CA LEU C 670 -1.93 -42.84 -19.46
C LEU C 670 -0.62 -42.06 -19.33
N VAL C 671 -0.68 -40.81 -18.88
CA VAL C 671 0.50 -39.96 -18.70
C VAL C 671 0.29 -39.14 -17.43
N ASP C 672 1.24 -38.25 -17.14
CA ASP C 672 1.10 -37.29 -16.05
C ASP C 672 -0.17 -36.48 -16.23
N ASP C 673 -0.63 -35.86 -15.16
CA ASP C 673 -1.95 -35.23 -15.12
C ASP C 673 -2.15 -34.20 -16.23
N THR C 674 -1.38 -33.11 -16.18
CA THR C 674 -1.43 -32.04 -17.18
C THR C 674 -2.75 -31.26 -17.12
N SER C 675 -3.67 -31.67 -16.25
CA SER C 675 -5.07 -31.29 -16.39
C SER C 675 -5.37 -29.96 -15.72
N GLU C 676 -4.56 -29.56 -14.76
CA GLU C 676 -4.62 -28.24 -14.17
C GLU C 676 -3.68 -27.27 -14.84
N GLU C 677 -2.76 -27.75 -15.66
CA GLU C 677 -1.95 -26.89 -16.50
C GLU C 677 -2.76 -26.33 -17.66
N LEU C 678 -3.80 -27.05 -18.06
CA LEU C 678 -4.67 -26.63 -19.15
C LEU C 678 -5.79 -25.71 -18.66
N LYS C 679 -6.50 -26.13 -17.62
CA LYS C 679 -7.57 -25.30 -17.05
C LYS C 679 -7.08 -23.92 -16.63
N GLN C 680 -5.79 -23.75 -16.39
CA GLN C 680 -5.20 -22.43 -16.24
C GLN C 680 -4.90 -21.79 -17.58
N TYR C 681 -4.67 -22.62 -18.61
CA TYR C 681 -4.47 -22.11 -19.95
C TYR C 681 -5.80 -21.71 -20.59
N SER C 682 -6.86 -22.44 -20.29
CA SER C 682 -8.17 -22.09 -20.81
C SER C 682 -8.63 -20.77 -20.19
N ASN C 683 -8.75 -20.74 -18.87
CA ASN C 683 -9.12 -19.56 -18.11
C ASN C 683 -8.23 -18.34 -18.37
N ASP C 684 -7.07 -18.54 -19.00
CA ASP C 684 -6.26 -17.43 -19.47
C ASP C 684 -6.75 -16.90 -20.80
N PHE C 685 -7.32 -17.75 -21.64
CA PHE C 685 -7.99 -17.30 -22.85
C PHE C 685 -9.41 -16.87 -22.55
N GLY C 686 -10.07 -17.56 -21.64
CA GLY C 686 -11.40 -17.18 -21.21
C GLY C 686 -11.46 -15.98 -20.28
N GLN C 687 -10.41 -15.17 -20.24
CA GLN C 687 -10.37 -13.93 -19.48
C GLN C 687 -9.88 -12.78 -20.35
N LEU C 688 -9.23 -13.09 -21.47
CA LEU C 688 -8.91 -12.06 -22.45
C LEU C 688 -10.14 -11.71 -23.27
N ALA C 689 -10.99 -12.70 -23.51
CA ALA C 689 -12.27 -12.45 -24.14
C ALA C 689 -13.09 -11.47 -23.31
N VAL C 690 -13.24 -11.78 -22.02
CA VAL C 690 -14.07 -11.01 -21.11
C VAL C 690 -13.49 -9.62 -20.92
N GLU C 691 -12.17 -9.52 -20.81
CA GLU C 691 -11.50 -8.24 -20.74
C GLU C 691 -11.45 -7.54 -22.09
N LEU C 692 -11.90 -8.19 -23.15
CA LEU C 692 -12.04 -7.59 -24.46
C LEU C 692 -13.48 -7.23 -24.77
N LEU C 693 -14.44 -7.92 -24.15
CA LEU C 693 -15.82 -7.50 -24.18
C LEU C 693 -16.02 -6.20 -23.43
N GLU C 694 -15.50 -6.12 -22.21
CA GLU C 694 -15.54 -4.90 -21.42
C GLU C 694 -14.96 -3.72 -22.19
N GLN C 695 -13.83 -3.93 -22.86
CA GLN C 695 -13.19 -2.85 -23.60
C GLN C 695 -14.06 -2.40 -24.76
N SER C 696 -14.92 -3.28 -25.27
CA SER C 696 -15.81 -2.93 -26.35
C SER C 696 -17.07 -2.28 -25.83
N PHE C 697 -17.71 -2.93 -24.85
CA PHE C 697 -18.85 -2.38 -24.10
C PHE C 697 -18.57 -0.98 -23.57
N ARG C 698 -17.30 -0.66 -23.29
CA ARG C 698 -16.88 0.67 -22.88
C ARG C 698 -16.52 1.56 -24.07
N GLN C 699 -16.87 1.16 -25.28
CA GLN C 699 -16.59 1.95 -26.48
C GLN C 699 -17.85 2.17 -27.31
N ASP C 700 -18.69 1.15 -27.42
CA ASP C 700 -20.01 1.29 -28.00
C ASP C 700 -20.83 0.11 -27.54
N GLU C 701 -21.77 0.35 -26.63
CA GLU C 701 -22.57 -0.73 -26.07
C GLU C 701 -23.41 -1.43 -27.11
N THR C 702 -23.72 -0.76 -28.22
CA THR C 702 -24.56 -1.34 -29.28
C THR C 702 -23.80 -2.35 -30.11
N MET C 703 -22.73 -1.90 -30.78
CA MET C 703 -21.95 -2.77 -31.63
C MET C 703 -21.36 -3.93 -30.85
N ALA C 704 -20.84 -3.65 -29.66
CA ALA C 704 -20.34 -4.69 -28.78
C ALA C 704 -21.35 -5.78 -28.45
N MET C 705 -22.64 -5.54 -28.66
CA MET C 705 -23.65 -6.59 -28.59
C MET C 705 -23.90 -7.26 -29.94
N LYS C 706 -23.42 -6.64 -31.03
CA LYS C 706 -23.36 -7.34 -32.30
C LYS C 706 -22.17 -8.27 -32.37
N LEU C 707 -21.11 -7.97 -31.61
CA LEU C 707 -19.94 -8.83 -31.59
C LEU C 707 -20.21 -10.16 -30.92
N LEU C 708 -21.35 -10.30 -30.25
CA LEU C 708 -21.71 -11.51 -29.54
C LEU C 708 -22.63 -12.41 -30.31
N THR C 709 -23.11 -11.99 -31.48
CA THR C 709 -24.12 -12.74 -32.22
C THR C 709 -23.86 -12.83 -33.71
N TYR C 710 -22.77 -12.25 -34.23
CA TYR C 710 -22.50 -12.36 -35.65
C TYR C 710 -21.99 -13.76 -35.94
N GLU C 711 -22.70 -14.45 -36.84
CA GLU C 711 -22.25 -15.72 -37.37
C GLU C 711 -20.81 -15.57 -37.86
N LEU C 712 -19.98 -16.54 -37.50
CA LEU C 712 -18.55 -16.40 -37.65
C LEU C 712 -18.06 -16.94 -38.98
N LYS C 713 -18.47 -18.15 -39.34
CA LYS C 713 -18.26 -18.79 -40.64
C LYS C 713 -16.84 -19.29 -40.85
N ASN C 714 -15.91 -18.94 -39.96
CA ASN C 714 -14.63 -19.64 -39.85
C ASN C 714 -14.64 -20.64 -38.71
N TRP C 715 -15.52 -20.45 -37.72
CA TRP C 715 -15.58 -21.28 -36.54
C TRP C 715 -16.93 -21.96 -36.48
N SER C 716 -17.33 -22.52 -37.62
CA SER C 716 -18.47 -23.42 -37.75
C SER C 716 -19.80 -22.73 -37.53
N ASN C 717 -19.99 -21.61 -38.25
CA ASN C 717 -21.26 -20.89 -38.30
C ASN C 717 -21.79 -20.65 -36.91
N SER C 718 -20.92 -20.15 -36.06
CA SER C 718 -21.12 -20.10 -34.63
C SER C 718 -21.00 -18.67 -34.18
N THR C 719 -20.87 -18.48 -32.88
CA THR C 719 -21.22 -17.22 -32.26
C THR C 719 -20.28 -17.01 -31.09
N CYS C 720 -19.88 -15.76 -30.83
CA CYS C 720 -18.95 -15.52 -29.73
C CYS C 720 -19.62 -15.57 -28.36
N LEU C 721 -20.83 -16.11 -28.27
CA LEU C 721 -21.58 -16.23 -27.04
C LEU C 721 -22.16 -17.63 -26.86
N LYS C 722 -22.31 -18.39 -27.95
CA LYS C 722 -22.59 -19.81 -27.86
C LYS C 722 -21.35 -20.61 -27.56
N LEU C 723 -20.16 -20.06 -27.84
CA LEU C 723 -18.91 -20.72 -27.50
C LEU C 723 -18.68 -20.68 -26.00
N ALA C 724 -18.71 -19.48 -25.43
CA ALA C 724 -18.54 -19.28 -24.00
C ALA C 724 -19.47 -20.17 -23.18
N VAL C 725 -20.72 -20.28 -23.61
CA VAL C 725 -21.66 -21.17 -22.97
C VAL C 725 -21.22 -22.62 -23.07
N SER C 726 -20.44 -22.97 -24.10
CA SER C 726 -20.00 -24.34 -24.27
C SER C 726 -18.75 -24.61 -23.45
N SER C 727 -17.91 -23.60 -23.31
CA SER C 727 -16.82 -23.60 -22.35
C SER C 727 -17.29 -23.32 -20.94
N ARG C 728 -18.60 -23.17 -20.72
CA ARG C 728 -19.17 -22.84 -19.42
C ARG C 728 -18.43 -21.69 -18.77
N LEU C 729 -18.17 -20.65 -19.57
CA LEU C 729 -17.47 -19.46 -19.11
C LEU C 729 -18.49 -18.48 -18.57
N ARG C 730 -18.50 -18.34 -17.27
CA ARG C 730 -19.44 -17.47 -16.60
C ARG C 730 -19.09 -15.99 -16.61
N PRO C 731 -17.82 -15.57 -16.56
CA PRO C 731 -17.54 -14.12 -16.56
C PRO C 731 -17.86 -13.40 -17.86
N PHE C 732 -18.38 -14.09 -18.87
CA PHE C 732 -18.73 -13.52 -20.17
C PHE C 732 -20.24 -13.50 -20.34
N VAL C 733 -20.86 -14.66 -20.16
CA VAL C 733 -22.30 -14.79 -20.18
C VAL C 733 -22.93 -13.97 -19.07
N ALA C 734 -22.19 -13.76 -17.99
CA ALA C 734 -22.61 -12.93 -16.88
C ALA C 734 -21.86 -11.61 -16.82
N HIS C 735 -21.45 -11.10 -17.97
CA HIS C 735 -20.89 -9.77 -18.10
C HIS C 735 -22.05 -8.83 -18.43
N THR C 736 -21.79 -7.52 -18.35
CA THR C 736 -22.90 -6.58 -18.47
C THR C 736 -23.31 -6.30 -19.91
N CYS C 737 -22.60 -6.85 -20.89
CA CYS C 737 -22.93 -6.70 -22.30
C CYS C 737 -23.70 -7.90 -22.81
N THR C 738 -23.46 -9.07 -22.24
CA THR C 738 -24.30 -10.23 -22.43
C THR C 738 -25.51 -10.23 -21.52
N GLN C 739 -25.72 -9.18 -20.74
CA GLN C 739 -26.87 -9.06 -19.86
C GLN C 739 -27.78 -7.91 -20.25
N MET C 740 -27.26 -6.93 -20.97
CA MET C 740 -28.11 -6.00 -21.70
C MET C 740 -28.75 -6.69 -22.90
N LEU C 741 -27.92 -7.29 -23.76
CA LEU C 741 -28.43 -8.02 -24.92
C LEU C 741 -29.48 -9.04 -24.53
N LEU C 742 -29.21 -9.83 -23.49
CA LEU C 742 -30.19 -10.79 -23.04
C LEU C 742 -31.48 -10.11 -22.59
N SER C 743 -31.41 -8.86 -22.18
CA SER C 743 -32.59 -8.10 -21.85
C SER C 743 -33.20 -7.44 -23.08
N ASP C 744 -32.37 -6.96 -24.00
CA ASP C 744 -32.86 -6.49 -25.28
C ASP C 744 -33.42 -7.63 -26.13
N MET C 745 -32.94 -8.85 -25.92
CA MET C 745 -33.60 -10.03 -26.47
C MET C 745 -34.81 -10.45 -25.67
N TRP C 746 -34.90 -10.04 -24.41
CA TRP C 746 -36.03 -10.41 -23.58
C TRP C 746 -37.24 -9.56 -23.90
N MET C 747 -37.01 -8.32 -24.29
CA MET C 747 -38.10 -7.46 -24.75
C MET C 747 -38.74 -8.03 -26.01
N GLY C 748 -37.94 -8.16 -27.05
CA GLY C 748 -38.42 -8.63 -28.33
C GLY C 748 -38.55 -7.45 -29.26
N ARG C 749 -39.72 -7.30 -29.86
CA ARG C 749 -40.04 -6.09 -30.59
C ARG C 749 -40.50 -4.99 -29.64
N LEU C 750 -41.11 -5.37 -28.52
CA LEU C 750 -41.51 -4.45 -27.47
C LEU C 750 -40.39 -3.50 -27.08
N ASN C 751 -40.77 -2.33 -26.57
CA ASN C 751 -39.86 -1.44 -25.88
C ASN C 751 -40.38 -1.34 -24.46
N MET C 752 -39.86 -2.20 -23.61
CA MET C 752 -40.20 -2.21 -22.20
C MET C 752 -39.40 -1.21 -21.40
N ARG C 753 -38.72 -0.29 -22.09
CA ARG C 753 -38.27 0.95 -21.48
C ARG C 753 -39.41 1.96 -21.44
N LYS C 754 -40.01 2.24 -22.60
CA LYS C 754 -41.16 3.13 -22.65
C LYS C 754 -42.41 2.50 -22.06
N ASN C 755 -42.58 1.18 -22.23
CA ASN C 755 -43.74 0.48 -21.71
C ASN C 755 -43.51 0.11 -20.25
N SER C 756 -44.46 -0.64 -19.68
CA SER C 756 -44.40 -1.07 -18.30
C SER C 756 -44.97 -2.48 -18.20
N TRP C 757 -44.51 -3.23 -17.19
CA TRP C 757 -44.89 -4.62 -17.07
C TRP C 757 -46.38 -4.79 -16.87
N TYR C 758 -47.05 -3.79 -16.30
CA TYR C 758 -48.51 -3.83 -16.22
C TYR C 758 -49.13 -4.00 -17.59
N LYS C 759 -48.56 -3.34 -18.59
CA LYS C 759 -49.20 -3.27 -19.90
C LYS C 759 -49.03 -4.57 -20.68
N VAL C 760 -47.93 -5.29 -20.43
CA VAL C 760 -47.77 -6.64 -20.97
C VAL C 760 -48.93 -7.51 -20.51
N ILE C 761 -49.07 -7.70 -19.20
CA ILE C 761 -50.17 -8.51 -18.66
C ILE C 761 -51.50 -7.94 -19.09
N LEU C 762 -51.64 -6.61 -19.09
CA LEU C 762 -52.86 -5.98 -19.57
C LEU C 762 -53.11 -6.30 -21.03
N SER C 763 -52.04 -6.41 -21.82
CA SER C 763 -52.14 -6.70 -23.24
C SER C 763 -52.30 -8.17 -23.55
N ILE C 764 -51.96 -9.06 -22.61
CA ILE C 764 -52.10 -10.48 -22.86
C ILE C 764 -53.55 -10.90 -22.67
N LEU C 765 -54.24 -10.28 -21.73
CA LEU C 765 -55.63 -10.59 -21.43
C LEU C 765 -56.60 -9.70 -22.18
N VAL C 766 -56.18 -8.50 -22.56
CA VAL C 766 -56.89 -7.65 -23.51
C VAL C 766 -56.04 -7.63 -24.79
N PRO C 767 -56.27 -8.52 -25.75
CA PRO C 767 -55.45 -8.54 -26.96
C PRO C 767 -55.47 -7.22 -27.73
N PRO C 768 -56.59 -6.50 -27.78
CA PRO C 768 -56.54 -5.19 -28.45
C PRO C 768 -55.58 -4.19 -27.83
N ALA C 769 -55.28 -4.30 -26.53
CA ALA C 769 -54.34 -3.40 -25.90
C ALA C 769 -52.91 -3.60 -26.38
N ILE C 770 -52.65 -4.65 -27.16
CA ILE C 770 -51.35 -4.84 -27.80
C ILE C 770 -51.04 -3.65 -28.69
N LEU C 771 -52.08 -3.08 -29.30
CA LEU C 771 -51.91 -2.02 -30.27
C LEU C 771 -51.57 -0.68 -29.63
N MET C 772 -51.85 -0.50 -28.34
CA MET C 772 -51.52 0.71 -27.60
C MET C 772 -50.18 0.59 -26.88
N LEU C 773 -49.23 -0.15 -27.45
CA LEU C 773 -47.91 -0.36 -26.86
C LEU C 773 -46.84 0.34 -27.69
N GLU C 774 -45.77 0.71 -27.01
CA GLU C 774 -44.64 1.36 -27.66
C GLU C 774 -43.60 0.31 -28.05
N TYR C 775 -43.60 -0.06 -29.32
CA TYR C 775 -42.65 -1.02 -29.83
C TYR C 775 -41.33 -0.34 -30.18
N LYS C 776 -40.38 -1.15 -30.64
CA LYS C 776 -39.10 -0.72 -31.13
C LYS C 776 -39.12 -0.79 -32.64
N THR C 777 -38.29 0.04 -33.27
CA THR C 777 -38.18 0.02 -34.72
C THR C 777 -37.10 -0.95 -35.14
N LYS C 778 -37.20 -1.41 -36.39
CA LYS C 778 -36.20 -2.34 -36.91
C LYS C 778 -34.82 -1.71 -37.07
N ALA C 779 -34.70 -0.40 -36.85
CA ALA C 779 -33.41 0.26 -36.70
C ALA C 779 -32.93 0.25 -35.26
N GLU C 780 -33.79 -0.12 -34.30
CA GLU C 780 -33.39 -0.35 -32.92
C GLU C 780 -33.07 -1.81 -32.64
N MET C 781 -33.71 -2.72 -33.36
CA MET C 781 -33.46 -4.15 -33.23
C MET C 781 -32.31 -4.63 -34.10
N SER C 782 -31.41 -3.73 -34.49
CA SER C 782 -30.32 -4.12 -35.37
C SER C 782 -29.40 -5.12 -34.69
N HIS C 783 -28.95 -4.79 -33.46
CA HIS C 783 -28.02 -5.63 -32.74
C HIS C 783 -28.63 -6.91 -32.22
N ILE C 784 -29.95 -6.99 -32.16
CA ILE C 784 -30.61 -8.18 -31.62
C ILE C 784 -30.63 -9.26 -32.70
N PRO C 785 -30.25 -10.51 -32.39
CA PRO C 785 -30.48 -11.57 -33.36
C PRO C 785 -31.96 -11.89 -33.47
N GLN C 786 -32.40 -12.06 -34.70
CA GLN C 786 -33.80 -12.29 -35.04
C GLN C 786 -33.93 -13.65 -35.70
N SER C 787 -35.15 -14.17 -35.69
CA SER C 787 -35.41 -15.48 -36.25
C SER C 787 -35.40 -15.41 -37.77
N GLN C 788 -35.64 -16.56 -38.39
CA GLN C 788 -35.68 -16.67 -39.84
C GLN C 788 -36.77 -15.76 -40.41
N ASP C 789 -38.03 -16.04 -40.06
CA ASP C 789 -39.15 -15.27 -40.61
C ASP C 789 -39.32 -13.93 -39.91
N ALA C 790 -38.69 -13.73 -38.74
CA ALA C 790 -38.79 -12.47 -38.04
C ALA C 790 -38.19 -11.34 -38.86
N HIS C 791 -37.04 -11.60 -39.47
CA HIS C 791 -36.39 -10.60 -40.31
C HIS C 791 -37.16 -10.38 -41.60
N GLN C 792 -37.83 -11.41 -42.10
CA GLN C 792 -38.67 -11.28 -43.28
C GLN C 792 -39.78 -10.26 -43.06
N MET C 793 -40.41 -10.30 -41.88
CA MET C 793 -41.46 -9.34 -41.55
C MET C 793 -40.94 -7.91 -41.63
N THR C 794 -39.91 -7.58 -40.84
CA THR C 794 -39.44 -6.21 -40.70
C THR C 794 -39.07 -5.59 -42.03
N MET C 795 -38.51 -6.38 -42.95
CA MET C 795 -38.01 -5.81 -44.21
C MET C 795 -39.16 -5.42 -45.13
N GLU C 796 -39.96 -6.38 -45.56
CA GLU C 796 -40.96 -6.13 -46.60
C GLU C 796 -42.18 -5.29 -46.23
N LEU C 838 -46.30 0.61 -38.05
CA LEU C 838 -46.16 -0.84 -38.12
C LEU C 838 -47.56 -1.46 -38.35
N PRO C 839 -47.74 -2.28 -39.42
CA PRO C 839 -49.07 -2.84 -39.67
C PRO C 839 -49.57 -3.71 -38.53
N ILE C 840 -50.88 -4.00 -38.56
CA ILE C 840 -51.56 -4.57 -37.41
C ILE C 840 -51.20 -6.04 -37.23
N THR C 841 -51.16 -6.81 -38.32
CA THR C 841 -50.75 -8.21 -38.21
C THR C 841 -49.31 -8.34 -37.71
N ARG C 842 -48.49 -7.31 -37.87
CA ARG C 842 -47.15 -7.27 -37.33
C ARG C 842 -47.08 -6.66 -35.95
N LYS C 843 -48.23 -6.31 -35.36
CA LYS C 843 -48.31 -5.99 -33.94
C LYS C 843 -48.56 -7.23 -33.10
N PHE C 844 -49.49 -8.08 -33.53
CA PHE C 844 -49.78 -9.30 -32.80
C PHE C 844 -48.66 -10.31 -32.92
N TYR C 845 -48.00 -10.35 -34.07
CA TYR C 845 -46.85 -11.24 -34.24
C TYR C 845 -45.67 -10.75 -33.43
N ALA C 846 -45.54 -9.44 -33.27
CA ALA C 846 -44.38 -8.88 -32.59
C ALA C 846 -44.47 -9.05 -31.09
N PHE C 847 -45.68 -9.07 -30.56
CA PHE C 847 -45.93 -9.17 -29.13
C PHE C 847 -45.85 -10.62 -28.69
N TYR C 848 -46.70 -11.47 -29.25
CA TYR C 848 -46.80 -12.86 -28.87
C TYR C 848 -45.51 -13.64 -29.11
N HIS C 849 -44.66 -13.19 -30.02
CA HIS C 849 -43.35 -13.81 -30.26
C HIS C 849 -42.24 -13.06 -29.54
N ALA C 850 -42.58 -12.37 -28.46
CA ALA C 850 -41.61 -11.79 -27.58
C ALA C 850 -41.35 -12.74 -26.42
N PRO C 851 -40.11 -12.93 -25.97
CA PRO C 851 -39.91 -13.82 -24.83
C PRO C 851 -40.61 -13.37 -23.57
N ILE C 852 -40.48 -12.08 -23.22
CA ILE C 852 -41.16 -11.53 -22.07
C ILE C 852 -42.64 -11.81 -22.11
N VAL C 853 -43.22 -11.82 -23.29
CA VAL C 853 -44.62 -12.20 -23.41
C VAL C 853 -44.78 -13.70 -23.30
N LYS C 854 -43.88 -14.49 -23.88
CA LYS C 854 -43.99 -15.94 -23.77
C LYS C 854 -43.91 -16.36 -22.32
N PHE C 855 -43.08 -15.68 -21.55
CA PHE C 855 -42.99 -15.86 -20.12
C PHE C 855 -44.26 -15.50 -19.37
N TRP C 856 -44.63 -14.22 -19.40
CA TRP C 856 -45.79 -13.74 -18.66
C TRP C 856 -47.11 -14.28 -19.18
N PHE C 857 -47.10 -15.10 -20.22
CA PHE C 857 -48.23 -15.79 -20.79
C PHE C 857 -48.24 -17.25 -20.39
N ASN C 858 -47.13 -17.74 -19.84
CA ASN C 858 -47.06 -19.01 -19.13
C ASN C 858 -47.31 -18.82 -17.64
N THR C 859 -46.63 -17.85 -17.02
CA THR C 859 -46.75 -17.60 -15.59
C THR C 859 -48.17 -17.26 -15.18
N LEU C 860 -49.03 -16.90 -16.12
CA LEU C 860 -50.43 -16.65 -15.83
C LEU C 860 -51.30 -17.82 -16.23
N ALA C 861 -50.73 -18.82 -16.87
CA ALA C 861 -51.36 -20.14 -17.01
C ALA C 861 -50.90 -21.06 -15.91
N TYR C 862 -49.63 -20.94 -15.53
CA TYR C 862 -49.10 -21.75 -14.45
C TYR C 862 -49.63 -21.31 -13.10
N LEU C 863 -49.65 -20.02 -12.84
CA LEU C 863 -50.35 -19.50 -11.68
C LEU C 863 -51.85 -19.64 -11.77
N GLY C 864 -52.38 -20.10 -12.90
CA GLY C 864 -53.74 -20.56 -12.99
C GLY C 864 -53.83 -22.07 -12.95
N PHE C 865 -52.70 -22.73 -13.16
CA PHE C 865 -52.57 -24.15 -12.90
C PHE C 865 -52.46 -24.42 -11.41
N LEU C 866 -51.58 -23.71 -10.72
CA LEU C 866 -51.39 -23.87 -9.29
C LEU C 866 -52.56 -23.38 -8.46
N MET C 867 -53.42 -22.51 -9.00
CA MET C 867 -54.63 -22.14 -8.30
C MET C 867 -55.75 -23.16 -8.48
N LEU C 868 -55.61 -24.08 -9.43
CA LEU C 868 -56.62 -25.10 -9.70
C LEU C 868 -56.23 -26.45 -9.14
N TYR C 869 -55.01 -26.88 -9.39
CA TYR C 869 -54.51 -28.12 -8.82
C TYR C 869 -54.57 -28.05 -7.31
N THR C 870 -54.05 -26.96 -6.74
CA THR C 870 -54.29 -26.62 -5.36
C THR C 870 -55.75 -26.68 -4.97
N PHE C 871 -56.65 -26.17 -5.81
CA PHE C 871 -58.07 -26.29 -5.52
C PHE C 871 -58.52 -27.74 -5.51
N VAL C 872 -57.86 -28.60 -6.28
CA VAL C 872 -58.26 -30.01 -6.37
C VAL C 872 -57.65 -30.79 -5.22
N VAL C 873 -56.37 -30.56 -4.97
CA VAL C 873 -55.67 -31.09 -3.81
C VAL C 873 -56.47 -30.84 -2.54
N LEU C 874 -56.88 -29.60 -2.33
CA LEU C 874 -57.54 -29.20 -1.10
C LEU C 874 -58.99 -29.65 -1.03
N VAL C 875 -59.69 -29.66 -2.13
CA VAL C 875 -61.11 -29.98 -2.14
C VAL C 875 -61.27 -31.47 -2.37
N LYS C 876 -62.36 -32.03 -1.85
CA LYS C 876 -62.63 -33.44 -1.98
C LYS C 876 -62.66 -33.84 -3.45
N MET C 877 -62.50 -35.12 -3.68
CA MET C 877 -62.20 -35.63 -5.01
C MET C 877 -63.09 -36.82 -5.29
N GLU C 878 -63.90 -36.69 -6.33
CA GLU C 878 -65.00 -37.59 -6.62
C GLU C 878 -64.51 -38.71 -7.52
N GLN C 879 -65.44 -39.58 -7.93
CA GLN C 879 -65.08 -40.75 -8.73
C GLN C 879 -64.37 -40.34 -10.01
N LEU C 880 -64.83 -39.26 -10.62
CA LEU C 880 -64.28 -38.71 -11.84
C LEU C 880 -63.65 -37.35 -11.56
N PRO C 881 -62.62 -36.96 -12.30
CA PRO C 881 -62.08 -35.61 -12.13
C PRO C 881 -63.14 -34.55 -12.41
N SER C 882 -62.90 -33.36 -11.88
CA SER C 882 -63.78 -32.22 -12.10
C SER C 882 -63.18 -31.34 -13.18
N VAL C 883 -63.91 -30.27 -13.50
CA VAL C 883 -63.47 -29.35 -14.53
C VAL C 883 -62.12 -28.77 -14.17
N GLN C 884 -61.92 -28.47 -12.89
CA GLN C 884 -60.67 -27.91 -12.43
C GLN C 884 -59.54 -28.95 -12.49
N GLU C 885 -59.87 -30.23 -12.56
CA GLU C 885 -58.87 -31.28 -12.54
C GLU C 885 -58.49 -31.78 -13.93
N TRP C 886 -59.41 -31.69 -14.91
CA TRP C 886 -59.05 -32.07 -16.27
C TRP C 886 -58.11 -31.06 -16.91
N ILE C 887 -58.32 -29.78 -16.62
CA ILE C 887 -57.45 -28.72 -17.09
C ILE C 887 -56.04 -28.93 -16.58
N VAL C 888 -55.93 -29.59 -15.43
CA VAL C 888 -54.67 -29.80 -14.72
C VAL C 888 -53.90 -30.96 -15.33
N ILE C 889 -54.59 -32.07 -15.53
CA ILE C 889 -54.06 -33.15 -16.35
C ILE C 889 -53.62 -32.62 -17.70
N ALA C 890 -54.44 -31.76 -18.30
CA ALA C 890 -54.16 -31.20 -19.62
C ALA C 890 -52.88 -30.38 -19.65
N TYR C 891 -52.64 -29.56 -18.62
CA TYR C 891 -51.41 -28.79 -18.57
C TYR C 891 -50.20 -29.72 -18.55
N ILE C 892 -50.23 -30.72 -17.68
CA ILE C 892 -49.03 -31.53 -17.45
C ILE C 892 -48.72 -32.36 -18.69
N PHE C 893 -49.75 -32.95 -19.29
CA PHE C 893 -49.61 -33.63 -20.58
C PHE C 893 -48.95 -32.73 -21.61
N THR C 894 -49.59 -31.62 -21.93
CA THR C 894 -49.03 -30.67 -22.88
C THR C 894 -47.74 -30.05 -22.39
N TYR C 895 -47.54 -30.00 -21.07
CA TYR C 895 -46.23 -29.64 -20.54
C TYR C 895 -45.25 -30.77 -20.69
N ALA C 896 -45.72 -32.01 -20.68
CA ALA C 896 -44.81 -33.13 -20.90
C ALA C 896 -44.32 -33.13 -22.34
N ILE C 897 -45.26 -33.06 -23.28
CA ILE C 897 -44.95 -32.99 -24.71
C ILE C 897 -43.97 -31.86 -24.99
N GLU C 898 -44.22 -30.70 -24.41
CA GLU C 898 -43.32 -29.57 -24.52
C GLU C 898 -41.90 -29.89 -24.06
N LYS C 899 -41.73 -30.93 -23.24
CA LYS C 899 -40.42 -31.35 -22.80
C LYS C 899 -39.91 -32.53 -23.62
N VAL C 900 -40.82 -33.36 -24.13
CA VAL C 900 -40.47 -34.30 -25.19
C VAL C 900 -39.86 -33.53 -26.36
N ARG C 901 -40.64 -32.63 -26.94
CA ARG C 901 -40.19 -31.82 -28.06
C ARG C 901 -38.95 -30.99 -27.72
N GLU C 902 -38.78 -30.63 -26.46
CA GLU C 902 -37.58 -29.91 -26.06
C GLU C 902 -36.34 -30.78 -26.19
N VAL C 903 -36.50 -32.10 -26.11
CA VAL C 903 -35.39 -33.02 -26.36
C VAL C 903 -35.10 -33.13 -27.85
N PHE C 904 -36.10 -33.54 -28.63
CA PHE C 904 -35.95 -33.80 -30.05
C PHE C 904 -35.41 -32.62 -30.84
N MET C 905 -35.54 -31.40 -30.31
CA MET C 905 -35.07 -30.18 -30.97
C MET C 905 -33.98 -29.49 -30.17
N SER C 906 -33.21 -30.23 -29.37
CA SER C 906 -32.15 -29.63 -28.56
C SER C 906 -30.81 -29.63 -29.29
N GLU C 907 -30.85 -29.18 -30.55
CA GLU C 907 -29.68 -28.79 -31.34
C GLU C 907 -28.50 -29.75 -31.21
N ALA C 908 -28.72 -31.00 -31.61
CA ALA C 908 -27.68 -32.00 -31.62
C ALA C 908 -28.08 -33.10 -32.58
N GLY C 909 -27.20 -34.09 -32.74
CA GLY C 909 -27.47 -35.25 -33.55
C GLY C 909 -27.49 -36.53 -32.73
N LYS C 910 -26.70 -36.56 -31.67
CA LYS C 910 -26.61 -37.74 -30.81
C LYS C 910 -27.80 -37.75 -29.86
N ILE C 911 -28.70 -38.73 -30.05
CA ILE C 911 -29.75 -38.96 -29.07
C ILE C 911 -29.15 -39.24 -27.71
N SER C 912 -28.02 -39.96 -27.67
CA SER C 912 -27.35 -40.24 -26.41
C SER C 912 -26.87 -38.95 -25.73
N GLN C 913 -26.64 -37.89 -26.50
CA GLN C 913 -26.18 -36.62 -25.93
C GLN C 913 -27.33 -35.67 -25.64
N LYS C 914 -28.38 -35.69 -26.47
CA LYS C 914 -29.58 -34.90 -26.18
C LYS C 914 -30.19 -35.32 -24.86
N ILE C 915 -30.46 -36.62 -24.73
CA ILE C 915 -31.06 -37.16 -23.51
C ILE C 915 -30.16 -36.90 -22.31
N LYS C 916 -28.86 -36.88 -22.52
CA LYS C 916 -27.93 -36.68 -21.42
C LYS C 916 -27.87 -35.22 -20.99
N VAL C 917 -28.07 -34.28 -21.92
CA VAL C 917 -28.15 -32.87 -21.56
C VAL C 917 -29.53 -32.46 -21.05
N TRP C 918 -30.58 -33.23 -21.35
CA TRP C 918 -31.91 -32.89 -20.88
C TRP C 918 -32.04 -33.20 -19.39
N PHE C 919 -31.81 -34.46 -19.01
CA PHE C 919 -31.83 -34.85 -17.60
C PHE C 919 -30.75 -34.17 -16.76
N SER C 920 -29.80 -33.47 -17.38
CA SER C 920 -28.73 -32.82 -16.62
C SER C 920 -29.19 -31.51 -16.01
N ASP C 921 -30.32 -30.97 -16.44
CA ASP C 921 -30.90 -29.78 -15.83
C ASP C 921 -31.78 -30.21 -14.68
N TYR C 922 -31.67 -29.48 -13.57
CA TYR C 922 -32.35 -29.77 -12.32
C TYR C 922 -33.81 -30.15 -12.50
N PHE C 923 -34.56 -29.39 -13.32
CA PHE C 923 -35.99 -29.57 -13.38
C PHE C 923 -36.46 -30.57 -14.41
N ASN C 924 -35.67 -30.87 -15.44
CA ASN C 924 -36.11 -31.86 -16.40
C ASN C 924 -36.28 -33.21 -15.72
N VAL C 925 -35.48 -33.46 -14.69
CA VAL C 925 -35.65 -34.62 -13.84
C VAL C 925 -36.90 -34.45 -12.98
N SER C 926 -36.93 -33.37 -12.19
CA SER C 926 -38.04 -33.12 -11.28
C SER C 926 -39.37 -33.08 -12.01
N ASP C 927 -39.41 -32.43 -13.17
CA ASP C 927 -40.58 -32.49 -14.02
C ASP C 927 -40.90 -33.91 -14.41
N THR C 928 -39.87 -34.69 -14.76
CA THR C 928 -40.10 -36.09 -15.06
C THR C 928 -40.56 -36.84 -13.83
N ILE C 929 -40.02 -36.51 -12.66
CA ILE C 929 -40.54 -37.06 -11.41
C ILE C 929 -41.98 -36.60 -11.21
N ALA C 930 -42.26 -35.34 -11.54
CA ALA C 930 -43.57 -34.74 -11.29
C ALA C 930 -44.59 -35.09 -12.36
N ILE C 931 -44.15 -35.36 -13.58
CA ILE C 931 -45.07 -35.77 -14.62
C ILE C 931 -45.40 -37.25 -14.49
N ILE C 932 -44.38 -38.08 -14.28
CA ILE C 932 -44.62 -39.50 -14.04
C ILE C 932 -45.54 -39.68 -12.85
N SER C 933 -45.14 -39.10 -11.71
CA SER C 933 -45.92 -39.20 -10.49
C SER C 933 -47.36 -38.76 -10.68
N PHE C 934 -47.59 -37.74 -11.48
CA PHE C 934 -48.95 -37.27 -11.64
C PHE C 934 -49.80 -38.29 -12.38
N PHE C 935 -49.21 -38.98 -13.36
CA PHE C 935 -49.96 -39.95 -14.12
C PHE C 935 -49.96 -41.31 -13.47
N VAL C 936 -48.95 -41.61 -12.65
CA VAL C 936 -49.17 -42.56 -11.57
C VAL C 936 -50.37 -42.13 -10.75
N GLY C 937 -50.39 -40.86 -10.34
CA GLY C 937 -51.53 -40.36 -9.57
C GLY C 937 -52.84 -40.46 -10.33
N PHE C 938 -52.87 -39.95 -11.56
CA PHE C 938 -54.07 -40.10 -12.37
C PHE C 938 -54.32 -41.55 -12.69
N GLY C 939 -53.25 -42.32 -12.88
CA GLY C 939 -53.38 -43.75 -13.04
C GLY C 939 -54.12 -44.39 -11.88
N LEU C 940 -53.64 -44.16 -10.66
CA LEU C 940 -54.29 -44.73 -9.49
C LEU C 940 -55.57 -44.01 -9.14
N ARG C 941 -55.67 -42.71 -9.45
CA ARG C 941 -56.88 -41.96 -9.13
C ARG C 941 -58.03 -42.33 -10.06
N PHE C 942 -57.75 -42.31 -11.37
CA PHE C 942 -58.78 -42.60 -12.37
C PHE C 942 -58.85 -44.08 -12.67
N GLY C 943 -57.70 -44.72 -12.84
CA GLY C 943 -57.66 -46.15 -13.02
C GLY C 943 -57.79 -46.87 -11.70
N ALA C 944 -58.98 -46.80 -11.11
CA ALA C 944 -59.24 -47.42 -9.84
C ALA C 944 -60.73 -47.65 -9.71
N LYS C 945 -61.09 -48.50 -8.76
CA LYS C 945 -62.47 -48.75 -8.42
C LYS C 945 -62.94 -47.63 -7.50
N TRP C 946 -64.16 -47.75 -7.00
CA TRP C 946 -64.75 -46.71 -6.18
C TRP C 946 -65.65 -47.35 -5.14
N ASN C 947 -65.25 -47.25 -3.87
CA ASN C 947 -66.00 -47.84 -2.77
C ASN C 947 -67.10 -46.85 -2.38
N TYR C 948 -68.28 -47.04 -2.99
CA TYR C 948 -69.35 -46.05 -2.95
C TYR C 948 -69.75 -45.67 -1.53
N ILE C 949 -69.71 -46.63 -0.59
CA ILE C 949 -70.14 -46.35 0.78
C ILE C 949 -69.25 -45.29 1.41
N ASN C 950 -67.95 -45.31 1.10
CA ASN C 950 -66.98 -44.41 1.70
C ASN C 950 -65.79 -44.34 0.76
N ALA C 951 -65.50 -43.15 0.22
CA ALA C 951 -64.23 -42.97 -0.44
C ALA C 951 -63.10 -43.02 0.59
N TYR C 952 -61.87 -42.98 0.10
CA TYR C 952 -60.67 -43.04 0.92
C TYR C 952 -60.49 -44.38 1.64
N ASP C 953 -61.33 -45.36 1.34
CA ASP C 953 -61.06 -46.74 1.71
C ASP C 953 -60.22 -47.44 0.65
N ASN C 954 -60.41 -47.10 -0.62
CA ASN C 954 -59.61 -47.64 -1.70
C ASN C 954 -58.19 -47.10 -1.60
N HIS C 955 -57.27 -47.91 -1.09
CA HIS C 955 -55.90 -47.45 -0.89
C HIS C 955 -55.16 -47.20 -2.18
N VAL C 956 -55.74 -47.56 -3.33
CA VAL C 956 -55.18 -47.16 -4.61
C VAL C 956 -55.60 -45.73 -4.91
N PHE C 957 -56.88 -45.42 -4.73
CA PHE C 957 -57.36 -44.05 -4.86
C PHE C 957 -56.58 -43.12 -3.93
N VAL C 958 -56.59 -43.44 -2.64
CA VAL C 958 -55.82 -42.73 -1.63
C VAL C 958 -54.38 -42.56 -2.07
N ALA C 959 -53.79 -43.60 -2.62
CA ALA C 959 -52.39 -43.52 -2.97
C ALA C 959 -52.15 -42.43 -3.99
N GLY C 960 -52.99 -42.35 -5.03
CA GLY C 960 -52.81 -41.37 -6.07
C GLY C 960 -53.24 -39.99 -5.64
N ARG C 961 -54.35 -39.92 -4.89
CA ARG C 961 -54.70 -38.73 -4.12
C ARG C 961 -53.49 -38.14 -3.43
N LEU C 962 -52.70 -38.96 -2.75
CA LEU C 962 -51.54 -38.52 -2.00
C LEU C 962 -50.30 -38.37 -2.86
N ILE C 963 -50.31 -38.88 -4.09
CA ILE C 963 -49.26 -38.48 -5.02
C ILE C 963 -49.44 -37.03 -5.40
N TYR C 964 -50.69 -36.60 -5.57
CA TYR C 964 -50.95 -35.23 -5.97
C TYR C 964 -50.51 -34.27 -4.89
N CYS C 965 -51.05 -34.47 -3.69
CA CYS C 965 -50.73 -33.68 -2.52
C CYS C 965 -49.25 -33.57 -2.24
N LEU C 966 -48.43 -34.48 -2.77
CA LEU C 966 -46.99 -34.41 -2.67
C LEU C 966 -46.33 -33.97 -3.96
N ASN C 967 -47.00 -34.17 -5.09
CA ASN C 967 -46.47 -33.72 -6.36
C ASN C 967 -46.56 -32.21 -6.48
N ILE C 968 -47.62 -31.63 -5.89
CA ILE C 968 -47.80 -30.21 -5.69
C ILE C 968 -46.54 -29.51 -5.24
N ILE C 969 -45.72 -30.14 -4.41
CA ILE C 969 -44.50 -29.52 -3.93
C ILE C 969 -43.50 -29.35 -5.07
N PHE C 970 -43.55 -30.23 -6.07
CA PHE C 970 -42.65 -30.05 -7.20
C PHE C 970 -43.04 -28.83 -7.98
N TRP C 971 -44.33 -28.50 -8.00
CA TRP C 971 -44.81 -27.42 -8.82
C TRP C 971 -44.72 -26.08 -8.10
N TYR C 972 -44.75 -26.06 -6.77
CA TYR C 972 -44.44 -24.81 -6.10
C TYR C 972 -42.98 -24.44 -6.17
N VAL C 973 -42.08 -25.41 -6.29
CA VAL C 973 -40.67 -25.09 -6.44
C VAL C 973 -40.34 -24.69 -7.87
N ARG C 974 -41.20 -25.05 -8.84
CA ARG C 974 -41.11 -24.44 -10.16
C ARG C 974 -41.13 -22.93 -10.06
N LEU C 975 -42.03 -22.38 -9.24
CA LEU C 975 -42.17 -20.94 -9.10
C LEU C 975 -40.87 -20.26 -8.75
N LEU C 976 -39.90 -20.97 -8.21
CA LEU C 976 -38.58 -20.43 -8.01
C LEU C 976 -37.77 -20.40 -9.29
N ASP C 977 -38.22 -21.12 -10.32
CA ASP C 977 -37.70 -20.92 -11.67
C ASP C 977 -38.24 -19.61 -12.24
N PHE C 978 -39.56 -19.45 -12.21
CA PHE C 978 -40.21 -18.20 -12.60
C PHE C 978 -39.82 -17.03 -11.71
N LEU C 979 -39.76 -17.24 -10.40
CA LEU C 979 -39.42 -16.15 -9.49
C LEU C 979 -37.96 -15.75 -9.57
N ALA C 980 -37.10 -16.60 -10.11
CA ALA C 980 -35.70 -16.27 -10.20
C ALA C 980 -35.40 -15.37 -11.38
N VAL C 981 -36.39 -15.05 -12.22
CA VAL C 981 -36.18 -14.07 -13.28
C VAL C 981 -35.75 -12.74 -12.70
N ASN C 982 -36.20 -12.41 -11.51
CA ASN C 982 -35.80 -11.18 -10.89
C ASN C 982 -34.34 -11.25 -10.47
N GLN C 983 -33.68 -10.10 -10.50
CA GLN C 983 -32.26 -10.02 -10.20
C GLN C 983 -31.97 -9.85 -8.73
N GLN C 984 -32.99 -9.64 -7.91
CA GLN C 984 -32.86 -9.65 -6.46
C GLN C 984 -33.23 -11.00 -5.87
N ALA C 985 -34.22 -11.67 -6.44
CA ALA C 985 -34.73 -12.89 -5.87
C ALA C 985 -33.87 -14.10 -6.20
N GLY C 986 -33.65 -14.33 -7.49
CA GLY C 986 -32.87 -15.45 -7.98
C GLY C 986 -31.58 -15.68 -7.25
N PRO C 987 -30.84 -14.61 -6.95
CA PRO C 987 -29.63 -14.76 -6.14
C PRO C 987 -29.85 -15.07 -4.68
N TYR C 988 -31.07 -15.43 -4.26
CA TYR C 988 -31.32 -16.08 -2.99
C TYR C 988 -31.77 -17.51 -3.21
N VAL C 989 -32.49 -17.74 -4.29
CA VAL C 989 -32.90 -19.07 -4.70
C VAL C 989 -31.68 -19.92 -5.01
N MET C 990 -30.63 -19.29 -5.51
CA MET C 990 -29.38 -19.97 -5.77
C MET C 990 -28.54 -20.14 -4.51
N MET C 991 -28.85 -19.38 -3.46
CA MET C 991 -28.15 -19.53 -2.18
C MET C 991 -28.73 -20.68 -1.38
N ILE C 992 -30.04 -20.83 -1.43
CA ILE C 992 -30.76 -21.89 -0.73
C ILE C 992 -30.32 -23.28 -1.17
N GLY C 993 -29.56 -23.37 -2.26
CA GLY C 993 -28.94 -24.62 -2.66
C GLY C 993 -27.48 -24.72 -2.30
N LYS C 994 -26.74 -23.63 -2.41
CA LYS C 994 -25.32 -23.67 -2.14
C LYS C 994 -24.98 -23.75 -0.67
N MET C 995 -25.99 -23.70 0.18
CA MET C 995 -25.83 -23.84 1.61
C MET C 995 -26.28 -25.22 2.05
N VAL C 996 -27.45 -25.64 1.59
CA VAL C 996 -27.94 -27.00 1.74
C VAL C 996 -26.90 -28.04 1.37
N ALA C 997 -26.02 -27.71 0.46
CA ALA C 997 -24.88 -28.56 0.16
C ALA C 997 -23.78 -28.40 1.18
N ASN C 998 -23.31 -27.18 1.37
CA ASN C 998 -22.17 -26.91 2.22
C ASN C 998 -22.46 -27.07 3.71
N MET C 999 -23.71 -27.34 4.08
CA MET C 999 -24.12 -27.47 5.47
C MET C 999 -24.45 -28.90 5.85
N PHE C 1000 -24.20 -29.86 4.97
CA PHE C 1000 -24.65 -31.21 5.23
C PHE C 1000 -23.98 -31.79 6.45
N TYR C 1001 -22.77 -31.35 6.76
CA TYR C 1001 -21.97 -31.98 7.79
C TYR C 1001 -22.18 -31.39 9.16
N ILE C 1002 -22.57 -30.13 9.23
CA ILE C 1002 -23.07 -29.61 10.49
C ILE C 1002 -24.33 -30.33 10.88
N VAL C 1003 -25.11 -30.74 9.89
CA VAL C 1003 -26.41 -31.36 10.10
C VAL C 1003 -26.32 -32.85 10.34
N VAL C 1004 -25.21 -33.49 9.98
CA VAL C 1004 -25.01 -34.87 10.39
C VAL C 1004 -24.66 -34.92 11.86
N ILE C 1005 -23.83 -33.99 12.30
CA ILE C 1005 -23.48 -33.89 13.71
C ILE C 1005 -24.75 -33.68 14.52
N MET C 1006 -25.60 -32.75 14.11
CA MET C 1006 -26.87 -32.51 14.76
C MET C 1006 -27.79 -33.72 14.76
N ALA C 1007 -27.51 -34.75 13.97
CA ALA C 1007 -28.24 -36.00 14.00
C ALA C 1007 -27.51 -37.09 14.77
N LEU C 1008 -26.24 -36.87 15.07
CA LEU C 1008 -25.48 -37.67 16.01
C LEU C 1008 -25.74 -37.25 17.43
N VAL C 1009 -25.95 -35.95 17.63
CA VAL C 1009 -26.39 -35.39 18.90
C VAL C 1009 -27.82 -35.75 19.20
N LEU C 1010 -28.61 -36.01 18.16
CA LEU C 1010 -30.03 -36.29 18.27
C LEU C 1010 -30.33 -37.74 18.60
N LEU C 1011 -29.40 -38.63 18.29
CA LEU C 1011 -29.49 -40.03 18.68
C LEU C 1011 -28.68 -40.32 19.93
N SER C 1012 -27.64 -39.54 20.17
CA SER C 1012 -26.98 -39.53 21.46
C SER C 1012 -27.95 -39.24 22.59
N PHE C 1013 -28.95 -38.40 22.36
CA PHE C 1013 -29.99 -38.13 23.33
C PHE C 1013 -31.21 -39.01 23.21
N GLY C 1014 -31.60 -39.38 22.00
CA GLY C 1014 -32.85 -40.09 21.82
C GLY C 1014 -32.80 -41.55 22.22
N VAL C 1015 -31.66 -42.18 22.03
CA VAL C 1015 -31.50 -43.58 22.37
C VAL C 1015 -31.40 -43.76 23.89
N PRO C 1016 -30.67 -42.92 24.62
CA PRO C 1016 -30.77 -42.99 26.07
C PRO C 1016 -32.11 -42.59 26.64
N ARG C 1017 -32.70 -41.52 26.12
CA ARG C 1017 -33.99 -41.05 26.60
C ARG C 1017 -35.06 -42.09 26.41
N LYS C 1018 -34.99 -42.87 25.35
CA LYS C 1018 -36.01 -43.86 25.03
C LYS C 1018 -35.77 -45.15 25.76
N ALA C 1019 -34.52 -45.43 26.11
CA ALA C 1019 -34.14 -46.59 26.88
C ALA C 1019 -34.33 -46.38 28.37
N ILE C 1020 -33.99 -45.19 28.85
CA ILE C 1020 -34.08 -44.87 30.26
C ILE C 1020 -35.54 -44.76 30.71
N LEU C 1021 -36.45 -44.43 29.79
CA LEU C 1021 -37.82 -44.09 30.10
C LEU C 1021 -38.81 -45.19 29.72
N TYR C 1022 -38.55 -45.89 28.64
CA TYR C 1022 -39.40 -46.94 28.11
C TYR C 1022 -38.59 -48.23 28.06
N PRO C 1023 -38.43 -48.92 29.19
CA PRO C 1023 -37.50 -50.04 29.25
C PRO C 1023 -38.09 -51.41 28.95
N HIS C 1024 -39.40 -51.50 28.75
CA HIS C 1024 -40.10 -52.76 28.53
C HIS C 1024 -40.56 -52.85 27.10
N GLU C 1025 -39.69 -52.42 26.19
CA GLU C 1025 -40.03 -52.27 24.79
C GLU C 1025 -39.67 -53.53 24.03
N GLU C 1026 -40.68 -54.22 23.53
CA GLU C 1026 -40.43 -55.21 22.51
C GLU C 1026 -39.95 -54.50 21.25
N PRO C 1027 -39.30 -55.22 20.35
CA PRO C 1027 -38.88 -54.58 19.09
C PRO C 1027 -40.07 -54.08 18.30
N SER C 1028 -39.90 -52.91 17.71
CA SER C 1028 -41.00 -52.17 17.12
C SER C 1028 -40.42 -51.15 16.16
N TRP C 1029 -41.29 -50.62 15.31
CA TRP C 1029 -40.95 -49.49 14.48
C TRP C 1029 -41.11 -48.17 15.20
N SER C 1030 -41.88 -48.14 16.29
CA SER C 1030 -41.96 -46.95 17.10
C SER C 1030 -40.67 -46.65 17.84
N LEU C 1031 -39.80 -47.65 18.00
CA LEU C 1031 -38.44 -47.41 18.46
C LEU C 1031 -37.55 -46.78 17.39
N ALA C 1032 -38.08 -46.56 16.20
CA ALA C 1032 -37.37 -45.86 15.15
C ALA C 1032 -37.83 -44.42 15.04
N LYS C 1033 -39.07 -44.16 15.44
CA LYS C 1033 -39.58 -42.81 15.53
C LYS C 1033 -39.21 -42.17 16.85
N ASP C 1034 -39.45 -42.86 17.94
CA ASP C 1034 -39.40 -42.24 19.26
C ASP C 1034 -37.98 -41.91 19.71
N ILE C 1035 -36.96 -42.37 18.98
CA ILE C 1035 -35.58 -42.01 19.25
C ILE C 1035 -35.14 -40.85 18.36
N VAL C 1036 -36.04 -40.37 17.52
CA VAL C 1036 -35.71 -39.35 16.53
C VAL C 1036 -36.73 -38.21 16.55
N PHE C 1037 -37.91 -38.48 17.11
CA PHE C 1037 -39.06 -37.61 16.96
C PHE C 1037 -38.97 -36.42 17.89
N HIS C 1038 -39.06 -36.64 19.20
CA HIS C 1038 -39.00 -35.51 20.13
C HIS C 1038 -37.67 -34.78 20.07
N PRO C 1039 -36.53 -35.43 19.95
CA PRO C 1039 -35.29 -34.67 19.86
C PRO C 1039 -35.15 -33.82 18.63
N TYR C 1040 -36.02 -33.96 17.63
CA TYR C 1040 -35.99 -33.10 16.48
C TYR C 1040 -36.86 -31.87 16.67
N TRP C 1041 -37.99 -32.03 17.36
CA TRP C 1041 -38.87 -30.91 17.59
C TRP C 1041 -38.35 -30.02 18.69
N MET C 1042 -37.62 -30.59 19.66
CA MET C 1042 -36.84 -29.83 20.62
C MET C 1042 -36.00 -28.73 20.01
N ILE C 1043 -35.47 -28.93 18.81
CA ILE C 1043 -34.60 -27.94 18.18
C ILE C 1043 -35.38 -26.69 17.79
N PHE C 1044 -36.70 -26.78 17.73
CA PHE C 1044 -37.55 -25.77 17.11
C PHE C 1044 -38.56 -25.23 18.09
N GLY C 1045 -38.07 -24.88 19.27
CA GLY C 1045 -38.82 -24.15 20.25
C GLY C 1045 -39.46 -25.01 21.29
N GLU C 1046 -39.60 -26.29 21.00
CA GLU C 1046 -40.31 -27.18 21.90
C GLU C 1046 -39.32 -27.74 22.92
N VAL C 1047 -39.86 -28.06 24.09
CA VAL C 1047 -39.04 -28.53 25.20
C VAL C 1047 -39.70 -29.75 25.84
N TYR C 1048 -41.01 -29.90 25.66
CA TYR C 1048 -41.80 -30.94 26.28
C TYR C 1048 -41.64 -30.90 27.79
N ALA C 1049 -42.10 -29.77 28.33
CA ALA C 1049 -41.71 -29.35 29.67
C ALA C 1049 -42.38 -30.21 30.73
N TYR C 1050 -43.59 -30.64 30.46
CA TYR C 1050 -44.33 -31.52 31.34
C TYR C 1050 -44.11 -32.99 30.97
N GLU C 1051 -42.99 -33.27 30.32
CA GLU C 1051 -42.52 -34.61 30.05
C GLU C 1051 -41.08 -34.79 30.51
N ILE C 1052 -40.31 -33.71 30.60
CA ILE C 1052 -39.11 -33.69 31.41
C ILE C 1052 -39.52 -33.95 32.86
N ASP C 1053 -38.71 -34.74 33.56
CA ASP C 1053 -38.95 -35.03 34.97
C ASP C 1053 -40.31 -35.69 35.14
N VAL C 1054 -40.44 -36.84 34.51
CA VAL C 1054 -41.70 -37.58 34.47
C VAL C 1054 -42.23 -37.94 35.85
N CYS C 1055 -41.38 -37.93 36.87
CA CYS C 1055 -41.80 -38.21 38.22
C CYS C 1055 -42.30 -36.97 38.96
N ALA C 1056 -42.09 -35.79 38.38
CA ALA C 1056 -42.65 -34.56 38.93
C ALA C 1056 -44.16 -34.66 39.00
N ASN C 1057 -44.76 -33.77 39.79
CA ASN C 1057 -46.20 -33.76 39.93
C ASN C 1057 -46.85 -33.24 38.66
N ASP C 1058 -46.28 -32.18 38.09
CA ASP C 1058 -46.75 -31.61 36.83
C ASP C 1058 -46.14 -32.38 35.67
N SER C 1059 -46.69 -33.57 35.45
CA SER C 1059 -46.24 -34.48 34.42
C SER C 1059 -47.42 -34.91 33.58
N THR C 1060 -47.27 -34.81 32.27
CA THR C 1060 -48.11 -35.53 31.33
C THR C 1060 -47.76 -37.00 31.25
N LEU C 1061 -46.67 -37.43 31.88
CA LEU C 1061 -46.17 -38.80 31.83
C LEU C 1061 -45.95 -39.31 33.25
N PRO C 1062 -46.99 -39.40 34.07
CA PRO C 1062 -46.82 -39.96 35.42
C PRO C 1062 -46.72 -41.47 35.47
N THR C 1063 -46.79 -42.14 34.32
CA THR C 1063 -46.65 -43.57 34.19
C THR C 1063 -45.27 -43.99 33.72
N ILE C 1064 -44.52 -43.05 33.15
CA ILE C 1064 -43.15 -43.28 32.72
C ILE C 1064 -42.19 -43.20 33.89
N CYS C 1065 -42.67 -42.84 35.08
CA CYS C 1065 -41.81 -42.70 36.24
C CYS C 1065 -41.35 -44.08 36.70
N GLY C 1066 -40.06 -44.17 37.00
CA GLY C 1066 -39.46 -45.40 37.42
C GLY C 1066 -37.96 -45.28 37.55
N PRO C 1067 -37.28 -46.41 37.69
CA PRO C 1067 -35.83 -46.34 37.94
C PRO C 1067 -35.01 -45.77 36.80
N GLY C 1068 -34.40 -44.63 37.06
CA GLY C 1068 -33.45 -44.02 36.16
C GLY C 1068 -33.95 -42.82 35.39
N THR C 1069 -35.22 -42.47 35.51
CA THR C 1069 -35.83 -41.43 34.71
C THR C 1069 -35.43 -40.04 35.12
N TRP C 1070 -34.77 -39.90 36.27
CA TRP C 1070 -34.17 -38.64 36.68
C TRP C 1070 -32.95 -38.26 35.86
N LEU C 1071 -32.50 -39.12 34.96
CA LEU C 1071 -31.33 -38.84 34.16
C LEU C 1071 -31.66 -37.97 32.98
N THR C 1072 -32.89 -38.03 32.50
CA THR C 1072 -33.32 -37.39 31.28
C THR C 1072 -33.35 -35.87 31.36
N PRO C 1073 -33.70 -35.23 32.49
CA PRO C 1073 -33.48 -33.79 32.57
C PRO C 1073 -32.06 -33.36 32.34
N PHE C 1074 -31.10 -34.18 32.75
CA PHE C 1074 -29.71 -33.88 32.52
C PHE C 1074 -29.33 -34.12 31.07
N LEU C 1075 -29.71 -35.27 30.52
CA LEU C 1075 -29.45 -35.57 29.13
C LEU C 1075 -29.98 -34.48 28.22
N GLN C 1076 -31.19 -34.01 28.51
CA GLN C 1076 -31.86 -33.01 27.71
C GLN C 1076 -31.28 -31.64 27.89
N ALA C 1077 -30.85 -31.33 29.10
CA ALA C 1077 -30.08 -30.13 29.35
C ALA C 1077 -28.82 -30.07 28.52
N VAL C 1078 -28.09 -31.18 28.49
CA VAL C 1078 -26.89 -31.26 27.68
C VAL C 1078 -27.25 -31.24 26.21
N TYR C 1079 -28.35 -31.89 25.85
CA TYR C 1079 -28.77 -31.95 24.46
C TYR C 1079 -29.01 -30.58 23.87
N LEU C 1080 -29.88 -29.80 24.48
CA LEU C 1080 -30.27 -28.51 23.93
C LEU C 1080 -29.16 -27.49 23.99
N PHE C 1081 -28.39 -27.52 25.06
CA PHE C 1081 -27.15 -26.78 25.09
C PHE C 1081 -26.31 -27.06 23.87
N VAL C 1082 -26.22 -28.32 23.46
CA VAL C 1082 -25.44 -28.67 22.30
C VAL C 1082 -26.18 -28.27 21.02
N GLN C 1083 -27.47 -28.53 20.95
CA GLN C 1083 -28.21 -28.11 19.77
C GLN C 1083 -28.22 -26.60 19.60
N TYR C 1084 -28.92 -25.89 20.47
CA TYR C 1084 -29.08 -24.47 20.29
C TYR C 1084 -27.77 -23.73 20.46
N ILE C 1085 -27.18 -23.85 21.64
CA ILE C 1085 -26.12 -22.95 22.05
C ILE C 1085 -24.80 -23.29 21.37
N ILE C 1086 -24.69 -24.45 20.73
CA ILE C 1086 -23.48 -24.83 20.00
C ILE C 1086 -23.76 -25.06 18.53
N MET C 1087 -24.73 -25.90 18.20
CA MET C 1087 -24.86 -26.34 16.82
C MET C 1087 -25.74 -25.41 16.00
N VAL C 1088 -26.83 -24.92 16.56
CA VAL C 1088 -27.62 -23.91 15.87
C VAL C 1088 -26.85 -22.62 15.66
N ASN C 1089 -26.02 -22.20 16.62
CA ASN C 1089 -25.18 -21.04 16.41
C ASN C 1089 -23.96 -21.36 15.56
N LEU C 1090 -23.73 -22.64 15.25
CA LEU C 1090 -22.75 -23.03 14.25
C LEU C 1090 -23.34 -22.94 12.86
N LEU C 1091 -24.64 -23.10 12.73
CA LEU C 1091 -25.33 -22.79 11.49
C LEU C 1091 -25.34 -21.30 11.24
N ILE C 1092 -25.88 -20.52 12.18
CA ILE C 1092 -25.90 -19.05 12.07
C ILE C 1092 -24.53 -18.52 11.67
N ALA C 1093 -23.51 -18.88 12.42
CA ALA C 1093 -22.13 -18.54 12.07
C ALA C 1093 -21.75 -19.03 10.69
N PHE C 1094 -22.20 -20.23 10.31
CA PHE C 1094 -21.97 -20.72 8.95
C PHE C 1094 -22.64 -19.81 7.94
N PHE C 1095 -23.96 -19.63 8.05
CA PHE C 1095 -24.69 -18.78 7.12
C PHE C 1095 -24.19 -17.35 7.08
N ASN C 1096 -23.49 -16.87 8.10
CA ASN C 1096 -22.97 -15.51 8.06
C ASN C 1096 -21.73 -15.41 7.19
N GLN C 1097 -20.87 -16.41 7.25
CA GLN C 1097 -19.57 -16.39 6.61
C GLN C 1097 -19.56 -17.04 5.25
N VAL C 1098 -20.59 -17.80 4.90
CA VAL C 1098 -20.75 -18.31 3.56
C VAL C 1098 -21.83 -17.53 2.81
N TYR C 1099 -22.21 -16.36 3.32
CA TYR C 1099 -23.21 -15.52 2.67
C TYR C 1099 -22.60 -14.67 1.60
N LEU C 1100 -21.50 -14.02 1.90
CA LEU C 1100 -20.87 -13.12 0.95
C LEU C 1100 -20.22 -13.87 -0.18
N GLN C 1101 -19.72 -15.08 0.10
CA GLN C 1101 -19.24 -15.98 -0.93
C GLN C 1101 -20.38 -16.36 -1.87
N VAL C 1102 -21.36 -17.05 -1.33
CA VAL C 1102 -22.47 -17.59 -2.11
C VAL C 1102 -23.31 -16.49 -2.75
N LYS C 1103 -23.17 -15.25 -2.31
CA LYS C 1103 -23.90 -14.14 -2.90
C LYS C 1103 -23.17 -13.58 -4.11
N ALA C 1104 -21.83 -13.61 -4.09
CA ALA C 1104 -21.02 -13.29 -5.25
C ALA C 1104 -20.81 -14.47 -6.18
N ILE C 1105 -21.62 -15.52 -6.05
CA ILE C 1105 -21.57 -16.69 -6.91
C ILE C 1105 -22.96 -16.96 -7.46
N SER C 1106 -23.96 -17.00 -6.56
CA SER C 1106 -25.35 -17.15 -6.95
C SER C 1106 -25.83 -16.08 -7.90
N ASN C 1107 -25.19 -14.91 -7.91
CA ASN C 1107 -25.42 -13.94 -8.96
C ASN C 1107 -24.89 -14.45 -10.29
N ILE C 1108 -23.65 -14.92 -10.31
CA ILE C 1108 -23.02 -15.41 -11.51
C ILE C 1108 -23.67 -16.70 -11.98
N VAL C 1109 -24.03 -17.59 -11.05
CA VAL C 1109 -24.80 -18.77 -11.39
C VAL C 1109 -26.18 -18.40 -11.93
N TRP C 1110 -26.70 -17.26 -11.52
CA TRP C 1110 -28.02 -16.82 -11.96
C TRP C 1110 -27.95 -16.15 -13.31
N LYS C 1111 -27.00 -15.23 -13.48
CA LYS C 1111 -26.79 -14.56 -14.74
C LYS C 1111 -26.39 -15.52 -15.86
N TYR C 1112 -25.94 -16.73 -15.51
CA TYR C 1112 -25.54 -17.73 -16.48
C TYR C 1112 -26.65 -18.72 -16.79
N GLN C 1113 -27.52 -19.02 -15.83
CA GLN C 1113 -28.76 -19.72 -16.12
C GLN C 1113 -29.76 -18.85 -16.84
N ARG C 1114 -29.48 -17.56 -16.94
CA ARG C 1114 -30.39 -16.64 -17.59
C ARG C 1114 -30.35 -16.82 -19.10
N TYR C 1115 -29.14 -16.93 -19.66
CA TYR C 1115 -28.95 -17.35 -21.04
C TYR C 1115 -29.84 -18.55 -21.37
N HIS C 1116 -29.68 -19.64 -20.64
CA HIS C 1116 -30.40 -20.87 -20.91
C HIS C 1116 -31.89 -20.75 -20.66
N PHE C 1117 -32.33 -19.64 -20.09
CA PHE C 1117 -33.73 -19.38 -19.79
C PHE C 1117 -34.34 -18.53 -20.89
N ILE C 1118 -33.70 -17.40 -21.17
CA ILE C 1118 -34.14 -16.51 -22.23
C ILE C 1118 -34.06 -17.21 -23.57
N MET C 1119 -32.92 -17.84 -23.86
CA MET C 1119 -32.73 -18.54 -25.11
C MET C 1119 -33.39 -19.90 -25.13
N ALA C 1120 -34.30 -20.16 -24.20
CA ALA C 1120 -35.28 -21.21 -24.34
C ALA C 1120 -36.64 -20.65 -24.74
N TYR C 1121 -36.86 -19.35 -24.57
CA TYR C 1121 -38.11 -18.72 -24.99
C TYR C 1121 -38.05 -18.28 -26.45
N HIS C 1122 -36.86 -17.96 -26.95
CA HIS C 1122 -36.67 -17.70 -28.37
C HIS C 1122 -36.95 -18.93 -29.23
N GLU C 1123 -37.04 -20.10 -28.62
CA GLU C 1123 -37.47 -21.32 -29.30
C GLU C 1123 -38.62 -21.99 -28.56
N LYS C 1124 -39.12 -21.36 -27.50
CA LYS C 1124 -40.37 -21.85 -26.97
C LYS C 1124 -41.51 -21.38 -27.86
N PRO C 1125 -42.59 -22.13 -27.95
CA PRO C 1125 -43.76 -21.63 -28.66
C PRO C 1125 -44.35 -20.40 -28.02
N VAL C 1126 -45.40 -19.92 -28.67
CA VAL C 1126 -46.11 -18.73 -28.24
C VAL C 1126 -47.14 -19.05 -27.19
N LEU C 1127 -47.71 -20.22 -27.25
CA LEU C 1127 -48.93 -20.57 -26.57
C LEU C 1127 -48.60 -21.28 -25.27
N PRO C 1128 -49.35 -21.08 -24.19
CA PRO C 1128 -48.94 -21.65 -22.94
C PRO C 1128 -49.25 -23.13 -22.89
N PRO C 1129 -48.72 -23.87 -21.92
CA PRO C 1129 -48.81 -25.31 -22.00
C PRO C 1129 -50.15 -25.92 -21.63
N PRO C 1130 -51.27 -25.18 -21.58
CA PRO C 1130 -52.56 -25.87 -21.74
C PRO C 1130 -52.98 -26.03 -23.17
N LEU C 1131 -52.61 -25.05 -23.99
CA LEU C 1131 -52.99 -24.99 -25.40
C LEU C 1131 -51.78 -24.66 -26.26
N ILE C 1132 -50.58 -24.98 -25.78
CA ILE C 1132 -49.40 -25.07 -26.62
C ILE C 1132 -49.52 -26.20 -27.63
N ILE C 1133 -50.45 -27.12 -27.39
CA ILE C 1133 -50.62 -28.27 -28.26
C ILE C 1133 -50.96 -27.83 -29.67
N LEU C 1134 -51.69 -26.72 -29.80
CA LEU C 1134 -51.98 -26.18 -31.11
C LEU C 1134 -50.70 -25.75 -31.82
N SER C 1135 -49.79 -25.10 -31.10
CA SER C 1135 -48.49 -24.78 -31.67
C SER C 1135 -47.55 -25.98 -31.77
N HIS C 1136 -47.98 -27.16 -31.30
CA HIS C 1136 -47.32 -28.41 -31.63
C HIS C 1136 -48.00 -29.12 -32.78
N ILE C 1137 -49.31 -29.27 -32.68
CA ILE C 1137 -50.13 -29.68 -33.81
C ILE C 1137 -49.72 -28.88 -35.04
N VAL C 1138 -49.69 -27.56 -34.91
CA VAL C 1138 -49.46 -26.70 -36.06
C VAL C 1138 -47.95 -26.47 -36.22
N SER C 1139 -47.14 -27.39 -35.68
CA SER C 1139 -45.73 -27.49 -36.05
C SER C 1139 -45.35 -28.89 -36.52
N LEU C 1140 -46.19 -29.91 -36.27
CA LEU C 1140 -45.83 -31.29 -36.58
C LEU C 1140 -46.56 -31.84 -37.81
N PHE C 1141 -47.88 -31.74 -37.92
CA PHE C 1141 -48.51 -32.21 -39.16
C PHE C 1141 -48.04 -31.38 -40.34
N CYS C 1142 -47.72 -30.11 -40.08
CA CYS C 1142 -47.11 -29.28 -41.12
C CYS C 1142 -45.67 -29.70 -41.39
N CYS C 1143 -45.00 -30.24 -40.37
CA CYS C 1143 -43.65 -30.78 -40.56
C CYS C 1143 -43.65 -32.04 -41.40
N VAL C 1144 -44.72 -32.84 -41.31
CA VAL C 1144 -44.84 -34.02 -42.15
C VAL C 1144 -45.02 -33.63 -43.61
N CYS C 1145 -45.48 -32.40 -43.87
CA CYS C 1145 -45.64 -31.95 -45.25
C CYS C 1145 -44.30 -31.60 -45.89
N LYS C 1146 -43.38 -31.01 -45.14
CA LYS C 1146 -42.06 -30.69 -45.67
C LYS C 1146 -41.22 -31.95 -45.83
N GLY C 1156 -32.07 -21.01 -36.08
CA GLY C 1156 -32.05 -20.33 -34.80
C GLY C 1156 -32.06 -18.82 -34.92
N PRO C 1157 -32.02 -18.13 -33.79
CA PRO C 1157 -32.00 -16.66 -33.81
C PRO C 1157 -30.64 -16.12 -34.23
N LYS C 1158 -30.59 -15.56 -35.43
CA LYS C 1158 -29.36 -15.12 -36.07
C LYS C 1158 -29.35 -13.60 -36.17
N LEU C 1159 -28.14 -13.02 -36.26
CA LEU C 1159 -27.95 -11.58 -36.40
C LEU C 1159 -27.85 -11.29 -37.89
N PHE C 1160 -28.86 -10.60 -38.42
CA PHE C 1160 -28.92 -10.29 -39.84
C PHE C 1160 -28.28 -8.93 -40.10
N LEU C 1161 -27.06 -8.95 -40.63
CA LEU C 1161 -26.34 -7.74 -40.99
C LEU C 1161 -26.19 -7.70 -42.51
N THR C 1162 -26.34 -6.50 -43.06
CA THR C 1162 -26.60 -6.39 -44.49
C THR C 1162 -25.42 -6.87 -45.34
N GLU C 1163 -24.48 -5.97 -45.63
CA GLU C 1163 -23.12 -6.33 -46.02
C GLU C 1163 -22.13 -5.34 -45.43
N GLU C 1164 -22.49 -4.05 -45.49
CA GLU C 1164 -21.71 -2.97 -44.92
C GLU C 1164 -21.66 -3.05 -43.41
N ASP C 1165 -22.69 -3.62 -42.79
CA ASP C 1165 -22.75 -3.67 -41.34
C ASP C 1165 -21.81 -4.74 -40.79
N GLN C 1166 -21.60 -5.83 -41.52
CA GLN C 1166 -20.48 -6.71 -41.22
C GLN C 1166 -19.17 -5.93 -41.28
N LYS C 1167 -19.04 -5.04 -42.27
CA LYS C 1167 -17.79 -4.31 -42.46
C LYS C 1167 -17.58 -3.30 -41.34
N LYS C 1168 -18.65 -2.60 -40.95
CA LYS C 1168 -18.53 -1.66 -39.84
C LYS C 1168 -18.29 -2.38 -38.52
N LEU C 1169 -18.81 -3.61 -38.40
CA LEU C 1169 -18.62 -4.39 -37.18
C LEU C 1169 -17.18 -4.89 -37.07
N HIS C 1170 -16.63 -5.43 -38.16
CA HIS C 1170 -15.24 -5.88 -38.13
C HIS C 1170 -14.31 -4.71 -37.84
N ASP C 1171 -14.61 -3.55 -38.39
CA ASP C 1171 -13.83 -2.35 -38.08
C ASP C 1171 -13.92 -1.98 -36.61
N PHE C 1172 -15.02 -2.36 -35.96
CA PHE C 1172 -15.20 -2.08 -34.54
C PHE C 1172 -14.40 -3.05 -33.68
N GLU C 1173 -14.43 -4.34 -34.02
CA GLU C 1173 -13.70 -5.34 -33.25
C GLU C 1173 -12.21 -5.08 -33.32
N GLU C 1174 -11.70 -4.82 -34.53
CA GLU C 1174 -10.30 -4.45 -34.70
C GLU C 1174 -9.95 -3.24 -33.86
N GLN C 1175 -10.85 -2.27 -33.80
CA GLN C 1175 -10.60 -1.06 -33.03
C GLN C 1175 -10.52 -1.35 -31.54
N CYS C 1176 -11.38 -2.25 -31.05
CA CYS C 1176 -11.45 -2.50 -29.61
C CYS C 1176 -10.34 -3.43 -29.14
N VAL C 1177 -9.89 -4.34 -30.00
CA VAL C 1177 -8.73 -5.15 -29.69
C VAL C 1177 -7.50 -4.28 -29.56
N GLU C 1178 -7.30 -3.39 -30.52
CA GLU C 1178 -6.17 -2.46 -30.52
C GLU C 1178 -6.07 -1.67 -29.24
N MET C 1179 -7.21 -1.21 -28.71
CA MET C 1179 -7.21 -0.48 -27.45
C MET C 1179 -6.86 -1.38 -26.29
N TYR C 1180 -7.34 -2.62 -26.32
CA TYR C 1180 -7.09 -3.56 -25.23
C TYR C 1180 -5.61 -3.84 -25.07
N PHE C 1181 -4.93 -4.16 -26.17
CA PHE C 1181 -3.49 -4.37 -26.17
C PHE C 1181 -2.70 -3.09 -25.96
N ASP C 1182 -3.38 -1.94 -25.88
CA ASP C 1182 -2.75 -0.64 -25.70
C ASP C 1182 -2.98 -0.06 -24.32
N GLU C 1183 -4.10 -0.40 -23.67
CA GLU C 1183 -4.38 0.07 -22.33
C GLU C 1183 -3.71 -0.79 -21.26
N LYS C 1184 -3.70 -2.11 -21.43
CA LYS C 1184 -2.86 -2.97 -20.60
C LYS C 1184 -1.43 -2.50 -20.60
N ASP C 1185 -0.93 -2.11 -21.78
CA ASP C 1185 0.42 -1.58 -21.92
C ASP C 1185 0.60 -0.35 -21.04
N ASP C 1186 -0.45 0.45 -20.91
CA ASP C 1186 -0.40 1.69 -20.14
C ASP C 1186 -0.58 1.44 -18.64
N LYS C 1187 -1.53 0.58 -18.28
CA LYS C 1187 -1.78 0.28 -16.86
C LYS C 1187 -0.57 -0.33 -16.18
N PHE C 1188 0.34 -0.94 -16.95
CA PHE C 1188 1.53 -1.55 -16.38
C PHE C 1188 2.74 -0.63 -16.50
N ASN C 1189 3.06 -0.18 -17.72
CA ASN C 1189 4.20 0.71 -17.92
C ASN C 1189 4.05 2.04 -17.18
N SER C 1190 2.83 2.43 -16.81
CA SER C 1190 2.56 3.69 -16.13
C SER C 1190 1.85 3.44 -14.81
N GLY C 1191 2.16 2.32 -14.16
CA GLY C 1191 1.72 2.05 -12.81
C GLY C 1191 2.72 2.57 -11.79
N SER C 1192 2.79 1.89 -10.65
CA SER C 1192 3.65 2.26 -9.54
C SER C 1192 4.74 1.24 -9.28
N GLU C 1193 4.36 -0.03 -9.05
CA GLU C 1193 5.35 -1.07 -8.79
C GLU C 1193 6.26 -1.27 -9.99
N GLU C 1194 5.75 -1.08 -11.20
CA GLU C 1194 6.58 -1.09 -12.39
C GLU C 1194 7.43 0.16 -12.48
N ARG C 1195 6.92 1.27 -11.96
CA ARG C 1195 7.62 2.54 -12.11
C ARG C 1195 8.76 2.63 -11.11
N ILE C 1196 8.60 2.00 -9.94
CA ILE C 1196 9.72 1.82 -9.02
C ILE C 1196 10.75 0.89 -9.63
N ARG C 1197 10.30 -0.11 -10.39
CA ARG C 1197 11.22 -1.04 -11.03
C ARG C 1197 12.13 -0.33 -12.02
N VAL C 1198 11.56 0.54 -12.86
CA VAL C 1198 12.39 1.25 -13.83
C VAL C 1198 13.31 2.22 -13.13
N THR C 1199 12.76 2.99 -12.19
CA THR C 1199 13.55 3.97 -11.46
C THR C 1199 14.73 3.33 -10.77
N PHE C 1200 14.57 2.09 -10.31
CA PHE C 1200 15.71 1.30 -9.85
C PHE C 1200 16.68 1.02 -10.97
N GLU C 1201 16.20 0.47 -12.09
CA GLU C 1201 17.07 0.08 -13.19
C GLU C 1201 17.74 1.29 -13.83
N ARG C 1202 17.07 2.43 -13.85
CA ARG C 1202 17.71 3.64 -14.35
C ARG C 1202 18.82 4.07 -13.42
N VAL C 1203 18.49 4.27 -12.14
CA VAL C 1203 19.46 4.72 -11.15
C VAL C 1203 20.59 3.72 -10.99
N GLU C 1204 20.37 2.44 -11.30
CA GLU C 1204 21.50 1.54 -11.53
C GLU C 1204 22.38 2.08 -12.65
N GLN C 1205 21.85 2.09 -13.87
CA GLN C 1205 22.67 2.38 -15.04
C GLN C 1205 23.12 3.82 -15.09
N MET C 1206 22.42 4.73 -14.42
CA MET C 1206 22.94 6.06 -14.22
C MET C 1206 24.22 6.01 -13.40
N SER C 1207 24.11 5.55 -12.16
CA SER C 1207 25.20 5.60 -11.18
C SER C 1207 26.48 4.98 -11.70
N ILE C 1208 26.40 4.05 -12.63
CA ILE C 1208 27.59 3.52 -13.28
C ILE C 1208 28.24 4.59 -14.14
N GLN C 1209 27.44 5.30 -14.94
CA GLN C 1209 27.94 6.38 -15.77
C GLN C 1209 27.97 7.71 -15.05
N ILE C 1210 27.69 7.74 -13.74
CA ILE C 1210 28.02 8.89 -12.91
C ILE C 1210 29.44 8.77 -12.40
N LYS C 1211 29.70 7.72 -11.62
CA LYS C 1211 31.01 7.57 -10.99
C LYS C 1211 32.10 7.39 -12.03
N GLU C 1212 31.81 6.69 -13.13
CA GLU C 1212 32.79 6.54 -14.20
C GLU C 1212 33.12 7.89 -14.83
N VAL C 1213 32.08 8.62 -15.23
CA VAL C 1213 32.26 9.92 -15.87
C VAL C 1213 32.87 10.89 -14.87
N GLY C 1214 32.35 10.91 -13.65
CA GLY C 1214 32.83 11.87 -12.68
C GLY C 1214 34.25 11.63 -12.26
N ASP C 1215 34.71 10.38 -12.30
CA ASP C 1215 36.12 10.10 -12.13
C ASP C 1215 36.95 10.84 -13.16
N ARG C 1216 36.63 10.62 -14.45
CA ARG C 1216 37.41 11.17 -15.56
C ARG C 1216 37.57 12.67 -15.45
N VAL C 1217 36.53 13.36 -14.99
CA VAL C 1217 36.59 14.82 -14.80
C VAL C 1217 37.73 15.16 -13.85
N ASN C 1218 37.83 14.43 -12.74
CA ASN C 1218 38.88 14.70 -11.77
C ASN C 1218 40.26 14.40 -12.36
N TYR C 1219 40.34 13.40 -13.24
CA TYR C 1219 41.60 13.12 -13.92
C TYR C 1219 41.94 14.16 -14.99
N ILE C 1220 40.99 15.03 -15.34
CA ILE C 1220 41.28 16.16 -16.22
C ILE C 1220 41.76 17.37 -15.42
N LYS C 1221 41.00 17.76 -14.40
CA LYS C 1221 41.32 18.99 -13.67
C LYS C 1221 42.67 18.90 -12.99
N ARG C 1222 43.04 17.71 -12.51
CA ARG C 1222 44.38 17.53 -11.96
C ARG C 1222 45.44 17.68 -13.03
N SER C 1223 45.09 17.44 -14.30
CA SER C 1223 46.00 17.66 -15.41
C SER C 1223 45.91 19.09 -15.93
N LEU C 1224 44.69 19.56 -16.21
CA LEU C 1224 44.47 20.88 -16.83
C LEU C 1224 45.16 21.99 -16.07
N GLN C 1225 45.11 21.96 -14.74
CA GLN C 1225 45.84 22.94 -13.95
C GLN C 1225 47.35 22.75 -14.08
N SER C 1226 47.79 21.55 -14.47
CA SER C 1226 49.21 21.29 -14.71
C SER C 1226 49.62 21.55 -16.15
N LEU C 1227 48.69 21.46 -17.11
CA LEU C 1227 48.99 21.84 -18.49
C LEU C 1227 49.39 23.31 -18.58
N ASP C 1228 48.66 24.19 -17.90
CA ASP C 1228 48.95 25.61 -17.89
C ASP C 1228 49.89 25.98 -16.74
N SER C 1229 49.51 25.66 -15.50
CA SER C 1229 50.26 26.02 -14.29
C SER C 1229 50.74 27.46 -14.29
N GLN D 2 -23.68 2.42 -61.28
CA GLN D 2 -22.32 1.94 -61.12
C GLN D 2 -22.02 1.20 -59.80
N LYS D 3 -22.75 1.56 -58.72
CA LYS D 3 -22.49 1.09 -57.36
C LYS D 3 -21.12 1.49 -56.84
N SER D 4 -20.41 2.39 -57.51
CA SER D 4 -19.13 2.90 -57.06
C SER D 4 -18.92 4.27 -57.67
N TRP D 5 -19.14 5.31 -56.88
CA TRP D 5 -18.92 6.67 -57.34
C TRP D 5 -17.46 6.90 -57.73
N ILE D 6 -16.55 6.12 -57.14
CA ILE D 6 -15.11 6.27 -57.37
C ILE D 6 -14.81 6.10 -58.85
N GLU D 7 -15.20 4.96 -59.42
CA GLU D 7 -14.99 4.71 -60.83
C GLU D 7 -16.04 5.36 -61.71
N SER D 8 -17.11 5.90 -61.12
CA SER D 8 -18.03 6.74 -61.88
C SER D 8 -17.39 8.06 -62.25
N THR D 9 -16.56 8.60 -61.37
CA THR D 9 -15.92 9.90 -61.54
C THR D 9 -14.49 9.76 -62.06
N LEU D 10 -13.66 9.00 -61.36
CA LEU D 10 -12.27 8.84 -61.73
C LEU D 10 -12.13 7.88 -62.92
N THR D 11 -10.99 7.96 -63.59
CA THR D 11 -10.69 7.10 -64.73
C THR D 11 -9.28 6.56 -64.60
N LYS D 12 -8.78 5.88 -65.63
CA LYS D 12 -7.46 5.25 -65.61
C LYS D 12 -6.80 5.40 -66.97
N ARG D 13 -5.49 5.65 -66.96
CA ARG D 13 -4.72 5.81 -68.19
C ARG D 13 -4.08 4.48 -68.60
N GLU D 14 -4.19 4.18 -69.89
CA GLU D 14 -3.55 3.02 -70.50
C GLU D 14 -2.96 3.45 -71.83
N CYS D 15 -1.74 3.01 -72.11
CA CYS D 15 -1.11 3.33 -73.39
C CYS D 15 -1.88 2.61 -74.50
N VAL D 16 -2.78 3.33 -75.17
CA VAL D 16 -3.66 2.71 -76.17
C VAL D 16 -3.01 2.60 -77.54
N TYR D 17 -1.76 3.01 -77.66
CA TYR D 17 -1.01 3.01 -78.91
C TYR D 17 0.33 2.33 -78.61
N ILE D 18 1.17 2.14 -79.62
CA ILE D 18 2.42 1.41 -79.47
C ILE D 18 3.55 2.22 -80.11
N ILE D 19 4.54 2.60 -79.30
CA ILE D 19 5.69 3.40 -79.75
C ILE D 19 6.97 2.67 -79.37
N PRO D 20 7.58 1.87 -80.25
CA PRO D 20 8.94 1.38 -79.96
C PRO D 20 9.93 2.48 -79.64
N SER D 21 10.95 2.12 -78.84
CA SER D 21 12.01 3.02 -78.43
C SER D 21 13.40 2.48 -78.73
N SER D 22 13.51 1.25 -79.22
CA SER D 22 14.78 0.65 -79.59
C SER D 22 14.66 -0.05 -80.94
N LYS D 23 15.76 -0.05 -81.69
CA LYS D 23 15.78 -0.55 -83.06
C LYS D 23 16.89 -1.56 -83.29
N ASP D 24 18.04 -1.37 -82.66
CA ASP D 24 19.23 -2.14 -82.99
C ASP D 24 19.05 -3.60 -82.55
N PRO D 25 19.21 -4.59 -83.46
CA PRO D 25 19.10 -6.00 -83.03
C PRO D 25 20.31 -6.51 -82.27
N HIS D 26 20.31 -6.32 -80.95
CA HIS D 26 21.29 -6.94 -80.05
C HIS D 26 21.42 -8.44 -80.31
N ARG D 27 20.32 -9.09 -80.69
CA ARG D 27 20.27 -10.53 -80.90
C ARG D 27 19.17 -10.80 -81.91
N CYS D 28 19.36 -11.84 -82.74
CA CYS D 28 18.32 -12.30 -83.65
C CYS D 28 17.91 -11.20 -84.63
N LEU D 29 18.81 -10.95 -85.58
CA LEU D 29 18.73 -9.89 -86.60
C LEU D 29 17.32 -9.58 -87.10
N PRO D 30 16.43 -10.56 -87.35
CA PRO D 30 15.04 -10.17 -87.67
C PRO D 30 14.34 -9.61 -86.44
N GLY D 31 14.54 -8.31 -86.22
CA GLY D 31 14.12 -7.61 -85.02
C GLY D 31 12.71 -7.87 -84.53
N CYS D 32 11.81 -8.24 -85.45
CA CYS D 32 10.42 -8.57 -85.12
C CYS D 32 10.32 -9.52 -83.94
N GLN D 33 11.17 -10.55 -83.90
CA GLN D 33 11.17 -11.49 -82.80
C GLN D 33 11.49 -10.80 -81.49
N ILE D 34 12.64 -10.13 -81.40
CA ILE D 34 13.09 -9.53 -80.15
C ILE D 34 12.22 -8.34 -79.74
N CYS D 35 11.69 -7.59 -80.71
CA CYS D 35 10.83 -6.46 -80.40
C CYS D 35 9.59 -6.90 -79.62
N GLN D 36 9.18 -8.15 -79.81
CA GLN D 36 8.12 -8.74 -79.00
C GLN D 36 8.42 -8.62 -77.51
N GLN D 37 9.57 -9.13 -77.06
CA GLN D 37 9.79 -9.37 -75.64
C GLN D 37 10.74 -8.37 -74.94
N LEU D 38 11.47 -7.51 -75.67
CA LEU D 38 12.56 -6.74 -75.06
C LEU D 38 12.68 -5.31 -75.60
N VAL D 39 11.65 -4.79 -76.26
CA VAL D 39 11.69 -3.41 -76.77
C VAL D 39 10.48 -2.68 -76.19
N ARG D 40 10.74 -1.77 -75.25
CA ARG D 40 9.69 -1.12 -74.48
C ARG D 40 9.33 0.22 -75.06
N CYS D 41 8.10 0.65 -74.77
CA CYS D 41 7.57 1.92 -75.22
C CYS D 41 7.97 3.03 -74.25
N PHE D 42 7.83 4.28 -74.69
CA PHE D 42 7.82 5.41 -73.75
C PHE D 42 6.56 5.39 -72.90
N CYS D 43 5.61 4.51 -73.24
CA CYS D 43 4.62 3.94 -72.33
C CYS D 43 5.27 3.22 -71.15
N GLY D 44 6.56 2.96 -71.16
CA GLY D 44 7.22 2.25 -70.08
C GLY D 44 7.01 0.75 -70.14
N ARG D 45 5.78 0.31 -70.31
CA ARG D 45 5.50 -1.10 -70.49
C ARG D 45 5.96 -1.55 -71.87
N LEU D 46 6.19 -2.86 -71.98
CA LEU D 46 6.66 -3.46 -73.21
C LEU D 46 5.60 -3.34 -74.31
N VAL D 47 6.05 -3.38 -75.57
CA VAL D 47 5.11 -3.24 -76.70
C VAL D 47 4.05 -4.32 -76.70
N LYS D 48 4.32 -5.49 -76.10
CA LYS D 48 3.34 -6.56 -76.02
C LYS D 48 2.52 -6.53 -74.74
N GLN D 49 3.02 -5.88 -73.68
CA GLN D 49 2.19 -5.62 -72.51
C GLN D 49 1.06 -4.65 -72.81
N HIS D 50 1.08 -4.01 -73.98
CA HIS D 50 -0.06 -3.26 -74.50
C HIS D 50 -1.14 -4.21 -74.99
N ALA D 51 -1.81 -4.90 -74.06
CA ALA D 51 -2.88 -5.78 -74.49
C ALA D 51 -3.97 -4.95 -75.14
N CYS D 52 -4.70 -4.17 -74.34
CA CYS D 52 -5.65 -3.14 -74.79
C CYS D 52 -6.45 -3.59 -76.00
N PHE D 53 -7.36 -4.55 -75.82
CA PHE D 53 -7.69 -5.62 -76.76
C PHE D 53 -7.44 -5.33 -78.23
N THR D 54 -7.79 -4.13 -78.73
CA THR D 54 -7.46 -3.80 -80.11
C THR D 54 -5.95 -3.75 -80.33
N ALA D 55 -5.20 -3.24 -79.35
CA ALA D 55 -3.74 -3.22 -79.46
C ALA D 55 -3.12 -4.59 -79.25
N SER D 56 -3.87 -5.56 -78.74
CA SER D 56 -3.37 -6.93 -78.67
C SER D 56 -3.32 -7.57 -80.05
N LEU D 57 -4.33 -7.31 -80.88
CA LEU D 57 -4.26 -7.69 -82.29
C LEU D 57 -3.23 -6.87 -83.04
N ALA D 58 -2.84 -5.72 -82.50
CA ALA D 58 -1.76 -4.93 -83.07
C ALA D 58 -0.38 -5.52 -82.73
N MET D 59 -0.35 -6.70 -82.09
CA MET D 59 0.84 -7.53 -82.10
C MET D 59 0.92 -8.34 -83.38
N LYS D 60 1.02 -7.62 -84.50
CA LYS D 60 1.21 -8.19 -85.82
C LYS D 60 2.71 -8.42 -85.93
N TYR D 61 3.26 -8.55 -87.15
CA TYR D 61 4.66 -8.86 -87.44
C TYR D 61 5.67 -8.34 -86.41
N SER D 62 5.67 -7.03 -86.11
CA SER D 62 6.43 -6.48 -85.01
C SER D 62 5.50 -5.70 -84.08
N ASP D 63 4.86 -4.67 -84.61
CA ASP D 63 3.81 -3.89 -83.95
C ASP D 63 3.39 -2.77 -84.90
N VAL D 64 2.50 -1.91 -84.42
CA VAL D 64 2.14 -0.66 -85.08
C VAL D 64 3.41 0.09 -85.50
N LYS D 65 3.33 0.83 -86.62
CA LYS D 65 4.45 1.61 -87.16
C LYS D 65 5.63 0.72 -87.57
N LEU D 66 5.47 0.15 -88.78
CA LEU D 66 6.47 -0.67 -89.46
C LEU D 66 7.89 -0.16 -89.26
N GLY D 67 8.81 -1.11 -89.13
CA GLY D 67 10.21 -0.91 -88.79
C GLY D 67 10.90 0.33 -89.30
N GLU D 68 10.86 0.60 -90.61
CA GLU D 68 11.51 1.79 -91.12
C GLU D 68 10.84 3.04 -90.54
N HIS D 69 9.65 3.37 -91.06
CA HIS D 69 8.83 4.53 -90.67
C HIS D 69 9.68 5.72 -90.21
N PHE D 70 10.64 6.11 -91.05
CA PHE D 70 11.48 7.28 -90.77
C PHE D 70 12.14 7.17 -89.39
N ASN D 71 13.04 6.19 -89.24
CA ASN D 71 13.34 5.45 -88.01
C ASN D 71 13.11 6.20 -86.70
N GLN D 72 13.54 7.46 -86.60
CA GLN D 72 13.46 8.32 -85.43
C GLN D 72 12.10 9.01 -85.29
N ALA D 73 11.05 8.48 -85.93
CA ALA D 73 9.82 9.23 -86.06
C ALA D 73 8.98 9.19 -84.79
N ILE D 74 8.97 8.05 -84.08
CA ILE D 74 7.82 7.78 -83.23
C ILE D 74 8.02 8.33 -81.81
N GLU D 75 8.80 7.65 -80.96
CA GLU D 75 9.54 8.18 -79.82
C GLU D 75 8.91 9.37 -79.08
N GLU D 76 7.57 9.40 -78.94
CA GLU D 76 6.93 10.49 -78.19
C GLU D 76 5.89 10.00 -77.20
N TRP D 77 5.06 9.02 -77.59
CA TRP D 77 3.97 8.51 -76.75
C TRP D 77 3.15 9.65 -76.12
N SER D 78 2.36 10.31 -76.95
CA SER D 78 1.47 11.34 -76.45
C SER D 78 0.56 10.76 -75.37
N VAL D 79 0.52 11.43 -74.22
CA VAL D 79 -0.29 10.95 -73.12
C VAL D 79 -1.74 11.41 -73.26
N GLU D 80 -2.08 12.10 -74.36
CA GLU D 80 -3.43 12.59 -74.59
C GLU D 80 -4.24 11.62 -75.44
N LYS D 81 -3.81 11.38 -76.69
CA LYS D 81 -4.58 10.54 -77.61
C LYS D 81 -4.00 9.14 -77.74
N HIS D 82 -2.68 9.00 -77.66
CA HIS D 82 -2.05 7.68 -77.55
C HIS D 82 -2.13 7.11 -76.14
N THR D 83 -2.87 7.77 -75.24
CA THR D 83 -3.15 7.25 -73.91
C THR D 83 -4.53 7.76 -73.48
N GLU D 84 -5.56 6.95 -73.71
CA GLU D 84 -6.92 7.35 -73.40
C GLU D 84 -7.24 7.01 -71.94
N GLN D 85 -8.45 7.37 -71.52
CA GLN D 85 -8.95 7.12 -70.17
C GLN D 85 -9.93 5.96 -70.21
N SER D 86 -10.19 5.39 -69.04
CA SER D 86 -11.14 4.29 -68.90
C SER D 86 -11.64 4.24 -67.46
N PRO D 87 -12.81 3.64 -67.20
CA PRO D 87 -13.23 3.48 -65.80
C PRO D 87 -12.27 2.62 -65.00
N THR D 88 -12.01 3.03 -63.76
CA THR D 88 -10.93 2.45 -62.98
C THR D 88 -11.20 0.97 -62.70
N ASP D 89 -10.22 0.13 -63.02
CA ASP D 89 -10.31 -1.30 -62.77
C ASP D 89 -9.82 -1.66 -61.37
N ALA D 90 -8.95 -0.83 -60.80
CA ALA D 90 -8.53 -0.94 -59.42
C ALA D 90 -9.36 -0.01 -58.56
N TYR D 91 -9.82 -0.52 -57.41
CA TYR D 91 -10.06 0.27 -56.22
C TYR D 91 -10.35 -0.69 -55.07
N GLY D 92 -9.58 -0.61 -54.00
CA GLY D 92 -9.77 -1.52 -52.90
C GLY D 92 -9.11 -1.05 -51.62
N VAL D 93 -8.62 -2.01 -50.85
CA VAL D 93 -8.00 -1.78 -49.56
C VAL D 93 -6.79 -2.70 -49.47
N ILE D 94 -5.59 -2.11 -49.45
CA ILE D 94 -4.38 -2.89 -49.28
C ILE D 94 -4.42 -3.55 -47.93
N ASN D 95 -3.99 -4.80 -47.87
CA ASN D 95 -3.98 -5.57 -46.64
C ASN D 95 -2.67 -5.41 -45.89
N PHE D 96 -1.56 -5.28 -46.60
CA PHE D 96 -0.22 -5.37 -46.02
C PHE D 96 -0.11 -6.62 -45.14
N GLN D 97 -0.25 -7.77 -45.78
CA GLN D 97 -0.29 -9.04 -45.05
C GLN D 97 1.03 -9.29 -44.36
N GLY D 98 1.04 -9.10 -43.04
CA GLY D 98 2.21 -9.35 -42.22
C GLY D 98 2.93 -8.10 -41.75
N GLY D 99 3.05 -7.95 -40.44
CA GLY D 99 3.97 -7.00 -39.84
C GLY D 99 3.47 -6.26 -38.61
N SER D 100 2.19 -5.90 -38.56
CA SER D 100 1.58 -5.48 -37.31
C SER D 100 0.06 -5.56 -37.44
N HIS D 101 -0.52 -6.67 -36.95
CA HIS D 101 -1.97 -6.86 -36.83
C HIS D 101 -2.74 -6.54 -38.13
N SER D 102 -2.07 -6.65 -39.28
CA SER D 102 -2.72 -6.50 -40.58
C SER D 102 -3.34 -5.10 -40.72
N TYR D 103 -2.50 -4.10 -40.45
CA TYR D 103 -2.87 -2.70 -40.63
C TYR D 103 -3.34 -2.42 -42.06
N ARG D 104 -4.38 -1.60 -42.19
CA ARG D 104 -5.06 -1.40 -43.46
C ARG D 104 -4.61 -0.11 -44.15
N ALA D 105 -4.84 -0.06 -45.46
CA ALA D 105 -4.71 1.15 -46.25
C ALA D 105 -5.57 1.03 -47.50
N LYS D 106 -5.71 2.13 -48.26
CA LYS D 106 -6.68 2.22 -49.32
C LYS D 106 -6.07 2.93 -50.53
N TYR D 107 -6.76 2.84 -51.66
CA TYR D 107 -6.26 3.33 -52.93
C TYR D 107 -7.42 3.45 -53.92
N VAL D 108 -7.11 3.98 -55.11
CA VAL D 108 -8.01 3.88 -56.25
C VAL D 108 -7.28 3.48 -57.53
N ARG D 109 -6.08 4.02 -57.76
CA ARG D 109 -5.44 4.05 -59.08
C ARG D 109 -6.16 4.99 -60.05
N LEU D 110 -6.05 6.30 -59.80
CA LEU D 110 -6.70 7.32 -60.61
C LEU D 110 -5.71 7.91 -61.61
N SER D 111 -6.25 8.59 -62.62
CA SER D 111 -5.45 9.35 -63.57
C SER D 111 -5.17 10.75 -63.04
N TYR D 112 -3.98 11.27 -63.39
CA TYR D 112 -3.63 12.64 -63.04
C TYR D 112 -4.49 13.66 -63.76
N ASP D 113 -5.22 13.24 -64.80
CA ASP D 113 -6.25 14.05 -65.45
C ASP D 113 -7.16 14.74 -64.47
N THR D 114 -7.44 14.06 -63.36
CA THR D 114 -8.33 14.53 -62.30
C THR D 114 -7.97 15.96 -61.90
N LYS D 115 -8.88 16.88 -62.13
CA LYS D 115 -8.69 18.29 -61.81
C LYS D 115 -8.49 18.45 -60.31
N PRO D 116 -7.81 19.52 -59.86
CA PRO D 116 -7.48 19.62 -58.43
C PRO D 116 -8.69 19.56 -57.51
N GLU D 117 -9.79 20.21 -57.90
CA GLU D 117 -11.01 20.16 -57.10
C GLU D 117 -11.67 18.79 -57.18
N ILE D 118 -11.44 18.04 -58.25
CA ILE D 118 -12.00 16.69 -58.34
C ILE D 118 -11.26 15.76 -57.38
N ILE D 119 -10.01 16.09 -57.05
CA ILE D 119 -9.20 15.22 -56.21
C ILE D 119 -9.55 15.42 -54.73
N LEU D 120 -9.98 16.63 -54.36
CA LEU D 120 -10.34 16.90 -52.98
C LEU D 120 -11.72 16.32 -52.65
N GLN D 121 -12.62 16.32 -53.63
CA GLN D 121 -14.00 15.93 -53.42
C GLN D 121 -14.22 14.42 -53.48
N LEU D 122 -13.16 13.64 -53.24
CA LEU D 122 -13.28 12.21 -52.96
C LEU D 122 -12.68 11.87 -51.61
N LEU D 123 -11.58 12.54 -51.25
CA LEU D 123 -10.86 12.23 -50.01
C LEU D 123 -11.74 12.39 -48.79
N LEU D 124 -12.66 13.35 -48.82
CA LEU D 124 -13.50 13.63 -47.67
C LEU D 124 -14.68 12.67 -47.63
N LYS D 125 -15.44 12.59 -48.71
CA LYS D 125 -16.75 11.94 -48.67
C LYS D 125 -16.70 10.45 -48.95
N GLU D 126 -15.76 9.99 -49.78
CA GLU D 126 -15.64 8.56 -50.03
C GLU D 126 -14.90 7.84 -48.91
N TRP D 127 -13.71 8.31 -48.57
CA TRP D 127 -12.89 7.70 -47.53
C TRP D 127 -13.19 8.23 -46.14
N GLN D 128 -14.11 9.18 -46.00
CA GLN D 128 -14.55 9.67 -44.68
C GLN D 128 -13.38 10.23 -43.87
N MET D 129 -12.39 10.78 -44.56
CA MET D 129 -11.25 11.41 -43.90
C MET D 129 -11.68 12.80 -43.45
N GLU D 130 -11.79 13.00 -42.15
CA GLU D 130 -12.25 14.28 -41.63
C GLU D 130 -11.23 15.35 -41.98
N LEU D 131 -11.74 16.55 -42.27
CA LEU D 131 -10.94 17.61 -42.85
C LEU D 131 -9.77 17.93 -41.93
N PRO D 132 -8.58 18.23 -42.47
CA PRO D 132 -7.42 18.40 -41.61
C PRO D 132 -7.34 19.81 -41.07
N LYS D 133 -6.55 19.93 -40.01
CA LYS D 133 -6.13 21.21 -39.49
C LYS D 133 -4.74 21.59 -39.97
N LEU D 134 -4.01 20.67 -40.61
CA LEU D 134 -2.64 20.89 -41.00
C LEU D 134 -2.29 19.94 -42.15
N VAL D 135 -1.19 20.25 -42.82
CA VAL D 135 -0.70 19.47 -43.95
C VAL D 135 0.82 19.49 -43.93
N ILE D 136 1.44 18.32 -43.83
CA ILE D 136 2.87 18.17 -43.58
C ILE D 136 3.49 17.39 -44.73
N SER D 137 3.17 17.78 -45.96
CA SER D 137 3.89 17.28 -47.13
C SER D 137 5.39 17.24 -46.89
N VAL D 138 6.01 16.12 -47.24
CA VAL D 138 7.42 15.85 -46.96
C VAL D 138 8.15 15.79 -48.30
N HIS D 139 8.98 16.79 -48.59
CA HIS D 139 9.55 16.98 -49.92
C HIS D 139 11.06 16.79 -49.91
N GLY D 140 11.53 15.75 -49.21
CA GLY D 140 12.95 15.46 -49.14
C GLY D 140 13.40 14.48 -50.21
N GLY D 141 14.31 13.59 -49.82
CA GLY D 141 15.01 12.74 -50.78
C GLY D 141 14.18 11.56 -51.21
N MET D 142 14.29 11.23 -52.50
CA MET D 142 13.67 10.05 -53.08
C MET D 142 14.52 8.81 -52.89
N GLN D 143 15.82 8.90 -53.16
CA GLN D 143 16.72 7.79 -52.89
C GLN D 143 16.90 7.62 -51.38
N LYS D 144 17.02 6.38 -50.94
CA LYS D 144 17.14 6.08 -49.52
C LYS D 144 18.40 6.71 -48.94
N PHE D 145 18.27 7.18 -47.70
CA PHE D 145 19.35 7.85 -46.98
C PHE D 145 19.28 7.44 -45.51
N GLU D 146 20.23 7.94 -44.73
CA GLU D 146 20.48 7.42 -43.38
C GLU D 146 20.65 8.58 -42.41
N LEU D 147 20.26 8.33 -41.16
CA LEU D 147 20.25 9.35 -40.11
C LEU D 147 21.00 8.84 -38.88
N HIS D 148 21.13 9.73 -37.84
CA HIS D 148 21.81 9.50 -36.57
C HIS D 148 20.78 9.13 -35.49
N PRO D 149 21.08 8.22 -34.55
CA PRO D 149 20.03 7.72 -33.65
C PRO D 149 19.24 8.78 -32.89
N ARG D 150 19.85 9.93 -32.60
CA ARG D 150 19.13 11.02 -31.95
C ARG D 150 18.08 11.60 -32.88
N ILE D 151 18.51 12.12 -34.02
CA ILE D 151 17.60 12.78 -34.97
C ILE D 151 16.55 11.81 -35.50
N LYS D 152 16.88 10.52 -35.56
CA LYS D 152 15.93 9.53 -36.06
C LYS D 152 14.66 9.50 -35.22
N GLN D 153 14.82 9.36 -33.91
CA GLN D 153 13.67 9.31 -33.01
C GLN D 153 13.11 10.69 -32.69
N LEU D 154 13.98 11.71 -32.56
CA LEU D 154 13.48 13.04 -32.21
C LEU D 154 12.56 13.60 -33.29
N LEU D 155 12.92 13.43 -34.56
CA LEU D 155 11.99 13.81 -35.63
C LEU D 155 10.80 12.87 -35.71
N GLY D 156 10.89 11.68 -35.14
CA GLY D 156 9.74 10.82 -34.98
C GLY D 156 8.87 11.17 -33.79
N LYS D 157 9.41 11.97 -32.86
CA LYS D 157 8.55 12.57 -31.85
C LYS D 157 7.64 13.61 -32.46
N GLY D 158 8.17 14.44 -33.36
CA GLY D 158 7.46 15.60 -33.83
C GLY D 158 6.39 15.29 -34.88
N LEU D 159 6.73 14.46 -35.85
CA LEU D 159 5.73 14.03 -36.84
C LEU D 159 4.59 13.27 -36.21
N ILE D 160 4.74 12.79 -34.97
CA ILE D 160 3.64 12.26 -34.20
C ILE D 160 2.99 13.35 -33.37
N LYS D 161 3.76 14.33 -32.93
CA LYS D 161 3.26 15.32 -31.98
C LYS D 161 2.56 16.46 -32.70
N ALA D 162 3.22 17.06 -33.67
CA ALA D 162 2.63 18.17 -34.42
C ALA D 162 1.63 17.72 -35.46
N ALA D 163 1.23 16.44 -35.46
CA ALA D 163 0.19 15.94 -36.35
C ALA D 163 -0.93 15.22 -35.65
N VAL D 164 -0.68 14.56 -34.52
CA VAL D 164 -1.77 13.94 -33.78
C VAL D 164 -2.67 15.01 -33.17
N THR D 165 -2.09 16.13 -32.76
CA THR D 165 -2.87 17.19 -32.15
C THR D 165 -3.75 17.86 -33.18
N THR D 166 -3.17 18.19 -34.33
CA THR D 166 -3.90 18.66 -35.48
C THR D 166 -4.50 17.48 -36.22
N GLY D 167 -5.01 17.71 -37.43
CA GLY D 167 -5.49 16.64 -38.28
C GLY D 167 -4.37 16.07 -39.11
N ALA D 168 -3.66 16.95 -39.82
CA ALA D 168 -2.37 16.63 -40.41
C ALA D 168 -2.43 15.50 -41.43
N TRP D 169 -3.00 15.80 -42.58
CA TRP D 169 -2.87 14.92 -43.74
C TRP D 169 -1.45 15.00 -44.28
N ILE D 170 -0.56 14.13 -43.78
CA ILE D 170 0.79 14.06 -44.28
C ILE D 170 0.74 13.58 -45.73
N LEU D 171 1.48 14.26 -46.61
CA LEU D 171 1.61 13.90 -48.02
C LEU D 171 2.99 13.31 -48.25
N THR D 172 3.04 12.03 -48.61
CA THR D 172 4.29 11.31 -48.86
C THR D 172 4.34 10.82 -50.30
N GLY D 173 5.38 10.05 -50.61
CA GLY D 173 5.45 9.30 -51.85
C GLY D 173 4.89 7.90 -51.71
N GLY D 174 4.75 7.41 -50.47
CA GLY D 174 4.23 6.08 -50.22
C GLY D 174 5.29 4.99 -50.24
N VAL D 175 6.12 4.99 -51.28
CA VAL D 175 7.16 3.99 -51.47
C VAL D 175 8.10 3.93 -50.27
N ASN D 176 8.72 2.78 -50.06
CA ASN D 176 9.53 2.54 -48.88
C ASN D 176 10.99 2.92 -49.08
N THR D 177 11.24 3.91 -49.96
CA THR D 177 12.58 4.36 -50.30
C THR D 177 12.81 5.84 -50.08
N GLY D 178 11.79 6.67 -50.28
CA GLY D 178 11.94 8.10 -50.15
C GLY D 178 11.86 8.55 -48.70
N VAL D 179 11.52 9.83 -48.52
CA VAL D 179 11.12 10.32 -47.20
C VAL D 179 9.97 9.51 -46.65
N ALA D 180 9.10 9.01 -47.52
CA ALA D 180 8.08 8.03 -47.16
C ALA D 180 8.65 6.89 -46.32
N LYS D 181 9.90 6.50 -46.58
CA LYS D 181 10.51 5.44 -45.79
C LYS D 181 10.60 5.81 -44.32
N HIS D 182 11.36 6.87 -44.01
CA HIS D 182 11.66 7.19 -42.62
C HIS D 182 10.45 7.66 -41.84
N VAL D 183 9.50 8.33 -42.50
CA VAL D 183 8.32 8.81 -41.81
C VAL D 183 7.51 7.63 -41.29
N GLY D 184 7.43 6.55 -42.07
CA GLY D 184 6.72 5.38 -41.61
C GLY D 184 7.41 4.71 -40.43
N ASP D 185 8.73 4.79 -40.37
CA ASP D 185 9.47 4.23 -39.25
C ASP D 185 9.17 4.97 -37.96
N ALA D 186 8.86 6.26 -38.04
CA ALA D 186 8.46 7.00 -36.86
C ALA D 186 7.07 6.58 -36.40
N LEU D 187 6.20 6.24 -37.34
CA LEU D 187 4.82 5.90 -37.01
C LEU D 187 4.73 4.62 -36.18
N LYS D 188 5.77 3.78 -36.20
CA LYS D 188 5.77 2.53 -35.45
C LYS D 188 6.53 2.65 -34.14
N GLU D 189 7.71 3.27 -34.16
CA GLU D 189 8.49 3.45 -32.94
C GLU D 189 7.71 4.25 -31.94
N HIS D 190 7.20 5.39 -32.39
CA HIS D 190 6.29 6.22 -31.63
C HIS D 190 4.84 5.92 -31.95
N ALA D 191 4.48 4.64 -31.90
CA ALA D 191 3.13 4.22 -32.23
C ALA D 191 2.14 4.86 -31.27
N SER D 192 1.30 5.75 -31.80
CA SER D 192 0.31 6.45 -30.97
C SER D 192 -0.75 5.46 -30.52
N ARG D 193 -1.71 5.97 -29.75
CA ARG D 193 -2.82 5.16 -29.28
C ARG D 193 -3.57 4.60 -30.48
N SER D 194 -3.61 3.27 -30.57
CA SER D 194 -4.05 2.61 -31.79
C SER D 194 -5.51 2.91 -32.03
N SER D 195 -5.76 3.79 -32.99
CA SER D 195 -7.02 4.48 -33.20
C SER D 195 -7.01 4.99 -34.63
N ARG D 196 -7.84 5.98 -34.92
CA ARG D 196 -7.52 6.83 -36.07
C ARG D 196 -6.31 7.67 -35.65
N LYS D 197 -5.13 7.16 -35.99
CA LYS D 197 -3.90 7.91 -35.79
C LYS D 197 -3.74 8.88 -36.96
N ILE D 198 -2.56 9.45 -37.10
CA ILE D 198 -2.31 10.41 -38.17
C ILE D 198 -2.53 9.72 -39.50
N CYS D 199 -3.60 10.11 -40.19
CA CYS D 199 -3.91 9.50 -41.48
C CYS D 199 -2.98 10.08 -42.53
N THR D 200 -1.92 9.34 -42.86
CA THR D 200 -0.98 9.76 -43.88
C THR D 200 -1.57 9.43 -45.24
N ILE D 201 -1.75 10.47 -46.06
CA ILE D 201 -2.31 10.32 -47.39
C ILE D 201 -1.13 10.29 -48.36
N GLY D 202 -0.61 9.09 -48.60
CA GLY D 202 0.57 8.92 -49.42
C GLY D 202 0.29 8.76 -50.89
N ILE D 203 0.53 9.82 -51.66
CA ILE D 203 0.41 9.75 -53.11
C ILE D 203 1.49 8.80 -53.61
N ALA D 204 1.09 7.76 -54.31
CA ALA D 204 1.99 6.82 -54.96
C ALA D 204 1.90 6.99 -56.47
N PRO D 205 3.00 6.91 -57.20
CA PRO D 205 2.89 6.76 -58.66
C PRO D 205 2.54 5.32 -59.01
N TRP D 206 1.96 5.16 -60.20
CA TRP D 206 1.83 3.85 -60.84
C TRP D 206 3.13 3.41 -61.52
N GLY D 207 4.24 4.04 -61.18
CA GLY D 207 5.54 3.81 -61.78
C GLY D 207 6.35 2.88 -60.92
N VAL D 208 7.15 3.43 -60.01
CA VAL D 208 8.02 2.58 -59.19
C VAL D 208 7.16 1.93 -58.12
N ILE D 209 6.57 0.79 -58.47
CA ILE D 209 5.62 0.09 -57.61
C ILE D 209 5.68 -1.39 -57.94
N GLU D 210 5.92 -2.22 -56.93
CA GLU D 210 5.85 -3.66 -57.08
C GLU D 210 4.41 -4.13 -56.86
N ASN D 211 4.09 -5.30 -57.41
CA ASN D 211 2.77 -5.90 -57.27
C ASN D 211 1.68 -5.00 -57.84
N ARG D 212 2.00 -4.26 -58.90
CA ARG D 212 1.02 -3.43 -59.58
C ARG D 212 -0.19 -4.24 -60.05
N ASN D 213 0.02 -5.50 -60.43
CA ASN D 213 -1.08 -6.35 -60.86
C ASN D 213 -2.03 -6.64 -59.70
N ASP D 214 -1.48 -6.83 -58.50
CA ASP D 214 -2.32 -7.08 -57.33
C ASP D 214 -3.24 -5.91 -57.06
N LEU D 215 -2.80 -4.70 -57.37
CA LEU D 215 -3.65 -3.53 -57.20
C LEU D 215 -4.84 -3.54 -58.16
N VAL D 216 -4.76 -4.32 -59.23
CA VAL D 216 -5.82 -4.31 -60.25
C VAL D 216 -6.96 -5.17 -59.73
N GLY D 217 -7.86 -4.56 -58.98
CA GLY D 217 -9.06 -5.21 -58.49
C GLY D 217 -10.11 -4.21 -58.06
N ARG D 218 -11.34 -4.37 -58.57
CA ARG D 218 -12.45 -3.52 -58.15
C ARG D 218 -13.04 -4.08 -56.85
N ASP D 219 -12.95 -3.29 -55.77
CA ASP D 219 -13.29 -3.75 -54.43
C ASP D 219 -12.61 -5.09 -54.12
N VAL D 220 -11.28 -5.05 -54.07
CA VAL D 220 -10.47 -6.25 -53.85
C VAL D 220 -9.47 -5.95 -52.74
N VAL D 221 -9.41 -6.84 -51.75
CA VAL D 221 -8.42 -6.76 -50.70
C VAL D 221 -7.12 -7.30 -51.27
N ALA D 222 -6.29 -6.40 -51.81
CA ALA D 222 -5.04 -6.81 -52.46
C ALA D 222 -4.15 -7.53 -51.45
N PRO D 223 -3.93 -8.84 -51.58
CA PRO D 223 -3.08 -9.53 -50.59
C PRO D 223 -1.62 -9.11 -50.75
N TYR D 224 -1.30 -7.94 -50.22
CA TYR D 224 -0.01 -7.31 -50.48
C TYR D 224 1.02 -7.79 -49.48
N GLN D 225 2.25 -7.92 -49.96
CA GLN D 225 3.36 -8.42 -49.15
C GLN D 225 4.63 -7.74 -49.63
N THR D 226 5.39 -7.17 -48.68
CA THR D 226 6.60 -6.43 -49.01
C THR D 226 7.79 -7.37 -49.02
N LEU D 227 8.36 -7.57 -50.22
CA LEU D 227 9.59 -8.33 -50.38
C LEU D 227 10.78 -7.39 -50.29
N LEU D 228 11.70 -7.69 -49.38
CA LEU D 228 12.95 -6.95 -49.26
C LEU D 228 14.07 -7.58 -50.10
N ASN D 229 13.69 -8.25 -51.18
CA ASN D 229 14.64 -8.84 -52.12
C ASN D 229 15.57 -7.74 -52.66
N PRO D 230 16.88 -7.78 -52.36
CA PRO D 230 17.76 -6.72 -52.89
C PRO D 230 17.89 -6.76 -54.40
N LEU D 231 17.65 -7.92 -55.04
CA LEU D 231 17.62 -7.98 -56.49
C LEU D 231 16.45 -7.20 -57.07
N SER D 232 15.39 -6.99 -56.28
CA SER D 232 14.24 -6.22 -56.73
C SER D 232 14.63 -4.79 -57.07
N LYS D 233 13.84 -4.17 -57.93
CA LYS D 233 14.02 -2.78 -58.34
C LYS D 233 12.78 -1.93 -58.14
N LEU D 234 11.59 -2.51 -58.36
CA LEU D 234 10.35 -1.80 -58.10
C LEU D 234 10.24 -1.53 -56.60
N ASN D 235 9.79 -0.33 -56.25
CA ASN D 235 9.76 0.11 -54.87
C ASN D 235 8.44 -0.29 -54.22
N VAL D 236 8.53 -1.04 -53.13
CA VAL D 236 7.34 -1.44 -52.36
C VAL D 236 6.84 -0.26 -51.56
N LEU D 237 5.51 -0.18 -51.42
CA LEU D 237 4.91 0.81 -50.55
C LEU D 237 5.43 0.65 -49.12
N ASN D 238 5.69 1.78 -48.47
CA ASN D 238 6.11 1.71 -47.08
C ASN D 238 4.96 1.17 -46.24
N ASN D 239 5.33 0.53 -45.13
CA ASN D 239 4.35 -0.14 -44.31
C ASN D 239 3.34 0.84 -43.73
N LEU D 240 3.80 1.70 -42.83
CA LEU D 240 2.88 2.53 -42.05
C LEU D 240 2.45 3.70 -42.89
N HIS D 241 1.50 3.43 -43.79
CA HIS D 241 0.78 4.49 -44.46
C HIS D 241 -0.65 4.06 -44.71
N SER D 242 -1.57 4.90 -44.28
CA SER D 242 -2.98 4.79 -44.57
C SER D 242 -3.18 5.27 -46.00
N HIS D 243 -4.40 5.69 -46.34
CA HIS D 243 -4.92 5.95 -47.69
C HIS D 243 -3.87 6.37 -48.71
N PHE D 244 -3.85 5.73 -49.86
CA PHE D 244 -2.91 6.01 -50.93
C PHE D 244 -3.64 6.66 -52.11
N ILE D 245 -2.87 7.39 -52.92
CA ILE D 245 -3.34 7.90 -54.20
C ILE D 245 -2.38 7.37 -55.26
N LEU D 246 -2.82 6.36 -55.99
CA LEU D 246 -1.99 5.69 -56.99
C LEU D 246 -2.13 6.45 -58.31
N VAL D 247 -1.32 7.49 -58.49
CA VAL D 247 -1.45 8.32 -59.67
C VAL D 247 -1.05 7.50 -60.89
N ASP D 248 -1.90 7.55 -61.92
CA ASP D 248 -1.77 6.69 -63.10
C ASP D 248 -1.53 7.56 -64.31
N ASP D 249 -0.31 7.46 -64.86
CA ASP D 249 0.09 8.19 -66.05
C ASP D 249 0.00 7.34 -67.31
N GLY D 250 -0.47 6.09 -67.21
CA GLY D 250 -0.44 5.16 -68.30
C GLY D 250 0.84 4.37 -68.39
N THR D 251 1.92 4.83 -67.76
CA THR D 251 3.21 4.16 -67.82
C THR D 251 3.53 3.42 -66.54
N VAL D 252 4.65 2.69 -66.56
CA VAL D 252 5.07 1.85 -65.45
C VAL D 252 6.58 2.02 -65.27
N GLY D 253 7.02 1.89 -64.03
CA GLY D 253 8.42 1.95 -63.67
C GLY D 253 9.02 3.34 -63.51
N LYS D 254 8.47 4.35 -64.19
CA LYS D 254 9.06 5.68 -64.22
C LYS D 254 8.27 6.67 -63.37
N TYR D 255 8.91 7.78 -63.02
CA TYR D 255 8.29 8.85 -62.25
C TYR D 255 7.43 9.71 -63.19
N GLY D 256 6.99 10.88 -62.70
CA GLY D 256 6.22 11.81 -63.51
C GLY D 256 4.97 12.35 -62.84
N ALA D 257 3.81 11.96 -63.37
CA ALA D 257 2.49 12.49 -63.04
C ALA D 257 2.23 12.72 -61.56
N GLU D 258 2.75 11.85 -60.69
CA GLU D 258 2.45 11.94 -59.26
C GLU D 258 2.78 13.30 -58.67
N VAL D 259 3.83 13.95 -59.16
CA VAL D 259 4.23 15.26 -58.65
C VAL D 259 3.18 16.31 -59.03
N ARG D 260 2.48 16.09 -60.14
CA ARG D 260 1.47 17.05 -60.56
C ARG D 260 0.31 17.08 -59.57
N LEU D 261 -0.17 15.91 -59.16
CA LEU D 261 -1.27 15.84 -58.20
C LEU D 261 -0.92 16.52 -56.90
N ARG D 262 0.33 16.43 -56.48
CA ARG D 262 0.72 16.79 -55.13
C ARG D 262 0.56 18.28 -54.87
N ARG D 263 1.02 19.13 -55.80
CA ARG D 263 0.62 20.53 -55.79
C ARG D 263 -0.89 20.67 -55.81
N GLU D 264 -1.54 19.90 -56.66
CA GLU D 264 -2.93 20.12 -57.04
C GLU D 264 -3.91 19.62 -55.99
N LEU D 265 -3.42 18.97 -54.93
CA LEU D 265 -4.19 18.78 -53.70
C LEU D 265 -3.70 19.70 -52.59
N GLU D 266 -2.41 19.97 -52.56
CA GLU D 266 -1.82 20.88 -51.59
C GLU D 266 -2.20 22.33 -51.84
N LYS D 267 -2.88 22.62 -52.96
CA LYS D 267 -3.33 23.95 -53.30
C LYS D 267 -4.84 24.14 -53.09
N THR D 268 -5.62 23.07 -53.13
CA THR D 268 -7.05 23.14 -52.85
C THR D 268 -7.38 22.95 -51.38
N ILE D 269 -6.51 22.29 -50.63
CA ILE D 269 -6.68 22.18 -49.19
C ILE D 269 -6.32 23.50 -48.50
N ASN D 270 -5.45 24.30 -49.12
CA ASN D 270 -5.26 25.69 -48.72
C ASN D 270 -6.42 26.58 -49.16
N GLN D 271 -7.39 26.04 -49.89
CA GLN D 271 -8.61 26.74 -50.28
C GLN D 271 -9.82 26.32 -49.45
N GLN D 272 -9.72 25.21 -48.72
CA GLN D 272 -10.76 24.80 -47.79
C GLN D 272 -10.53 25.44 -46.44
N ARG D 273 -11.61 25.74 -45.74
CA ARG D 273 -11.55 26.44 -44.47
C ARG D 273 -11.36 25.45 -43.32
N ILE D 274 -10.72 25.92 -42.25
CA ILE D 274 -10.41 25.06 -41.12
C ILE D 274 -11.69 24.63 -40.41
N HIS D 275 -12.61 25.56 -40.20
CA HIS D 275 -13.81 25.32 -39.42
C HIS D 275 -14.74 26.50 -39.65
N ALA D 276 -16.04 26.23 -39.62
CA ALA D 276 -17.11 27.21 -39.77
C ALA D 276 -16.84 28.52 -39.06
N ARG D 277 -16.22 28.48 -37.89
CA ARG D 277 -15.89 29.70 -37.16
C ARG D 277 -14.72 30.43 -37.79
N ILE D 278 -13.68 29.70 -38.20
CA ILE D 278 -12.48 30.33 -38.75
C ILE D 278 -12.69 30.63 -40.22
N GLY D 279 -12.27 31.82 -40.64
CA GLY D 279 -12.36 32.22 -42.04
C GLY D 279 -11.12 31.91 -42.85
N GLN D 280 -10.01 31.58 -42.20
CA GLN D 280 -8.78 31.22 -42.89
C GLN D 280 -8.97 29.92 -43.66
N GLY D 281 -7.93 29.53 -44.37
CA GLY D 281 -7.86 28.24 -45.05
C GLY D 281 -6.88 27.34 -44.34
N VAL D 282 -7.08 26.02 -44.48
CA VAL D 282 -6.23 25.05 -43.80
C VAL D 282 -4.81 25.24 -44.30
N PRO D 283 -3.85 25.63 -43.46
CA PRO D 283 -2.52 25.93 -43.98
C PRO D 283 -1.78 24.68 -44.43
N VAL D 284 -0.67 24.93 -45.12
CA VAL D 284 0.19 23.88 -45.66
C VAL D 284 1.62 24.21 -45.33
N VAL D 285 2.36 23.21 -44.86
CA VAL D 285 3.78 23.34 -44.58
C VAL D 285 4.50 22.38 -45.50
N ALA D 286 5.83 22.40 -45.47
CA ALA D 286 6.63 21.46 -46.23
C ALA D 286 7.90 21.12 -45.48
N LEU D 287 8.16 19.83 -45.32
CA LEU D 287 9.28 19.31 -44.55
C LEU D 287 10.25 18.62 -45.49
N ILE D 288 11.54 18.76 -45.23
CA ILE D 288 12.59 18.27 -46.12
C ILE D 288 13.50 17.37 -45.31
N PHE D 289 13.59 16.10 -45.72
CA PHE D 289 14.57 15.15 -45.19
C PHE D 289 15.55 14.77 -46.31
N GLU D 290 16.73 15.39 -46.28
CA GLU D 290 17.91 14.98 -47.06
C GLU D 290 17.86 15.32 -48.54
N GLY D 291 16.70 15.73 -49.05
CA GLY D 291 16.49 16.30 -50.36
C GLY D 291 17.24 15.65 -51.52
N GLY D 292 17.68 16.50 -52.44
CA GLY D 292 18.25 16.10 -53.71
C GLY D 292 18.30 17.30 -54.65
N PRO D 293 18.72 17.10 -55.90
CA PRO D 293 18.84 18.24 -56.82
C PRO D 293 17.50 18.84 -57.19
N ASN D 294 16.53 18.01 -57.59
CA ASN D 294 15.19 18.53 -57.86
C ASN D 294 14.54 19.06 -56.60
N VAL D 295 14.97 18.59 -55.43
CA VAL D 295 14.40 19.05 -54.18
C VAL D 295 14.79 20.50 -53.95
N ILE D 296 16.08 20.81 -54.06
CA ILE D 296 16.59 22.17 -53.86
C ILE D 296 15.86 23.15 -54.78
N LEU D 297 15.46 22.68 -55.96
CA LEU D 297 14.65 23.50 -56.84
C LEU D 297 13.26 23.74 -56.25
N THR D 298 12.57 22.67 -55.82
CA THR D 298 11.17 22.79 -55.42
C THR D 298 11.01 23.34 -54.01
N VAL D 299 12.04 23.23 -53.17
CA VAL D 299 12.03 23.96 -51.91
C VAL D 299 11.86 25.44 -52.20
N LEU D 300 12.60 25.93 -53.19
CA LEU D 300 12.68 27.36 -53.44
C LEU D 300 11.36 27.94 -53.93
N GLU D 301 10.76 27.29 -54.92
CA GLU D 301 9.59 27.85 -55.60
C GLU D 301 8.44 28.12 -54.64
N TYR D 302 8.36 27.39 -53.53
CA TYR D 302 7.42 27.73 -52.47
C TYR D 302 7.74 29.10 -51.88
N LEU D 303 8.99 29.31 -51.48
CA LEU D 303 9.45 30.61 -50.98
C LEU D 303 9.22 31.73 -51.98
N GLN D 304 9.09 31.42 -53.26
CA GLN D 304 8.82 32.39 -54.31
C GLN D 304 7.34 32.53 -54.63
N GLU D 305 6.67 31.42 -54.94
CA GLU D 305 5.28 31.46 -55.38
C GLU D 305 4.38 32.00 -54.28
N SER D 306 3.24 32.56 -54.70
CA SER D 306 2.19 33.02 -53.79
C SER D 306 1.00 32.09 -53.87
N PRO D 307 0.40 31.65 -52.74
CA PRO D 307 0.64 31.98 -51.33
C PRO D 307 1.99 31.47 -50.81
N PRO D 308 2.63 32.19 -49.88
CA PRO D 308 3.96 31.76 -49.45
C PRO D 308 3.91 30.52 -48.57
N VAL D 309 3.83 29.36 -49.20
CA VAL D 309 3.93 28.07 -48.51
C VAL D 309 5.28 28.02 -47.81
N PRO D 310 5.36 27.99 -46.47
CA PRO D 310 6.68 27.94 -45.83
C PRO D 310 7.29 26.55 -45.97
N VAL D 311 8.47 26.39 -45.36
CA VAL D 311 9.23 25.16 -45.44
C VAL D 311 9.98 24.96 -44.13
N VAL D 312 10.18 23.70 -43.75
CA VAL D 312 10.80 23.32 -42.48
C VAL D 312 12.05 22.50 -42.71
N VAL D 313 12.86 22.90 -43.70
CA VAL D 313 14.07 22.15 -44.04
C VAL D 313 14.93 21.96 -42.80
N CYS D 314 15.13 20.70 -42.42
CA CYS D 314 15.85 20.34 -41.22
C CYS D 314 17.31 20.10 -41.55
N GLU D 315 18.20 20.47 -40.62
CA GLU D 315 19.60 20.57 -40.98
C GLU D 315 20.34 19.23 -40.87
N GLY D 316 19.90 18.35 -39.98
CA GLY D 316 20.70 17.19 -39.63
C GLY D 316 20.55 15.98 -40.53
N THR D 317 19.52 15.96 -41.37
CA THR D 317 19.14 14.74 -42.08
C THR D 317 20.25 14.27 -43.03
N GLY D 318 20.59 15.06 -44.04
CA GLY D 318 21.65 14.62 -44.93
C GLY D 318 21.88 15.55 -46.10
N ARG D 319 22.27 14.92 -47.22
CA ARG D 319 22.98 15.52 -48.35
C ARG D 319 22.51 16.92 -48.75
N ALA D 320 21.27 17.06 -49.20
CA ALA D 320 20.79 18.36 -49.64
C ALA D 320 20.39 19.23 -48.46
N ALA D 321 19.62 18.66 -47.54
CA ALA D 321 19.10 19.40 -46.40
C ALA D 321 20.21 19.92 -45.51
N ASP D 322 21.33 19.18 -45.41
CA ASP D 322 22.52 19.69 -44.72
C ASP D 322 22.92 21.04 -45.30
N LEU D 323 23.09 21.09 -46.62
CA LEU D 323 23.68 22.26 -47.25
C LEU D 323 22.68 23.41 -47.33
N LEU D 324 21.40 23.11 -47.52
CA LEU D 324 20.39 24.15 -47.46
C LEU D 324 20.31 24.77 -46.07
N ALA D 325 20.71 24.05 -45.04
CA ALA D 325 20.82 24.59 -43.70
C ALA D 325 22.22 25.08 -43.38
N TYR D 326 23.25 24.45 -43.94
CA TYR D 326 24.61 24.97 -43.79
C TYR D 326 24.71 26.40 -44.28
N ILE D 327 24.04 26.71 -45.39
CA ILE D 327 24.05 28.06 -45.91
C ILE D 327 23.26 29.00 -45.02
N HIS D 328 22.32 28.48 -44.22
CA HIS D 328 21.58 29.34 -43.29
C HIS D 328 22.49 29.85 -42.18
N LYS D 329 23.49 29.07 -41.80
CA LYS D 329 24.51 29.55 -40.86
C LYS D 329 25.41 30.60 -41.50
N GLN D 330 25.32 30.79 -42.81
CA GLN D 330 26.02 31.85 -43.54
C GLN D 330 24.99 32.68 -44.30
N THR D 331 25.43 33.57 -45.19
CA THR D 331 24.54 34.27 -46.11
C THR D 331 23.50 35.07 -45.33
N GLU D 332 23.96 36.01 -44.51
CA GLU D 332 23.12 36.63 -43.51
C GLU D 332 22.19 37.64 -44.16
N GLU D 333 20.89 37.51 -43.88
CA GLU D 333 19.84 38.23 -44.60
C GLU D 333 20.00 38.10 -46.11
N GLY D 334 20.37 36.91 -46.59
CA GLY D 334 20.39 36.68 -48.02
C GLY D 334 21.48 37.42 -48.74
N GLY D 335 21.10 38.51 -49.43
CA GLY D 335 21.97 39.28 -50.30
C GLY D 335 23.38 39.52 -49.79
N ASN D 336 23.55 39.77 -48.49
CA ASN D 336 24.89 39.82 -47.93
C ASN D 336 25.51 38.44 -48.02
N LEU D 337 26.62 38.34 -48.74
CA LEU D 337 27.17 37.08 -49.20
C LEU D 337 28.68 37.09 -49.07
N PRO D 338 29.29 36.25 -48.23
CA PRO D 338 30.76 36.17 -48.22
C PRO D 338 31.26 35.57 -49.52
N ASP D 339 31.86 36.40 -50.36
CA ASP D 339 32.43 35.92 -51.62
C ASP D 339 33.59 34.97 -51.41
N ALA D 340 34.18 34.95 -50.21
CA ALA D 340 35.20 33.96 -49.87
C ALA D 340 34.61 32.64 -49.42
N ALA D 341 33.32 32.61 -49.07
CA ALA D 341 32.64 31.37 -48.70
C ALA D 341 31.99 30.67 -49.88
N GLU D 342 31.65 31.39 -50.95
CA GLU D 342 30.99 30.74 -52.06
C GLU D 342 31.90 29.74 -52.79
N PRO D 343 33.23 29.87 -52.78
CA PRO D 343 34.05 28.70 -53.18
C PRO D 343 34.03 27.61 -52.13
N ASP D 344 33.97 27.99 -50.84
CA ASP D 344 34.02 26.99 -49.79
C ASP D 344 32.75 26.16 -49.75
N ILE D 345 31.58 26.79 -49.83
CA ILE D 345 30.33 26.03 -49.77
C ILE D 345 30.13 25.22 -51.05
N ILE D 346 30.49 25.79 -52.22
CA ILE D 346 30.42 25.01 -53.45
C ILE D 346 31.36 23.81 -53.36
N SER D 347 32.48 23.95 -52.65
CA SER D 347 33.33 22.80 -52.39
C SER D 347 32.60 21.78 -51.51
N THR D 348 31.70 22.25 -50.64
CA THR D 348 30.84 21.33 -49.92
C THR D 348 29.72 20.80 -50.81
N ILE D 349 29.27 21.59 -51.78
CA ILE D 349 28.31 21.08 -52.75
C ILE D 349 29.01 20.10 -53.70
N LYS D 350 30.30 20.34 -53.99
CA LYS D 350 31.02 19.46 -54.89
C LYS D 350 31.13 18.04 -54.34
N LYS D 351 31.31 17.90 -53.03
CA LYS D 351 31.62 16.61 -52.44
C LYS D 351 30.38 15.79 -52.10
N THR D 352 29.22 16.43 -51.96
CA THR D 352 28.02 15.73 -51.51
C THR D 352 27.22 15.13 -52.67
N PHE D 353 27.03 15.89 -53.74
CA PHE D 353 26.23 15.46 -54.89
C PHE D 353 27.10 14.99 -56.06
N ASN D 354 28.38 14.67 -55.80
CA ASN D 354 29.46 14.53 -56.80
C ASN D 354 29.26 15.52 -57.94
N PHE D 355 29.23 16.78 -57.56
CA PHE D 355 28.55 17.85 -58.29
C PHE D 355 29.52 18.59 -59.22
N GLY D 356 28.96 19.10 -60.32
CA GLY D 356 29.77 19.76 -61.33
C GLY D 356 29.96 21.25 -61.05
N GLN D 357 31.05 21.79 -61.60
CA GLN D 357 31.36 23.21 -61.44
C GLN D 357 30.70 24.07 -62.52
N SER D 358 30.49 23.53 -63.71
CA SER D 358 29.68 24.23 -64.70
C SER D 358 28.27 24.45 -64.18
N GLU D 359 27.76 23.50 -63.41
CA GLU D 359 26.43 23.59 -62.82
C GLU D 359 26.45 24.23 -61.42
N ALA D 360 27.59 24.80 -61.02
CA ALA D 360 27.72 25.31 -59.65
C ALA D 360 27.25 26.75 -59.48
N VAL D 361 26.91 27.42 -60.57
CA VAL D 361 26.41 28.79 -60.45
C VAL D 361 24.91 28.77 -60.14
N HIS D 362 24.14 27.97 -60.88
CA HIS D 362 22.69 28.06 -60.76
C HIS D 362 22.17 27.28 -59.55
N LEU D 363 22.78 26.14 -59.22
CA LEU D 363 22.41 25.45 -57.98
C LEU D 363 22.78 26.29 -56.77
N PHE D 364 23.98 26.88 -56.78
CA PHE D 364 24.33 27.87 -55.77
C PHE D 364 23.34 29.03 -55.81
N GLN D 365 22.98 29.48 -57.02
CA GLN D 365 21.99 30.55 -57.15
C GLN D 365 20.65 30.12 -56.57
N THR D 366 20.25 28.87 -56.79
CA THR D 366 19.00 28.38 -56.22
C THR D 366 19.00 28.49 -54.69
N MET D 367 20.18 28.36 -54.08
CA MET D 367 20.30 28.54 -52.64
C MET D 367 20.34 30.00 -52.22
N MET D 368 20.32 30.94 -53.17
CA MET D 368 20.35 32.36 -52.82
C MET D 368 18.95 32.89 -52.52
N GLU D 369 18.03 32.76 -53.49
CA GLU D 369 16.65 33.15 -53.26
C GLU D 369 16.02 32.38 -52.10
N CYS D 370 16.55 31.18 -51.81
CA CYS D 370 16.24 30.53 -50.54
C CYS D 370 16.66 31.41 -49.39
N MET D 371 17.86 31.97 -49.48
CA MET D 371 18.39 32.79 -48.40
C MET D 371 17.93 34.24 -48.48
N LYS D 372 17.39 34.66 -49.62
CA LYS D 372 16.73 35.97 -49.65
C LYS D 372 15.44 35.93 -48.84
N LYS D 373 14.80 34.77 -48.77
CA LYS D 373 13.62 34.54 -47.93
C LYS D 373 14.00 33.84 -46.62
N LYS D 374 14.90 34.44 -45.83
CA LYS D 374 15.24 33.88 -44.51
C LYS D 374 14.28 34.39 -43.44
N GLU D 375 12.99 34.24 -43.70
CA GLU D 375 11.94 34.61 -42.77
C GLU D 375 10.98 33.46 -42.56
N LEU D 376 10.64 32.75 -43.64
CA LEU D 376 9.71 31.62 -43.58
C LEU D 376 10.39 30.28 -43.86
N ILE D 377 11.65 30.28 -44.34
CA ILE D 377 12.44 29.06 -44.39
C ILE D 377 12.96 28.78 -42.99
N THR D 378 12.19 28.02 -42.22
CA THR D 378 12.54 27.71 -40.84
C THR D 378 13.56 26.60 -40.82
N VAL D 379 14.83 26.98 -40.84
CA VAL D 379 15.92 26.01 -40.84
C VAL D 379 16.08 25.51 -39.41
N PHE D 380 15.43 24.39 -39.12
CA PHE D 380 15.41 23.83 -37.78
C PHE D 380 16.78 23.27 -37.41
N HIS D 381 17.44 23.90 -36.43
CA HIS D 381 18.73 23.40 -35.96
C HIS D 381 18.46 22.28 -34.96
N ILE D 382 18.39 21.06 -35.49
CA ILE D 382 18.15 19.84 -34.71
C ILE D 382 19.13 19.69 -33.56
N GLY D 383 20.35 20.18 -33.70
CA GLY D 383 21.37 19.99 -32.68
C GLY D 383 21.01 20.59 -31.34
N SER D 384 20.68 21.88 -31.33
CA SER D 384 20.38 22.61 -30.12
C SER D 384 18.88 22.58 -29.83
N GLU D 385 18.45 23.43 -28.90
CA GLU D 385 17.03 23.61 -28.59
C GLU D 385 16.39 24.67 -29.49
N ASP D 386 16.95 24.88 -30.68
CA ASP D 386 16.55 25.99 -31.55
C ASP D 386 15.07 25.95 -31.90
N HIS D 387 14.34 26.92 -31.34
CA HIS D 387 12.92 27.20 -31.50
C HIS D 387 11.96 26.19 -30.86
N GLN D 388 12.40 24.94 -30.69
CA GLN D 388 12.04 23.99 -29.61
C GLN D 388 12.30 22.63 -30.24
N ASP D 389 11.82 21.53 -29.66
CA ASP D 389 11.62 20.32 -30.44
C ASP D 389 10.87 20.63 -31.74
N ILE D 390 11.12 19.81 -32.78
CA ILE D 390 10.62 20.07 -34.13
C ILE D 390 9.11 20.22 -34.19
N ASP D 391 8.37 19.55 -33.29
CA ASP D 391 6.91 19.67 -33.24
C ASP D 391 6.46 21.13 -33.20
N VAL D 392 7.13 21.93 -32.39
CA VAL D 392 6.77 23.33 -32.25
C VAL D 392 7.30 24.13 -33.43
N ALA D 393 8.46 23.74 -33.95
CA ALA D 393 9.08 24.43 -35.08
C ALA D 393 8.16 24.49 -36.28
N ILE D 394 7.54 23.35 -36.63
CA ILE D 394 6.61 23.30 -37.75
C ILE D 394 5.45 24.26 -37.48
N LEU D 395 4.76 24.06 -36.36
CA LEU D 395 3.62 24.91 -36.03
C LEU D 395 4.04 26.35 -35.83
N THR D 396 5.26 26.58 -35.37
CA THR D 396 5.77 27.95 -35.24
C THR D 396 6.13 28.52 -36.61
N ALA D 397 6.51 27.65 -37.56
CA ALA D 397 6.89 28.13 -38.89
C ALA D 397 5.71 28.74 -39.62
N LEU D 398 4.50 28.26 -39.33
CA LEU D 398 3.32 28.74 -40.04
C LEU D 398 2.88 30.10 -39.54
N LEU D 399 2.89 30.29 -38.23
CA LEU D 399 2.40 31.53 -37.64
C LEU D 399 3.32 32.68 -38.00
N LYS D 400 4.57 32.58 -37.60
CA LYS D 400 5.57 33.59 -37.93
C LYS D 400 6.03 33.37 -39.35
N GLY D 401 5.47 34.12 -40.29
CA GLY D 401 5.94 34.14 -41.65
C GLY D 401 4.91 34.34 -42.74
N THR D 402 3.64 33.97 -42.50
CA THR D 402 2.60 34.25 -43.48
C THR D 402 1.92 35.57 -43.16
N ASN D 403 2.73 36.62 -42.92
CA ASN D 403 2.33 38.02 -42.75
C ASN D 403 1.01 38.19 -42.00
N ALA D 404 0.80 37.40 -40.96
CA ALA D 404 -0.50 37.24 -40.34
C ALA D 404 -0.55 37.93 -38.99
N SER D 405 -1.64 38.63 -38.74
CA SER D 405 -1.86 39.29 -37.46
C SER D 405 -1.81 38.28 -36.32
N ALA D 406 -1.49 38.77 -35.12
CA ALA D 406 -1.46 37.92 -33.95
C ALA D 406 -2.82 37.28 -33.69
N PHE D 407 -3.89 38.00 -34.01
CA PHE D 407 -5.21 37.40 -34.06
C PHE D 407 -5.25 36.25 -35.05
N ASP D 408 -4.85 36.51 -36.30
CA ASP D 408 -4.85 35.48 -37.32
C ASP D 408 -3.90 34.34 -36.96
N GLN D 409 -2.89 34.60 -36.13
CA GLN D 409 -2.07 33.54 -35.56
C GLN D 409 -2.79 32.82 -34.44
N LEU D 410 -3.60 33.54 -33.67
CA LEU D 410 -4.31 32.94 -32.56
C LEU D 410 -5.45 32.06 -33.03
N ILE D 411 -6.14 32.49 -34.09
CA ILE D 411 -7.29 31.75 -34.58
C ILE D 411 -6.87 30.41 -35.13
N LEU D 412 -5.63 30.30 -35.59
CA LEU D 412 -5.13 29.02 -36.07
C LEU D 412 -4.84 28.09 -34.90
N THR D 413 -4.01 28.53 -33.95
CA THR D 413 -3.73 27.75 -32.75
C THR D 413 -4.98 27.39 -31.98
N LEU D 414 -6.00 28.26 -32.04
CA LEU D 414 -7.29 27.93 -31.47
C LEU D 414 -7.93 26.74 -32.18
N ALA D 415 -7.65 26.58 -33.47
CA ALA D 415 -8.18 25.45 -34.22
C ALA D 415 -7.37 24.19 -33.95
N TRP D 416 -6.05 24.31 -34.01
CA TRP D 416 -5.16 23.21 -33.65
C TRP D 416 -5.40 22.73 -32.23
N ASP D 417 -5.80 23.63 -31.34
CA ASP D 417 -5.92 23.37 -29.90
C ASP D 417 -4.55 23.17 -29.28
N ARG D 418 -3.54 23.84 -29.84
CA ARG D 418 -2.20 23.90 -29.25
C ARG D 418 -2.07 25.22 -28.51
N VAL D 419 -2.16 25.16 -27.19
CA VAL D 419 -2.02 26.35 -26.38
C VAL D 419 -0.56 26.73 -26.22
N ASP D 420 0.33 25.74 -26.09
CA ASP D 420 1.74 26.01 -25.84
C ASP D 420 2.36 26.87 -26.92
N ILE D 421 1.86 26.72 -28.16
CA ILE D 421 2.22 27.63 -29.23
C ILE D 421 1.81 29.06 -28.88
N ALA D 422 0.66 29.22 -28.25
CA ALA D 422 0.12 30.56 -27.99
C ALA D 422 0.83 31.23 -26.83
N LYS D 423 1.13 30.46 -25.78
CA LYS D 423 1.75 31.03 -24.59
C LYS D 423 3.19 31.47 -24.81
N ASN D 424 3.82 31.04 -25.90
CA ASN D 424 5.26 31.22 -26.08
C ASN D 424 5.66 31.69 -27.48
N HIS D 425 4.69 31.89 -28.39
CA HIS D 425 5.00 32.44 -29.69
C HIS D 425 3.96 33.45 -30.19
N VAL D 426 2.90 33.67 -29.42
CA VAL D 426 1.89 34.70 -29.74
C VAL D 426 1.73 35.66 -28.56
N PHE D 427 1.56 35.12 -27.35
CA PHE D 427 1.54 35.91 -26.12
C PHE D 427 2.96 36.02 -25.55
N VAL D 428 3.84 36.65 -26.32
CA VAL D 428 5.25 36.69 -25.97
C VAL D 428 5.63 38.02 -25.32
N TYR D 429 5.48 39.12 -26.04
CA TYR D 429 6.06 40.41 -25.66
C TYR D 429 5.24 41.49 -26.36
N GLY D 430 5.79 42.71 -26.45
CA GLY D 430 5.24 43.79 -27.23
C GLY D 430 4.66 43.35 -28.57
N GLN D 431 3.37 43.58 -28.73
CA GLN D 431 2.58 42.98 -29.80
C GLN D 431 1.25 43.73 -29.82
N GLN D 432 0.71 43.97 -31.03
CA GLN D 432 -0.30 45.01 -31.18
C GLN D 432 -1.56 44.73 -30.38
N TRP D 433 -2.09 43.50 -30.45
CA TRP D 433 -3.25 43.07 -29.68
C TRP D 433 -4.42 44.05 -29.74
N LEU D 434 -4.97 44.21 -30.94
CA LEU D 434 -6.14 45.07 -31.10
C LEU D 434 -7.30 44.50 -30.30
N VAL D 435 -7.73 45.26 -29.28
CA VAL D 435 -8.62 44.75 -28.23
C VAL D 435 -9.88 44.09 -28.76
N GLY D 436 -10.49 44.64 -29.82
CA GLY D 436 -11.62 44.00 -30.43
C GLY D 436 -11.33 42.60 -30.95
N SER D 437 -10.07 42.33 -31.29
CA SER D 437 -9.67 41.03 -31.78
C SER D 437 -9.75 39.97 -30.68
N LEU D 438 -9.09 40.25 -29.55
CA LEU D 438 -9.13 39.38 -28.38
C LEU D 438 -10.55 38.98 -28.02
N GLU D 439 -11.47 39.95 -28.05
CA GLU D 439 -12.86 39.66 -27.76
C GLU D 439 -13.41 38.61 -28.73
N GLN D 440 -13.22 38.83 -30.03
CA GLN D 440 -13.74 37.90 -31.03
C GLN D 440 -13.14 36.51 -30.87
N ALA D 441 -11.88 36.43 -30.42
CA ALA D 441 -11.27 35.13 -30.20
C ALA D 441 -11.92 34.40 -29.03
N MET D 442 -12.31 35.14 -27.99
CA MET D 442 -13.02 34.52 -26.89
C MET D 442 -14.34 33.94 -27.35
N LEU D 443 -15.02 34.66 -28.26
CA LEU D 443 -16.28 34.16 -28.80
C LEU D 443 -16.09 32.82 -29.48
N ASP D 444 -14.92 32.57 -30.04
CA ASP D 444 -14.67 31.34 -30.78
C ASP D 444 -14.24 30.22 -29.86
N ALA D 445 -13.32 30.50 -28.93
CA ALA D 445 -12.93 29.53 -27.92
C ALA D 445 -14.10 29.07 -27.05
N LEU D 446 -15.09 29.93 -26.86
CA LEU D 446 -16.25 29.57 -26.09
C LEU D 446 -17.17 28.64 -26.86
N VAL D 447 -17.53 29.01 -28.09
CA VAL D 447 -18.46 28.19 -28.84
C VAL D 447 -17.89 26.81 -29.10
N MET D 448 -16.56 26.66 -29.22
CA MET D 448 -16.09 25.32 -29.47
C MET D 448 -16.06 24.52 -28.16
N ASP D 449 -14.91 24.43 -27.48
CA ASP D 449 -14.87 24.16 -26.05
C ASP D 449 -13.52 24.55 -25.46
N ARG D 450 -12.74 25.36 -26.17
CA ARG D 450 -11.30 25.44 -25.95
C ARG D 450 -11.02 26.16 -24.64
N VAL D 451 -11.21 25.43 -23.55
CA VAL D 451 -11.02 25.95 -22.20
C VAL D 451 -9.64 26.58 -22.03
N SER D 452 -8.62 25.98 -22.64
CA SER D 452 -7.25 26.36 -22.34
C SER D 452 -6.92 27.72 -22.93
N PHE D 453 -7.60 28.11 -24.01
CA PHE D 453 -7.43 29.45 -24.56
C PHE D 453 -8.28 30.46 -23.83
N VAL D 454 -9.41 30.03 -23.26
CA VAL D 454 -10.21 30.90 -22.41
C VAL D 454 -9.36 31.35 -21.23
N LYS D 455 -8.79 30.39 -20.50
CA LYS D 455 -7.84 30.66 -19.43
C LYS D 455 -6.74 31.58 -19.90
N LEU D 456 -6.21 31.30 -21.09
CA LEU D 456 -5.14 32.11 -21.63
C LEU D 456 -5.60 33.54 -21.86
N LEU D 457 -6.78 33.72 -22.45
CA LEU D 457 -7.24 35.05 -22.80
C LEU D 457 -7.64 35.83 -21.54
N ILE D 458 -8.24 35.16 -20.56
CA ILE D 458 -8.52 35.81 -19.29
C ILE D 458 -7.21 36.27 -18.65
N GLU D 459 -6.19 35.42 -18.72
CA GLU D 459 -4.88 35.76 -18.17
C GLU D 459 -4.08 36.65 -19.11
N ASN D 460 -4.70 37.21 -20.14
CA ASN D 460 -4.09 38.26 -20.95
C ASN D 460 -5.09 39.35 -21.29
N GLY D 461 -6.01 39.65 -20.39
CA GLY D 461 -6.81 40.86 -20.48
C GLY D 461 -8.10 40.77 -21.27
N VAL D 462 -8.99 39.88 -20.85
CA VAL D 462 -10.35 39.85 -21.35
C VAL D 462 -11.29 39.89 -20.15
N SER D 463 -11.70 41.09 -19.75
CA SER D 463 -12.64 41.24 -18.67
C SER D 463 -14.03 40.90 -19.17
N MET D 464 -14.58 39.78 -18.71
CA MET D 464 -15.85 39.27 -19.19
C MET D 464 -16.97 40.28 -19.05
N HIS D 465 -16.86 41.24 -18.14
CA HIS D 465 -17.87 42.29 -18.06
C HIS D 465 -17.99 43.00 -19.38
N LYS D 466 -16.85 43.37 -19.97
CA LYS D 466 -16.87 44.04 -21.26
C LYS D 466 -17.31 43.09 -22.38
N PHE D 467 -16.84 41.86 -22.35
CA PHE D 467 -17.18 40.83 -23.33
C PHE D 467 -18.22 39.89 -22.74
N LEU D 468 -19.45 40.37 -22.56
CA LEU D 468 -20.54 39.41 -22.41
C LEU D 468 -21.88 40.00 -22.81
N THR D 469 -21.89 40.91 -23.79
CA THR D 469 -23.10 41.64 -24.15
C THR D 469 -24.24 40.71 -24.54
N ILE D 470 -25.42 41.28 -24.70
CA ILE D 470 -26.61 40.48 -24.95
C ILE D 470 -26.46 39.72 -26.27
N PRO D 471 -26.19 40.36 -27.41
CA PRO D 471 -26.18 39.59 -28.67
C PRO D 471 -25.08 38.56 -28.75
N ARG D 472 -23.92 38.80 -28.12
CA ARG D 472 -22.87 37.81 -28.11
C ARG D 472 -23.34 36.51 -27.46
N LEU D 473 -23.89 36.61 -26.26
CA LEU D 473 -24.34 35.44 -25.52
C LEU D 473 -25.55 34.77 -26.14
N GLU D 474 -26.34 35.51 -26.94
CA GLU D 474 -27.40 34.85 -27.70
C GLU D 474 -26.81 33.83 -28.66
N GLU D 475 -25.65 34.12 -29.24
CA GLU D 475 -25.01 33.19 -30.14
C GLU D 475 -24.61 31.92 -29.41
N LEU D 476 -23.90 32.08 -28.31
CA LEU D 476 -23.29 30.99 -27.56
C LEU D 476 -24.27 29.85 -27.28
N TYR D 477 -25.56 30.16 -27.13
CA TYR D 477 -26.57 29.10 -27.12
C TYR D 477 -26.87 28.61 -28.54
N ASN D 478 -26.91 29.53 -29.49
CA ASN D 478 -27.32 29.25 -30.87
C ASN D 478 -26.14 28.97 -31.78
N THR D 479 -25.33 27.98 -31.41
CA THR D 479 -24.23 27.52 -32.25
C THR D 479 -24.23 26.01 -32.30
N LYS D 480 -24.34 25.47 -33.51
CA LYS D 480 -23.92 24.12 -33.80
C LYS D 480 -22.43 24.04 -34.11
N GLN D 481 -21.73 25.17 -34.05
CA GLN D 481 -20.29 25.22 -34.31
C GLN D 481 -19.52 24.80 -33.07
N GLY D 482 -19.81 23.61 -32.55
CA GLY D 482 -19.14 23.09 -31.39
C GLY D 482 -19.97 22.01 -30.73
N PRO D 483 -19.40 21.36 -29.71
CA PRO D 483 -20.16 20.39 -28.92
C PRO D 483 -21.46 20.95 -28.38
N THR D 484 -22.56 20.30 -28.76
CA THR D 484 -23.91 20.76 -28.49
C THR D 484 -24.60 19.73 -27.61
N ASN D 485 -25.68 20.16 -26.95
CA ASN D 485 -26.53 19.27 -26.16
C ASN D 485 -27.91 19.25 -26.80
N PRO D 486 -28.41 18.10 -27.29
CA PRO D 486 -29.74 18.10 -27.91
C PRO D 486 -30.88 18.35 -26.93
N MET D 487 -30.65 18.22 -25.63
CA MET D 487 -31.69 18.51 -24.65
C MET D 487 -32.19 19.94 -24.77
N LEU D 488 -31.26 20.89 -24.93
CA LEU D 488 -31.61 22.30 -24.83
C LEU D 488 -32.63 22.69 -25.90
N PHE D 489 -32.48 22.17 -27.11
CA PHE D 489 -33.46 22.41 -28.13
C PHE D 489 -34.71 21.57 -27.93
N HIS D 490 -34.66 20.58 -27.04
CA HIS D 490 -35.84 19.81 -26.66
C HIS D 490 -36.55 20.43 -25.46
N LEU D 491 -35.79 21.02 -24.55
CA LEU D 491 -36.39 21.71 -23.41
C LEU D 491 -37.15 22.93 -23.86
N ILE D 492 -36.55 23.73 -24.75
CA ILE D 492 -37.14 25.00 -25.14
C ILE D 492 -38.46 24.79 -25.86
N ARG D 493 -38.53 23.78 -26.73
CA ARG D 493 -39.78 23.49 -27.41
C ARG D 493 -40.84 22.93 -26.46
N ASP D 494 -40.45 22.43 -25.29
CA ASP D 494 -41.42 21.96 -24.31
C ASP D 494 -42.05 23.13 -23.57
N VAL D 495 -41.22 24.02 -23.01
CA VAL D 495 -41.74 25.12 -22.20
C VAL D 495 -42.54 26.09 -23.04
N LYS D 496 -42.12 26.31 -24.29
CA LYS D 496 -42.93 27.09 -25.22
C LYS D 496 -44.23 26.39 -25.58
N GLN D 497 -44.34 25.09 -25.30
CA GLN D 497 -45.57 24.32 -25.50
C GLN D 497 -46.02 24.38 -26.96
N GLY D 498 -45.15 23.91 -27.84
CA GLY D 498 -45.41 23.98 -29.26
C GLY D 498 -44.28 23.37 -30.08
N ASN D 499 -43.86 24.09 -31.11
CA ASN D 499 -42.78 23.66 -31.99
C ASN D 499 -42.03 24.87 -32.46
N LEU D 500 -40.71 24.83 -32.36
CA LEU D 500 -39.88 25.95 -32.73
C LEU D 500 -40.08 26.28 -34.21
N PRO D 501 -40.18 27.56 -34.59
CA PRO D 501 -40.19 27.89 -36.03
C PRO D 501 -38.93 27.43 -36.72
N PRO D 502 -38.88 27.47 -38.06
CA PRO D 502 -37.78 26.81 -38.78
C PRO D 502 -36.39 27.29 -38.40
N GLY D 503 -36.12 28.59 -38.49
CA GLY D 503 -34.82 29.10 -38.12
C GLY D 503 -34.61 29.13 -36.62
N TYR D 504 -35.32 30.04 -35.95
CA TYR D 504 -35.37 30.09 -34.48
C TYR D 504 -34.00 30.21 -33.81
N LYS D 505 -33.42 31.39 -33.81
CA LYS D 505 -32.36 31.68 -32.85
C LYS D 505 -33.00 31.80 -31.47
N ILE D 506 -32.50 31.02 -30.52
CA ILE D 506 -32.97 31.05 -29.14
C ILE D 506 -32.82 32.46 -28.57
N THR D 507 -33.84 32.93 -27.86
CA THR D 507 -33.76 34.14 -27.07
C THR D 507 -33.40 33.80 -25.64
N LEU D 508 -32.77 34.75 -24.95
CA LEU D 508 -32.41 34.52 -23.56
C LEU D 508 -33.63 34.44 -22.67
N ILE D 509 -34.76 34.99 -23.11
CA ILE D 509 -36.02 34.75 -22.41
C ILE D 509 -36.29 33.26 -22.38
N ASP D 510 -36.11 32.58 -23.52
CA ASP D 510 -36.40 31.15 -23.61
C ASP D 510 -35.51 30.35 -22.69
N ILE D 511 -34.30 30.83 -22.41
CA ILE D 511 -33.41 30.17 -21.47
C ILE D 511 -33.93 30.33 -20.05
N GLY D 512 -34.38 31.53 -19.70
CA GLY D 512 -34.95 31.74 -18.39
C GLY D 512 -36.12 30.82 -18.12
N LEU D 513 -36.95 30.60 -19.13
CA LEU D 513 -38.05 29.67 -18.99
C LEU D 513 -37.58 28.22 -18.87
N VAL D 514 -36.31 27.95 -19.11
CA VAL D 514 -35.74 26.62 -18.90
C VAL D 514 -35.19 26.50 -17.50
N ILE D 515 -34.39 27.49 -17.08
CA ILE D 515 -33.72 27.42 -15.80
C ILE D 515 -34.73 27.56 -14.67
N GLU D 516 -35.73 28.42 -14.85
CA GLU D 516 -36.86 28.47 -13.94
C GLU D 516 -37.69 27.21 -13.97
N TYR D 517 -37.52 26.38 -14.99
CA TYR D 517 -38.14 25.06 -15.06
C TYR D 517 -37.20 23.98 -14.56
N LEU D 518 -35.90 24.14 -14.79
CA LEU D 518 -34.93 23.15 -14.33
C LEU D 518 -34.75 23.25 -12.82
N MET D 519 -34.37 24.44 -12.35
CA MET D 519 -34.15 24.65 -10.93
C MET D 519 -35.44 24.46 -10.15
N GLY D 520 -36.50 25.11 -10.57
CA GLY D 520 -37.82 24.73 -10.17
C GLY D 520 -38.29 25.41 -8.90
N GLY D 521 -39.56 25.20 -8.60
CA GLY D 521 -40.16 25.85 -7.46
C GLY D 521 -40.45 27.30 -7.79
N THR D 522 -39.89 28.19 -6.99
CA THR D 522 -40.05 29.62 -7.15
C THR D 522 -38.77 30.30 -7.63
N TYR D 523 -37.91 29.56 -8.31
CA TYR D 523 -36.70 30.16 -8.85
C TYR D 523 -37.08 31.07 -10.00
N ARG D 524 -36.61 32.31 -9.93
CA ARG D 524 -36.91 33.33 -10.92
C ARG D 524 -35.59 33.90 -11.41
N CYS D 525 -35.32 33.73 -12.70
CA CYS D 525 -34.02 34.08 -13.25
C CYS D 525 -34.02 35.52 -13.77
N THR D 526 -32.81 36.10 -13.84
CA THR D 526 -32.61 37.46 -14.36
C THR D 526 -33.30 37.65 -15.70
N TYR D 527 -33.35 36.61 -16.53
CA TYR D 527 -33.78 36.76 -17.91
C TYR D 527 -35.27 37.07 -18.00
N THR D 528 -36.08 36.41 -17.17
CA THR D 528 -37.51 36.57 -17.24
C THR D 528 -38.03 37.83 -16.56
N ARG D 529 -37.20 38.50 -15.77
CA ARG D 529 -37.69 39.62 -15.00
C ARG D 529 -37.90 40.83 -15.89
N LYS D 530 -38.66 41.79 -15.37
CA LYS D 530 -39.11 42.91 -16.16
C LYS D 530 -37.95 43.80 -16.59
N ARG D 531 -36.94 43.96 -15.74
CA ARG D 531 -35.78 44.75 -16.10
C ARG D 531 -35.11 44.20 -17.34
N PHE D 532 -34.70 42.93 -17.30
CA PHE D 532 -34.01 42.35 -18.46
C PHE D 532 -34.96 42.23 -19.64
N ARG D 533 -36.21 41.87 -19.37
CA ARG D 533 -37.19 41.66 -20.42
C ARG D 533 -37.53 42.94 -21.17
N LEU D 534 -37.14 44.09 -20.61
CA LEU D 534 -37.46 45.39 -21.19
C LEU D 534 -36.27 45.97 -21.94
N ILE D 535 -35.07 45.88 -21.35
CA ILE D 535 -33.84 46.22 -22.05
C ILE D 535 -33.50 45.25 -23.16
N TYR D 536 -34.08 44.05 -23.15
CA TYR D 536 -33.82 43.06 -24.18
C TYR D 536 -34.63 43.35 -25.45
N ASN D 537 -35.95 43.43 -25.31
CA ASN D 537 -36.79 43.82 -26.42
C ASN D 537 -36.49 45.23 -26.91
N SER D 538 -35.95 46.08 -26.03
CA SER D 538 -35.46 47.38 -26.46
C SER D 538 -34.38 47.23 -27.52
N LEU D 539 -33.30 46.54 -27.18
CA LEU D 539 -32.19 46.33 -28.11
C LEU D 539 -32.62 45.47 -29.29
N GLU D 613 -23.18 50.61 -20.79
CA GLU D 613 -22.90 49.39 -20.04
C GLU D 613 -24.15 48.76 -19.45
N THR D 614 -25.33 49.15 -19.95
CA THR D 614 -26.57 48.50 -19.57
C THR D 614 -26.83 47.25 -20.39
N LYS D 615 -26.27 47.15 -21.59
CA LYS D 615 -26.37 45.95 -22.41
C LYS D 615 -25.27 44.94 -22.09
N ARG D 616 -24.59 45.10 -20.96
CA ARG D 616 -23.76 44.07 -20.36
C ARG D 616 -24.58 43.35 -19.29
N PHE D 617 -23.93 42.45 -18.53
CA PHE D 617 -24.48 41.79 -17.37
C PHE D 617 -23.70 42.23 -16.14
N PRO D 618 -24.31 42.25 -14.94
CA PRO D 618 -23.54 42.59 -13.75
C PRO D 618 -22.44 41.59 -13.47
N TYR D 619 -22.81 40.31 -13.39
CA TYR D 619 -21.92 39.23 -13.02
C TYR D 619 -21.89 38.19 -14.14
N PRO D 620 -20.89 38.20 -15.03
CA PRO D 620 -21.00 37.39 -16.26
C PRO D 620 -20.82 35.90 -16.07
N LEU D 621 -19.85 35.45 -15.28
CA LEU D 621 -19.59 34.03 -15.10
C LEU D 621 -20.71 33.31 -14.36
N ASN D 622 -21.73 34.02 -13.93
CA ASN D 622 -22.99 33.41 -13.54
C ASN D 622 -23.86 33.12 -14.76
N GLU D 623 -23.61 33.79 -15.88
CA GLU D 623 -24.36 33.56 -17.10
C GLU D 623 -23.69 32.53 -18.00
N LEU D 624 -22.36 32.47 -17.98
CA LEU D 624 -21.64 31.46 -18.73
C LEU D 624 -21.65 30.11 -18.04
N LEU D 625 -21.77 30.11 -16.71
CA LEU D 625 -21.81 28.86 -15.97
C LEU D 625 -23.13 28.15 -16.16
N ILE D 626 -24.24 28.89 -16.25
CA ILE D 626 -25.50 28.28 -16.63
C ILE D 626 -25.55 27.94 -18.11
N TRP D 627 -24.61 28.44 -18.90
CA TRP D 627 -24.52 28.10 -20.30
C TRP D 627 -23.78 26.79 -20.50
N ALA D 628 -22.58 26.70 -19.94
CA ALA D 628 -21.78 25.48 -20.04
C ALA D 628 -22.42 24.28 -19.39
N CYS D 629 -23.44 24.47 -18.56
CA CYS D 629 -24.14 23.38 -17.90
C CYS D 629 -25.41 22.99 -18.63
N LEU D 630 -25.94 23.89 -19.45
CA LEU D 630 -27.01 23.56 -20.38
C LEU D 630 -26.48 22.98 -21.68
N MET D 631 -25.24 23.29 -22.02
CA MET D 631 -24.57 22.78 -23.20
C MET D 631 -23.60 21.65 -22.89
N LYS D 632 -23.66 21.10 -21.68
CA LYS D 632 -22.89 19.92 -21.28
C LYS D 632 -21.40 20.11 -21.49
N ARG D 633 -20.90 21.32 -21.26
CA ARG D 633 -19.48 21.63 -21.36
C ARG D 633 -18.88 21.73 -19.97
N GLN D 634 -18.78 20.57 -19.31
CA GLN D 634 -18.21 20.45 -17.97
C GLN D 634 -16.90 21.18 -17.82
N VAL D 635 -15.91 20.83 -18.64
CA VAL D 635 -14.54 21.32 -18.47
C VAL D 635 -14.50 22.84 -18.52
N MET D 636 -15.45 23.46 -19.21
CA MET D 636 -15.66 24.90 -19.10
C MET D 636 -16.36 25.25 -17.80
N ALA D 637 -17.35 24.45 -17.40
CA ALA D 637 -18.11 24.78 -16.20
C ALA D 637 -17.22 24.74 -14.97
N ARG D 638 -16.36 23.72 -14.89
CA ARG D 638 -15.35 23.67 -13.84
C ARG D 638 -14.38 24.82 -13.90
N PHE D 639 -14.17 25.37 -15.08
CA PHE D 639 -13.27 26.50 -15.23
C PHE D 639 -13.95 27.82 -14.93
N LEU D 640 -15.21 27.95 -15.31
CA LEU D 640 -15.96 29.16 -15.04
C LEU D 640 -16.55 29.17 -13.65
N TRP D 641 -16.73 28.00 -13.06
CA TRP D 641 -17.10 27.91 -11.65
C TRP D 641 -16.01 28.44 -10.74
N GLN D 642 -14.78 27.97 -10.93
CA GLN D 642 -13.71 28.32 -10.02
C GLN D 642 -13.37 29.80 -10.08
N HIS D 643 -13.68 30.44 -11.20
CA HIS D 643 -13.54 31.88 -11.32
C HIS D 643 -14.82 32.56 -10.82
N GLY D 644 -14.77 33.89 -10.77
CA GLY D 644 -15.88 34.64 -10.24
C GLY D 644 -15.95 34.55 -8.73
N GLU D 645 -17.17 34.67 -8.23
CA GLU D 645 -17.47 34.57 -6.81
C GLU D 645 -18.67 33.67 -6.61
N GLU D 646 -19.10 33.55 -5.35
CA GLU D 646 -20.26 32.74 -5.00
C GLU D 646 -20.08 31.29 -5.40
N SER D 647 -18.84 30.80 -5.27
CA SER D 647 -18.47 29.49 -5.79
C SER D 647 -19.27 28.35 -5.18
N MET D 648 -19.84 28.54 -3.99
CA MET D 648 -20.64 27.48 -3.39
C MET D 648 -22.09 27.52 -3.82
N ALA D 649 -22.58 28.65 -4.30
CA ALA D 649 -23.91 28.74 -4.88
C ALA D 649 -23.90 28.37 -6.34
N LYS D 650 -22.77 28.47 -7.00
CA LYS D 650 -22.64 28.10 -8.39
C LYS D 650 -22.49 26.60 -8.58
N ALA D 651 -21.91 25.93 -7.59
CA ALA D 651 -21.74 24.49 -7.60
C ALA D 651 -22.94 23.74 -7.09
N LEU D 652 -23.95 24.45 -6.59
CA LEU D 652 -25.19 23.84 -6.14
C LEU D 652 -26.34 24.24 -7.04
N VAL D 653 -26.14 25.26 -7.87
CA VAL D 653 -27.04 25.51 -8.99
C VAL D 653 -26.73 24.57 -10.13
N ALA D 654 -25.45 24.50 -10.50
CA ALA D 654 -24.98 23.54 -11.50
C ALA D 654 -25.47 22.14 -11.21
N CYS D 655 -25.21 21.64 -10.00
CA CYS D 655 -25.67 20.31 -9.60
C CYS D 655 -27.17 20.16 -9.71
N LYS D 656 -27.91 21.26 -9.63
CA LYS D 656 -29.35 21.21 -9.77
C LYS D 656 -29.78 21.37 -11.22
N ILE D 657 -28.96 22.02 -12.04
CA ILE D 657 -29.27 22.10 -13.45
C ILE D 657 -29.10 20.73 -14.09
N TYR D 658 -27.90 20.16 -13.99
CA TYR D 658 -27.63 18.83 -14.53
C TYR D 658 -28.64 17.80 -14.04
N ARG D 659 -28.71 17.61 -12.72
CA ARG D 659 -29.69 16.72 -12.11
C ARG D 659 -31.09 16.93 -12.66
N SER D 660 -31.49 18.18 -12.90
CA SER D 660 -32.81 18.44 -13.47
C SER D 660 -32.83 18.27 -14.98
N MET D 661 -31.66 18.21 -15.61
CA MET D 661 -31.57 17.82 -17.02
C MET D 661 -31.62 16.31 -17.16
N ALA D 662 -30.81 15.61 -16.36
CA ALA D 662 -30.80 14.16 -16.33
C ALA D 662 -32.19 13.56 -16.19
N TYR D 663 -33.04 14.18 -15.37
CA TYR D 663 -34.38 13.65 -15.17
C TYR D 663 -35.26 13.89 -16.40
N GLU D 664 -34.90 14.87 -17.23
CA GLU D 664 -35.63 15.07 -18.48
C GLU D 664 -35.20 14.05 -19.51
N ALA D 665 -33.90 13.70 -19.51
CA ALA D 665 -33.38 12.68 -20.40
C ALA D 665 -34.08 11.35 -20.19
N LYS D 666 -34.10 10.86 -18.95
CA LYS D 666 -34.77 9.60 -18.64
C LYS D 666 -36.25 9.65 -19.00
N GLN D 667 -36.87 10.82 -18.88
CA GLN D 667 -38.31 10.94 -19.08
C GLN D 667 -38.67 10.85 -20.56
N SER D 668 -38.01 11.66 -21.39
CA SER D 668 -38.25 11.66 -22.82
C SER D 668 -37.05 11.09 -23.55
N ASP D 669 -37.31 10.15 -24.46
CA ASP D 669 -36.26 9.51 -25.25
C ASP D 669 -36.38 9.88 -26.73
N LEU D 670 -35.81 11.03 -27.09
CA LEU D 670 -35.70 11.45 -28.48
C LEU D 670 -34.26 11.37 -28.98
N VAL D 671 -33.29 11.15 -28.09
CA VAL D 671 -31.88 11.04 -28.41
C VAL D 671 -31.27 9.96 -27.53
N ASP D 672 -29.96 9.76 -27.66
CA ASP D 672 -29.22 8.87 -26.76
C ASP D 672 -29.42 9.30 -25.32
N ASP D 673 -29.15 8.40 -24.38
CA ASP D 673 -29.51 8.60 -22.98
C ASP D 673 -28.95 9.88 -22.40
N THR D 674 -27.62 9.98 -22.29
CA THR D 674 -26.92 11.15 -21.78
C THR D 674 -27.15 11.34 -20.28
N SER D 675 -27.99 10.49 -19.67
CA SER D 675 -28.60 10.81 -18.39
C SER D 675 -27.72 10.43 -17.21
N GLU D 676 -26.81 9.48 -17.43
CA GLU D 676 -25.79 9.15 -16.45
C GLU D 676 -24.50 9.91 -16.68
N GLU D 677 -24.36 10.55 -17.84
CA GLU D 677 -23.25 11.47 -18.08
C GLU D 677 -23.45 12.76 -17.31
N LEU D 678 -24.70 13.11 -17.03
CA LEU D 678 -25.03 14.33 -16.30
C LEU D 678 -25.00 14.10 -14.79
N LYS D 679 -25.68 13.07 -14.31
CA LYS D 679 -25.67 12.76 -12.89
C LYS D 679 -24.27 12.55 -12.33
N GLN D 680 -23.29 12.24 -13.17
CA GLN D 680 -21.90 12.28 -12.78
C GLN D 680 -21.34 13.70 -12.86
N TYR D 681 -21.90 14.53 -13.73
CA TYR D 681 -21.52 15.93 -13.80
C TYR D 681 -22.11 16.72 -12.66
N SER D 682 -23.32 16.39 -12.24
CA SER D 682 -23.94 17.07 -11.11
C SER D 682 -23.17 16.75 -9.84
N ASN D 683 -23.11 15.47 -9.49
CA ASN D 683 -22.36 14.96 -8.34
C ASN D 683 -20.89 15.36 -8.32
N ASP D 684 -20.36 15.85 -9.44
CA ASP D 684 -19.03 16.44 -9.46
C ASP D 684 -19.05 17.89 -8.99
N PHE D 685 -20.16 18.60 -9.24
CA PHE D 685 -20.34 19.92 -8.66
C PHE D 685 -20.89 19.84 -7.26
N GLY D 686 -21.77 18.87 -7.00
CA GLY D 686 -22.28 18.62 -5.68
C GLY D 686 -21.33 17.93 -4.73
N GLN D 687 -20.03 17.96 -5.02
CA GLN D 687 -18.99 17.44 -4.15
C GLN D 687 -17.87 18.46 -3.98
N LEU D 688 -17.79 19.45 -4.86
CA LEU D 688 -16.89 20.57 -4.65
C LEU D 688 -17.47 21.53 -3.64
N ALA D 689 -18.80 21.66 -3.63
CA ALA D 689 -19.48 22.43 -2.61
C ALA D 689 -19.19 21.86 -1.23
N VAL D 690 -19.40 20.55 -1.08
CA VAL D 690 -19.25 19.87 0.19
C VAL D 690 -17.81 19.89 0.65
N GLU D 691 -16.89 19.70 -0.28
CA GLU D 691 -15.48 19.80 0.01
C GLU D 691 -15.01 21.24 0.16
N LEU D 692 -15.91 22.21 -0.09
CA LEU D 692 -15.65 23.61 0.15
C LEU D 692 -16.31 24.10 1.43
N LEU D 693 -17.41 23.44 1.83
CA LEU D 693 -17.97 23.66 3.15
C LEU D 693 -17.04 23.18 4.25
N GLU D 694 -16.53 21.95 4.10
CA GLU D 694 -15.56 21.40 5.05
C GLU D 694 -14.35 22.33 5.19
N GLN D 695 -13.85 22.84 4.07
CA GLN D 695 -12.68 23.72 4.12
C GLN D 695 -13.00 25.01 4.86
N SER D 696 -14.25 25.42 4.88
CA SER D 696 -14.66 26.63 5.59
C SER D 696 -14.92 26.33 7.05
N PHE D 697 -15.74 25.31 7.31
CA PHE D 697 -15.98 24.78 8.64
C PHE D 697 -14.68 24.47 9.40
N ARG D 698 -13.61 24.16 8.68
CA ARG D 698 -12.28 23.96 9.25
C ARG D 698 -11.47 25.25 9.31
N GLN D 699 -12.11 26.42 9.12
CA GLN D 699 -11.44 27.70 9.18
C GLN D 699 -12.15 28.66 10.12
N ASP D 700 -13.47 28.65 10.11
CA ASP D 700 -14.26 29.36 11.11
C ASP D 700 -15.65 28.75 11.09
N GLU D 701 -15.99 27.98 12.12
CA GLU D 701 -17.27 27.31 12.16
C GLU D 701 -18.44 28.27 12.19
N THR D 702 -18.21 29.51 12.63
CA THR D 702 -19.29 30.49 12.74
C THR D 702 -19.64 31.07 11.37
N MET D 703 -18.68 31.71 10.73
CA MET D 703 -18.93 32.33 9.43
C MET D 703 -19.37 31.31 8.40
N ALA D 704 -18.71 30.15 8.39
CA ALA D 704 -19.10 29.05 7.52
C ALA D 704 -20.56 28.62 7.69
N MET D 705 -21.23 28.97 8.78
CA MET D 705 -22.66 28.79 8.91
C MET D 705 -23.44 30.02 8.45
N LYS D 706 -22.77 31.15 8.28
CA LYS D 706 -23.37 32.27 7.56
C LYS D 706 -23.33 32.06 6.06
N LEU D 707 -22.36 31.30 5.58
CA LEU D 707 -22.26 31.02 4.16
C LEU D 707 -23.40 30.15 3.65
N LEU D 708 -24.18 29.56 4.56
CA LEU D 708 -25.26 28.67 4.22
C LEU D 708 -26.61 29.34 4.23
N THR D 709 -26.69 30.61 4.65
CA THR D 709 -27.98 31.27 4.82
C THR D 709 -28.01 32.70 4.29
N TYR D 710 -26.92 33.22 3.74
CA TYR D 710 -26.96 34.56 3.20
C TYR D 710 -27.73 34.57 1.90
N GLU D 711 -28.79 35.37 1.86
CA GLU D 711 -29.51 35.62 0.63
C GLU D 711 -28.54 36.01 -0.47
N LEU D 712 -28.71 35.42 -1.64
CA LEU D 712 -27.71 35.46 -2.68
C LEU D 712 -27.92 36.64 -3.63
N LYS D 713 -29.14 36.79 -4.13
CA LYS D 713 -29.60 37.94 -4.92
C LYS D 713 -29.11 37.93 -6.34
N ASN D 714 -28.17 37.04 -6.69
CA ASN D 714 -27.88 36.71 -8.07
C ASN D 714 -28.54 35.42 -8.48
N TRP D 715 -28.86 34.55 -7.52
CA TRP D 715 -29.43 33.24 -7.77
C TRP D 715 -30.82 33.17 -7.14
N SER D 716 -31.60 34.23 -7.39
CA SER D 716 -33.03 34.29 -7.10
C SER D 716 -33.33 34.30 -5.61
N ASN D 717 -32.66 35.23 -4.91
CA ASN D 717 -32.93 35.51 -3.50
C ASN D 717 -32.96 34.22 -2.70
N SER D 718 -31.94 33.42 -2.91
CA SER D 718 -31.91 32.05 -2.46
C SER D 718 -30.69 31.86 -1.58
N THR D 719 -30.35 30.60 -1.33
CA THR D 719 -29.56 30.25 -0.18
C THR D 719 -28.69 29.08 -0.56
N CYS D 720 -27.46 29.01 -0.04
CA CYS D 720 -26.58 27.90 -0.40
C CYS D 720 -26.93 26.59 0.32
N LEU D 721 -28.11 26.52 0.93
CA LEU D 721 -28.58 25.35 1.65
C LEU D 721 -30.00 24.97 1.25
N LYS D 722 -30.76 25.91 0.71
CA LYS D 722 -32.02 25.59 0.06
C LYS D 722 -31.81 25.04 -1.34
N LEU D 723 -30.67 25.32 -1.95
CA LEU D 723 -30.35 24.76 -3.25
C LEU D 723 -30.03 23.29 -3.14
N ALA D 724 -29.08 22.94 -2.27
CA ALA D 724 -28.70 21.56 -2.02
C ALA D 724 -29.89 20.69 -1.71
N VAL D 725 -30.81 21.18 -0.91
CA VAL D 725 -32.05 20.48 -0.62
C VAL D 725 -32.88 20.27 -1.87
N SER D 726 -32.74 21.14 -2.86
CA SER D 726 -33.52 21.04 -4.08
C SER D 726 -32.85 20.08 -5.05
N SER D 727 -31.53 20.05 -5.04
CA SER D 727 -30.75 19.02 -5.71
C SER D 727 -30.71 17.73 -4.93
N ARG D 728 -31.41 17.65 -3.79
CA ARG D 728 -31.42 16.48 -2.92
C ARG D 728 -30.00 16.00 -2.66
N LEU D 729 -29.12 16.94 -2.36
CA LEU D 729 -27.72 16.64 -2.07
C LEU D 729 -27.57 16.39 -0.58
N ARG D 730 -27.36 15.13 -0.26
CA ARG D 730 -27.23 14.71 1.12
C ARG D 730 -25.87 14.97 1.76
N PRO D 731 -24.75 14.88 1.06
CA PRO D 731 -23.46 15.13 1.74
C PRO D 731 -23.22 16.57 2.21
N PHE D 732 -24.16 17.47 2.00
CA PHE D 732 -24.08 18.87 2.37
C PHE D 732 -25.04 19.17 3.51
N VAL D 733 -26.30 18.84 3.31
CA VAL D 733 -27.33 18.96 4.32
C VAL D 733 -27.01 18.06 5.51
N ALA D 734 -26.27 16.98 5.26
CA ALA D 734 -25.80 16.08 6.31
C ALA D 734 -24.31 16.21 6.55
N HIS D 735 -23.78 17.39 6.35
CA HIS D 735 -22.41 17.72 6.71
C HIS D 735 -22.44 18.30 8.13
N THR D 736 -21.29 18.44 8.75
CA THR D 736 -21.28 18.82 10.16
C THR D 736 -21.45 20.31 10.39
N CYS D 737 -21.50 21.12 9.32
CA CYS D 737 -21.74 22.56 9.42
C CYS D 737 -23.18 22.90 9.17
N THR D 738 -23.88 22.10 8.38
CA THR D 738 -25.32 22.15 8.27
C THR D 738 -26.01 21.35 9.35
N GLN D 739 -25.27 20.81 10.31
CA GLN D 739 -25.84 20.07 11.41
C GLN D 739 -25.57 20.72 12.76
N MET D 740 -24.54 21.56 12.83
CA MET D 740 -24.45 22.52 13.93
C MET D 740 -25.48 23.62 13.78
N LEU D 741 -25.50 24.29 12.62
CA LEU D 741 -26.48 25.33 12.35
C LEU D 741 -27.89 24.85 12.60
N LEU D 742 -28.23 23.67 12.08
CA LEU D 742 -29.56 23.14 12.32
C LEU D 742 -29.82 22.92 13.80
N SER D 743 -28.78 22.74 14.59
CA SER D 743 -28.92 22.66 16.04
C SER D 743 -28.92 24.02 16.68
N ASP D 744 -28.11 24.94 16.18
CA ASP D 744 -28.18 26.33 16.61
C ASP D 744 -29.47 27.00 16.19
N MET D 745 -30.09 26.53 15.10
CA MET D 745 -31.46 26.91 14.78
C MET D 745 -32.49 26.15 15.59
N TRP D 746 -32.11 25.00 16.14
CA TRP D 746 -33.04 24.22 16.92
C TRP D 746 -33.19 24.79 18.32
N MET D 747 -32.12 25.38 18.85
CA MET D 747 -32.22 26.07 20.12
C MET D 747 -33.16 27.25 20.03
N GLY D 748 -32.86 28.18 19.15
CA GLY D 748 -33.63 29.38 19.01
C GLY D 748 -32.89 30.52 19.66
N ARG D 749 -33.59 31.24 20.54
CA ARG D 749 -32.92 32.19 21.41
C ARG D 749 -32.29 31.51 22.61
N LEU D 750 -32.87 30.39 23.04
CA LEU D 750 -32.32 29.57 24.11
C LEU D 750 -30.85 29.26 23.91
N ASN D 751 -30.16 29.01 25.01
CA ASN D 751 -28.83 28.41 24.99
C ASN D 751 -28.96 27.09 25.71
N MET D 752 -29.22 26.05 24.92
CA MET D 752 -29.32 24.70 25.43
C MET D 752 -27.97 24.03 25.57
N ARG D 753 -26.89 24.82 25.51
CA ARG D 753 -25.61 24.41 26.04
C ARG D 753 -25.57 24.65 27.54
N LYS D 754 -25.83 25.89 27.97
CA LYS D 754 -25.89 26.19 29.39
C LYS D 754 -27.12 25.60 30.06
N ASN D 755 -28.24 25.54 29.34
CA ASN D 755 -29.48 25.00 29.90
C ASN D 755 -29.49 23.48 29.74
N SER D 756 -30.61 22.86 30.12
CA SER D 756 -30.79 21.43 30.05
C SER D 756 -32.21 21.13 29.63
N TRP D 757 -32.41 19.96 28.99
CA TRP D 757 -33.71 19.63 28.44
C TRP D 757 -34.77 19.52 29.52
N TYR D 758 -34.38 19.20 30.76
CA TYR D 758 -35.33 19.23 31.86
C TYR D 758 -35.98 20.60 31.98
N LYS D 759 -35.21 21.65 31.78
CA LYS D 759 -35.68 22.99 32.07
C LYS D 759 -36.62 23.50 31.00
N VAL D 760 -36.46 23.04 29.76
CA VAL D 760 -37.43 23.31 28.71
C VAL D 760 -38.80 22.80 29.14
N ILE D 761 -38.92 21.49 29.37
CA ILE D 761 -40.19 20.91 29.80
C ILE D 761 -40.64 21.55 31.10
N LEU D 762 -39.71 21.79 32.02
CA LEU D 762 -40.05 22.48 33.26
C LEU D 762 -40.58 23.87 32.99
N SER D 763 -40.06 24.54 31.96
CA SER D 763 -40.47 25.89 31.62
C SER D 763 -41.72 25.94 30.77
N ILE D 764 -42.09 24.83 30.12
CA ILE D 764 -43.30 24.82 29.31
C ILE D 764 -44.53 24.67 30.18
N LEU D 765 -44.41 23.92 31.27
CA LEU D 765 -45.51 23.70 32.19
C LEU D 765 -45.52 24.68 33.35
N VAL D 766 -44.36 25.23 33.70
CA VAL D 766 -44.26 26.37 34.60
C VAL D 766 -43.80 27.55 33.75
N PRO D 767 -44.72 28.35 33.19
CA PRO D 767 -44.31 29.47 32.33
C PRO D 767 -43.38 30.46 33.02
N PRO D 768 -43.55 30.74 34.33
CA PRO D 768 -42.58 31.63 34.98
C PRO D 768 -41.15 31.12 34.96
N ALA D 769 -40.93 29.81 34.90
CA ALA D 769 -39.58 29.28 34.85
C ALA D 769 -38.87 29.60 33.54
N ILE D 770 -39.58 30.14 32.55
CA ILE D 770 -38.95 30.62 31.34
C ILE D 770 -37.92 31.68 31.68
N LEU D 771 -38.19 32.47 32.71
CA LEU D 771 -37.35 33.61 33.07
C LEU D 771 -36.06 33.19 33.75
N MET D 772 -36.00 31.99 34.30
CA MET D 772 -34.80 31.46 34.93
C MET D 772 -33.96 30.62 33.96
N LEU D 773 -33.98 30.96 32.68
CA LEU D 773 -33.24 30.25 31.65
C LEU D 773 -32.10 31.09 31.10
N GLU D 774 -31.07 30.41 30.63
CA GLU D 774 -29.90 31.07 30.05
C GLU D 774 -30.08 31.17 28.54
N TYR D 775 -30.48 32.35 28.09
CA TYR D 775 -30.64 32.59 26.68
C TYR D 775 -29.32 32.95 26.03
N LYS D 776 -29.38 33.18 24.72
CA LYS D 776 -28.26 33.63 23.90
C LYS D 776 -28.46 35.10 23.61
N THR D 777 -27.36 35.80 23.38
CA THR D 777 -27.42 37.20 23.03
C THR D 777 -27.52 37.35 21.51
N LYS D 778 -28.04 38.50 21.09
CA LYS D 778 -28.16 38.76 19.66
C LYS D 778 -26.82 38.91 18.96
N ALA D 779 -25.72 38.93 19.72
CA ALA D 779 -24.38 38.79 19.17
C ALA D 779 -23.95 37.34 19.05
N GLU D 780 -24.69 36.41 19.65
CA GLU D 780 -24.49 34.98 19.45
C GLU D 780 -25.38 34.41 18.36
N MET D 781 -26.55 35.01 18.15
CA MET D 781 -27.47 34.60 17.09
C MET D 781 -27.18 35.27 15.76
N SER D 782 -25.96 35.74 15.56
CA SER D 782 -25.63 36.43 14.32
C SER D 782 -25.74 35.51 13.12
N HIS D 783 -25.11 34.34 13.21
CA HIS D 783 -25.08 33.41 12.10
C HIS D 783 -26.41 32.70 11.88
N ILE D 784 -27.31 32.74 12.84
CA ILE D 784 -28.59 32.05 12.71
C ILE D 784 -29.52 32.91 11.86
N PRO D 785 -30.20 32.36 10.86
CA PRO D 785 -31.26 33.13 10.21
C PRO D 785 -32.45 33.30 11.12
N GLN D 786 -32.98 34.52 11.13
CA GLN D 786 -34.07 34.91 11.99
C GLN D 786 -35.25 35.32 11.13
N SER D 787 -36.42 35.32 11.75
CA SER D 787 -37.64 35.65 11.04
C SER D 787 -37.72 37.15 10.81
N GLN D 788 -38.80 37.57 10.16
CA GLN D 788 -39.04 38.98 9.88
C GLN D 788 -39.10 39.79 11.17
N ASP D 789 -40.08 39.50 12.02
CA ASP D 789 -40.26 40.25 13.25
C ASP D 789 -39.27 39.85 14.33
N ALA D 790 -38.63 38.68 14.19
CA ALA D 790 -37.65 38.24 15.17
C ALA D 790 -36.48 39.20 15.25
N HIS D 791 -36.00 39.65 14.11
CA HIS D 791 -34.89 40.60 14.08
C HIS D 791 -35.34 41.96 14.58
N GLN D 792 -36.60 42.33 14.36
CA GLN D 792 -37.13 43.58 14.87
C GLN D 792 -37.04 43.64 16.38
N MET D 793 -37.37 42.53 17.06
CA MET D 793 -37.28 42.46 18.51
C MET D 793 -35.86 42.76 18.99
N THR D 794 -34.88 41.96 18.55
CA THR D 794 -33.52 42.03 19.07
C THR D 794 -32.92 43.43 18.92
N MET D 795 -33.25 44.13 17.84
CA MET D 795 -32.62 45.42 17.58
C MET D 795 -33.13 46.49 18.53
N GLU D 796 -34.42 46.81 18.48
CA GLU D 796 -34.95 47.95 19.20
C GLU D 796 -35.06 47.85 20.73
N LEU D 838 -32.45 41.24 28.99
CA LEU D 838 -33.49 41.04 27.99
C LEU D 838 -34.87 41.28 28.62
N PRO D 839 -35.70 42.18 28.08
CA PRO D 839 -37.00 42.43 28.70
C PRO D 839 -37.89 41.20 28.75
N ILE D 840 -38.95 41.28 29.55
CA ILE D 840 -39.72 40.11 29.94
C ILE D 840 -40.59 39.64 28.79
N THR D 841 -41.25 40.55 28.08
CA THR D 841 -42.05 40.17 26.92
C THR D 841 -41.20 39.53 25.83
N ARG D 842 -39.89 39.81 25.82
CA ARG D 842 -38.96 39.18 24.90
C ARG D 842 -38.33 37.93 25.49
N LYS D 843 -38.74 37.51 26.68
CA LYS D 843 -38.42 36.18 27.19
C LYS D 843 -39.46 35.15 26.77
N PHE D 844 -40.74 35.50 26.87
CA PHE D 844 -41.78 34.58 26.48
C PHE D 844 -41.86 34.42 24.98
N TYR D 845 -41.57 35.49 24.23
CA TYR D 845 -41.53 35.41 22.78
C TYR D 845 -40.32 34.60 22.32
N ALA D 846 -39.22 34.66 23.06
CA ALA D 846 -38.00 34.01 22.64
C ALA D 846 -38.05 32.51 22.87
N PHE D 847 -38.80 32.08 23.88
CA PHE D 847 -38.91 30.69 24.26
C PHE D 847 -39.93 29.99 23.38
N TYR D 848 -41.17 30.46 23.42
CA TYR D 848 -42.25 29.84 22.70
C TYR D 848 -42.06 29.82 21.19
N HIS D 849 -41.24 30.73 20.64
CA HIS D 849 -40.90 30.75 19.23
C HIS D 849 -39.56 30.08 18.97
N ALA D 850 -39.15 29.18 19.85
CA ALA D 850 -38.01 28.33 19.61
C ALA D 850 -38.48 27.01 19.04
N PRO D 851 -37.78 26.43 18.06
CA PRO D 851 -38.24 25.13 17.56
C PRO D 851 -38.23 24.04 18.60
N ILE D 852 -37.13 23.93 19.36
CA ILE D 852 -37.03 22.95 20.43
C ILE D 852 -38.21 23.05 21.38
N VAL D 853 -38.70 24.27 21.61
CA VAL D 853 -39.88 24.43 22.41
C VAL D 853 -41.12 24.06 21.63
N LYS D 854 -41.20 24.42 20.36
CA LYS D 854 -42.37 24.05 19.57
C LYS D 854 -42.51 22.55 19.49
N PHE D 855 -41.39 21.84 19.42
CA PHE D 855 -41.35 20.41 19.50
C PHE D 855 -41.81 19.85 20.83
N TRP D 856 -41.08 20.13 21.90
CA TRP D 856 -41.39 19.59 23.21
C TRP D 856 -42.69 20.11 23.80
N PHE D 857 -43.39 20.98 23.09
CA PHE D 857 -44.70 21.51 23.44
C PHE D 857 -45.80 20.85 22.61
N ASN D 858 -45.40 20.13 21.55
CA ASN D 858 -46.26 19.19 20.85
C ASN D 858 -46.15 17.78 21.41
N THR D 859 -44.92 17.30 21.61
CA THR D 859 -44.68 15.96 22.11
C THR D 859 -45.29 15.74 23.48
N LEU D 860 -45.65 16.80 24.19
CA LEU D 860 -46.32 16.68 25.47
C LEU D 860 -47.81 16.93 25.35
N ALA D 861 -48.28 17.33 24.17
CA ALA D 861 -49.68 17.26 23.82
C ALA D 861 -50.00 15.98 23.09
N TYR D 862 -49.08 15.53 22.26
CA TYR D 862 -49.25 14.27 21.55
C TYR D 862 -49.14 13.08 22.48
N LEU D 863 -48.14 13.06 23.34
CA LEU D 863 -48.09 12.07 24.38
C LEU D 863 -49.16 12.27 25.44
N GLY D 864 -49.94 13.34 25.35
CA GLY D 864 -51.18 13.45 26.09
C GLY D 864 -52.38 13.15 25.24
N PHE D 865 -52.19 13.13 23.94
CA PHE D 865 -53.16 12.61 23.00
C PHE D 865 -53.17 11.09 23.01
N LEU D 866 -52.01 10.47 22.90
CA LEU D 866 -51.88 9.04 22.92
C LEU D 866 -52.18 8.40 24.27
N MET D 867 -52.11 9.15 25.35
CA MET D 867 -52.54 8.65 26.65
C MET D 867 -54.04 8.72 26.83
N LEU D 868 -54.74 9.47 26.00
CA LEU D 868 -56.19 9.63 26.08
C LEU D 868 -56.93 8.81 25.05
N TYR D 869 -56.50 8.88 23.81
CA TYR D 869 -57.08 8.05 22.77
C TYR D 869 -56.93 6.58 23.12
N THR D 870 -55.72 6.18 23.50
CA THR D 870 -55.48 4.91 24.14
C THR D 870 -56.43 4.64 25.29
N PHE D 871 -56.69 5.62 26.13
CA PHE D 871 -57.67 5.44 27.21
C PHE D 871 -59.06 5.20 26.65
N VAL D 872 -59.36 5.75 25.48
CA VAL D 872 -60.70 5.62 24.91
C VAL D 872 -60.82 4.31 24.15
N VAL D 873 -59.79 4.00 23.36
CA VAL D 873 -59.66 2.70 22.71
C VAL D 873 -59.85 1.57 23.70
N LEU D 874 -59.15 1.62 24.83
CA LEU D 874 -59.16 0.55 25.80
C LEU D 874 -60.42 0.50 26.63
N VAL D 875 -60.97 1.64 26.97
CA VAL D 875 -62.13 1.71 27.86
C VAL D 875 -63.38 1.67 27.01
N LYS D 876 -64.46 1.16 27.60
CA LYS D 876 -65.73 1.05 26.91
C LYS D 876 -66.18 2.41 26.43
N MET D 877 -67.09 2.40 25.46
CA MET D 877 -67.40 3.58 24.68
C MET D 877 -68.91 3.72 24.57
N GLU D 878 -69.41 4.83 25.09
CA GLU D 878 -70.82 5.04 25.32
C GLU D 878 -71.44 5.68 24.10
N GLN D 879 -72.74 5.99 24.19
CA GLN D 879 -73.47 6.53 23.05
C GLN D 879 -72.82 7.81 22.54
N LEU D 880 -72.35 8.65 23.45
CA LEU D 880 -71.68 9.89 23.14
C LEU D 880 -70.22 9.80 23.56
N PRO D 881 -69.32 10.51 22.87
CA PRO D 881 -67.93 10.55 23.33
C PRO D 881 -67.82 11.11 24.74
N SER D 882 -66.72 10.79 25.39
CA SER D 882 -66.43 11.28 26.73
C SER D 882 -65.46 12.45 26.62
N VAL D 883 -65.14 13.02 27.77
CA VAL D 883 -64.24 14.16 27.83
C VAL D 883 -62.90 13.80 27.22
N GLN D 884 -62.45 12.58 27.48
CA GLN D 884 -61.17 12.14 26.95
C GLN D 884 -61.25 11.91 25.44
N GLU D 885 -62.45 11.78 24.88
CA GLU D 885 -62.61 11.48 23.47
C GLU D 885 -62.87 12.72 22.63
N TRP D 886 -63.47 13.77 23.21
CA TRP D 886 -63.66 15.01 22.45
C TRP D 886 -62.35 15.74 22.25
N ILE D 887 -61.47 15.71 23.26
CA ILE D 887 -60.14 16.30 23.16
C ILE D 887 -59.35 15.63 22.03
N VAL D 888 -59.69 14.38 21.75
CA VAL D 888 -58.99 13.54 20.79
C VAL D 888 -59.44 13.86 19.37
N ILE D 889 -60.74 13.92 19.17
CA ILE D 889 -61.31 14.48 17.95
C ILE D 889 -60.73 15.86 17.70
N ALA D 890 -60.65 16.67 18.76
CA ALA D 890 -60.16 18.04 18.64
C ALA D 890 -58.73 18.11 18.18
N TYR D 891 -57.86 17.24 18.68
CA TYR D 891 -56.47 17.23 18.22
C TYR D 891 -56.41 16.94 16.74
N ILE D 892 -57.12 15.89 16.28
CA ILE D 892 -56.95 15.43 14.91
C ILE D 892 -57.49 16.47 13.94
N PHE D 893 -58.66 17.03 14.25
CA PHE D 893 -59.20 18.15 13.49
C PHE D 893 -58.19 19.28 13.35
N THR D 894 -57.77 19.86 14.48
CA THR D 894 -56.77 20.91 14.47
C THR D 894 -55.43 20.44 13.95
N TYR D 895 -55.15 19.14 14.06
CA TYR D 895 -53.99 18.57 13.40
C TYR D 895 -54.24 18.44 11.91
N ALA D 896 -55.49 18.23 11.50
CA ALA D 896 -55.79 18.17 10.07
C ALA D 896 -55.60 19.54 9.44
N ILE D 897 -56.22 20.56 10.03
CA ILE D 897 -56.10 21.95 9.59
C ILE D 897 -54.64 22.34 9.48
N GLU D 898 -53.86 22.00 10.50
CA GLU D 898 -52.42 22.25 10.48
C GLU D 898 -51.72 21.62 9.29
N LYS D 899 -52.33 20.62 8.66
CA LYS D 899 -51.79 19.99 7.47
C LYS D 899 -52.44 20.54 6.21
N VAL D 900 -53.70 20.96 6.30
CA VAL D 900 -54.29 21.80 5.26
C VAL D 900 -53.42 23.05 5.05
N ARG D 901 -53.27 23.85 6.10
CA ARG D 901 -52.46 25.05 6.06
C ARG D 901 -51.01 24.76 5.69
N GLU D 902 -50.52 23.57 6.01
CA GLU D 902 -49.16 23.22 5.60
C GLU D 902 -49.04 23.09 4.09
N VAL D 903 -50.15 22.79 3.41
CA VAL D 903 -50.16 22.77 1.96
C VAL D 903 -50.20 24.18 1.39
N PHE D 904 -51.22 24.95 1.78
CA PHE D 904 -51.45 26.28 1.23
C PHE D 904 -50.26 27.22 1.41
N MET D 905 -49.37 26.94 2.37
CA MET D 905 -48.20 27.77 2.65
C MET D 905 -46.90 27.03 2.38
N SER D 906 -46.91 26.05 1.47
CA SER D 906 -45.70 25.27 1.18
C SER D 906 -44.91 25.87 0.03
N GLU D 907 -44.70 27.19 0.10
CA GLU D 907 -43.73 27.95 -0.69
C GLU D 907 -43.69 27.55 -2.17
N ALA D 908 -44.82 27.73 -2.84
CA ALA D 908 -44.92 27.47 -4.26
C ALA D 908 -46.11 28.24 -4.81
N GLY D 909 -46.32 28.15 -6.12
CA GLY D 909 -47.45 28.76 -6.78
C GLY D 909 -48.37 27.73 -7.40
N LYS D 910 -47.80 26.60 -7.84
CA LYS D 910 -48.56 25.54 -8.48
C LYS D 910 -49.25 24.71 -7.40
N ILE D 911 -50.58 24.78 -7.35
CA ILE D 911 -51.35 23.88 -6.52
C ILE D 911 -51.06 22.44 -6.91
N SER D 912 -50.88 22.18 -8.21
CA SER D 912 -50.55 20.83 -8.67
C SER D 912 -49.21 20.37 -8.13
N GLN D 913 -48.31 21.29 -7.79
CA GLN D 913 -47.00 20.93 -7.24
C GLN D 913 -46.99 20.92 -5.72
N LYS D 914 -47.75 21.80 -5.07
CA LYS D 914 -47.87 21.76 -3.62
C LYS D 914 -48.47 20.44 -3.18
N ILE D 915 -49.63 20.09 -3.75
CA ILE D 915 -50.32 18.86 -3.41
C ILE D 915 -49.44 17.66 -3.71
N LYS D 916 -48.61 17.76 -4.75
CA LYS D 916 -47.75 16.64 -5.13
C LYS D 916 -46.57 16.49 -4.20
N VAL D 917 -46.06 17.58 -3.63
CA VAL D 917 -45.01 17.49 -2.63
C VAL D 917 -45.52 17.19 -1.23
N TRP D 918 -46.81 17.42 -0.96
CA TRP D 918 -47.36 17.13 0.36
C TRP D 918 -47.56 15.63 0.54
N PHE D 919 -48.33 15.00 -0.35
CA PHE D 919 -48.52 13.56 -0.33
C PHE D 919 -47.24 12.78 -0.58
N SER D 920 -46.15 13.43 -0.99
CA SER D 920 -44.91 12.72 -1.27
C SER D 920 -44.13 12.38 0.00
N ASP D 921 -44.49 13.00 1.13
CA ASP D 921 -43.89 12.67 2.40
C ASP D 921 -44.68 11.53 3.03
N TYR D 922 -43.95 10.58 3.59
CA TYR D 922 -44.50 9.35 4.16
C TYR D 922 -45.75 9.58 5.01
N PHE D 923 -45.71 10.58 5.89
CA PHE D 923 -46.77 10.72 6.88
C PHE D 923 -47.92 11.60 6.43
N ASN D 924 -47.73 12.48 5.46
CA ASN D 924 -48.86 13.28 5.01
C ASN D 924 -49.94 12.38 4.42
N VAL D 925 -49.52 11.26 3.85
CA VAL D 925 -50.45 10.23 3.41
C VAL D 925 -51.04 9.52 4.62
N SER D 926 -50.17 8.94 5.45
CA SER D 926 -50.60 8.19 6.63
C SER D 926 -51.48 9.03 7.54
N ASP D 927 -51.11 10.29 7.75
CA ASP D 927 -51.98 11.21 8.47
C ASP D 927 -53.31 11.35 7.75
N THR D 928 -53.27 11.46 6.42
CA THR D 928 -54.52 11.53 5.69
C THR D 928 -55.29 10.22 5.80
N ILE D 929 -54.58 9.09 5.80
CA ILE D 929 -55.22 7.81 6.08
C ILE D 929 -55.77 7.81 7.50
N ALA D 930 -55.02 8.39 8.44
CA ALA D 930 -55.37 8.36 9.85
C ALA D 930 -56.38 9.43 10.22
N ILE D 931 -56.42 10.54 9.50
CA ILE D 931 -57.42 11.57 9.76
C ILE D 931 -58.75 11.19 9.12
N ILE D 932 -58.71 10.75 7.88
CA ILE D 932 -59.93 10.28 7.21
C ILE D 932 -60.54 9.15 8.03
N SER D 933 -59.75 8.11 8.29
CA SER D 933 -60.21 6.96 9.04
C SER D 933 -60.82 7.34 10.38
N PHE D 934 -60.24 8.33 11.04
CA PHE D 934 -60.77 8.70 12.35
C PHE D 934 -62.16 9.30 12.23
N PHE D 935 -62.39 10.08 11.18
CA PHE D 935 -63.69 10.72 11.01
C PHE D 935 -64.67 9.82 10.28
N VAL D 936 -64.17 8.89 9.48
CA VAL D 936 -64.95 7.67 9.25
C VAL D 936 -65.32 7.06 10.58
N GLY D 937 -64.33 6.88 11.46
CA GLY D 937 -64.59 6.32 12.77
C GLY D 937 -65.57 7.15 13.57
N PHE D 938 -65.32 8.45 13.70
CA PHE D 938 -66.28 9.31 14.38
C PHE D 938 -67.57 9.39 13.61
N GLY D 939 -67.49 9.34 12.28
CA GLY D 939 -68.69 9.24 11.47
C GLY D 939 -69.54 8.06 11.85
N LEU D 940 -68.95 6.87 11.84
CA LEU D 940 -69.70 5.67 12.19
C LEU D 940 -69.94 5.56 13.69
N ARG D 941 -69.04 6.11 14.51
CA ARG D 941 -69.20 6.03 15.96
C ARG D 941 -70.30 6.97 16.44
N PHE D 942 -70.23 8.24 16.01
CA PHE D 942 -71.18 9.25 16.43
C PHE D 942 -72.40 9.27 15.52
N GLY D 943 -72.16 9.23 14.21
CA GLY D 943 -73.25 9.14 13.26
C GLY D 943 -73.76 7.73 13.15
N ALA D 944 -74.41 7.27 14.21
CA ALA D 944 -74.95 5.92 14.26
C ALA D 944 -76.06 5.88 15.28
N LYS D 945 -76.86 4.83 15.20
CA LYS D 945 -77.90 4.56 16.16
C LYS D 945 -77.27 3.90 17.38
N TRP D 946 -78.10 3.49 18.33
CA TRP D 946 -77.59 2.92 19.58
C TRP D 946 -78.57 1.86 20.05
N ASN D 947 -78.12 0.60 20.03
CA ASN D 947 -78.96 -0.53 20.44
C ASN D 947 -78.87 -0.63 21.97
N TYR D 948 -79.81 0.02 22.64
CA TYR D 948 -79.76 0.25 24.08
C TYR D 948 -79.58 -1.03 24.87
N ILE D 949 -80.21 -2.13 24.43
CA ILE D 949 -80.14 -3.38 25.16
C ILE D 949 -78.71 -3.88 25.26
N ASN D 950 -77.94 -3.69 24.19
CA ASN D 950 -76.56 -4.19 24.12
C ASN D 950 -75.83 -3.35 23.08
N ALA D 951 -74.80 -2.63 23.50
CA ALA D 951 -73.90 -2.06 22.52
C ALA D 951 -73.13 -3.17 21.81
N TYR D 952 -72.35 -2.79 20.80
CA TYR D 952 -71.56 -3.70 19.99
C TYR D 952 -72.40 -4.66 19.15
N ASP D 953 -73.72 -4.48 19.13
CA ASP D 953 -74.57 -5.11 18.14
C ASP D 953 -74.65 -4.28 16.87
N ASN D 954 -74.62 -2.96 17.01
CA ASN D 954 -74.62 -2.06 15.86
C ASN D 954 -73.30 -2.17 15.13
N HIS D 955 -73.29 -2.90 14.02
CA HIS D 955 -72.05 -3.13 13.29
C HIS D 955 -71.49 -1.87 12.64
N VAL D 956 -72.25 -0.77 12.67
CA VAL D 956 -71.69 0.51 12.26
C VAL D 956 -70.89 1.10 13.40
N PHE D 957 -71.45 1.08 14.61
CA PHE D 957 -70.73 1.50 15.79
C PHE D 957 -69.44 0.70 15.95
N VAL D 958 -69.58 -0.63 15.98
CA VAL D 958 -68.46 -1.55 16.01
C VAL D 958 -67.45 -1.20 14.94
N ALA D 959 -67.91 -0.90 13.74
CA ALA D 959 -66.98 -0.65 12.66
C ALA D 959 -66.09 0.52 12.97
N GLY D 960 -66.66 1.62 13.47
CA GLY D 960 -65.88 2.81 13.77
C GLY D 960 -65.06 2.67 15.03
N ARG D 961 -65.65 2.04 16.05
CA ARG D 961 -64.90 1.52 17.18
C ARG D 961 -63.61 0.86 16.74
N LEU D 962 -63.68 -0.02 15.75
CA LEU D 962 -62.53 -0.76 15.28
C LEU D 962 -61.70 0.00 14.27
N ILE D 963 -62.20 1.11 13.75
CA ILE D 963 -61.31 2.00 13.02
C ILE D 963 -60.36 2.65 13.99
N TYR D 964 -60.85 3.01 15.17
CA TYR D 964 -59.99 3.67 16.15
C TYR D 964 -58.88 2.75 16.60
N CYS D 965 -59.27 1.58 17.11
CA CYS D 965 -58.36 0.55 17.57
C CYS D 965 -57.31 0.18 16.54
N LEU D 966 -57.53 0.47 15.27
CA LEU D 966 -56.54 0.26 14.22
C LEU D 966 -55.90 1.55 13.76
N ASN D 967 -56.59 2.67 13.94
CA ASN D 967 -56.01 3.96 13.59
C ASN D 967 -54.93 4.35 14.57
N ILE D 968 -55.11 3.97 15.84
CA ILE D 968 -54.12 4.05 16.90
C ILE D 968 -52.73 3.63 16.44
N ILE D 969 -52.63 2.63 15.57
CA ILE D 969 -51.33 2.17 15.11
C ILE D 969 -50.67 3.24 14.25
N PHE D 970 -51.45 4.06 13.56
CA PHE D 970 -50.84 5.13 12.78
C PHE D 970 -50.22 6.15 13.70
N TRP D 971 -50.80 6.34 14.88
CA TRP D 971 -50.35 7.38 15.77
C TRP D 971 -49.21 6.90 16.65
N TYR D 972 -49.09 5.61 16.93
CA TYR D 972 -47.88 5.15 17.59
C TYR D 972 -46.67 5.18 16.69
N VAL D 973 -46.85 5.04 15.37
CA VAL D 973 -45.72 5.13 14.47
C VAL D 973 -45.33 6.58 14.20
N ARG D 974 -46.22 7.53 14.47
CA ARG D 974 -45.82 8.92 14.55
C ARG D 974 -44.67 9.10 15.51
N LEU D 975 -44.75 8.47 16.68
CA LEU D 975 -43.74 8.61 17.71
C LEU D 975 -42.36 8.29 17.20
N LEU D 976 -42.24 7.55 16.11
CA LEU D 976 -40.96 7.34 15.48
C LEU D 976 -40.53 8.54 14.64
N ASP D 977 -41.46 9.45 14.35
CA ASP D 977 -41.09 10.77 13.85
C ASP D 977 -40.49 11.61 14.96
N PHE D 978 -41.20 11.71 16.08
CA PHE D 978 -40.70 12.38 17.26
C PHE D 978 -39.48 11.68 17.86
N LEU D 979 -39.49 10.36 17.93
CA LEU D 979 -38.36 9.64 18.49
C LEU D 979 -37.12 9.67 17.61
N ALA D 980 -37.27 9.97 16.34
CA ALA D 980 -36.13 10.01 15.44
C ALA D 980 -35.35 11.31 15.57
N VAL D 981 -35.82 12.26 16.38
CA VAL D 981 -35.04 13.47 16.62
C VAL D 981 -33.68 13.11 17.22
N ASN D 982 -33.62 12.03 17.98
CA ASN D 982 -32.37 11.62 18.54
C ASN D 982 -31.45 11.08 17.47
N GLN D 983 -30.15 11.27 17.66
CA GLN D 983 -29.16 10.87 16.68
C GLN D 983 -28.71 9.42 16.83
N GLN D 984 -29.13 8.74 17.89
CA GLN D 984 -28.93 7.31 18.03
C GLN D 984 -30.14 6.52 17.59
N ALA D 985 -31.34 7.04 17.83
CA ALA D 985 -32.56 6.29 17.57
C ALA D 985 -32.95 6.33 16.11
N GLY D 986 -33.11 7.54 15.56
CA GLY D 986 -33.50 7.75 14.19
C GLY D 986 -32.79 6.87 13.19
N PRO D 987 -31.48 6.73 13.33
CA PRO D 987 -30.74 5.81 12.47
C PRO D 987 -30.99 4.33 12.71
N TYR D 988 -32.01 3.96 13.49
CA TYR D 988 -32.55 2.61 13.50
C TYR D 988 -33.96 2.61 12.93
N VAL D 989 -34.68 3.69 13.14
CA VAL D 989 -36.00 3.88 12.56
C VAL D 989 -35.89 3.93 11.05
N MET D 990 -34.78 4.44 10.55
CA MET D 990 -34.54 4.47 9.12
C MET D 990 -34.01 3.14 8.60
N MET D 991 -33.54 2.27 9.49
CA MET D 991 -33.09 0.93 9.10
C MET D 991 -34.27 -0.01 8.97
N ILE D 992 -35.24 0.12 9.87
CA ILE D 992 -36.44 -0.70 9.89
C ILE D 992 -37.26 -0.56 8.61
N GLY D 993 -36.94 0.42 7.78
CA GLY D 993 -37.53 0.55 6.46
C GLY D 993 -36.65 0.05 5.35
N LYS D 994 -35.35 0.29 5.43
CA LYS D 994 -34.44 -0.08 4.36
C LYS D 994 -34.16 -1.57 4.33
N MET D 995 -34.70 -2.32 5.29
CA MET D 995 -34.58 -3.75 5.33
C MET D 995 -35.87 -4.40 4.90
N VAL D 996 -36.99 -3.93 5.46
CA VAL D 996 -38.33 -4.28 5.01
C VAL D 996 -38.49 -4.21 3.52
N ALA D 997 -37.76 -3.31 2.87
CA ALA D 997 -37.71 -3.27 1.43
C ALA D 997 -36.80 -4.33 0.86
N ASN D 998 -35.54 -4.34 1.29
CA ASN D 998 -34.53 -5.22 0.74
C ASN D 998 -34.71 -6.68 1.14
N MET D 999 -35.67 -6.99 2.00
CA MET D 999 -35.92 -8.34 2.47
C MET D 999 -37.20 -8.94 1.91
N PHE D 1000 -37.84 -8.27 0.97
CA PHE D 1000 -39.14 -8.75 0.52
C PHE D 1000 -39.04 -10.10 -0.13
N TYR D 1001 -37.91 -10.43 -0.73
CA TYR D 1001 -37.79 -11.61 -1.55
C TYR D 1001 -37.35 -12.82 -0.77
N ILE D 1002 -36.63 -12.64 0.32
CA ILE D 1002 -36.43 -13.74 1.24
C ILE D 1002 -37.76 -14.14 1.83
N VAL D 1003 -38.66 -13.18 2.00
CA VAL D 1003 -39.94 -13.39 2.65
C VAL D 1003 -41.01 -13.91 1.70
N VAL D 1004 -40.81 -13.77 0.39
CA VAL D 1004 -41.70 -14.44 -0.54
C VAL D 1004 -41.39 -15.91 -0.56
N ILE D 1005 -40.11 -16.24 -0.56
CA ILE D 1005 -39.69 -17.63 -0.51
C ILE D 1005 -40.27 -18.28 0.73
N MET D 1006 -40.13 -17.64 1.89
CA MET D 1006 -40.71 -18.13 3.12
C MET D 1006 -42.22 -18.27 3.09
N ALA D 1007 -42.90 -17.71 2.09
CA ALA D 1007 -44.32 -17.92 1.88
C ALA D 1007 -44.61 -18.92 0.78
N LEU D 1008 -43.62 -19.28 0.01
CA LEU D 1008 -43.65 -20.41 -0.90
C LEU D 1008 -43.37 -21.71 -0.18
N VAL D 1009 -42.49 -21.65 0.81
CA VAL D 1009 -42.23 -22.76 1.72
C VAL D 1009 -43.40 -23.00 2.65
N LEU D 1010 -44.19 -21.97 2.90
CA LEU D 1010 -45.30 -22.00 3.83
C LEU D 1010 -46.56 -22.56 3.23
N LEU D 1011 -46.70 -22.50 1.91
CA LEU D 1011 -47.78 -23.12 1.19
C LEU D 1011 -47.38 -24.46 0.60
N SER D 1012 -46.09 -24.65 0.35
CA SER D 1012 -45.56 -25.97 0.06
C SER D 1012 -45.85 -26.95 1.19
N PHE D 1013 -45.86 -26.48 2.44
CA PHE D 1013 -46.23 -27.30 3.59
C PHE D 1013 -47.71 -27.24 3.93
N GLY D 1014 -48.34 -26.09 3.80
CA GLY D 1014 -49.70 -25.94 4.28
C GLY D 1014 -50.74 -26.60 3.42
N VAL D 1015 -50.51 -26.63 2.11
CA VAL D 1015 -51.46 -27.23 1.18
C VAL D 1015 -51.39 -28.76 1.28
N PRO D 1016 -50.22 -29.37 1.37
CA PRO D 1016 -50.21 -30.81 1.66
C PRO D 1016 -50.70 -31.18 3.03
N ARG D 1017 -50.31 -30.43 4.06
CA ARG D 1017 -50.74 -30.70 5.41
C ARG D 1017 -52.24 -30.63 5.56
N LYS D 1018 -52.87 -29.72 4.84
CA LYS D 1018 -54.30 -29.50 4.95
C LYS D 1018 -55.08 -30.49 4.08
N ALA D 1019 -54.46 -30.97 3.02
CA ALA D 1019 -55.05 -31.97 2.16
C ALA D 1019 -54.87 -33.38 2.70
N ILE D 1020 -53.70 -33.66 3.26
CA ILE D 1020 -53.39 -34.98 3.79
C ILE D 1020 -54.19 -35.27 5.05
N LEU D 1021 -54.61 -34.24 5.77
CA LEU D 1021 -55.20 -34.38 7.10
C LEU D 1021 -56.70 -34.13 7.10
N TYR D 1022 -57.16 -33.20 6.28
CA TYR D 1022 -58.56 -32.81 6.18
C TYR D 1022 -59.03 -33.07 4.75
N PRO D 1023 -59.36 -34.31 4.41
CA PRO D 1023 -59.61 -34.64 3.01
C PRO D 1023 -61.07 -34.56 2.57
N HIS D 1024 -61.98 -34.26 3.48
CA HIS D 1024 -63.41 -34.23 3.19
C HIS D 1024 -63.91 -32.79 3.23
N GLU D 1025 -63.11 -31.90 2.67
CA GLU D 1025 -63.33 -30.47 2.77
C GLU D 1025 -64.13 -29.99 1.58
N GLU D 1026 -65.35 -29.54 1.84
CA GLU D 1026 -66.03 -28.75 0.86
C GLU D 1026 -65.30 -27.43 0.70
N PRO D 1027 -65.51 -26.72 -0.40
CA PRO D 1027 -64.87 -25.41 -0.56
C PRO D 1027 -65.31 -24.45 0.53
N SER D 1028 -64.37 -23.66 1.01
CA SER D 1028 -64.55 -22.85 2.20
C SER D 1028 -63.48 -21.79 2.22
N TRP D 1029 -63.72 -20.79 3.06
CA TRP D 1029 -62.70 -19.79 3.34
C TRP D 1029 -61.73 -20.24 4.42
N SER D 1030 -62.10 -21.23 5.22
CA SER D 1030 -61.18 -21.81 6.17
C SER D 1030 -60.05 -22.59 5.49
N LEU D 1031 -60.25 -23.00 4.24
CA LEU D 1031 -59.15 -23.52 3.42
C LEU D 1031 -58.21 -22.44 2.95
N ALA D 1032 -58.48 -21.18 3.27
CA ALA D 1032 -57.58 -20.08 2.97
C ALA D 1032 -56.78 -19.67 4.19
N LYS D 1033 -57.33 -19.92 5.37
CA LYS D 1033 -56.63 -19.71 6.63
C LYS D 1033 -55.78 -20.93 6.97
N ASP D 1034 -56.37 -22.11 6.92
CA ASP D 1034 -55.74 -23.28 7.49
C ASP D 1034 -54.55 -23.78 6.70
N ILE D 1035 -54.32 -23.23 5.51
CA ILE D 1035 -53.13 -23.54 4.72
C ILE D 1035 -52.05 -22.50 4.94
N VAL D 1036 -52.31 -21.51 5.78
CA VAL D 1036 -51.42 -20.38 5.98
C VAL D 1036 -51.20 -20.11 7.47
N PHE D 1037 -52.11 -20.61 8.30
CA PHE D 1037 -52.20 -20.22 9.70
C PHE D 1037 -51.14 -20.92 10.53
N HIS D 1038 -51.25 -22.23 10.70
CA HIS D 1038 -50.27 -22.94 11.51
C HIS D 1038 -48.87 -22.86 10.94
N PRO D 1039 -48.64 -22.96 9.64
CA PRO D 1039 -47.28 -22.83 9.15
C PRO D 1039 -46.64 -21.48 9.35
N TYR D 1040 -47.40 -20.46 9.74
CA TYR D 1040 -46.83 -19.17 10.05
C TYR D 1040 -46.43 -19.06 11.50
N TRP D 1041 -47.21 -19.67 12.39
CA TRP D 1041 -46.89 -19.62 13.80
C TRP D 1041 -45.79 -20.59 14.15
N MET D 1042 -45.67 -21.70 13.41
CA MET D 1042 -44.51 -22.56 13.48
C MET D 1042 -43.18 -21.83 13.39
N ILE D 1043 -43.10 -20.74 12.65
CA ILE D 1043 -41.85 -20.02 12.48
C ILE D 1043 -41.42 -19.34 13.77
N PHE D 1044 -42.34 -19.18 14.73
CA PHE D 1044 -42.17 -18.32 15.89
C PHE D 1044 -42.30 -19.10 17.17
N GLY D 1045 -41.62 -20.23 17.22
CA GLY D 1045 -41.46 -21.00 18.42
C GLY D 1045 -42.44 -22.12 18.57
N GLU D 1046 -43.53 -22.07 17.83
CA GLU D 1046 -44.57 -23.06 17.98
C GLU D 1046 -44.28 -24.23 17.07
N VAL D 1047 -44.76 -25.39 17.49
CA VAL D 1047 -44.52 -26.63 16.77
C VAL D 1047 -45.81 -27.43 16.64
N TYR D 1048 -46.77 -27.17 17.50
CA TYR D 1048 -48.03 -27.91 17.59
C TYR D 1048 -47.75 -29.40 17.76
N ALA D 1049 -47.13 -29.68 18.91
CA ALA D 1049 -46.46 -30.94 19.11
C ALA D 1049 -47.44 -32.07 19.27
N TYR D 1050 -48.57 -31.79 19.89
CA TYR D 1050 -49.64 -32.75 20.07
C TYR D 1050 -50.65 -32.68 18.94
N GLU D 1051 -50.21 -32.19 17.78
CA GLU D 1051 -50.96 -32.21 16.54
C GLU D 1051 -50.13 -32.80 15.41
N ILE D 1052 -48.81 -32.76 15.51
CA ILE D 1052 -47.95 -33.66 14.75
C ILE D 1052 -48.29 -35.09 15.16
N ASP D 1053 -48.31 -35.98 14.18
CA ASP D 1053 -48.56 -37.39 14.43
C ASP D 1053 -49.91 -37.57 15.11
N VAL D 1054 -50.94 -37.16 14.37
CA VAL D 1054 -52.31 -37.14 14.88
C VAL D 1054 -52.79 -38.52 15.30
N CYS D 1055 -52.16 -39.59 14.84
CA CYS D 1055 -52.52 -40.94 15.24
C CYS D 1055 -51.83 -41.38 16.51
N ALA D 1056 -50.84 -40.62 16.98
CA ALA D 1056 -50.22 -40.89 18.27
C ALA D 1056 -51.25 -40.86 19.37
N ASN D 1057 -50.88 -41.42 20.52
CA ASN D 1057 -51.79 -41.42 21.66
C ASN D 1057 -51.91 -40.03 22.24
N ASP D 1058 -50.78 -39.33 22.37
CA ASP D 1058 -50.76 -37.96 22.85
C ASP D 1058 -51.06 -37.01 21.70
N SER D 1059 -52.34 -36.96 21.34
CA SER D 1059 -52.84 -36.15 20.25
C SER D 1059 -54.00 -35.32 20.74
N THR D 1060 -53.95 -34.03 20.45
CA THR D 1060 -55.11 -33.17 20.48
C THR D 1060 -56.03 -33.38 19.29
N LEU D 1061 -55.60 -34.18 18.31
CA LEU D 1061 -56.33 -34.42 17.07
C LEU D 1061 -56.46 -35.91 16.82
N PRO D 1062 -57.12 -36.65 17.71
CA PRO D 1062 -57.32 -38.08 17.49
C PRO D 1062 -58.40 -38.42 16.48
N THR D 1063 -59.05 -37.41 15.92
CA THR D 1063 -60.08 -37.56 14.90
C THR D 1063 -59.56 -37.28 13.51
N ILE D 1064 -58.41 -36.61 13.42
CA ILE D 1064 -57.75 -36.35 12.15
C ILE D 1064 -56.97 -37.56 11.66
N CYS D 1065 -56.90 -38.62 12.47
CA CYS D 1065 -56.15 -39.80 12.10
C CYS D 1065 -56.86 -40.54 10.98
N GLY D 1066 -56.08 -40.96 9.99
CA GLY D 1066 -56.60 -41.65 8.86
C GLY D 1066 -55.54 -41.88 7.81
N PRO D 1067 -55.94 -42.27 6.61
CA PRO D 1067 -54.96 -42.62 5.59
C PRO D 1067 -54.10 -41.48 5.10
N GLY D 1068 -52.80 -41.57 5.38
CA GLY D 1068 -51.81 -40.65 4.87
C GLY D 1068 -51.28 -39.64 5.86
N THR D 1069 -51.82 -39.60 7.08
CA THR D 1069 -51.49 -38.56 8.04
C THR D 1069 -50.13 -38.76 8.68
N TRP D 1070 -49.49 -39.90 8.46
CA TRP D 1070 -48.12 -40.13 8.85
C TRP D 1070 -47.12 -39.37 8.00
N LEU D 1071 -47.58 -38.67 6.96
CA LEU D 1071 -46.68 -37.93 6.11
C LEU D 1071 -46.33 -36.58 6.68
N THR D 1072 -47.20 -36.03 7.50
CA THR D 1072 -47.10 -34.68 8.00
C THR D 1072 -45.95 -34.48 8.98
N PRO D 1073 -45.58 -35.45 9.84
CA PRO D 1073 -44.34 -35.27 10.59
C PRO D 1073 -43.12 -35.09 9.72
N PHE D 1074 -43.10 -35.72 8.56
CA PHE D 1074 -42.00 -35.55 7.63
C PHE D 1074 -42.06 -34.21 6.94
N LEU D 1075 -43.23 -33.84 6.42
CA LEU D 1075 -43.41 -32.56 5.78
C LEU D 1075 -43.02 -31.42 6.70
N GLN D 1076 -43.39 -31.53 7.96
CA GLN D 1076 -43.13 -30.49 8.95
C GLN D 1076 -41.69 -30.48 9.39
N ALA D 1077 -41.07 -31.64 9.47
CA ALA D 1077 -39.65 -31.74 9.67
C ALA D 1077 -38.88 -31.01 8.60
N VAL D 1078 -39.25 -31.24 7.34
CA VAL D 1078 -38.62 -30.56 6.23
C VAL D 1078 -38.96 -29.09 6.26
N TYR D 1079 -40.20 -28.76 6.63
CA TYR D 1079 -40.64 -27.38 6.66
C TYR D 1079 -39.78 -26.53 7.59
N LEU D 1080 -39.70 -26.91 8.85
CA LEU D 1080 -39.01 -26.11 9.84
C LEU D 1080 -37.52 -26.08 9.64
N PHE D 1081 -36.95 -27.19 9.23
CA PHE D 1081 -35.59 -27.20 8.74
C PHE D 1081 -35.38 -26.12 7.70
N VAL D 1082 -36.32 -25.96 6.79
CA VAL D 1082 -36.19 -24.93 5.76
C VAL D 1082 -36.46 -23.56 6.34
N GLN D 1083 -37.51 -23.42 7.16
CA GLN D 1083 -37.75 -22.13 7.77
C GLN D 1083 -36.63 -21.68 8.68
N TYR D 1084 -36.45 -22.35 9.80
CA TYR D 1084 -35.47 -21.91 10.78
C TYR D 1084 -34.06 -22.05 10.27
N ILE D 1085 -33.67 -23.28 9.96
CA ILE D 1085 -32.27 -23.60 9.77
C ILE D 1085 -31.75 -23.11 8.43
N ILE D 1086 -32.62 -22.69 7.51
CA ILE D 1086 -32.20 -22.15 6.22
C ILE D 1086 -32.68 -20.72 6.03
N MET D 1087 -33.98 -20.48 6.19
CA MET D 1087 -34.53 -19.19 5.78
C MET D 1087 -34.45 -18.15 6.88
N VAL D 1088 -34.71 -18.53 8.11
CA VAL D 1088 -34.51 -17.59 9.22
C VAL D 1088 -33.04 -17.21 9.39
N ASN D 1089 -32.12 -18.15 9.18
CA ASN D 1089 -30.71 -17.80 9.21
C ASN D 1089 -30.26 -17.13 7.93
N LEU D 1090 -31.11 -17.07 6.92
CA LEU D 1090 -30.87 -16.25 5.76
C LEU D 1090 -31.29 -14.82 6.00
N LEU D 1091 -32.27 -14.62 6.88
CA LEU D 1091 -32.58 -13.29 7.37
C LEU D 1091 -31.47 -12.77 8.26
N ILE D 1092 -31.12 -13.51 9.32
CA ILE D 1092 -30.04 -13.13 10.22
C ILE D 1092 -28.80 -12.74 9.43
N ALA D 1093 -28.34 -13.63 8.56
CA ALA D 1093 -27.24 -13.35 7.66
C ALA D 1093 -27.49 -12.11 6.81
N PHE D 1094 -28.73 -11.92 6.35
CA PHE D 1094 -29.07 -10.70 5.63
C PHE D 1094 -28.90 -9.48 6.52
N PHE D 1095 -29.59 -9.45 7.66
CA PHE D 1095 -29.49 -8.32 8.57
C PHE D 1095 -28.08 -8.07 9.08
N ASN D 1096 -27.17 -9.04 9.02
CA ASN D 1096 -25.80 -8.79 9.45
C ASN D 1096 -25.02 -8.02 8.41
N GLN D 1097 -25.23 -8.33 7.14
CA GLN D 1097 -24.43 -7.81 6.05
C GLN D 1097 -25.04 -6.60 5.38
N VAL D 1098 -26.32 -6.32 5.64
CA VAL D 1098 -26.94 -5.08 5.21
C VAL D 1098 -27.09 -4.11 6.39
N TYR D 1099 -26.40 -4.37 7.49
CA TYR D 1099 -26.45 -3.50 8.67
C TYR D 1099 -25.50 -2.34 8.53
N LEU D 1100 -24.27 -2.61 8.15
CA LEU D 1100 -23.27 -1.57 8.04
C LEU D 1100 -23.54 -0.65 6.87
N GLN D 1101 -24.10 -1.18 5.81
CA GLN D 1101 -24.58 -0.38 4.70
C GLN D 1101 -25.68 0.57 5.16
N VAL D 1102 -26.79 -0.01 5.60
CA VAL D 1102 -27.97 0.75 5.97
C VAL D 1102 -27.72 1.65 7.16
N LYS D 1103 -26.65 1.42 7.90
CA LYS D 1103 -26.32 2.26 9.04
C LYS D 1103 -25.53 3.49 8.61
N ALA D 1104 -24.71 3.36 7.58
CA ALA D 1104 -24.04 4.49 6.94
C ALA D 1104 -24.89 5.17 5.89
N ILE D 1105 -26.20 4.91 5.88
CA ILE D 1105 -27.14 5.54 4.97
C ILE D 1105 -28.28 6.14 5.77
N SER D 1106 -28.87 5.34 6.66
CA SER D 1106 -29.91 5.80 7.57
C SER D 1106 -29.48 6.98 8.43
N ASN D 1107 -28.18 7.15 8.65
CA ASN D 1107 -27.67 8.37 9.25
C ASN D 1107 -27.85 9.54 8.29
N ILE D 1108 -27.41 9.36 7.05
CA ILE D 1108 -27.50 10.41 6.04
C ILE D 1108 -28.94 10.68 5.67
N VAL D 1109 -29.76 9.64 5.55
CA VAL D 1109 -31.19 9.82 5.35
C VAL D 1109 -31.83 10.53 6.53
N TRP D 1110 -31.26 10.37 7.72
CA TRP D 1110 -31.81 11.00 8.91
C TRP D 1110 -31.37 12.44 9.04
N LYS D 1111 -30.08 12.69 8.85
CA LYS D 1111 -29.54 14.04 8.87
C LYS D 1111 -30.11 14.92 7.77
N TYR D 1112 -30.72 14.33 6.74
CA TYR D 1112 -31.32 15.06 5.65
C TYR D 1112 -32.81 15.27 5.83
N GLN D 1113 -33.50 14.35 6.48
CA GLN D 1113 -34.87 14.60 6.94
C GLN D 1113 -34.91 15.55 8.12
N ARG D 1114 -33.75 15.87 8.68
CA ARG D 1114 -33.69 16.75 9.83
C ARG D 1114 -33.92 18.19 9.42
N TYR D 1115 -33.28 18.62 8.32
CA TYR D 1115 -33.61 19.88 7.67
C TYR D 1115 -35.12 20.05 7.55
N HIS D 1116 -35.78 19.12 6.89
CA HIS D 1116 -37.21 19.22 6.62
C HIS D 1116 -38.05 19.12 7.88
N PHE D 1117 -37.43 18.81 9.02
CA PHE D 1117 -38.10 18.68 10.29
C PHE D 1117 -37.93 19.96 11.09
N ILE D 1118 -36.68 20.38 11.25
CA ILE D 1118 -36.38 21.62 11.94
C ILE D 1118 -36.99 22.81 11.22
N MET D 1119 -36.77 22.88 9.91
CA MET D 1119 -37.29 23.96 9.09
C MET D 1119 -38.76 23.79 8.76
N ALA D 1120 -39.44 22.91 9.46
CA ALA D 1120 -40.89 22.93 9.54
C ALA D 1120 -41.37 23.54 10.85
N TYR D 1121 -40.50 23.63 11.86
CA TYR D 1121 -40.85 24.26 13.12
C TYR D 1121 -40.60 25.75 13.09
N HIS D 1122 -39.64 26.21 12.28
CA HIS D 1122 -39.46 27.64 12.05
C HIS D 1122 -40.65 28.27 11.35
N GLU D 1123 -41.55 27.47 10.80
CA GLU D 1123 -42.80 27.94 10.26
C GLU D 1123 -43.98 27.20 10.85
N LYS D 1124 -43.74 26.32 11.81
CA LYS D 1124 -44.86 25.82 12.56
C LYS D 1124 -45.32 26.87 13.57
N PRO D 1125 -46.59 26.90 13.91
CA PRO D 1125 -47.01 27.78 14.99
C PRO D 1125 -46.38 27.43 16.32
N VAL D 1126 -46.75 28.24 17.30
CA VAL D 1126 -46.25 28.10 18.65
C VAL D 1126 -47.06 27.09 19.44
N LEU D 1127 -48.33 26.98 19.13
CA LEU D 1127 -49.31 26.36 19.98
C LEU D 1127 -49.53 24.92 19.51
N PRO D 1128 -49.76 23.96 20.41
CA PRO D 1128 -49.82 22.60 19.97
C PRO D 1128 -51.15 22.31 19.29
N PRO D 1129 -51.29 21.18 18.61
CA PRO D 1129 -52.46 21.01 17.77
C PRO D 1129 -53.75 20.64 18.48
N PRO D 1130 -53.89 20.82 19.81
CA PRO D 1130 -55.25 20.96 20.34
C PRO D 1130 -55.77 22.37 20.31
N LEU D 1131 -54.86 23.32 20.48
CA LEU D 1131 -55.18 24.74 20.56
C LEU D 1131 -54.24 25.55 19.67
N ILE D 1132 -53.67 24.91 18.65
CA ILE D 1132 -53.06 25.63 17.54
C ILE D 1132 -54.08 26.42 16.76
N ILE D 1133 -55.36 26.09 16.94
CA ILE D 1133 -56.43 26.75 16.19
C ILE D 1133 -56.43 28.24 16.48
N LEU D 1134 -56.06 28.62 17.71
CA LEU D 1134 -55.95 30.04 18.02
C LEU D 1134 -54.88 30.69 17.18
N SER D 1135 -53.73 30.05 17.01
CA SER D 1135 -52.70 30.55 16.12
C SER D 1135 -53.02 30.35 14.65
N HIS D 1136 -54.16 29.72 14.32
CA HIS D 1136 -54.72 29.75 12.98
C HIS D 1136 -55.81 30.80 12.86
N ILE D 1137 -56.75 30.79 13.80
CA ILE D 1137 -57.69 31.90 13.96
C ILE D 1137 -56.92 33.21 13.91
N VAL D 1138 -55.88 33.32 14.74
CA VAL D 1138 -55.17 34.59 14.88
C VAL D 1138 -54.04 34.65 13.85
N SER D 1139 -54.18 33.88 12.76
CA SER D 1139 -53.40 34.12 11.55
C SER D 1139 -54.28 34.30 10.31
N LEU D 1140 -55.56 33.94 10.36
CA LEU D 1140 -56.42 33.96 9.18
C LEU D 1140 -57.40 35.12 9.17
N PHE D 1141 -58.19 35.36 10.22
CA PHE D 1141 -59.06 36.53 10.19
C PHE D 1141 -58.23 37.81 10.14
N CYS D 1142 -57.03 37.76 10.72
CA CYS D 1142 -56.09 38.88 10.58
C CYS D 1142 -55.52 38.93 9.17
N CYS D 1143 -55.41 37.78 8.50
CA CYS D 1143 -54.98 37.77 7.11
C CYS D 1143 -56.02 38.36 6.18
N VAL D 1144 -57.30 38.21 6.51
CA VAL D 1144 -58.37 38.83 5.72
C VAL D 1144 -58.30 40.36 5.85
N CYS D 1145 -57.68 40.87 6.92
CA CYS D 1145 -57.55 42.32 7.07
C CYS D 1145 -56.49 42.89 6.15
N LYS D 1146 -55.38 42.20 5.95
CA LYS D 1146 -54.35 42.66 5.04
C LYS D 1146 -54.80 42.53 3.58
N GLY D 1156 -39.71 34.20 5.10
CA GLY D 1156 -39.08 33.06 5.73
C GLY D 1156 -37.94 33.46 6.65
N PRO D 1157 -37.29 32.48 7.26
CA PRO D 1157 -36.15 32.77 8.13
C PRO D 1157 -34.91 33.16 7.36
N LYS D 1158 -34.55 34.44 7.44
CA LYS D 1158 -33.49 35.04 6.66
C LYS D 1158 -32.33 35.42 7.57
N LEU D 1159 -31.12 35.50 7.00
CA LEU D 1159 -29.90 35.89 7.72
C LEU D 1159 -29.76 37.40 7.56
N PHE D 1160 -29.92 38.13 8.66
CA PHE D 1160 -29.85 39.58 8.63
C PHE D 1160 -28.43 40.02 8.94
N LEU D 1161 -27.70 40.43 7.91
CA LEU D 1161 -26.35 40.96 8.03
C LEU D 1161 -26.36 42.44 7.68
N THR D 1162 -25.58 43.22 8.43
CA THR D 1162 -25.79 44.66 8.44
C THR D 1162 -25.48 45.31 7.10
N GLU D 1163 -24.21 45.67 6.88
CA GLU D 1163 -23.65 45.87 5.54
C GLU D 1163 -22.22 45.39 5.51
N GLU D 1164 -21.47 45.72 6.56
CA GLU D 1164 -20.09 45.30 6.73
C GLU D 1164 -19.99 43.79 6.93
N ASP D 1165 -21.03 43.17 7.48
CA ASP D 1165 -20.98 41.74 7.74
C ASP D 1165 -21.16 40.93 6.47
N GLN D 1166 -21.91 41.44 5.49
CA GLN D 1166 -21.84 40.90 4.15
C GLN D 1166 -20.41 40.98 3.62
N LYS D 1167 -19.74 42.10 3.89
CA LYS D 1167 -18.40 42.31 3.36
C LYS D 1167 -17.39 41.38 4.02
N LYS D 1168 -17.51 41.21 5.34
CA LYS D 1168 -16.61 40.29 6.03
C LYS D 1168 -16.91 38.85 5.64
N LEU D 1169 -18.15 38.55 5.29
CA LEU D 1169 -18.52 37.20 4.88
C LEU D 1169 -17.98 36.88 3.49
N HIS D 1170 -18.14 37.80 2.55
CA HIS D 1170 -17.59 37.59 1.21
C HIS D 1170 -16.08 37.43 1.27
N ASP D 1171 -15.41 38.21 2.13
CA ASP D 1171 -13.99 38.06 2.31
C ASP D 1171 -13.64 36.69 2.88
N PHE D 1172 -14.57 36.07 3.60
CA PHE D 1172 -14.34 34.75 4.16
C PHE D 1172 -14.50 33.66 3.11
N GLU D 1173 -15.54 33.77 2.28
CA GLU D 1173 -15.76 32.77 1.24
C GLU D 1173 -14.62 32.76 0.24
N GLU D 1174 -14.20 33.95 -0.20
CA GLU D 1174 -13.04 34.07 -1.07
C GLU D 1174 -11.82 33.43 -0.44
N GLN D 1175 -11.64 33.63 0.86
CA GLN D 1175 -10.50 33.08 1.56
C GLN D 1175 -10.54 31.56 1.58
N CYS D 1176 -11.73 30.98 1.77
CA CYS D 1176 -11.84 29.54 1.92
C CYS D 1176 -11.79 28.81 0.58
N VAL D 1177 -12.28 29.46 -0.47
CA VAL D 1177 -12.13 28.90 -1.81
C VAL D 1177 -10.67 28.83 -2.19
N GLU D 1178 -9.94 29.92 -1.96
CA GLU D 1178 -8.52 30.00 -2.25
C GLU D 1178 -7.73 28.88 -1.60
N MET D 1179 -8.07 28.54 -0.35
CA MET D 1179 -7.39 27.44 0.32
C MET D 1179 -7.75 26.10 -0.29
N TYR D 1180 -9.01 25.95 -0.71
CA TYR D 1180 -9.47 24.70 -1.27
C TYR D 1180 -8.72 24.37 -2.56
N PHE D 1181 -8.64 25.33 -3.47
CA PHE D 1181 -7.87 25.17 -4.70
C PHE D 1181 -6.38 25.12 -4.47
N ASP D 1182 -5.92 25.31 -3.24
CA ASP D 1182 -4.51 25.32 -2.88
C ASP D 1182 -4.10 24.09 -2.10
N GLU D 1183 -5.01 23.49 -1.33
CA GLU D 1183 -4.71 22.28 -0.60
C GLU D 1183 -4.84 21.02 -1.44
N LYS D 1184 -5.86 20.95 -2.29
CA LYS D 1184 -5.92 19.91 -3.32
C LYS D 1184 -4.63 19.88 -4.13
N ASP D 1185 -4.13 21.07 -4.48
CA ASP D 1185 -2.88 21.18 -5.21
C ASP D 1185 -1.74 20.53 -4.43
N ASP D 1186 -1.79 20.64 -3.11
CA ASP D 1186 -0.75 20.10 -2.24
C ASP D 1186 -0.91 18.61 -1.99
N LYS D 1187 -2.14 18.17 -1.73
CA LYS D 1187 -2.41 16.76 -1.46
C LYS D 1187 -2.05 15.87 -2.65
N PHE D 1188 -1.99 16.43 -3.85
CA PHE D 1188 -1.65 15.68 -5.05
C PHE D 1188 -0.18 15.87 -5.41
N ASN D 1189 0.26 17.11 -5.61
CA ASN D 1189 1.65 17.37 -5.95
C ASN D 1189 2.63 16.90 -4.90
N SER D 1190 2.18 16.71 -3.66
CA SER D 1190 3.04 16.29 -2.55
C SER D 1190 2.52 15.02 -1.92
N GLY D 1191 1.91 14.16 -2.73
CA GLY D 1191 1.54 12.81 -2.33
C GLY D 1191 2.66 11.84 -2.58
N SER D 1192 2.28 10.58 -2.85
CA SER D 1192 3.23 9.49 -3.08
C SER D 1192 3.16 8.96 -4.51
N GLU D 1193 1.97 8.53 -4.95
CA GLU D 1193 1.83 8.01 -6.30
C GLU D 1193 2.14 9.07 -7.35
N GLU D 1194 1.86 10.33 -7.04
CA GLU D 1194 2.28 11.42 -7.90
C GLU D 1194 3.77 11.68 -7.80
N ARG D 1195 4.34 11.41 -6.64
CA ARG D 1195 5.74 11.72 -6.41
C ARG D 1195 6.64 10.67 -7.05
N ILE D 1196 6.16 9.43 -7.10
CA ILE D 1196 6.80 8.40 -7.90
C ILE D 1196 6.70 8.75 -9.38
N ARG D 1197 5.58 9.34 -9.79
CA ARG D 1197 5.40 9.73 -11.18
C ARG D 1197 6.43 10.75 -11.61
N VAL D 1198 6.67 11.77 -10.80
CA VAL D 1198 7.65 12.79 -11.16
C VAL D 1198 9.05 12.20 -11.14
N THR D 1199 9.36 11.47 -10.08
CA THR D 1199 10.68 10.86 -9.94
C THR D 1199 11.00 9.97 -11.12
N PHE D 1200 10.00 9.31 -11.69
CA PHE D 1200 10.16 8.62 -12.95
C PHE D 1200 10.47 9.59 -14.09
N GLU D 1201 9.64 10.62 -14.24
CA GLU D 1201 9.80 11.55 -15.35
C GLU D 1201 11.09 12.36 -15.23
N ARG D 1202 11.54 12.63 -14.02
CA ARG D 1202 12.83 13.29 -13.85
C ARG D 1202 13.95 12.37 -14.27
N VAL D 1203 14.01 11.18 -13.65
CA VAL D 1203 15.05 10.21 -13.95
C VAL D 1203 15.03 9.77 -15.40
N GLU D 1204 13.88 9.87 -16.08
CA GLU D 1204 13.90 9.84 -17.54
C GLU D 1204 14.77 10.95 -18.09
N GLN D 1205 14.33 12.20 -17.90
CA GLN D 1205 14.96 13.33 -18.55
C GLN D 1205 16.35 13.60 -18.01
N MET D 1206 16.65 13.17 -16.79
CA MET D 1206 18.04 13.18 -16.33
C MET D 1206 18.89 12.26 -17.19
N SER D 1207 18.58 10.96 -17.17
CA SER D 1207 19.39 9.93 -17.80
C SER D 1207 19.69 10.21 -19.26
N ILE D 1208 18.84 10.96 -19.94
CA ILE D 1208 19.14 11.41 -21.29
C ILE D 1208 20.30 12.39 -21.28
N GLN D 1209 20.26 13.37 -20.38
CA GLN D 1209 21.32 14.34 -20.24
C GLN D 1209 22.44 13.87 -19.31
N ILE D 1210 22.38 12.63 -18.85
CA ILE D 1210 23.55 12.00 -18.24
C ILE D 1210 24.41 11.35 -19.30
N LYS D 1211 23.84 10.37 -20.01
CA LYS D 1211 24.61 9.62 -20.99
C LYS D 1211 25.09 10.51 -22.12
N GLU D 1212 24.27 11.49 -22.53
CA GLU D 1212 24.69 12.43 -23.57
C GLU D 1212 25.87 13.26 -23.10
N VAL D 1213 25.73 13.88 -21.92
CA VAL D 1213 26.78 14.72 -21.37
C VAL D 1213 28.01 13.88 -21.06
N GLY D 1214 27.80 12.72 -20.43
CA GLY D 1214 28.92 11.90 -20.03
C GLY D 1214 29.70 11.33 -21.19
N ASP D 1215 29.02 11.11 -22.32
CA ASP D 1215 29.72 10.77 -23.54
C ASP D 1215 30.72 11.86 -23.90
N ARG D 1216 30.24 13.09 -24.03
CA ARG D 1216 31.06 14.22 -24.49
C ARG D 1216 32.32 14.37 -23.66
N VAL D 1217 32.22 14.14 -22.35
CA VAL D 1217 33.38 14.22 -21.47
C VAL D 1217 34.47 13.25 -21.95
N ASN D 1218 34.07 12.02 -22.28
CA ASN D 1218 35.04 11.04 -22.75
C ASN D 1218 35.62 11.43 -24.09
N TYR D 1219 34.85 12.12 -24.93
CA TYR D 1219 35.37 12.63 -26.20
C TYR D 1219 36.29 13.83 -26.00
N ILE D 1220 36.31 14.42 -24.80
CA ILE D 1220 37.28 15.47 -24.47
C ILE D 1220 38.58 14.87 -23.95
N LYS D 1221 38.49 14.00 -22.94
CA LYS D 1221 39.70 13.47 -22.29
C LYS D 1221 40.55 12.68 -23.27
N ARG D 1222 39.92 11.95 -24.20
CA ARG D 1222 40.68 11.28 -25.23
C ARG D 1222 41.39 12.27 -26.15
N SER D 1223 40.87 13.50 -26.25
CA SER D 1223 41.51 14.55 -27.02
C SER D 1223 42.51 15.33 -26.16
N LEU D 1224 42.06 15.78 -24.98
CA LEU D 1224 42.87 16.65 -24.11
C LEU D 1224 44.24 16.06 -23.81
N GLN D 1225 44.30 14.75 -23.54
CA GLN D 1225 45.58 14.09 -23.37
C GLN D 1225 46.38 14.06 -24.66
N SER D 1226 45.73 14.19 -25.82
CA SER D 1226 46.41 14.26 -27.10
C SER D 1226 46.73 15.69 -27.51
N LEU D 1227 45.99 16.68 -27.03
CA LEU D 1227 46.35 18.08 -27.28
C LEU D 1227 47.72 18.40 -26.68
N ASP D 1228 47.98 17.95 -25.46
CA ASP D 1228 49.27 18.18 -24.80
C ASP D 1228 50.25 17.05 -25.08
N SER D 1229 49.87 15.81 -24.77
CA SER D 1229 50.73 14.63 -24.90
C SER D 1229 52.14 14.84 -24.38
#